data_7RY3
#
_entry.id   7RY3
#
_cell.length_a   1.00
_cell.length_b   1.00
_cell.length_c   1.00
_cell.angle_alpha   90.00
_cell.angle_beta   90.00
_cell.angle_gamma   90.00
#
_symmetry.space_group_name_H-M   'P 1'
#
loop_
_entity.id
_entity.type
_entity.pdbx_description
1 polymer 'Efflux pump membrane transporter'
2 non-polymer (4S,4aS,5aR,12aS)-4-(diethylamino)-3,10,12,12a-tetrahydroxy-1,11-dioxo-8-[(2S)-pyrrolidin-2-yl]-7-(trifluoromethyl)-1,4,4a,5,5a,6,11,12a-octahydrotetracene-2-carboxamide
#
_entity_poly.entity_id   1
_entity_poly.type   'polypeptide(L)'
_entity_poly.pdbx_seq_one_letter_code
;MAQFFIHRPIFAWVIALVIMLAGILTLTKMPIAQYPTIAPPTVTIAATYPGASAETVENTVTQIIEQQMNGLDGLRYISS
NSAGNGQASIQLNFEQGVDPDIAQVQVQNKLQSATALLPEDVQRQGVTVTKSGASFLQVIAFYSPDNNLSDSDIKDYVNS
SIKEPLSRVAGVGEVQVFGGSYAMRIWLDPAKLTSYQLTPSDIATALQAQNSQVAVGQLGGAPAVQGQVLNATVNAQSLL
QTPEQFKNIFLKNTASGAEVRLKDVARVELGSDNYQFDSKFNGKPAAGLAIKIATGANALDTAEAVEQRLSELRKNYPTG
LADKLAYDTTPFIRLSIESVVHTLIEAVILVFIVMFLFLQNWRATIIPTLAVPVVVLGTFAVINIFGFSINTLTMFAMVL
AIGLLVDDAIVVVENVERVMSEDHTDPVTATSRSMQQISGALVGITSVLTAVFVPMAFFGGTTGVIYRQFSITLVTAMVL
SLIVALTFTPALCATILKQHDPNKEPSNNIFARFFRSFNNGFDRMSHSYQNGVSRMLKGKIFSGVLYAVVVALLVFLFQK
LPSSFLPEEDQGVVMTLVQLPPNATLDRTGKVIDTMTNFFMNEKDTVESIFTVSGFSFTGVGQNAGIGFVKLKDWSKRTT
PETQIGSLIQRGMALNMIIKDASYVMPLQLPAMPELGVTAGFNLQLKDSSGQGHEKLIAARNTILGLASQDKRLVGVRPN
GQEDTPQYQINVDQAQAGAMGVSIAEINNTMRIAWGGSYINDFVDRGRVKKVYVQGDAGSRMMPEDLNKWYVRNNKGEMV
PFSAFATGEWTYGSPRLERYNGVSSVNIQGTPAPGVSSGDAMKAMEEIIGKLPSMGLQGFDYEWTGLSLEERESGAQAPF
LYALSLLIVFLCLAALYESWSIPFSVLLVVPLGVIGAIVLTYLGMIIKGDPNLSNNIYFQVAIIAVIGLSAKNAILIVEF
AKELQEKGEDLLDATLHAAKMRLRPIIMTTLAFGFGVLPLALSTGAGAGSQHSVGFGVLGGVLSATFLGIFFIPVFYVWI
RSIFKYKPKTINTQEHKS
;
_entity_poly.pdbx_strand_id   A,B,C
#
# COMPACT_ATOMS: atom_id res chain seq x y z
N MET A 1 18.22 -36.02 -20.19
CA MET A 1 18.17 -37.24 -20.99
C MET A 1 18.43 -38.45 -20.14
N ALA A 2 17.63 -39.47 -20.36
CA ALA A 2 17.80 -40.71 -19.65
C ALA A 2 19.12 -41.33 -19.96
N GLN A 3 19.51 -41.19 -21.21
CA GLN A 3 20.73 -41.78 -21.64
C GLN A 3 21.86 -41.11 -20.91
N PHE A 4 21.73 -39.80 -20.70
CA PHE A 4 22.80 -39.09 -20.03
C PHE A 4 23.01 -39.58 -18.62
N PHE A 5 21.93 -39.83 -17.91
CA PHE A 5 22.02 -40.20 -16.51
C PHE A 5 22.18 -41.69 -16.33
N ILE A 6 21.91 -42.45 -17.38
CA ILE A 6 22.14 -43.87 -17.31
C ILE A 6 23.61 -44.08 -17.11
N HIS A 7 24.43 -43.31 -17.81
CA HIS A 7 25.86 -43.53 -17.75
C HIS A 7 26.54 -42.74 -16.68
N ARG A 8 25.78 -41.87 -16.01
CA ARG A 8 26.30 -41.05 -14.92
C ARG A 8 25.42 -41.15 -13.70
N PRO A 9 25.38 -42.33 -13.07
CA PRO A 9 24.50 -42.54 -11.91
C PRO A 9 24.75 -41.66 -10.68
N ILE A 10 26.00 -41.40 -10.34
CA ILE A 10 26.34 -40.62 -9.15
C ILE A 10 25.75 -39.25 -9.27
N PHE A 11 25.74 -38.68 -10.46
CA PHE A 11 25.18 -37.37 -10.68
C PHE A 11 23.71 -37.32 -10.32
N ALA A 12 22.94 -38.33 -10.71
CA ALA A 12 21.51 -38.38 -10.44
C ALA A 12 21.21 -38.47 -9.00
N TRP A 13 22.02 -39.22 -8.27
CA TRP A 13 21.86 -39.33 -6.84
C TRP A 13 22.06 -37.98 -6.23
N VAL A 14 22.91 -37.18 -6.84
CA VAL A 14 23.19 -35.85 -6.32
C VAL A 14 22.02 -34.92 -6.55
N ILE A 15 21.36 -35.00 -7.68
CA ILE A 15 20.17 -34.17 -7.88
C ILE A 15 19.08 -34.53 -6.90
N ALA A 16 18.86 -35.82 -6.70
CA ALA A 16 17.83 -36.24 -5.79
C ALA A 16 18.12 -35.80 -4.40
N LEU A 17 19.37 -35.92 -3.97
CA LEU A 17 19.66 -35.63 -2.59
C LEU A 17 19.55 -34.16 -2.28
N VAL A 18 19.91 -33.32 -3.24
CA VAL A 18 19.76 -31.90 -3.05
C VAL A 18 18.32 -31.46 -2.91
N ILE A 19 17.45 -32.00 -3.75
CA ILE A 19 16.03 -31.66 -3.70
C ILE A 19 15.47 -32.10 -2.38
N MET A 20 15.90 -33.26 -1.88
CA MET A 20 15.46 -33.70 -0.57
C MET A 20 15.92 -32.82 0.57
N LEU A 21 17.17 -32.39 0.53
CA LEU A 21 17.69 -31.52 1.56
C LEU A 21 16.97 -30.19 1.53
N ALA A 22 16.66 -29.71 0.34
CA ALA A 22 15.97 -28.46 0.22
C ALA A 22 14.63 -28.55 0.87
N GLY A 23 13.95 -29.68 0.70
CA GLY A 23 12.69 -29.87 1.36
C GLY A 23 12.84 -29.88 2.85
N ILE A 24 13.85 -30.58 3.36
CA ILE A 24 14.02 -30.73 4.79
C ILE A 24 14.24 -29.38 5.41
N LEU A 25 15.03 -28.55 4.76
CA LEU A 25 15.27 -27.23 5.27
C LEU A 25 14.00 -26.37 5.33
N THR A 26 13.17 -26.43 4.29
CA THR A 26 11.94 -25.66 4.27
C THR A 26 11.04 -26.13 5.35
N LEU A 27 11.03 -27.43 5.58
CA LEU A 27 10.10 -27.97 6.52
C LEU A 27 10.34 -27.38 7.90
N THR A 28 11.59 -27.06 8.24
CA THR A 28 11.85 -26.41 9.53
C THR A 28 11.41 -24.96 9.62
N LYS A 29 11.33 -24.26 8.51
CA LYS A 29 10.97 -22.86 8.51
C LYS A 29 9.69 -22.56 7.75
N MET A 30 8.76 -23.51 7.66
CA MET A 30 7.55 -23.31 6.86
C MET A 30 6.39 -23.36 7.83
N PRO A 31 5.50 -22.37 7.78
CA PRO A 31 4.40 -22.29 8.75
C PRO A 31 3.33 -23.37 8.68
N ILE A 32 2.60 -23.56 9.76
CA ILE A 32 1.56 -24.58 9.81
C ILE A 32 0.20 -24.00 10.19
N ALA A 33 -0.85 -24.41 9.50
CA ALA A 33 -2.18 -23.92 9.81
C ALA A 33 -3.22 -24.93 9.45
N GLN A 34 -4.43 -24.75 9.97
CA GLN A 34 -5.49 -25.66 9.56
C GLN A 34 -5.89 -25.31 8.15
N TYR A 35 -6.26 -24.06 7.94
CA TYR A 35 -6.71 -23.64 6.62
C TYR A 35 -5.83 -22.55 6.08
N PRO A 36 -5.78 -22.39 4.75
CA PRO A 36 -5.03 -21.30 4.13
C PRO A 36 -5.73 -20.01 4.45
N THR A 37 -5.06 -18.86 4.36
CA THR A 37 -5.76 -17.63 4.77
C THR A 37 -6.93 -17.44 3.84
N ILE A 38 -8.13 -17.40 4.40
CA ILE A 38 -9.33 -17.30 3.58
C ILE A 38 -10.32 -16.31 4.18
N ALA A 39 -9.90 -15.59 5.21
CA ALA A 39 -10.82 -14.65 5.85
C ALA A 39 -11.03 -13.42 4.98
N PRO A 40 -12.29 -13.03 4.78
CA PRO A 40 -12.54 -11.80 4.02
C PRO A 40 -12.37 -10.49 4.82
N PRO A 41 -11.84 -9.40 4.20
CA PRO A 41 -11.65 -8.21 5.04
C PRO A 41 -12.95 -7.56 5.47
N THR A 42 -12.98 -7.07 6.70
CA THR A 42 -14.17 -6.40 7.21
C THR A 42 -13.87 -5.11 7.95
N VAL A 43 -14.67 -4.09 7.76
CA VAL A 43 -14.51 -2.85 8.48
C VAL A 43 -15.80 -2.52 9.17
N THR A 44 -15.75 -2.17 10.46
CA THR A 44 -16.95 -1.77 11.17
C THR A 44 -16.87 -0.31 11.58
N ILE A 45 -17.98 0.41 11.41
CA ILE A 45 -18.04 1.80 11.79
C ILE A 45 -19.00 1.99 12.95
N ALA A 46 -18.63 2.81 13.93
CA ALA A 46 -19.49 3.08 15.07
C ALA A 46 -19.78 4.55 15.33
N ALA A 47 -21.05 4.90 15.57
CA ALA A 47 -21.40 6.27 15.92
C ALA A 47 -22.53 6.36 16.95
N THR A 48 -22.49 7.35 17.85
CA THR A 48 -23.56 7.56 18.83
C THR A 48 -24.31 8.92 18.82
N TYR A 49 -25.63 8.90 18.73
CA TYR A 49 -26.42 10.11 18.83
C TYR A 49 -27.12 9.92 20.16
N PRO A 50 -26.69 10.67 21.21
CA PRO A 50 -27.36 10.41 22.49
C PRO A 50 -28.77 10.94 22.59
N GLY A 51 -29.63 10.20 23.28
CA GLY A 51 -31.01 10.63 23.46
C GLY A 51 -31.90 10.33 22.29
N ALA A 52 -31.39 9.66 21.28
CA ALA A 52 -32.16 9.45 20.08
C ALA A 52 -32.71 8.05 19.89
N SER A 53 -33.86 7.96 19.25
CA SER A 53 -34.49 6.68 18.99
C SER A 53 -33.88 5.90 17.86
N ALA A 54 -34.25 4.63 17.73
CA ALA A 54 -33.71 3.77 16.69
C ALA A 54 -34.08 4.31 15.33
N GLU A 55 -35.17 5.06 15.25
CA GLU A 55 -35.61 5.57 13.98
C GLU A 55 -34.85 6.84 13.59
N THR A 56 -34.46 7.66 14.55
CA THR A 56 -33.69 8.84 14.25
C THR A 56 -32.24 8.46 14.01
N VAL A 57 -31.72 7.54 14.79
CA VAL A 57 -30.37 7.08 14.54
C VAL A 57 -30.29 6.55 13.11
N GLU A 58 -31.34 5.89 12.65
CA GLU A 58 -31.36 5.37 11.29
C GLU A 58 -31.35 6.36 10.15
N ASN A 59 -32.19 7.38 10.22
CA ASN A 59 -32.30 8.31 9.11
C ASN A 59 -31.23 9.38 9.22
N THR A 60 -30.95 9.84 10.42
CA THR A 60 -29.92 10.85 10.66
C THR A 60 -28.51 10.36 10.44
N VAL A 61 -28.15 9.27 11.08
CA VAL A 61 -26.79 8.77 10.99
C VAL A 61 -26.55 7.58 10.09
N THR A 62 -27.21 6.47 10.34
CA THR A 62 -27.02 5.23 9.59
C THR A 62 -27.03 5.37 8.07
N GLN A 63 -28.17 5.76 7.50
CA GLN A 63 -28.34 5.84 6.05
C GLN A 63 -27.42 6.86 5.42
N ILE A 64 -27.21 7.99 6.09
CA ILE A 64 -26.26 8.98 5.59
C ILE A 64 -24.84 8.41 5.50
N ILE A 65 -24.36 7.73 6.53
CA ILE A 65 -23.05 7.07 6.45
C ILE A 65 -23.08 5.96 5.43
N GLU A 66 -24.17 5.20 5.39
CA GLU A 66 -24.30 4.05 4.48
C GLU A 66 -24.25 4.39 2.99
N GLN A 67 -24.70 5.57 2.62
CA GLN A 67 -24.74 5.95 1.23
C GLN A 67 -23.35 6.38 0.75
N GLN A 68 -22.58 6.98 1.63
CA GLN A 68 -21.22 7.37 1.28
C GLN A 68 -20.37 6.19 0.93
N MET A 69 -20.62 5.05 1.54
CA MET A 69 -19.75 3.91 1.32
C MET A 69 -20.15 2.96 0.22
N ASN A 70 -21.21 3.28 -0.50
CA ASN A 70 -21.70 2.44 -1.60
C ASN A 70 -20.73 2.20 -2.77
N GLY A 71 -19.92 3.19 -3.13
CA GLY A 71 -19.00 3.09 -4.26
C GLY A 71 -17.62 2.52 -3.97
N LEU A 72 -17.38 2.07 -2.75
CA LEU A 72 -16.08 1.53 -2.36
C LEU A 72 -15.67 0.32 -3.15
N ASP A 73 -14.38 0.26 -3.51
CA ASP A 73 -13.91 -0.85 -4.29
C ASP A 73 -13.90 -2.18 -3.60
N GLY A 74 -14.45 -3.19 -4.26
CA GLY A 74 -14.52 -4.52 -3.70
C GLY A 74 -15.49 -4.82 -2.60
N LEU A 75 -16.62 -4.14 -2.54
CA LEU A 75 -17.51 -4.32 -1.42
C LEU A 75 -18.54 -5.39 -1.68
N ARG A 76 -18.45 -6.51 -0.99
CA ARG A 76 -19.41 -7.58 -1.18
C ARG A 76 -20.81 -7.24 -0.63
N TYR A 77 -20.92 -6.89 0.64
CA TYR A 77 -22.23 -6.50 1.23
C TYR A 77 -22.13 -5.62 2.46
N ILE A 78 -23.23 -4.97 2.82
CA ILE A 78 -23.27 -4.09 3.99
C ILE A 78 -24.40 -4.48 4.92
N SER A 79 -24.16 -4.53 6.23
CA SER A 79 -25.21 -4.79 7.21
C SER A 79 -25.14 -3.68 8.27
N SER A 80 -26.28 -3.10 8.63
CA SER A 80 -26.29 -1.98 9.57
C SER A 80 -27.29 -2.08 10.71
N ASN A 81 -27.04 -1.39 11.82
CA ASN A 81 -27.89 -1.45 13.01
C ASN A 81 -28.11 -0.10 13.63
N SER A 82 -29.34 0.26 13.95
CA SER A 82 -29.61 1.51 14.67
C SER A 82 -30.36 1.18 15.93
N ALA A 83 -29.87 1.62 17.08
CA ALA A 83 -30.48 1.25 18.36
C ALA A 83 -31.03 2.35 19.25
N GLY A 84 -31.99 2.01 20.10
CA GLY A 84 -32.64 2.97 20.98
C GLY A 84 -31.78 3.66 22.00
N ASN A 85 -30.62 3.12 22.29
CA ASN A 85 -29.70 3.79 23.17
C ASN A 85 -28.95 4.92 22.46
N GLY A 86 -29.04 4.98 21.13
CA GLY A 86 -28.44 6.05 20.36
C GLY A 86 -27.29 5.57 19.53
N GLN A 87 -26.99 4.29 19.63
CA GLN A 87 -25.85 3.75 18.93
C GLN A 87 -26.09 3.24 17.52
N ALA A 88 -25.16 3.53 16.64
CA ALA A 88 -25.27 3.09 15.25
C ALA A 88 -24.08 2.26 14.93
N SER A 89 -24.29 1.20 14.18
CA SER A 89 -23.16 0.40 13.75
C SER A 89 -23.27 -0.03 12.31
N ILE A 90 -22.20 0.12 11.53
CA ILE A 90 -22.20 -0.31 10.12
C ILE A 90 -21.04 -1.26 9.80
N GLN A 91 -21.34 -2.46 9.32
CA GLN A 91 -20.28 -3.38 8.96
C GLN A 91 -20.15 -3.56 7.46
N LEU A 92 -18.93 -3.48 6.97
CA LEU A 92 -18.71 -3.57 5.55
C LEU A 92 -17.88 -4.76 5.20
N ASN A 93 -18.37 -5.59 4.29
CA ASN A 93 -17.69 -6.81 3.91
C ASN A 93 -17.12 -6.71 2.53
N PHE A 94 -15.86 -7.00 2.40
CA PHE A 94 -15.20 -6.84 1.12
C PHE A 94 -14.88 -8.17 0.50
N GLU A 95 -14.62 -8.18 -0.78
CA GLU A 95 -14.34 -9.41 -1.48
C GLU A 95 -12.91 -9.91 -1.35
N GLN A 96 -12.75 -11.22 -1.38
CA GLN A 96 -11.43 -11.80 -1.25
C GLN A 96 -10.56 -11.21 -2.29
N GLY A 97 -9.36 -10.82 -1.88
CA GLY A 97 -8.51 -10.14 -2.82
C GLY A 97 -8.24 -8.74 -2.36
N VAL A 98 -9.11 -8.22 -1.52
CA VAL A 98 -9.01 -6.84 -1.13
C VAL A 98 -8.06 -6.80 0.03
N ASP A 99 -7.03 -5.97 -0.04
CA ASP A 99 -6.12 -5.80 1.08
C ASP A 99 -6.82 -5.12 2.22
N PRO A 100 -6.71 -5.68 3.47
CA PRO A 100 -7.51 -5.05 4.52
C PRO A 100 -6.98 -3.69 4.94
N ASP A 101 -5.68 -3.50 4.87
CA ASP A 101 -5.06 -2.25 5.25
C ASP A 101 -5.46 -1.12 4.33
N ILE A 102 -5.62 -1.43 3.06
CA ILE A 102 -5.90 -0.40 2.11
C ILE A 102 -7.37 -0.12 2.16
N ALA A 103 -8.19 -1.14 2.40
CA ALA A 103 -9.63 -0.94 2.55
C ALA A 103 -9.97 -0.04 3.72
N GLN A 104 -9.18 -0.11 4.77
CA GLN A 104 -9.38 0.74 5.93
C GLN A 104 -9.10 2.20 5.62
N VAL A 105 -8.16 2.46 4.72
CA VAL A 105 -7.77 3.82 4.44
C VAL A 105 -8.83 4.37 3.52
N GLN A 106 -9.46 3.52 2.73
CA GLN A 106 -10.55 3.95 1.88
C GLN A 106 -11.85 4.33 2.57
N VAL A 107 -12.26 3.57 3.57
CA VAL A 107 -13.48 3.86 4.32
C VAL A 107 -13.31 5.17 5.01
N GLN A 108 -12.15 5.36 5.64
CA GLN A 108 -11.85 6.59 6.36
C GLN A 108 -11.85 7.80 5.45
N ASN A 109 -11.49 7.62 4.19
CA ASN A 109 -11.47 8.73 3.25
C ASN A 109 -12.88 9.05 2.84
N LYS A 110 -13.75 8.05 2.72
CA LYS A 110 -15.16 8.29 2.46
C LYS A 110 -15.87 9.00 3.62
N LEU A 111 -15.48 8.65 4.84
CA LEU A 111 -16.10 9.21 6.05
C LEU A 111 -15.80 10.65 6.41
N GLN A 112 -14.83 11.27 5.78
CA GLN A 112 -14.44 12.59 6.20
C GLN A 112 -15.49 13.54 5.66
N SER A 113 -16.00 13.28 4.48
CA SER A 113 -17.08 14.07 3.96
C SER A 113 -18.39 13.76 4.65
N ALA A 114 -18.66 12.51 4.93
CA ALA A 114 -19.89 12.11 5.57
C ALA A 114 -20.04 12.70 6.94
N THR A 115 -18.94 12.89 7.66
CA THR A 115 -19.03 13.37 9.06
C THR A 115 -19.64 14.75 9.11
N ALA A 116 -19.50 15.51 8.06
CA ALA A 116 -20.08 16.82 8.01
C ALA A 116 -21.57 16.75 8.05
N LEU A 117 -22.15 15.79 7.37
CA LEU A 117 -23.58 15.69 7.27
C LEU A 117 -24.17 15.04 8.49
N LEU A 118 -23.32 14.61 9.42
CA LEU A 118 -23.81 14.07 10.66
C LEU A 118 -24.36 15.15 11.54
N PRO A 119 -25.26 14.79 12.46
CA PRO A 119 -25.70 15.81 13.41
C PRO A 119 -24.58 16.22 14.35
N GLU A 120 -24.60 17.43 14.89
CA GLU A 120 -23.49 17.92 15.70
C GLU A 120 -23.16 17.14 16.96
N ASP A 121 -24.18 16.70 17.68
CA ASP A 121 -23.95 15.92 18.89
C ASP A 121 -23.30 14.60 18.52
N VAL A 122 -23.58 14.06 17.35
CA VAL A 122 -22.91 12.85 16.90
C VAL A 122 -21.42 13.06 16.62
N GLN A 123 -21.08 14.17 15.96
CA GLN A 123 -19.70 14.49 15.66
C GLN A 123 -18.95 14.70 16.94
N ARG A 124 -19.60 15.33 17.89
CA ARG A 124 -18.99 15.54 19.18
C ARG A 124 -18.62 14.24 19.86
N GLN A 125 -19.44 13.19 19.72
CA GLN A 125 -19.10 11.98 20.41
C GLN A 125 -18.05 11.18 19.70
N GLY A 126 -17.77 11.51 18.44
CA GLY A 126 -16.75 10.82 17.68
C GLY A 126 -17.23 9.64 16.89
N VAL A 127 -16.58 9.35 15.77
CA VAL A 127 -17.01 8.27 14.92
C VAL A 127 -15.83 7.32 14.85
N THR A 128 -16.07 6.03 15.08
CA THR A 128 -14.96 5.08 15.12
C THR A 128 -14.90 4.13 13.97
N VAL A 129 -13.72 4.00 13.38
CA VAL A 129 -13.53 3.05 12.30
C VAL A 129 -12.53 1.96 12.69
N THR A 130 -12.98 0.72 12.73
CA THR A 130 -12.09 -0.38 13.06
C THR A 130 -12.03 -1.55 12.08
N LYS A 131 -10.85 -2.15 11.92
CA LYS A 131 -10.75 -3.38 11.14
C LYS A 131 -11.33 -4.39 12.05
N SER A 132 -12.21 -5.22 11.53
CA SER A 132 -12.92 -6.11 12.42
C SER A 132 -12.74 -7.58 12.19
N GLY A 133 -12.77 -8.35 13.26
CA GLY A 133 -12.61 -9.78 13.16
C GLY A 133 -13.91 -10.51 13.48
N ALA A 134 -14.02 -11.77 13.05
CA ALA A 134 -15.21 -12.59 13.34
C ALA A 134 -15.33 -13.38 14.65
N SER A 135 -14.30 -14.14 15.03
CA SER A 135 -14.44 -15.00 16.21
C SER A 135 -13.27 -15.01 17.18
N PHE A 136 -13.54 -15.23 18.45
CA PHE A 136 -12.50 -15.31 19.44
C PHE A 136 -11.67 -16.55 19.24
N LEU A 137 -10.36 -16.45 19.40
CA LEU A 137 -9.50 -17.59 19.29
C LEU A 137 -9.48 -18.23 20.64
N GLN A 138 -9.44 -17.41 21.67
CA GLN A 138 -9.32 -17.94 23.02
C GLN A 138 -10.04 -17.10 24.00
N VAL A 139 -10.52 -17.71 25.08
CA VAL A 139 -11.10 -16.97 26.16
C VAL A 139 -10.30 -17.46 27.35
N ILE A 140 -9.69 -16.55 28.11
CA ILE A 140 -8.89 -16.90 29.28
C ILE A 140 -9.63 -16.50 30.56
N ALA A 141 -9.73 -17.38 31.55
CA ALA A 141 -10.38 -17.04 32.83
C ALA A 141 -9.43 -16.83 33.99
N PHE A 142 -9.68 -15.79 34.79
CA PHE A 142 -8.85 -15.49 35.93
C PHE A 142 -9.76 -15.62 37.12
N TYR A 143 -9.34 -16.36 38.13
CA TYR A 143 -10.23 -16.66 39.23
C TYR A 143 -9.48 -16.98 40.51
N SER A 144 -10.16 -16.95 41.65
CA SER A 144 -9.52 -17.37 42.89
C SER A 144 -9.91 -18.79 43.37
N PRO A 145 -8.94 -19.76 43.46
CA PRO A 145 -9.29 -21.10 43.97
C PRO A 145 -9.63 -21.18 45.44
N ASP A 146 -8.87 -20.53 46.29
CA ASP A 146 -9.07 -20.62 47.71
C ASP A 146 -9.78 -19.42 48.22
N ASN A 147 -10.27 -18.59 47.31
CA ASN A 147 -11.06 -17.44 47.68
C ASN A 147 -10.29 -16.54 48.61
N ASN A 148 -9.01 -16.36 48.32
CA ASN A 148 -8.14 -15.61 49.19
C ASN A 148 -7.97 -14.29 48.49
N LEU A 149 -8.78 -14.04 47.48
CA LEU A 149 -8.70 -12.80 46.73
C LEU A 149 -10.10 -12.47 46.26
N SER A 150 -10.41 -11.19 46.15
CA SER A 150 -11.77 -10.83 45.81
C SER A 150 -11.92 -10.49 44.36
N ASP A 151 -13.15 -10.55 43.88
CA ASP A 151 -13.37 -10.32 42.48
C ASP A 151 -13.13 -8.92 41.99
N SER A 152 -13.45 -7.91 42.78
CA SER A 152 -13.16 -6.54 42.39
C SER A 152 -11.68 -6.38 42.27
N ASP A 153 -10.92 -7.02 43.15
CA ASP A 153 -9.48 -7.00 43.08
C ASP A 153 -8.96 -7.75 41.87
N ILE A 154 -9.51 -8.91 41.60
CA ILE A 154 -9.10 -9.69 40.45
C ILE A 154 -9.38 -8.93 39.17
N LYS A 155 -10.58 -8.41 39.04
CA LYS A 155 -10.96 -7.66 37.85
C LYS A 155 -10.09 -6.46 37.62
N ASP A 156 -9.71 -5.75 38.68
CA ASP A 156 -8.81 -4.63 38.56
C ASP A 156 -7.44 -5.03 38.08
N TYR A 157 -6.95 -6.19 38.49
CA TYR A 157 -5.59 -6.56 38.17
C TYR A 157 -5.53 -7.00 36.71
N VAL A 158 -6.64 -7.46 36.16
CA VAL A 158 -6.58 -7.90 34.78
C VAL A 158 -6.70 -6.71 33.84
N ASN A 159 -7.28 -5.62 34.32
CA ASN A 159 -7.42 -4.40 33.51
C ASN A 159 -6.21 -3.49 33.62
N SER A 160 -5.53 -3.60 34.75
CA SER A 160 -4.38 -2.75 34.97
C SER A 160 -3.07 -3.41 34.69
N SER A 161 -3.01 -4.73 34.78
CA SER A 161 -1.76 -5.42 34.62
C SER A 161 -1.66 -6.44 33.49
N ILE A 162 -2.75 -7.13 33.17
CA ILE A 162 -2.69 -8.21 32.16
C ILE A 162 -3.35 -7.95 30.81
N LYS A 163 -3.95 -6.80 30.60
CA LYS A 163 -4.70 -6.60 29.36
C LYS A 163 -3.90 -5.89 28.28
N GLU A 164 -3.28 -4.78 28.64
CA GLU A 164 -2.48 -4.05 27.67
C GLU A 164 -1.31 -4.86 27.14
N PRO A 165 -0.59 -5.58 28.02
CA PRO A 165 0.50 -6.37 27.42
C PRO A 165 0.02 -7.41 26.41
N LEU A 166 -1.09 -8.10 26.68
CA LEU A 166 -1.60 -9.08 25.76
C LEU A 166 -2.19 -8.46 24.52
N SER A 167 -2.78 -7.29 24.62
CA SER A 167 -3.33 -6.59 23.45
C SER A 167 -2.19 -6.14 22.58
N ARG A 168 -1.00 -6.17 23.12
CA ARG A 168 0.17 -5.75 22.39
C ARG A 168 1.07 -6.92 22.08
N VAL A 169 0.50 -8.11 22.08
CA VAL A 169 1.24 -9.32 21.75
C VAL A 169 1.10 -9.52 20.27
N ALA A 170 2.15 -9.97 19.60
CA ALA A 170 2.09 -10.07 18.15
C ALA A 170 1.05 -10.97 17.52
N GLY A 171 0.20 -10.42 16.68
CA GLY A 171 -0.90 -11.12 16.06
C GLY A 171 -2.20 -11.00 16.80
N VAL A 172 -2.21 -10.33 17.94
CA VAL A 172 -3.42 -10.30 18.75
C VAL A 172 -4.67 -9.61 18.25
N GLY A 173 -4.57 -8.43 17.67
CA GLY A 173 -5.74 -7.69 17.22
C GLY A 173 -6.67 -7.18 18.31
N GLU A 174 -7.84 -7.77 18.46
CA GLU A 174 -8.76 -7.40 19.53
C GLU A 174 -8.69 -8.13 20.87
N VAL A 175 -8.99 -7.41 21.96
CA VAL A 175 -9.02 -8.00 23.30
C VAL A 175 -10.23 -7.46 24.05
N GLN A 176 -11.17 -8.32 24.46
CA GLN A 176 -12.31 -7.87 25.25
C GLN A 176 -12.21 -8.30 26.71
N VAL A 177 -12.54 -7.41 27.62
CA VAL A 177 -12.52 -7.73 29.06
C VAL A 177 -13.92 -7.96 29.63
N PHE A 178 -14.06 -9.01 30.41
CA PHE A 178 -15.35 -9.30 31.00
C PHE A 178 -15.54 -8.79 32.43
N GLY A 179 -14.54 -8.12 32.96
CA GLY A 179 -14.69 -7.50 34.27
C GLY A 179 -14.42 -6.02 34.22
N GLY A 180 -14.44 -5.35 35.36
CA GLY A 180 -14.28 -3.90 35.38
C GLY A 180 -13.09 -3.45 36.16
N SER A 181 -12.84 -2.14 36.17
CA SER A 181 -11.74 -1.59 36.93
C SER A 181 -12.28 -0.68 38.00
N TYR A 182 -11.51 -0.47 39.06
CA TYR A 182 -11.92 0.42 40.13
C TYR A 182 -12.10 1.84 39.64
N ALA A 183 -13.17 2.49 40.08
CA ALA A 183 -13.40 3.85 39.71
C ALA A 183 -13.96 4.51 40.91
N MET A 184 -13.82 5.82 40.99
CA MET A 184 -14.38 6.54 42.10
C MET A 184 -15.82 6.78 41.78
N ARG A 185 -16.69 6.29 42.63
CA ARG A 185 -18.11 6.42 42.40
C ARG A 185 -18.76 7.33 43.42
N ILE A 186 -19.41 8.40 42.96
CA ILE A 186 -20.12 9.32 43.83
C ILE A 186 -21.59 9.16 43.56
N TRP A 187 -22.36 8.67 44.53
CA TRP A 187 -23.78 8.40 44.34
C TRP A 187 -24.65 9.43 45.00
N LEU A 188 -25.32 10.27 44.22
CA LEU A 188 -26.12 11.36 44.77
C LEU A 188 -27.50 11.10 45.34
N ASP A 189 -27.83 11.71 46.49
CA ASP A 189 -29.21 11.62 47.02
C ASP A 189 -30.06 12.77 46.50
N PRO A 190 -31.15 12.49 45.75
CA PRO A 190 -31.89 13.66 45.24
C PRO A 190 -32.43 14.61 46.30
N ALA A 191 -32.88 14.09 47.43
CA ALA A 191 -33.48 14.93 48.43
C ALA A 191 -32.48 15.84 49.04
N LYS A 192 -31.36 15.29 49.46
CA LYS A 192 -30.36 16.08 50.14
C LYS A 192 -29.78 17.14 49.23
N LEU A 193 -29.86 16.92 47.92
CA LEU A 193 -29.35 17.90 47.01
C LEU A 193 -30.34 19.04 46.93
N THR A 194 -31.61 18.72 46.83
CA THR A 194 -32.67 19.73 46.79
C THR A 194 -32.66 20.57 48.06
N SER A 195 -32.35 19.94 49.18
CA SER A 195 -32.37 20.64 50.44
C SER A 195 -31.45 21.83 50.43
N TYR A 196 -30.27 21.70 49.84
CA TYR A 196 -29.29 22.78 49.84
C TYR A 196 -29.30 23.53 48.53
N GLN A 197 -30.34 23.38 47.75
CA GLN A 197 -30.45 24.05 46.45
C GLN A 197 -29.27 23.80 45.53
N LEU A 198 -28.84 22.54 45.43
CA LEU A 198 -27.69 22.18 44.59
C LEU A 198 -28.11 21.24 43.48
N THR A 199 -27.64 21.47 42.26
CA THR A 199 -27.92 20.55 41.19
C THR A 199 -26.86 19.48 41.00
N PRO A 200 -27.11 18.52 40.10
CA PRO A 200 -26.06 17.57 39.77
C PRO A 200 -24.83 18.26 39.14
N SER A 201 -25.02 19.25 38.29
CA SER A 201 -23.91 19.95 37.62
C SER A 201 -23.04 20.78 38.52
N ASP A 202 -23.53 21.12 39.69
CA ASP A 202 -22.78 21.90 40.65
C ASP A 202 -21.76 20.99 41.29
N ILE A 203 -22.08 19.72 41.45
CA ILE A 203 -21.13 18.75 41.98
C ILE A 203 -20.03 18.52 40.97
N ALA A 204 -20.38 18.47 39.70
CA ALA A 204 -19.40 18.25 38.65
C ALA A 204 -18.40 19.39 38.59
N THR A 205 -18.88 20.62 38.71
CA THR A 205 -18.01 21.77 38.67
C THR A 205 -17.07 21.76 39.83
N ALA A 206 -17.58 21.42 40.99
CA ALA A 206 -16.77 21.40 42.18
C ALA A 206 -15.68 20.39 42.03
N LEU A 207 -15.98 19.26 41.41
CA LEU A 207 -14.99 18.23 41.19
C LEU A 207 -13.92 18.70 40.27
N GLN A 208 -14.30 19.40 39.22
CA GLN A 208 -13.35 19.90 38.26
C GLN A 208 -12.40 20.88 38.87
N ALA A 209 -12.89 21.78 39.70
CA ALA A 209 -11.96 22.66 40.40
C ALA A 209 -11.11 21.96 41.44
N GLN A 210 -11.70 21.10 42.24
CA GLN A 210 -10.96 20.48 43.34
C GLN A 210 -10.23 19.16 43.11
N ASN A 211 -10.36 18.58 41.93
CA ASN A 211 -9.63 17.37 41.61
C ASN A 211 -9.01 17.65 40.26
N SER A 212 -8.07 18.56 40.24
CA SER A 212 -7.39 18.86 39.00
C SER A 212 -5.93 19.20 39.18
N GLN A 213 -5.19 19.27 38.09
CA GLN A 213 -3.79 19.66 38.13
C GLN A 213 -3.63 20.96 37.34
N VAL A 214 -2.88 21.91 37.86
CA VAL A 214 -2.69 23.21 37.21
C VAL A 214 -1.26 23.42 36.77
N ALA A 215 -1.08 24.03 35.60
CA ALA A 215 0.26 24.36 35.12
C ALA A 215 0.65 25.72 35.65
N VAL A 216 1.52 25.73 36.65
CA VAL A 216 1.89 26.97 37.32
C VAL A 216 3.31 27.44 37.08
N GLY A 217 3.92 27.03 35.98
CA GLY A 217 5.24 27.53 35.66
C GLY A 217 6.49 27.00 36.31
N GLN A 218 7.48 27.86 36.48
CA GLN A 218 8.67 27.50 37.23
C GLN A 218 9.37 28.68 37.90
N LEU A 219 10.20 28.44 38.91
CA LEU A 219 11.01 29.51 39.51
C LEU A 219 12.09 29.82 38.53
N GLY A 220 12.62 31.03 38.48
CA GLY A 220 13.58 31.32 37.45
C GLY A 220 12.75 31.63 36.24
N GLY A 221 12.65 30.71 35.30
CA GLY A 221 11.78 30.94 34.17
C GLY A 221 12.47 31.30 32.89
N ALA A 222 11.86 31.04 31.74
CA ALA A 222 12.56 31.21 30.47
C ALA A 222 13.02 32.60 30.15
N PRO A 223 12.16 33.62 30.34
CA PRO A 223 12.74 34.94 30.15
C PRO A 223 13.07 35.34 31.56
N ALA A 224 14.34 35.41 31.91
CA ALA A 224 14.70 35.66 33.30
C ALA A 224 15.48 36.92 33.57
N VAL A 225 15.48 37.34 34.81
CA VAL A 225 16.20 38.52 35.22
C VAL A 225 17.68 38.16 35.30
N GLN A 226 18.55 39.13 35.46
CA GLN A 226 19.98 38.87 35.46
C GLN A 226 20.34 38.45 36.86
N GLY A 227 21.22 37.47 36.96
CA GLY A 227 21.57 36.94 38.26
C GLY A 227 20.45 36.27 38.98
N GLN A 228 19.89 35.24 38.35
CA GLN A 228 18.86 34.48 39.00
C GLN A 228 19.61 33.27 39.42
N VAL A 229 19.58 32.96 40.70
CA VAL A 229 20.23 31.76 41.17
C VAL A 229 19.61 30.43 40.77
N LEU A 230 18.30 30.28 40.84
CA LEU A 230 17.71 28.97 40.64
C LEU A 230 16.58 28.77 39.67
N ASN A 231 16.55 27.64 38.99
CA ASN A 231 15.42 27.32 38.15
C ASN A 231 14.87 26.06 38.77
N ALA A 232 13.58 26.03 39.06
CA ALA A 232 12.94 24.86 39.63
C ALA A 232 11.52 24.79 39.21
N THR A 233 10.90 23.62 39.25
CA THR A 233 9.49 23.47 38.91
C THR A 233 8.50 23.80 40.03
N VAL A 234 7.46 24.58 39.75
CA VAL A 234 6.42 24.87 40.76
C VAL A 234 5.25 23.90 40.62
N ASN A 235 4.81 23.28 41.72
CA ASN A 235 3.80 22.24 41.62
C ASN A 235 2.31 22.50 41.91
N ALA A 236 1.98 23.18 42.99
CA ALA A 236 0.58 23.42 43.37
C ALA A 236 -0.38 22.27 43.66
N GLN A 237 -1.65 22.41 43.30
CA GLN A 237 -2.69 21.43 43.65
C GLN A 237 -2.57 20.03 43.08
N SER A 238 -2.90 19.03 43.88
CA SER A 238 -2.76 17.64 43.44
C SER A 238 -4.08 16.97 43.14
N LEU A 239 -4.04 15.93 42.33
CA LEU A 239 -5.25 15.16 42.05
C LEU A 239 -5.54 14.34 43.27
N LEU A 240 -6.82 14.28 43.66
CA LEU A 240 -7.19 13.54 44.85
C LEU A 240 -7.03 12.02 44.69
N GLN A 241 -6.69 11.32 45.77
CA GLN A 241 -6.45 9.87 45.69
C GLN A 241 -7.32 8.95 46.52
N THR A 242 -7.91 9.44 47.59
CA THR A 242 -8.65 8.60 48.52
C THR A 242 -10.12 8.99 48.50
N PRO A 243 -11.04 8.13 48.98
CA PRO A 243 -12.42 8.62 48.95
C PRO A 243 -12.73 9.71 49.97
N GLU A 244 -11.95 9.80 51.03
CA GLU A 244 -12.13 10.84 52.05
C GLU A 244 -11.90 12.22 51.52
N GLN A 245 -10.97 12.32 50.58
CA GLN A 245 -10.73 13.59 49.95
C GLN A 245 -11.82 14.01 49.02
N PHE A 246 -12.64 13.06 48.60
CA PHE A 246 -13.75 13.41 47.76
C PHE A 246 -14.94 13.70 48.64
N LYS A 247 -14.87 13.29 49.90
CA LYS A 247 -15.98 13.59 50.78
C LYS A 247 -15.80 14.97 51.36
N ASN A 248 -14.56 15.46 51.35
CA ASN A 248 -14.31 16.81 51.85
C ASN A 248 -14.32 17.88 50.78
N ILE A 249 -14.78 17.55 49.59
CA ILE A 249 -14.89 18.54 48.54
C ILE A 249 -15.85 19.59 49.12
N PHE A 250 -15.55 20.87 48.91
CA PHE A 250 -16.43 21.92 49.41
C PHE A 250 -17.40 22.34 48.36
N LEU A 251 -18.68 22.40 48.74
CA LEU A 251 -19.68 22.74 47.78
C LEU A 251 -20.31 24.10 47.94
N LYS A 252 -20.75 24.45 49.14
CA LYS A 252 -21.46 25.71 49.33
C LYS A 252 -21.53 26.13 50.76
N ASN A 253 -22.06 27.29 51.04
CA ASN A 253 -22.25 27.69 52.40
C ASN A 253 -23.70 28.02 52.43
N THR A 254 -24.38 27.72 53.53
CA THR A 254 -25.78 28.06 53.65
C THR A 254 -25.87 29.41 54.34
N ALA A 255 -27.08 29.92 54.55
CA ALA A 255 -27.23 31.26 55.14
C ALA A 255 -26.68 31.30 56.55
N SER A 256 -26.92 30.25 57.33
CA SER A 256 -26.38 30.16 58.68
C SER A 256 -24.88 30.34 58.63
N GLY A 257 -24.28 29.95 57.52
CA GLY A 257 -22.83 30.00 57.40
C GLY A 257 -22.25 28.62 57.52
N ALA A 258 -23.11 27.60 57.59
CA ALA A 258 -22.65 26.21 57.63
C ALA A 258 -22.02 25.79 56.30
N GLU A 259 -20.91 25.08 56.33
CA GLU A 259 -20.31 24.58 55.11
C GLU A 259 -20.99 23.31 54.59
N VAL A 260 -21.33 23.28 53.30
CA VAL A 260 -21.89 22.06 52.73
C VAL A 260 -20.81 21.31 51.94
N ARG A 261 -20.37 20.16 52.45
CA ARG A 261 -19.40 19.34 51.75
C ARG A 261 -20.04 18.19 50.97
N LEU A 262 -19.27 17.46 50.16
CA LEU A 262 -19.84 16.40 49.30
C LEU A 262 -20.52 15.28 50.04
N LYS A 263 -20.03 14.95 51.23
CA LYS A 263 -20.59 13.86 52.00
C LYS A 263 -22.04 14.12 52.31
N ASP A 264 -22.39 15.37 52.53
CA ASP A 264 -23.74 15.72 52.89
C ASP A 264 -24.74 15.40 51.84
N VAL A 265 -24.42 15.63 50.60
CA VAL A 265 -25.33 15.23 49.56
C VAL A 265 -25.12 13.83 48.95
N ALA A 266 -24.04 13.11 49.27
CA ALA A 266 -23.78 11.83 48.59
C ALA A 266 -22.95 10.75 49.28
N ARG A 267 -22.93 9.55 48.71
CA ARG A 267 -22.11 8.49 49.23
C ARG A 267 -20.92 8.25 48.28
N VAL A 268 -19.69 8.27 48.81
CA VAL A 268 -18.51 8.10 47.95
C VAL A 268 -17.89 6.73 48.17
N GLU A 269 -17.60 6.02 47.09
CA GLU A 269 -17.03 4.70 47.21
C GLU A 269 -16.15 4.31 46.05
N LEU A 270 -15.24 3.37 46.30
CA LEU A 270 -14.41 2.89 45.22
C LEU A 270 -15.17 1.75 44.59
N GLY A 271 -15.63 1.93 43.36
CA GLY A 271 -16.47 0.94 42.74
C GLY A 271 -15.99 0.46 41.42
N SER A 272 -16.85 0.52 40.42
CA SER A 272 -16.48 -0.01 39.13
C SER A 272 -16.68 0.90 37.94
N ASP A 273 -15.82 0.77 36.94
CA ASP A 273 -15.92 1.53 35.71
C ASP A 273 -17.17 1.01 35.05
N ASN A 274 -17.28 -0.31 34.92
CA ASN A 274 -18.42 -0.94 34.24
C ASN A 274 -19.26 -1.88 35.08
N TYR A 275 -20.58 -1.73 35.03
CA TYR A 275 -21.48 -2.62 35.78
C TYR A 275 -22.34 -3.45 34.88
N GLN A 276 -22.04 -3.46 33.60
CA GLN A 276 -22.80 -4.22 32.61
C GLN A 276 -22.81 -5.75 32.61
N PHE A 277 -21.68 -6.41 32.84
CA PHE A 277 -21.62 -7.87 32.73
C PHE A 277 -21.20 -8.68 33.95
N ASP A 278 -21.87 -9.81 34.21
CA ASP A 278 -21.48 -10.70 35.30
C ASP A 278 -20.87 -11.96 34.76
N SER A 279 -19.56 -12.11 34.91
CA SER A 279 -18.86 -13.26 34.38
C SER A 279 -18.52 -14.30 35.45
N LYS A 280 -18.69 -15.57 35.12
CA LYS A 280 -18.41 -16.65 36.05
C LYS A 280 -17.62 -17.80 35.44
N PHE A 281 -16.80 -18.48 36.22
CA PHE A 281 -16.07 -19.67 35.74
C PHE A 281 -16.44 -20.79 36.65
N ASN A 282 -17.01 -21.85 36.11
CA ASN A 282 -17.47 -22.97 36.89
C ASN A 282 -18.45 -22.53 37.97
N GLY A 283 -19.29 -21.55 37.66
CA GLY A 283 -20.27 -21.05 38.59
C GLY A 283 -19.78 -20.10 39.65
N LYS A 284 -18.53 -19.67 39.55
CA LYS A 284 -17.93 -18.84 40.55
C LYS A 284 -17.38 -17.61 39.93
N PRO A 285 -17.30 -16.52 40.70
CA PRO A 285 -16.85 -15.24 40.15
C PRO A 285 -15.50 -15.29 39.47
N ALA A 286 -15.41 -14.67 38.31
CA ALA A 286 -14.19 -14.68 37.55
C ALA A 286 -14.14 -13.51 36.63
N ALA A 287 -12.96 -13.18 36.11
CA ALA A 287 -12.86 -12.16 35.10
C ALA A 287 -12.38 -12.92 33.85
N GLY A 288 -12.58 -12.37 32.67
CA GLY A 288 -12.12 -13.01 31.46
C GLY A 288 -11.53 -12.14 30.39
N LEU A 289 -10.66 -12.71 29.59
CA LEU A 289 -10.08 -11.98 28.49
C LEU A 289 -10.26 -12.81 27.24
N ALA A 290 -11.03 -12.29 26.31
CA ALA A 290 -11.25 -12.99 25.07
C ALA A 290 -10.41 -12.35 23.98
N ILE A 291 -9.66 -13.15 23.26
CA ILE A 291 -8.76 -12.62 22.27
C ILE A 291 -9.21 -12.92 20.86
N LYS A 292 -9.32 -11.90 20.04
CA LYS A 292 -9.68 -12.05 18.64
C LYS A 292 -8.49 -11.80 17.76
N ILE A 293 -7.90 -12.81 17.15
CA ILE A 293 -6.68 -12.66 16.33
C ILE A 293 -6.71 -11.68 15.15
N ALA A 294 -5.61 -10.96 14.93
CA ALA A 294 -5.48 -10.03 13.81
C ALA A 294 -5.44 -10.75 12.47
N THR A 295 -5.93 -10.10 11.42
CA THR A 295 -5.97 -10.70 10.09
C THR A 295 -4.57 -11.01 9.57
N GLY A 296 -4.38 -12.16 8.93
CA GLY A 296 -3.07 -12.34 8.33
C GLY A 296 -2.11 -12.95 9.32
N ALA A 297 -2.56 -13.88 10.15
CA ALA A 297 -1.67 -14.38 11.18
C ALA A 297 -1.96 -15.83 11.50
N ASN A 298 -0.97 -16.51 12.04
CA ASN A 298 -1.16 -17.90 12.34
C ASN A 298 -1.70 -17.99 13.73
N ALA A 299 -2.80 -18.72 13.89
CA ALA A 299 -3.39 -18.89 15.18
C ALA A 299 -2.45 -19.61 16.08
N LEU A 300 -1.79 -20.62 15.55
CA LEU A 300 -0.88 -21.40 16.35
C LEU A 300 0.20 -20.52 16.90
N ASP A 301 0.82 -19.73 16.04
CA ASP A 301 1.89 -18.86 16.48
C ASP A 301 1.45 -17.82 17.47
N THR A 302 0.28 -17.22 17.23
CA THR A 302 -0.24 -16.22 18.14
C THR A 302 -0.49 -16.85 19.49
N ALA A 303 -0.99 -18.06 19.51
CA ALA A 303 -1.29 -18.70 20.77
C ALA A 303 -0.08 -18.90 21.62
N GLU A 304 1.04 -19.25 21.01
CA GLU A 304 2.26 -19.52 21.74
C GLU A 304 2.77 -18.25 22.34
N ALA A 305 2.67 -17.18 21.58
CA ALA A 305 3.11 -15.90 22.04
C ALA A 305 2.27 -15.42 23.21
N VAL A 306 0.96 -15.64 23.13
CA VAL A 306 0.07 -15.22 24.20
C VAL A 306 0.50 -15.93 25.47
N GLU A 307 0.69 -17.24 25.38
CA GLU A 307 1.11 -18.01 26.53
C GLU A 307 2.49 -17.63 27.06
N GLN A 308 3.43 -17.33 26.17
CA GLN A 308 4.76 -16.94 26.58
C GLN A 308 4.72 -15.63 27.36
N ARG A 309 3.94 -14.66 26.90
CA ARG A 309 3.81 -13.41 27.64
C ARG A 309 3.18 -13.67 29.00
N LEU A 310 2.17 -14.54 29.05
CA LEU A 310 1.54 -14.89 30.31
C LEU A 310 2.48 -15.57 31.30
N SER A 311 3.46 -16.31 30.79
CA SER A 311 4.43 -16.95 31.66
C SER A 311 5.19 -15.92 32.44
N GLU A 312 5.65 -14.86 31.76
CA GLU A 312 6.31 -13.77 32.45
C GLU A 312 5.36 -13.02 33.39
N LEU A 313 4.12 -12.82 32.96
CA LEU A 313 3.13 -12.12 33.80
C LEU A 313 2.81 -12.83 35.12
N ARG A 314 2.80 -14.17 35.12
CA ARG A 314 2.42 -14.96 36.31
C ARG A 314 3.32 -14.78 37.49
N LYS A 315 4.56 -14.39 37.25
CA LYS A 315 5.52 -14.26 38.32
C LYS A 315 5.19 -13.12 39.22
N ASN A 316 4.48 -12.13 38.71
CA ASN A 316 4.15 -10.96 39.50
C ASN A 316 2.71 -10.98 39.93
N TYR A 317 2.09 -12.15 39.92
CA TYR A 317 0.69 -12.25 40.28
C TYR A 317 0.44 -12.05 41.74
N PRO A 318 -0.74 -11.52 42.08
CA PRO A 318 -1.09 -11.46 43.49
C PRO A 318 -1.30 -12.88 43.97
N THR A 319 -1.30 -13.13 45.27
CA THR A 319 -1.38 -14.50 45.76
C THR A 319 -2.57 -15.36 45.36
N GLY A 320 -3.77 -14.84 45.41
CA GLY A 320 -4.94 -15.59 44.97
C GLY A 320 -5.09 -15.95 43.50
N LEU A 321 -4.54 -15.15 42.59
CA LEU A 321 -4.79 -15.37 41.17
C LEU A 321 -4.37 -16.64 40.48
N ALA A 322 -5.26 -17.19 39.67
CA ALA A 322 -4.95 -18.35 38.88
C ALA A 322 -5.42 -18.03 37.47
N ASP A 323 -5.07 -18.86 36.49
CA ASP A 323 -5.55 -18.67 35.11
C ASP A 323 -5.71 -20.00 34.33
N LYS A 324 -6.83 -20.18 33.64
CA LYS A 324 -7.03 -21.37 32.84
C LYS A 324 -7.62 -20.96 31.51
N LEU A 325 -7.48 -21.79 30.47
CA LEU A 325 -8.13 -21.47 29.20
C LEU A 325 -9.47 -22.10 29.12
N ALA A 326 -10.51 -21.30 29.25
CA ALA A 326 -11.87 -21.81 29.10
C ALA A 326 -12.18 -22.23 27.67
N TYR A 327 -11.77 -21.45 26.71
CA TYR A 327 -12.07 -21.73 25.33
C TYR A 327 -10.78 -21.65 24.57
N ASP A 328 -10.38 -22.74 23.94
CA ASP A 328 -9.20 -22.72 23.11
C ASP A 328 -9.52 -23.58 21.93
N THR A 329 -9.22 -23.10 20.74
CA THR A 329 -9.52 -23.84 19.53
C THR A 329 -8.28 -24.45 18.96
N THR A 330 -7.12 -23.98 19.38
CA THR A 330 -5.85 -24.49 18.84
C THR A 330 -5.58 -25.98 19.03
N PRO A 331 -6.08 -26.61 20.11
CA PRO A 331 -5.78 -28.04 20.21
C PRO A 331 -6.31 -28.90 19.08
N PHE A 332 -7.51 -28.63 18.63
CA PHE A 332 -8.13 -29.37 17.54
C PHE A 332 -7.32 -29.17 16.30
N ILE A 333 -6.85 -27.95 16.08
CA ILE A 333 -6.10 -27.64 14.88
C ILE A 333 -4.84 -28.49 14.80
N ARG A 334 -4.12 -28.62 15.90
CA ARG A 334 -2.94 -29.48 15.91
C ARG A 334 -3.26 -30.94 15.68
N LEU A 335 -4.29 -31.44 16.31
CA LEU A 335 -4.70 -32.83 16.19
C LEU A 335 -5.15 -33.12 14.77
N SER A 336 -5.62 -32.11 14.07
CA SER A 336 -6.13 -32.26 12.73
C SER A 336 -4.95 -32.31 11.81
N ILE A 337 -3.96 -31.49 12.09
CA ILE A 337 -2.74 -31.47 11.32
C ILE A 337 -1.98 -32.77 11.48
N GLU A 338 -1.99 -33.33 12.66
CA GLU A 338 -1.23 -34.52 12.92
C GLU A 338 -1.90 -35.75 12.39
N SER A 339 -3.20 -35.74 12.33
CA SER A 339 -3.96 -36.85 11.80
C SER A 339 -3.63 -37.07 10.35
N VAL A 340 -3.55 -36.00 9.59
CA VAL A 340 -3.27 -36.09 8.18
C VAL A 340 -1.87 -36.59 7.90
N VAL A 341 -0.95 -36.38 8.82
CA VAL A 341 0.42 -36.79 8.59
C VAL A 341 0.48 -38.25 8.86
N HIS A 342 -0.35 -38.72 9.77
CA HIS A 342 -0.46 -40.15 9.99
C HIS A 342 -1.00 -40.83 8.75
N THR A 343 -1.98 -40.22 8.12
CA THR A 343 -2.57 -40.75 6.90
C THR A 343 -1.55 -40.83 5.77
N LEU A 344 -0.69 -39.82 5.64
CA LEU A 344 0.31 -39.81 4.59
C LEU A 344 1.26 -40.96 4.72
N ILE A 345 1.72 -41.20 5.93
CA ILE A 345 2.62 -42.30 6.16
C ILE A 345 1.93 -43.61 5.84
N GLU A 346 0.67 -43.76 6.22
CA GLU A 346 -0.07 -44.98 5.97
C GLU A 346 -0.22 -45.26 4.50
N ALA A 347 -0.50 -44.23 3.71
CA ALA A 347 -0.61 -44.39 2.26
C ALA A 347 0.67 -44.82 1.60
N VAL A 348 1.80 -44.29 2.03
CA VAL A 348 3.04 -44.63 1.38
C VAL A 348 3.31 -46.10 1.57
N ILE A 349 3.05 -46.60 2.77
CA ILE A 349 3.26 -48.00 3.06
C ILE A 349 2.34 -48.87 2.21
N LEU A 350 1.09 -48.48 2.10
CA LEU A 350 0.14 -49.24 1.31
C LEU A 350 0.50 -49.27 -0.16
N VAL A 351 0.97 -48.16 -0.72
CA VAL A 351 1.43 -48.12 -2.11
C VAL A 351 2.62 -49.04 -2.33
N PHE A 352 3.58 -49.03 -1.41
CA PHE A 352 4.72 -49.93 -1.50
C PHE A 352 4.26 -51.35 -1.68
N ILE A 353 3.24 -51.77 -0.95
CA ILE A 353 2.77 -53.16 -1.01
C ILE A 353 2.16 -53.49 -2.35
N VAL A 354 1.37 -52.58 -2.90
CA VAL A 354 0.79 -52.79 -4.21
C VAL A 354 1.89 -53.05 -5.18
N MET A 355 2.90 -52.19 -5.17
CA MET A 355 4.03 -52.34 -6.07
C MET A 355 4.75 -53.66 -5.87
N PHE A 356 4.98 -54.04 -4.64
CA PHE A 356 5.62 -55.31 -4.34
C PHE A 356 4.81 -56.50 -4.79
N LEU A 357 3.49 -56.37 -4.82
CA LEU A 357 2.71 -57.51 -5.15
C LEU A 357 2.86 -57.69 -6.61
N PHE A 358 2.91 -56.61 -7.37
CA PHE A 358 3.18 -56.71 -8.80
C PHE A 358 4.62 -56.91 -9.20
N LEU A 359 5.52 -56.11 -8.66
CA LEU A 359 6.94 -56.21 -8.99
C LEU A 359 7.59 -57.49 -8.50
N GLN A 360 7.28 -57.91 -7.28
CA GLN A 360 7.77 -59.18 -6.75
C GLN A 360 9.27 -59.32 -6.49
N ASN A 361 10.01 -58.22 -6.55
CA ASN A 361 11.45 -58.23 -6.29
C ASN A 361 11.66 -57.07 -5.37
N TRP A 362 12.55 -57.17 -4.39
CA TRP A 362 12.87 -56.01 -3.57
C TRP A 362 13.52 -54.95 -4.40
N ARG A 363 14.34 -55.37 -5.34
CA ARG A 363 15.07 -54.45 -6.17
C ARG A 363 14.18 -53.65 -7.05
N ALA A 364 13.14 -54.27 -7.57
CA ALA A 364 12.24 -53.60 -8.44
C ALA A 364 11.47 -52.60 -7.64
N THR A 365 10.96 -53.03 -6.49
CA THR A 365 10.10 -52.20 -5.66
C THR A 365 10.80 -50.97 -5.15
N ILE A 366 12.06 -51.08 -4.79
CA ILE A 366 12.73 -49.95 -4.19
C ILE A 366 12.80 -48.71 -5.05
N ILE A 367 13.00 -48.85 -6.36
CA ILE A 367 13.19 -47.69 -7.22
C ILE A 367 12.02 -46.71 -7.28
N PRO A 368 10.80 -47.21 -7.47
CA PRO A 368 9.65 -46.30 -7.42
C PRO A 368 9.50 -45.68 -6.05
N THR A 369 9.75 -46.46 -5.01
CA THR A 369 9.63 -45.99 -3.64
C THR A 369 10.57 -44.87 -3.31
N LEU A 370 11.78 -44.89 -3.83
CA LEU A 370 12.75 -43.85 -3.58
C LEU A 370 12.34 -42.52 -4.20
N ALA A 371 11.45 -42.56 -5.19
CA ALA A 371 10.95 -41.34 -5.79
C ALA A 371 10.14 -40.51 -4.83
N VAL A 372 9.38 -41.18 -3.98
CA VAL A 372 8.47 -40.46 -3.09
C VAL A 372 9.13 -39.45 -2.16
N PRO A 373 10.27 -39.81 -1.53
CA PRO A 373 10.91 -38.76 -0.73
C PRO A 373 11.32 -37.54 -1.53
N VAL A 374 11.92 -37.73 -2.69
CA VAL A 374 12.32 -36.60 -3.51
C VAL A 374 11.15 -35.75 -4.02
N VAL A 375 10.09 -36.37 -4.49
CA VAL A 375 8.97 -35.64 -5.04
C VAL A 375 8.26 -34.82 -4.01
N VAL A 376 8.12 -35.35 -2.80
CA VAL A 376 7.33 -34.68 -1.81
C VAL A 376 8.13 -33.58 -1.15
N LEU A 377 9.38 -33.86 -0.83
CA LEU A 377 10.24 -32.85 -0.27
C LEU A 377 10.40 -31.69 -1.21
N GLY A 378 10.63 -31.98 -2.49
CA GLY A 378 10.77 -30.93 -3.48
C GLY A 378 9.54 -30.08 -3.66
N THR A 379 8.37 -30.69 -3.68
CA THR A 379 7.12 -29.96 -3.82
C THR A 379 6.89 -29.02 -2.65
N PHE A 380 7.23 -29.46 -1.44
CA PHE A 380 7.10 -28.61 -0.27
C PHE A 380 7.97 -27.40 -0.44
N ALA A 381 9.14 -27.60 -1.00
CA ALA A 381 10.06 -26.52 -1.25
C ALA A 381 9.48 -25.53 -2.23
N VAL A 382 9.11 -26.00 -3.41
CA VAL A 382 8.59 -25.11 -4.44
C VAL A 382 7.42 -24.33 -3.90
N ILE A 383 6.50 -24.98 -3.24
CA ILE A 383 5.31 -24.28 -2.75
C ILE A 383 5.60 -23.15 -1.77
N ASN A 384 6.68 -23.25 -0.99
CA ASN A 384 7.00 -22.23 0.00
C ASN A 384 7.64 -21.06 -0.70
N ILE A 385 8.22 -21.29 -1.86
CA ILE A 385 8.74 -20.19 -2.66
C ILE A 385 7.57 -19.34 -3.11
N PHE A 386 6.42 -19.95 -3.32
CA PHE A 386 5.27 -19.17 -3.69
C PHE A 386 4.32 -18.84 -2.55
N GLY A 387 4.73 -19.08 -1.31
CA GLY A 387 3.90 -18.72 -0.19
C GLY A 387 2.72 -19.59 0.11
N PHE A 388 2.91 -20.90 0.07
CA PHE A 388 1.85 -21.80 0.42
C PHE A 388 2.36 -22.48 1.65
N SER A 389 1.55 -22.51 2.70
CA SER A 389 1.98 -23.09 3.94
C SER A 389 1.68 -24.55 4.00
N ILE A 390 1.80 -25.10 5.19
CA ILE A 390 1.47 -26.49 5.37
C ILE A 390 0.14 -26.42 6.05
N ASN A 391 -0.87 -26.93 5.38
CA ASN A 391 -2.18 -26.92 5.94
C ASN A 391 -2.88 -28.18 5.55
N THR A 392 -4.08 -28.36 6.03
CA THR A 392 -4.79 -29.58 5.77
C THR A 392 -5.01 -29.75 4.30
N LEU A 393 -5.37 -28.68 3.61
CA LEU A 393 -5.63 -28.74 2.19
C LEU A 393 -4.42 -29.04 1.36
N THR A 394 -3.30 -28.40 1.67
CA THR A 394 -2.06 -28.70 0.95
C THR A 394 -1.66 -30.11 1.25
N MET A 395 -1.88 -30.55 2.46
CA MET A 395 -1.53 -31.89 2.86
C MET A 395 -2.43 -32.96 2.25
N PHE A 396 -3.72 -32.67 2.09
CA PHE A 396 -4.59 -33.61 1.44
C PHE A 396 -4.11 -33.81 0.03
N ALA A 397 -3.67 -32.73 -0.60
CA ALA A 397 -3.17 -32.81 -1.95
C ALA A 397 -1.93 -33.69 -2.05
N MET A 398 -1.03 -33.62 -1.08
CA MET A 398 0.12 -34.50 -1.09
C MET A 398 -0.28 -35.95 -0.97
N VAL A 399 -1.28 -36.26 -0.15
CA VAL A 399 -1.77 -37.65 -0.01
C VAL A 399 -2.39 -38.12 -1.29
N LEU A 400 -3.13 -37.24 -1.94
CA LEU A 400 -3.76 -37.58 -3.22
C LEU A 400 -2.71 -37.82 -4.26
N ALA A 401 -1.57 -37.18 -4.15
CA ALA A 401 -0.54 -37.30 -5.15
C ALA A 401 0.37 -38.53 -5.07
N ILE A 402 0.40 -39.24 -3.95
CA ILE A 402 1.31 -40.36 -3.85
C ILE A 402 1.07 -41.44 -4.89
N GLY A 403 -0.17 -41.85 -5.08
CA GLY A 403 -0.50 -42.83 -6.09
C GLY A 403 -0.25 -42.24 -7.43
N LEU A 404 -0.56 -40.97 -7.58
CA LEU A 404 -0.26 -40.27 -8.83
C LEU A 404 1.21 -40.06 -9.20
N LEU A 405 2.11 -39.80 -8.26
CA LEU A 405 3.51 -39.44 -8.58
C LEU A 405 4.42 -40.62 -8.74
N VAL A 406 3.99 -41.78 -8.30
CA VAL A 406 4.74 -42.99 -8.49
C VAL A 406 4.51 -43.58 -9.87
N ASP A 407 3.57 -43.03 -10.63
CA ASP A 407 3.22 -43.61 -11.92
C ASP A 407 4.29 -43.63 -12.97
N ASP A 408 4.99 -42.52 -13.14
CA ASP A 408 6.01 -42.44 -14.15
C ASP A 408 7.10 -43.44 -13.85
N ALA A 409 7.50 -43.51 -12.59
CA ALA A 409 8.50 -44.46 -12.15
C ALA A 409 8.04 -45.88 -12.39
N ILE A 410 6.82 -46.22 -11.98
CA ILE A 410 6.29 -47.55 -12.20
C ILE A 410 6.25 -47.91 -13.66
N VAL A 411 5.94 -46.97 -14.54
CA VAL A 411 5.75 -47.31 -15.95
C VAL A 411 7.12 -47.49 -16.55
N VAL A 412 8.15 -46.90 -15.96
CA VAL A 412 9.53 -47.17 -16.39
C VAL A 412 10.13 -48.51 -15.98
N VAL A 413 9.96 -48.94 -14.73
CA VAL A 413 10.62 -50.16 -14.27
C VAL A 413 9.84 -51.39 -14.62
N GLU A 414 8.55 -51.24 -14.81
CA GLU A 414 7.74 -52.36 -15.19
C GLU A 414 8.24 -52.82 -16.51
N ASN A 415 8.66 -51.88 -17.36
CA ASN A 415 9.10 -52.22 -18.68
C ASN A 415 10.50 -52.74 -18.74
N VAL A 416 11.43 -52.10 -18.04
CA VAL A 416 12.80 -52.55 -18.02
C VAL A 416 12.77 -53.97 -17.58
N GLU A 417 11.96 -54.26 -16.57
CA GLU A 417 11.91 -55.59 -16.05
C GLU A 417 11.42 -56.58 -17.06
N ARG A 418 10.39 -56.25 -17.82
CA ARG A 418 9.89 -57.13 -18.85
C ARG A 418 10.90 -57.31 -19.94
N VAL A 419 11.51 -56.22 -20.38
CA VAL A 419 12.47 -56.25 -21.48
C VAL A 419 13.49 -57.31 -21.15
N MET A 420 13.99 -57.27 -19.94
CA MET A 420 14.99 -58.21 -19.50
C MET A 420 14.54 -59.64 -19.50
N SER A 421 13.30 -59.90 -19.14
CA SER A 421 12.89 -61.29 -19.03
C SER A 421 12.66 -61.79 -20.41
N GLU A 422 12.37 -60.89 -21.34
CA GLU A 422 12.25 -61.28 -22.72
C GLU A 422 13.57 -61.43 -23.48
N ASP A 423 14.48 -60.49 -23.30
CA ASP A 423 15.73 -60.54 -24.07
C ASP A 423 16.93 -60.99 -23.28
N HIS A 424 16.78 -61.16 -21.97
CA HIS A 424 17.87 -61.58 -21.09
C HIS A 424 19.04 -60.65 -21.14
N THR A 425 18.77 -59.39 -21.42
CA THR A 425 19.83 -58.38 -21.49
C THR A 425 20.25 -57.82 -20.16
N ASP A 426 21.34 -57.04 -20.16
CA ASP A 426 21.85 -56.48 -18.94
C ASP A 426 21.03 -55.30 -18.47
N PRO A 427 21.16 -54.96 -17.19
CA PRO A 427 20.37 -53.86 -16.62
C PRO A 427 20.56 -52.55 -17.37
N VAL A 428 21.72 -52.27 -17.92
CA VAL A 428 21.91 -51.00 -18.57
C VAL A 428 21.38 -50.96 -19.99
N THR A 429 21.47 -52.07 -20.72
CA THR A 429 20.96 -52.11 -22.09
C THR A 429 19.47 -52.02 -22.09
N ALA A 430 18.84 -52.75 -21.19
CA ALA A 430 17.40 -52.76 -21.12
C ALA A 430 16.89 -51.39 -20.78
N THR A 431 17.56 -50.72 -19.86
CA THR A 431 17.10 -49.42 -19.40
C THR A 431 17.11 -48.40 -20.53
N SER A 432 18.05 -48.54 -21.46
CA SER A 432 18.17 -47.56 -22.52
C SER A 432 17.12 -47.86 -23.57
N ARG A 433 16.87 -49.13 -23.83
CA ARG A 433 15.83 -49.51 -24.76
C ARG A 433 14.50 -49.20 -24.20
N SER A 434 14.30 -49.63 -22.98
CA SER A 434 13.05 -49.38 -22.28
C SER A 434 12.70 -47.92 -22.33
N MET A 435 13.70 -47.05 -22.24
CA MET A 435 13.44 -45.61 -22.21
C MET A 435 13.03 -44.99 -23.50
N GLN A 436 13.23 -45.70 -24.59
CA GLN A 436 12.81 -45.21 -25.88
C GLN A 436 11.35 -45.53 -26.11
N GLN A 437 10.91 -46.74 -25.78
CA GLN A 437 9.50 -47.08 -25.87
C GLN A 437 8.68 -46.32 -24.86
N ILE A 438 9.22 -46.10 -23.68
CA ILE A 438 8.48 -45.46 -22.59
C ILE A 438 8.24 -43.98 -22.65
N SER A 439 8.99 -43.24 -23.44
CA SER A 439 8.89 -41.78 -23.38
C SER A 439 7.65 -41.09 -23.90
N GLY A 440 7.01 -41.64 -24.91
CA GLY A 440 5.79 -41.07 -25.40
C GLY A 440 4.73 -41.17 -24.35
N ALA A 441 4.69 -42.31 -23.68
CA ALA A 441 3.74 -42.54 -22.61
C ALA A 441 4.01 -41.64 -21.46
N LEU A 442 5.27 -41.36 -21.17
CA LEU A 442 5.62 -40.59 -19.98
C LEU A 442 5.18 -39.18 -20.10
N VAL A 443 5.37 -38.61 -21.27
CA VAL A 443 4.97 -37.24 -21.50
C VAL A 443 3.47 -37.10 -21.53
N GLY A 444 2.79 -38.07 -22.12
CA GLY A 444 1.36 -38.03 -22.15
C GLY A 444 0.69 -38.11 -20.81
N ILE A 445 1.19 -38.95 -19.93
CA ILE A 445 0.56 -39.12 -18.64
C ILE A 445 0.78 -37.87 -17.82
N THR A 446 1.97 -37.30 -17.93
CA THR A 446 2.26 -36.08 -17.21
C THR A 446 1.43 -34.92 -17.71
N SER A 447 1.25 -34.85 -19.01
CA SER A 447 0.46 -33.78 -19.58
C SER A 447 -0.99 -33.79 -19.17
N VAL A 448 -1.65 -34.93 -19.25
CA VAL A 448 -3.02 -35.04 -18.80
C VAL A 448 -3.14 -34.69 -17.33
N LEU A 449 -2.24 -35.20 -16.51
CA LEU A 449 -2.37 -35.01 -15.07
C LEU A 449 -2.02 -33.63 -14.60
N THR A 450 -1.28 -32.87 -15.39
CA THR A 450 -1.03 -31.50 -15.04
C THR A 450 -2.14 -30.63 -15.57
N ALA A 451 -2.74 -31.00 -16.68
CA ALA A 451 -3.72 -30.11 -17.28
C ALA A 451 -5.09 -30.13 -16.65
N VAL A 452 -5.51 -31.26 -16.11
CA VAL A 452 -6.77 -31.30 -15.39
C VAL A 452 -6.74 -30.33 -14.21
N PHE A 453 -5.62 -30.22 -13.52
CA PHE A 453 -5.55 -29.38 -12.31
C PHE A 453 -5.22 -27.90 -12.48
N VAL A 454 -4.99 -27.44 -13.69
CA VAL A 454 -4.57 -26.05 -13.90
C VAL A 454 -5.76 -25.09 -13.97
N PRO A 455 -6.90 -25.49 -14.58
CA PRO A 455 -7.97 -24.50 -14.54
C PRO A 455 -8.52 -24.09 -13.16
N MET A 456 -8.34 -24.93 -12.14
CA MET A 456 -8.85 -24.63 -10.81
C MET A 456 -8.23 -23.38 -10.21
N ALA A 457 -6.95 -23.15 -10.45
CA ALA A 457 -6.27 -22.04 -9.83
C ALA A 457 -6.81 -20.70 -10.24
N PHE A 458 -7.24 -20.58 -11.48
CA PHE A 458 -7.80 -19.34 -11.98
C PHE A 458 -9.10 -18.85 -11.35
N PHE A 459 -9.92 -19.77 -10.89
CA PHE A 459 -11.17 -19.41 -10.24
C PHE A 459 -10.96 -18.56 -9.00
N GLY A 460 -11.70 -17.48 -8.89
CA GLY A 460 -11.60 -16.59 -7.75
C GLY A 460 -12.55 -16.80 -6.60
N GLY A 461 -12.44 -15.96 -5.57
CA GLY A 461 -13.31 -16.04 -4.43
C GLY A 461 -12.73 -16.91 -3.35
N THR A 462 -13.51 -17.20 -2.32
CA THR A 462 -13.05 -18.11 -1.28
C THR A 462 -12.82 -19.49 -1.84
N THR A 463 -13.69 -19.91 -2.74
CA THR A 463 -13.57 -21.25 -3.29
C THR A 463 -12.28 -21.36 -4.05
N GLY A 464 -11.89 -20.28 -4.72
CA GLY A 464 -10.65 -20.21 -5.45
C GLY A 464 -9.43 -20.37 -4.59
N VAL A 465 -9.47 -19.82 -3.38
CA VAL A 465 -8.37 -19.94 -2.46
C VAL A 465 -8.17 -21.39 -2.10
N ILE A 466 -9.27 -22.11 -1.88
CA ILE A 466 -9.17 -23.55 -1.61
C ILE A 466 -8.65 -24.33 -2.80
N TYR A 467 -9.14 -24.02 -3.99
CA TYR A 467 -8.76 -24.75 -5.18
C TYR A 467 -7.30 -24.63 -5.53
N ARG A 468 -6.70 -23.48 -5.24
CA ARG A 468 -5.32 -23.24 -5.59
C ARG A 468 -4.37 -23.97 -4.66
N GLN A 469 -4.82 -24.39 -3.49
CA GLN A 469 -3.96 -25.19 -2.61
C GLN A 469 -3.77 -26.54 -3.22
N PHE A 470 -4.84 -27.15 -3.69
CA PHE A 470 -4.73 -28.41 -4.38
C PHE A 470 -3.96 -28.32 -5.68
N SER A 471 -4.14 -27.28 -6.46
CA SER A 471 -3.53 -27.18 -7.79
C SER A 471 -2.08 -26.81 -7.84
N ILE A 472 -1.58 -25.96 -6.97
CA ILE A 472 -0.16 -25.74 -6.94
C ILE A 472 0.58 -26.98 -6.50
N THR A 473 0.07 -27.65 -5.47
CA THR A 473 0.71 -28.85 -5.01
C THR A 473 0.70 -29.97 -6.05
N LEU A 474 -0.46 -30.24 -6.63
CA LEU A 474 -0.56 -31.28 -7.67
C LEU A 474 0.28 -31.03 -8.90
N VAL A 475 0.23 -29.81 -9.43
CA VAL A 475 1.01 -29.46 -10.62
C VAL A 475 2.50 -29.53 -10.36
N THR A 476 2.95 -29.03 -9.21
CA THR A 476 4.34 -29.12 -8.89
C THR A 476 4.77 -30.56 -8.79
N ALA A 477 3.95 -31.37 -8.15
CA ALA A 477 4.31 -32.75 -7.96
C ALA A 477 4.46 -33.52 -9.24
N MET A 478 3.55 -33.31 -10.17
CA MET A 478 3.58 -34.03 -11.43
C MET A 478 4.75 -33.67 -12.30
N VAL A 479 5.10 -32.40 -12.39
CA VAL A 479 6.29 -32.00 -13.15
C VAL A 479 7.54 -32.60 -12.52
N LEU A 480 7.61 -32.59 -11.20
CA LEU A 480 8.75 -33.16 -10.52
C LEU A 480 8.87 -34.64 -10.80
N SER A 481 7.74 -35.34 -10.84
CA SER A 481 7.76 -36.76 -11.08
C SER A 481 8.28 -37.14 -12.46
N LEU A 482 7.94 -36.40 -13.51
CA LEU A 482 8.49 -36.66 -14.82
C LEU A 482 9.98 -36.42 -14.81
N ILE A 483 10.40 -35.35 -14.14
CA ILE A 483 11.82 -35.03 -14.05
C ILE A 483 12.59 -36.15 -13.36
N VAL A 484 12.07 -36.64 -12.24
CA VAL A 484 12.74 -37.72 -11.51
C VAL A 484 12.79 -38.98 -12.34
N ALA A 485 11.69 -39.28 -13.02
CA ALA A 485 11.65 -40.47 -13.82
C ALA A 485 12.62 -40.41 -14.96
N LEU A 486 12.78 -39.25 -15.57
CA LEU A 486 13.74 -39.08 -16.65
C LEU A 486 15.17 -39.19 -16.17
N THR A 487 15.44 -38.76 -14.94
CA THR A 487 16.79 -38.82 -14.38
C THR A 487 17.10 -39.91 -13.32
N PHE A 488 16.46 -39.86 -12.16
CA PHE A 488 16.72 -40.81 -11.06
C PHE A 488 16.40 -42.27 -11.31
N THR A 489 15.24 -42.53 -11.91
CA THR A 489 14.81 -43.89 -12.15
C THR A 489 15.64 -44.68 -13.17
N PRO A 490 16.03 -44.08 -14.31
CA PRO A 490 16.85 -44.86 -15.22
C PRO A 490 18.20 -45.18 -14.62
N ALA A 491 18.78 -44.24 -13.90
CA ALA A 491 20.06 -44.43 -13.26
C ALA A 491 19.95 -45.56 -12.25
N LEU A 492 18.88 -45.59 -11.50
CA LEU A 492 18.66 -46.66 -10.56
C LEU A 492 18.47 -48.00 -11.23
N CYS A 493 17.79 -48.02 -12.36
CA CYS A 493 17.52 -49.27 -13.06
C CYS A 493 18.80 -49.92 -13.52
N ALA A 494 19.73 -49.10 -13.97
CA ALA A 494 21.01 -49.58 -14.47
C ALA A 494 21.87 -50.20 -13.39
N THR A 495 21.76 -49.71 -12.17
CA THR A 495 22.63 -50.18 -11.11
C THR A 495 22.01 -51.15 -10.12
N ILE A 496 20.85 -50.81 -9.58
CA ILE A 496 20.21 -51.66 -8.58
C ILE A 496 19.77 -52.98 -9.15
N LEU A 497 19.22 -52.97 -10.34
CA LEU A 497 18.73 -54.19 -10.96
C LEU A 497 19.87 -55.05 -11.39
N LYS A 498 19.65 -56.35 -11.46
CA LYS A 498 20.71 -57.27 -11.84
C LYS A 498 20.24 -58.09 -13.02
N GLN A 499 21.16 -58.60 -13.82
CA GLN A 499 20.78 -59.32 -15.03
C GLN A 499 19.95 -60.54 -14.73
N HIS A 500 18.92 -60.77 -15.54
CA HIS A 500 18.04 -61.89 -15.30
C HIS A 500 18.83 -63.17 -15.47
N ASP A 501 18.64 -64.12 -14.55
CA ASP A 501 19.33 -65.40 -14.64
C ASP A 501 18.67 -66.22 -15.74
N PRO A 502 19.40 -66.52 -16.82
CA PRO A 502 18.75 -67.23 -17.92
C PRO A 502 18.24 -68.59 -17.48
N ASN A 503 19.02 -69.32 -16.70
CA ASN A 503 18.54 -70.59 -16.19
C ASN A 503 18.56 -70.59 -14.67
N LYS A 504 17.37 -70.72 -14.07
CA LYS A 504 17.27 -70.77 -12.61
C LYS A 504 16.35 -71.92 -12.31
N GLU A 505 16.85 -73.14 -12.41
CA GLU A 505 15.97 -74.30 -12.26
C GLU A 505 15.24 -74.51 -10.93
N PRO A 506 15.91 -74.31 -9.78
CA PRO A 506 15.11 -74.59 -8.57
C PRO A 506 13.91 -73.67 -8.40
N SER A 507 14.10 -72.36 -8.49
CA SER A 507 13.02 -71.37 -8.32
C SER A 507 11.91 -71.75 -7.33
N ASN A 508 12.25 -72.17 -6.12
CA ASN A 508 11.22 -72.48 -5.12
C ASN A 508 11.41 -71.82 -3.76
N ASN A 509 10.37 -71.18 -3.25
CA ASN A 509 10.42 -70.55 -1.93
C ASN A 509 8.96 -70.43 -1.52
N ILE A 510 8.67 -70.25 -0.23
CA ILE A 510 7.28 -70.05 0.19
C ILE A 510 6.68 -68.78 -0.40
N PHE A 511 7.44 -67.68 -0.37
CA PHE A 511 6.94 -66.42 -0.91
C PHE A 511 6.80 -66.49 -2.42
N ALA A 512 7.68 -67.21 -3.09
CA ALA A 512 7.60 -67.37 -4.54
C ALA A 512 6.35 -68.11 -4.94
N ARG A 513 5.95 -69.10 -4.15
CA ARG A 513 4.76 -69.87 -4.47
C ARG A 513 3.54 -68.95 -4.49
N PHE A 514 3.45 -68.06 -3.51
CA PHE A 514 2.32 -67.13 -3.46
C PHE A 514 2.32 -66.22 -4.69
N PHE A 515 3.50 -65.72 -5.05
CA PHE A 515 3.59 -64.89 -6.24
C PHE A 515 3.27 -65.62 -7.54
N ARG A 516 3.69 -66.86 -7.66
CA ARG A 516 3.46 -67.56 -8.93
C ARG A 516 1.97 -67.72 -9.17
N SER A 517 1.20 -67.84 -8.10
CA SER A 517 -0.26 -67.93 -8.24
C SER A 517 -0.81 -66.58 -8.66
N PHE A 518 -0.31 -65.50 -8.06
CA PHE A 518 -0.76 -64.17 -8.44
C PHE A 518 -0.40 -63.87 -9.88
N ASN A 519 0.79 -64.26 -10.29
CA ASN A 519 1.25 -63.98 -11.65
C ASN A 519 0.36 -64.64 -12.69
N ASN A 520 -0.14 -65.83 -12.39
CA ASN A 520 -0.94 -66.55 -13.37
C ASN A 520 -2.36 -66.01 -13.36
N GLY A 521 -2.85 -65.61 -12.19
CA GLY A 521 -4.17 -65.03 -12.10
C GLY A 521 -4.39 -63.81 -12.97
N PHE A 522 -3.39 -62.94 -13.06
CA PHE A 522 -3.50 -61.74 -13.88
C PHE A 522 -3.59 -62.11 -15.34
N ASP A 523 -3.08 -63.28 -15.71
CA ASP A 523 -3.07 -63.65 -17.10
C ASP A 523 -4.42 -64.23 -17.41
N ARG A 524 -5.07 -64.84 -16.43
CA ARG A 524 -6.41 -65.32 -16.66
C ARG A 524 -7.27 -64.10 -16.83
N MET A 525 -7.00 -63.10 -16.02
CA MET A 525 -7.74 -61.85 -16.07
C MET A 525 -7.54 -61.27 -17.43
N SER A 526 -6.33 -61.40 -17.95
CA SER A 526 -6.02 -60.76 -19.22
C SER A 526 -6.78 -61.31 -20.39
N HIS A 527 -6.90 -62.63 -20.47
CA HIS A 527 -7.52 -63.21 -21.64
C HIS A 527 -8.96 -62.81 -21.68
N SER A 528 -9.58 -62.77 -20.51
CA SER A 528 -11.00 -62.46 -20.46
C SER A 528 -11.23 -61.06 -20.98
N TYR A 529 -10.32 -60.16 -20.64
CA TYR A 529 -10.46 -58.79 -21.06
C TYR A 529 -10.43 -58.66 -22.56
N GLN A 530 -9.51 -59.37 -23.21
CA GLN A 530 -9.43 -59.34 -24.65
C GLN A 530 -10.66 -59.91 -25.30
N ASN A 531 -11.15 -61.01 -24.75
CA ASN A 531 -12.37 -61.63 -25.27
C ASN A 531 -13.53 -60.72 -25.02
N GLY A 532 -13.53 -60.08 -23.87
CA GLY A 532 -14.59 -59.15 -23.57
C GLY A 532 -14.56 -58.04 -24.56
N VAL A 533 -13.38 -57.53 -24.86
CA VAL A 533 -13.26 -56.43 -25.79
C VAL A 533 -13.71 -56.88 -27.16
N SER A 534 -13.36 -58.09 -27.53
CA SER A 534 -13.70 -58.58 -28.84
C SER A 534 -15.15 -58.67 -29.02
N ARG A 535 -15.83 -59.18 -28.00
CA ARG A 535 -17.26 -59.32 -28.06
C ARG A 535 -17.86 -57.97 -28.10
N MET A 536 -17.30 -57.05 -27.35
CA MET A 536 -17.83 -55.70 -27.26
C MET A 536 -17.76 -55.00 -28.57
N LEU A 537 -16.66 -55.19 -29.28
CA LEU A 537 -16.52 -54.60 -30.60
C LEU A 537 -17.53 -55.20 -31.54
N LYS A 538 -17.81 -56.48 -31.38
CA LYS A 538 -18.80 -57.14 -32.21
C LYS A 538 -20.21 -56.69 -31.88
N GLY A 539 -20.61 -56.78 -30.62
CA GLY A 539 -21.98 -56.47 -30.23
C GLY A 539 -22.17 -55.01 -29.93
N LYS A 540 -22.27 -54.18 -30.95
CA LYS A 540 -22.35 -52.74 -30.75
C LYS A 540 -23.58 -52.28 -29.99
N ILE A 541 -24.71 -52.91 -30.23
CA ILE A 541 -25.94 -52.47 -29.60
C ILE A 541 -25.82 -52.60 -28.10
N PHE A 542 -25.25 -53.69 -27.64
CA PHE A 542 -25.12 -53.92 -26.23
C PHE A 542 -24.22 -52.86 -25.61
N SER A 543 -23.14 -52.54 -26.30
CA SER A 543 -22.21 -51.58 -25.75
C SER A 543 -22.88 -50.25 -25.65
N GLY A 544 -23.68 -49.91 -26.64
CA GLY A 544 -24.36 -48.62 -26.67
C GLY A 544 -25.35 -48.48 -25.57
N VAL A 545 -26.16 -49.51 -25.37
CA VAL A 545 -27.13 -49.48 -24.30
C VAL A 545 -26.46 -49.39 -22.94
N LEU A 546 -25.35 -50.09 -22.72
CA LEU A 546 -24.65 -49.94 -21.46
C LEU A 546 -24.16 -48.52 -21.25
N TYR A 547 -23.63 -47.90 -22.30
CA TYR A 547 -23.10 -46.56 -22.16
C TYR A 547 -24.22 -45.61 -21.85
N ALA A 548 -25.36 -45.82 -22.50
CA ALA A 548 -26.48 -44.96 -22.28
C ALA A 548 -26.92 -45.07 -20.85
N VAL A 549 -26.96 -46.28 -20.34
CA VAL A 549 -27.41 -46.51 -18.98
C VAL A 549 -26.51 -45.82 -17.97
N VAL A 550 -25.20 -45.94 -18.16
CA VAL A 550 -24.27 -45.35 -17.22
C VAL A 550 -24.36 -43.86 -17.24
N VAL A 551 -24.61 -43.28 -18.40
CA VAL A 551 -24.77 -41.83 -18.50
C VAL A 551 -26.03 -41.44 -17.81
N ALA A 552 -27.08 -42.21 -17.97
CA ALA A 552 -28.34 -41.84 -17.39
C ALA A 552 -28.28 -41.82 -15.91
N LEU A 553 -27.64 -42.82 -15.34
CA LEU A 553 -27.54 -42.91 -13.90
C LEU A 553 -26.78 -41.71 -13.40
N LEU A 554 -25.79 -41.28 -14.15
CA LEU A 554 -25.00 -40.16 -13.74
C LEU A 554 -25.85 -38.92 -13.61
N VAL A 555 -26.74 -38.73 -14.56
CA VAL A 555 -27.62 -37.59 -14.52
C VAL A 555 -28.51 -37.71 -13.30
N PHE A 556 -29.18 -38.84 -13.17
CA PHE A 556 -30.07 -39.04 -12.05
C PHE A 556 -29.37 -38.82 -10.75
N LEU A 557 -28.23 -39.45 -10.58
CA LEU A 557 -27.53 -39.38 -9.32
C LEU A 557 -27.06 -37.99 -8.91
N PHE A 558 -26.61 -37.20 -9.86
CA PHE A 558 -26.18 -35.85 -9.53
C PHE A 558 -27.32 -35.02 -8.99
N GLN A 559 -28.51 -35.16 -9.57
CA GLN A 559 -29.67 -34.46 -9.06
C GLN A 559 -29.99 -34.93 -7.67
N LYS A 560 -29.91 -36.22 -7.43
CA LYS A 560 -30.33 -36.74 -6.15
C LYS A 560 -29.40 -36.52 -4.96
N LEU A 561 -28.10 -36.33 -5.19
CA LEU A 561 -27.16 -36.19 -4.10
C LEU A 561 -27.33 -34.85 -3.44
N PRO A 562 -27.38 -34.83 -2.10
CA PRO A 562 -27.50 -33.56 -1.38
C PRO A 562 -26.22 -32.75 -1.50
N SER A 563 -26.26 -31.46 -1.20
CA SER A 563 -25.08 -30.61 -1.29
C SER A 563 -24.69 -29.80 -0.05
N SER A 564 -23.43 -29.40 0.06
CA SER A 564 -22.95 -28.65 1.21
C SER A 564 -21.68 -27.91 0.85
N PHE A 565 -21.16 -27.07 1.73
CA PHE A 565 -19.86 -26.43 1.47
C PHE A 565 -18.74 -27.16 2.19
N LEU A 566 -18.77 -27.16 3.52
CA LEU A 566 -17.72 -27.79 4.29
C LEU A 566 -18.24 -28.69 5.37
N PRO A 567 -17.71 -29.92 5.44
CA PRO A 567 -18.21 -30.87 6.42
C PRO A 567 -18.08 -30.52 7.89
N GLU A 568 -19.03 -30.93 8.73
CA GLU A 568 -19.02 -30.55 10.15
C GLU A 568 -18.07 -31.29 11.09
N GLU A 569 -17.38 -30.55 11.96
CA GLU A 569 -16.35 -31.17 12.82
C GLU A 569 -16.45 -30.90 14.30
N ASP A 570 -16.29 -31.93 15.13
CA ASP A 570 -16.21 -31.72 16.59
C ASP A 570 -14.94 -31.03 17.01
N GLN A 571 -15.03 -29.78 17.44
CA GLN A 571 -13.89 -29.04 17.89
C GLN A 571 -13.84 -28.93 19.41
N GLY A 572 -14.56 -29.80 20.12
CA GLY A 572 -14.55 -29.81 21.56
C GLY A 572 -15.04 -28.64 22.35
N VAL A 573 -15.83 -27.77 21.72
CA VAL A 573 -16.36 -26.61 22.38
C VAL A 573 -17.79 -26.41 21.98
N VAL A 574 -18.60 -25.93 22.91
CA VAL A 574 -19.99 -25.63 22.60
C VAL A 574 -20.25 -24.20 23.00
N MET A 575 -20.99 -23.45 22.20
CA MET A 575 -21.37 -22.10 22.59
C MET A 575 -22.87 -22.02 22.77
N THR A 576 -23.31 -21.74 23.98
CA THR A 576 -24.71 -21.66 24.29
C THR A 576 -25.15 -20.20 24.34
N LEU A 577 -26.18 -19.86 23.58
CA LEU A 577 -26.67 -18.49 23.57
C LEU A 577 -27.99 -18.45 24.30
N VAL A 578 -28.12 -17.51 25.23
CA VAL A 578 -29.32 -17.38 26.02
C VAL A 578 -30.05 -16.11 25.69
N GLN A 579 -31.36 -16.19 25.52
CA GLN A 579 -32.16 -15.01 25.33
C GLN A 579 -33.31 -15.06 26.30
N LEU A 580 -33.62 -13.95 26.95
CA LEU A 580 -34.74 -13.89 27.87
C LEU A 580 -35.82 -13.01 27.31
N PRO A 581 -36.97 -12.96 27.97
CA PRO A 581 -38.11 -12.19 27.46
C PRO A 581 -37.81 -10.71 27.42
N PRO A 582 -38.65 -9.90 26.74
CA PRO A 582 -38.28 -8.48 26.69
C PRO A 582 -38.31 -7.70 28.00
N ASN A 583 -37.38 -6.77 28.21
CA ASN A 583 -37.32 -5.91 29.42
C ASN A 583 -36.81 -6.60 30.65
N ALA A 584 -36.19 -7.75 30.48
CA ALA A 584 -35.63 -8.49 31.59
C ALA A 584 -34.42 -7.89 32.29
N THR A 585 -34.36 -8.03 33.61
CA THR A 585 -33.21 -7.61 34.38
C THR A 585 -32.01 -8.54 34.36
N LEU A 586 -30.84 -8.03 34.69
CA LEU A 586 -29.61 -8.81 34.71
C LEU A 586 -29.74 -9.94 35.70
N ASP A 587 -30.47 -9.68 36.78
CA ASP A 587 -30.62 -10.66 37.83
C ASP A 587 -31.40 -11.86 37.38
N ARG A 588 -32.40 -11.63 36.54
CA ARG A 588 -33.23 -12.68 36.04
C ARG A 588 -32.48 -13.47 35.03
N THR A 589 -31.46 -12.86 34.46
CA THR A 589 -30.74 -13.53 33.42
C THR A 589 -29.74 -14.39 34.13
N GLY A 590 -29.27 -13.95 35.28
CA GLY A 590 -28.24 -14.71 35.95
C GLY A 590 -28.82 -15.94 36.55
N LYS A 591 -30.11 -15.94 36.81
CA LYS A 591 -30.78 -17.10 37.37
C LYS A 591 -30.89 -18.18 36.35
N VAL A 592 -31.16 -17.83 35.11
CA VAL A 592 -31.22 -18.77 34.01
C VAL A 592 -29.85 -19.32 33.65
N ILE A 593 -28.80 -18.54 33.80
CA ILE A 593 -27.49 -18.97 33.37
C ILE A 593 -27.01 -19.93 34.43
N ASP A 594 -27.48 -19.76 35.65
CA ASP A 594 -27.19 -20.75 36.69
C ASP A 594 -27.88 -22.09 36.49
N THR A 595 -29.15 -22.09 36.06
CA THR A 595 -29.82 -23.35 35.75
C THR A 595 -29.09 -24.01 34.60
N MET A 596 -28.66 -23.22 33.62
CA MET A 596 -27.86 -23.76 32.52
C MET A 596 -26.50 -24.27 32.95
N THR A 597 -25.86 -23.62 33.91
CA THR A 597 -24.52 -24.01 34.26
C THR A 597 -24.57 -25.27 35.10
N ASN A 598 -25.60 -25.41 35.90
CA ASN A 598 -25.77 -26.65 36.65
C ASN A 598 -25.86 -27.86 35.73
N PHE A 599 -26.55 -27.73 34.62
CA PHE A 599 -26.70 -28.83 33.67
C PHE A 599 -25.38 -29.30 33.07
N PHE A 600 -24.56 -28.38 32.59
CA PHE A 600 -23.28 -28.72 31.99
C PHE A 600 -22.28 -29.20 32.99
N MET A 601 -22.33 -28.65 34.18
CA MET A 601 -21.42 -29.05 35.24
C MET A 601 -21.79 -30.42 35.77
N ASN A 602 -22.95 -30.91 35.39
CA ASN A 602 -23.41 -32.21 35.83
C ASN A 602 -23.27 -33.23 34.70
N GLU A 603 -22.95 -32.78 33.50
CA GLU A 603 -22.73 -33.69 32.37
C GLU A 603 -21.28 -34.07 32.44
N LYS A 604 -20.90 -34.83 33.45
CA LYS A 604 -19.49 -35.13 33.69
C LYS A 604 -18.71 -35.88 32.63
N ASP A 605 -19.30 -36.86 31.97
CA ASP A 605 -18.51 -37.65 31.04
C ASP A 605 -18.07 -36.88 29.81
N THR A 606 -18.85 -35.89 29.41
CA THR A 606 -18.55 -35.12 28.23
C THR A 606 -18.08 -33.71 28.45
N VAL A 607 -18.15 -33.21 29.67
CA VAL A 607 -17.88 -31.80 29.90
C VAL A 607 -16.86 -31.50 30.95
N GLU A 608 -15.90 -30.64 30.61
CA GLU A 608 -14.88 -30.25 31.55
C GLU A 608 -15.11 -28.88 32.20
N SER A 609 -15.39 -27.86 31.41
CA SER A 609 -15.57 -26.52 31.94
C SER A 609 -16.64 -25.62 31.35
N ILE A 610 -16.99 -24.53 32.03
CA ILE A 610 -17.88 -23.51 31.47
C ILE A 610 -17.43 -22.12 31.91
N PHE A 611 -17.51 -21.13 31.03
CA PHE A 611 -17.22 -19.74 31.38
C PHE A 611 -18.48 -19.03 30.91
N THR A 612 -19.08 -18.20 31.75
CA THR A 612 -20.32 -17.56 31.39
C THR A 612 -20.29 -16.07 31.53
N VAL A 613 -20.96 -15.34 30.64
CA VAL A 613 -21.11 -13.89 30.80
C VAL A 613 -22.57 -13.48 30.67
N SER A 614 -23.11 -12.80 31.67
CA SER A 614 -24.48 -12.33 31.62
C SER A 614 -24.45 -10.88 31.24
N GLY A 615 -25.30 -10.48 30.31
CA GLY A 615 -25.29 -9.11 29.82
C GLY A 615 -24.57 -8.98 28.50
N PHE A 616 -23.83 -10.01 28.10
CA PHE A 616 -23.15 -9.97 26.82
C PHE A 616 -23.72 -10.95 25.86
N SER A 617 -23.88 -10.54 24.60
CA SER A 617 -24.30 -11.46 23.56
C SER A 617 -23.66 -11.01 22.28
N PHE A 618 -23.53 -11.89 21.31
CA PHE A 618 -23.02 -11.49 20.01
C PHE A 618 -23.99 -10.53 19.36
N THR A 619 -25.28 -10.83 19.46
CA THR A 619 -26.31 -10.00 18.84
C THR A 619 -26.45 -8.63 19.45
N GLY A 620 -26.29 -8.51 20.76
CA GLY A 620 -26.34 -7.22 21.40
C GLY A 620 -26.00 -7.23 22.88
N VAL A 621 -25.79 -6.07 23.45
CA VAL A 621 -25.54 -5.99 24.88
C VAL A 621 -26.78 -5.46 25.53
N GLY A 622 -27.35 -6.24 26.45
CA GLY A 622 -28.53 -5.83 27.14
C GLY A 622 -28.53 -6.66 28.38
N GLN A 623 -29.32 -6.28 29.36
CA GLN A 623 -29.33 -7.02 30.60
C GLN A 623 -29.95 -8.38 30.33
N ASN A 624 -30.91 -8.47 29.43
CA ASN A 624 -31.54 -9.74 29.04
C ASN A 624 -30.63 -10.79 28.38
N ALA A 625 -29.67 -10.38 27.57
CA ALA A 625 -28.74 -11.30 26.90
C ALA A 625 -27.70 -12.06 27.74
N GLY A 626 -27.27 -13.23 27.27
CA GLY A 626 -26.25 -14.01 27.94
C GLY A 626 -25.53 -15.02 27.05
N ILE A 627 -24.33 -15.41 27.44
CA ILE A 627 -23.55 -16.40 26.67
C ILE A 627 -22.76 -17.37 27.55
N GLY A 628 -22.41 -18.54 27.04
CA GLY A 628 -21.61 -19.50 27.78
C GLY A 628 -20.63 -20.22 26.87
N PHE A 629 -19.42 -20.44 27.35
CA PHE A 629 -18.41 -21.14 26.56
C PHE A 629 -18.14 -22.42 27.27
N VAL A 630 -18.50 -23.53 26.65
CA VAL A 630 -18.34 -24.84 27.27
C VAL A 630 -17.19 -25.58 26.65
N LYS A 631 -16.28 -26.10 27.46
CA LYS A 631 -15.15 -26.88 26.95
C LYS A 631 -15.42 -28.32 27.27
N LEU A 632 -15.43 -29.17 26.27
CA LEU A 632 -15.73 -30.55 26.49
C LEU A 632 -14.51 -31.25 26.96
N LYS A 633 -14.66 -32.49 27.36
CA LYS A 633 -13.53 -33.28 27.79
C LYS A 633 -12.67 -33.74 26.61
N ASP A 634 -11.48 -34.25 26.87
CA ASP A 634 -10.56 -34.60 25.80
C ASP A 634 -11.20 -35.58 24.88
N TRP A 635 -10.87 -35.48 23.60
CA TRP A 635 -11.50 -36.33 22.61
C TRP A 635 -11.26 -37.77 22.96
N SER A 636 -10.16 -38.06 23.65
CA SER A 636 -9.87 -39.43 24.06
C SER A 636 -10.89 -39.95 25.05
N LYS A 637 -11.35 -39.10 25.94
CA LYS A 637 -12.26 -39.54 26.97
C LYS A 637 -13.69 -39.56 26.52
N ARG A 638 -13.92 -39.35 25.24
CA ARG A 638 -15.28 -39.24 24.74
C ARG A 638 -15.51 -40.12 23.52
N THR A 639 -15.62 -41.43 23.72
CA THR A 639 -15.75 -42.35 22.62
C THR A 639 -17.12 -42.97 22.47
N THR A 640 -17.90 -42.94 23.55
CA THR A 640 -19.23 -43.49 23.51
C THR A 640 -20.16 -42.58 22.76
N PRO A 641 -21.31 -43.11 22.32
CA PRO A 641 -22.29 -42.26 21.66
C PRO A 641 -22.79 -41.16 22.56
N GLU A 642 -23.03 -41.45 23.83
CA GLU A 642 -23.51 -40.47 24.79
C GLU A 642 -22.53 -39.33 24.96
N THR A 643 -21.25 -39.61 24.80
CA THR A 643 -20.22 -38.60 24.98
C THR A 643 -19.86 -37.87 23.70
N GLN A 644 -20.74 -37.90 22.71
CA GLN A 644 -20.48 -37.18 21.45
C GLN A 644 -21.03 -35.78 21.45
N ILE A 645 -20.53 -34.94 20.54
CA ILE A 645 -20.97 -33.53 20.48
C ILE A 645 -22.45 -33.29 20.20
N GLY A 646 -23.06 -34.09 19.32
CA GLY A 646 -24.44 -33.85 18.96
C GLY A 646 -25.32 -34.48 19.97
N SER A 647 -24.82 -35.48 20.68
CA SER A 647 -25.58 -36.00 21.78
C SER A 647 -25.72 -34.95 22.85
N LEU A 648 -24.66 -34.17 23.09
CA LEU A 648 -24.73 -33.12 24.08
C LEU A 648 -25.72 -32.08 23.65
N ILE A 649 -25.63 -31.65 22.40
CA ILE A 649 -26.48 -30.58 21.92
C ILE A 649 -27.96 -30.93 21.97
N GLN A 650 -28.28 -32.20 21.81
CA GLN A 650 -29.67 -32.58 21.77
C GLN A 650 -30.21 -32.62 23.17
N ARG A 651 -29.44 -33.12 24.12
CA ARG A 651 -29.84 -33.09 25.51
C ARG A 651 -29.95 -31.66 25.99
N GLY A 652 -29.01 -30.81 25.61
CA GLY A 652 -29.04 -29.41 26.00
C GLY A 652 -30.15 -28.62 25.35
N MET A 653 -30.81 -29.21 24.37
CA MET A 653 -31.91 -28.55 23.70
C MET A 653 -33.17 -28.78 24.48
N ALA A 654 -33.09 -29.56 25.55
CA ALA A 654 -34.22 -29.80 26.40
C ALA A 654 -34.31 -28.65 27.35
N LEU A 655 -33.25 -27.85 27.40
CA LEU A 655 -33.26 -26.66 28.25
C LEU A 655 -34.33 -25.69 27.89
N ASN A 656 -34.66 -25.64 26.61
CA ASN A 656 -35.67 -24.71 26.15
C ASN A 656 -36.96 -25.06 26.84
N MET A 657 -37.21 -26.34 27.03
CA MET A 657 -38.44 -26.76 27.66
C MET A 657 -38.36 -26.66 29.16
N ILE A 658 -37.22 -27.04 29.74
CA ILE A 658 -37.02 -26.89 31.19
C ILE A 658 -37.13 -25.47 31.74
N ILE A 659 -36.33 -24.55 31.22
CA ILE A 659 -36.31 -23.19 31.76
C ILE A 659 -37.38 -22.35 31.16
N LYS A 660 -38.46 -22.19 31.90
CA LYS A 660 -39.60 -21.44 31.41
C LYS A 660 -39.34 -19.99 31.17
N ASP A 661 -38.56 -19.36 32.04
CA ASP A 661 -38.40 -17.94 31.90
C ASP A 661 -37.76 -17.53 30.59
N ALA A 662 -36.62 -18.10 30.24
CA ALA A 662 -35.93 -17.65 29.03
C ALA A 662 -36.68 -17.86 27.74
N SER A 663 -36.50 -16.95 26.79
CA SER A 663 -37.12 -17.07 25.48
C SER A 663 -36.49 -18.30 24.83
N TYR A 664 -35.17 -18.29 24.66
CA TYR A 664 -34.44 -19.45 24.13
C TYR A 664 -33.11 -19.74 24.80
N VAL A 665 -32.76 -21.01 24.94
CA VAL A 665 -31.44 -21.39 25.44
C VAL A 665 -30.91 -22.36 24.38
N MET A 666 -30.05 -21.91 23.48
CA MET A 666 -29.59 -22.77 22.39
C MET A 666 -28.12 -23.12 22.34
N PRO A 667 -27.78 -24.44 22.51
CA PRO A 667 -26.36 -24.83 22.35
C PRO A 667 -25.96 -24.95 20.88
N LEU A 668 -24.87 -24.33 20.47
CA LEU A 668 -24.49 -24.32 19.06
C LEU A 668 -23.04 -24.66 18.78
N GLN A 669 -22.79 -25.57 17.85
CA GLN A 669 -21.42 -25.90 17.44
C GLN A 669 -20.68 -24.82 16.66
N LEU A 670 -19.36 -24.86 16.62
CA LEU A 670 -18.61 -23.91 15.83
C LEU A 670 -18.65 -24.30 14.37
N PRO A 671 -18.44 -23.32 13.48
CA PRO A 671 -18.37 -23.65 12.05
C PRO A 671 -17.10 -24.37 11.71
N ALA A 672 -17.08 -25.08 10.58
CA ALA A 672 -15.86 -25.77 10.14
C ALA A 672 -14.71 -24.80 10.10
N MET A 673 -14.87 -23.71 9.36
CA MET A 673 -13.85 -22.69 9.37
C MET A 673 -14.43 -21.61 10.23
N PRO A 674 -13.92 -21.48 11.45
CA PRO A 674 -14.52 -20.51 12.36
C PRO A 674 -14.22 -19.08 11.95
N GLU A 675 -13.26 -18.88 11.05
CA GLU A 675 -12.97 -17.56 10.57
C GLU A 675 -14.16 -16.99 9.84
N LEU A 676 -14.85 -17.83 9.10
CA LEU A 676 -15.98 -17.38 8.30
C LEU A 676 -17.30 -17.28 9.06
N GLY A 677 -17.33 -17.66 10.33
CA GLY A 677 -18.55 -17.51 11.09
C GLY A 677 -18.49 -17.67 12.59
N VAL A 678 -19.53 -17.25 13.30
CA VAL A 678 -19.56 -17.47 14.73
C VAL A 678 -20.07 -18.86 15.07
N THR A 679 -21.19 -19.23 14.50
CA THR A 679 -21.78 -20.54 14.76
C THR A 679 -22.18 -21.21 13.48
N ALA A 680 -22.18 -22.52 13.45
CA ALA A 680 -22.64 -23.21 12.27
C ALA A 680 -24.15 -23.16 12.14
N GLY A 681 -24.66 -23.30 10.94
CA GLY A 681 -26.08 -23.21 10.70
C GLY A 681 -26.27 -22.36 9.48
N PHE A 682 -27.49 -21.90 9.24
CA PHE A 682 -27.75 -21.00 8.12
C PHE A 682 -28.07 -19.59 8.54
N ASN A 683 -27.63 -18.59 7.81
CA ASN A 683 -28.02 -17.22 8.10
C ASN A 683 -28.70 -16.61 6.91
N LEU A 684 -29.88 -16.01 7.13
CA LEU A 684 -30.66 -15.42 6.06
C LEU A 684 -31.13 -14.03 6.43
N GLN A 685 -31.42 -13.19 5.45
CA GLN A 685 -31.99 -11.90 5.73
C GLN A 685 -33.30 -11.75 5.02
N LEU A 686 -34.37 -11.41 5.74
CA LEU A 686 -35.63 -11.15 5.09
C LEU A 686 -35.66 -9.67 4.83
N LYS A 687 -35.67 -9.31 3.56
CA LYS A 687 -35.67 -7.90 3.18
C LYS A 687 -37.05 -7.37 2.87
N ASP A 688 -37.38 -6.20 3.41
CA ASP A 688 -38.66 -5.54 3.07
C ASP A 688 -38.51 -4.78 1.77
N SER A 689 -38.33 -5.49 0.66
CA SER A 689 -38.06 -4.78 -0.58
C SER A 689 -39.13 -3.83 -1.03
N SER A 690 -40.37 -4.13 -0.70
CA SER A 690 -41.50 -3.30 -1.11
C SER A 690 -41.60 -2.01 -0.33
N GLY A 691 -41.17 -2.01 0.92
CA GLY A 691 -41.28 -0.82 1.73
C GLY A 691 -42.51 -0.81 2.57
N GLN A 692 -43.14 -1.97 2.73
CA GLN A 692 -44.40 -2.04 3.44
C GLN A 692 -44.38 -1.58 4.88
N GLY A 693 -43.36 -1.91 5.64
CA GLY A 693 -43.36 -1.53 7.02
C GLY A 693 -42.36 -2.22 7.89
N HIS A 694 -42.44 -1.99 9.19
CA HIS A 694 -41.57 -2.65 10.11
C HIS A 694 -42.44 -3.68 10.72
N GLU A 695 -43.68 -3.32 10.97
CA GLU A 695 -44.67 -4.24 11.51
C GLU A 695 -44.99 -5.35 10.57
N LYS A 696 -45.14 -5.02 9.31
CA LYS A 696 -45.42 -6.00 8.26
C LYS A 696 -44.26 -6.96 8.16
N LEU A 697 -43.05 -6.45 8.28
CA LEU A 697 -41.86 -7.27 8.19
C LEU A 697 -41.78 -8.26 9.33
N ILE A 698 -42.24 -7.87 10.50
CA ILE A 698 -42.14 -8.75 11.65
C ILE A 698 -43.23 -9.77 11.55
N ALA A 699 -44.32 -9.42 10.90
CA ALA A 699 -45.39 -10.36 10.66
C ALA A 699 -44.92 -11.44 9.75
N ALA A 700 -44.14 -11.09 8.75
CA ALA A 700 -43.56 -12.07 7.85
C ALA A 700 -42.59 -13.00 8.55
N ARG A 701 -41.78 -12.47 9.45
CA ARG A 701 -40.80 -13.24 10.19
C ARG A 701 -41.51 -14.27 11.00
N ASN A 702 -42.65 -13.90 11.54
CA ASN A 702 -43.33 -14.80 12.43
C ASN A 702 -44.12 -15.87 11.73
N THR A 703 -44.52 -15.66 10.48
CA THR A 703 -45.09 -16.75 9.71
C THR A 703 -44.00 -17.71 9.35
N ILE A 704 -42.85 -17.18 8.95
CA ILE A 704 -41.73 -18.02 8.60
C ILE A 704 -41.27 -18.80 9.80
N LEU A 705 -41.35 -18.20 10.98
CA LEU A 705 -40.95 -18.87 12.21
C LEU A 705 -41.81 -20.07 12.60
N GLY A 706 -43.11 -20.00 12.39
CA GLY A 706 -43.99 -21.09 12.77
C GLY A 706 -44.01 -22.17 11.73
N LEU A 707 -43.82 -21.80 10.48
CA LEU A 707 -43.74 -22.78 9.43
C LEU A 707 -42.48 -23.56 9.64
N ALA A 708 -41.40 -22.90 10.03
CA ALA A 708 -40.11 -23.56 10.24
C ALA A 708 -40.13 -24.43 11.47
N SER A 709 -41.02 -24.13 12.41
CA SER A 709 -41.18 -24.99 13.57
C SER A 709 -41.72 -26.30 13.15
N GLN A 710 -42.56 -26.28 12.15
CA GLN A 710 -43.22 -27.49 11.72
C GLN A 710 -42.55 -28.25 10.57
N ASP A 711 -41.30 -27.92 10.26
CA ASP A 711 -40.57 -28.67 9.24
C ASP A 711 -39.60 -29.54 9.99
N LYS A 712 -39.57 -30.83 9.65
CA LYS A 712 -38.70 -31.77 10.34
C LYS A 712 -37.33 -31.85 9.73
N ARG A 713 -37.03 -30.97 8.80
CA ARG A 713 -35.71 -30.91 8.26
C ARG A 713 -34.98 -29.78 8.94
N LEU A 714 -35.62 -29.16 9.91
CA LEU A 714 -35.01 -28.00 10.56
C LEU A 714 -35.02 -28.07 12.06
N VAL A 715 -33.99 -27.54 12.70
CA VAL A 715 -33.91 -27.49 14.17
C VAL A 715 -33.44 -26.12 14.65
N GLY A 716 -34.14 -25.51 15.60
CA GLY A 716 -33.69 -24.26 16.19
C GLY A 716 -33.74 -22.96 15.44
N VAL A 717 -34.74 -22.79 14.58
CA VAL A 717 -34.92 -21.54 13.87
C VAL A 717 -35.33 -20.45 14.81
N ARG A 718 -34.58 -19.36 14.80
CA ARG A 718 -34.82 -18.30 15.73
C ARG A 718 -34.52 -17.00 15.09
N PRO A 719 -35.16 -15.93 15.57
CA PRO A 719 -34.76 -14.63 15.10
C PRO A 719 -33.41 -14.32 15.73
N ASN A 720 -32.53 -13.64 15.02
CA ASN A 720 -31.25 -13.26 15.58
C ASN A 720 -31.36 -11.78 15.71
N GLY A 721 -31.15 -11.27 16.90
CA GLY A 721 -31.36 -9.85 17.08
C GLY A 721 -32.29 -9.55 18.21
N GLN A 722 -32.44 -8.27 18.54
CA GLN A 722 -33.32 -7.86 19.61
C GLN A 722 -34.78 -7.89 19.21
N GLU A 723 -35.66 -8.09 20.17
CA GLU A 723 -37.08 -8.14 19.90
C GLU A 723 -37.83 -6.93 20.44
N ASP A 724 -38.99 -6.60 19.88
CA ASP A 724 -39.68 -5.38 20.30
C ASP A 724 -40.01 -5.30 21.76
N THR A 725 -39.73 -4.17 22.36
CA THR A 725 -39.88 -4.06 23.80
C THR A 725 -40.71 -2.89 24.24
N PRO A 726 -41.30 -2.97 25.42
CA PRO A 726 -42.00 -1.80 25.94
C PRO A 726 -40.98 -0.74 26.35
N GLN A 727 -41.20 0.51 25.96
CA GLN A 727 -40.30 1.62 26.29
C GLN A 727 -40.98 2.63 27.20
N TYR A 728 -40.23 3.51 27.85
CA TYR A 728 -40.85 4.55 28.66
C TYR A 728 -40.62 5.90 28.06
N GLN A 729 -41.70 6.52 27.59
CA GLN A 729 -41.57 7.79 26.90
C GLN A 729 -41.94 8.96 27.75
N ILE A 730 -41.04 9.93 27.84
CA ILE A 730 -41.29 11.09 28.64
C ILE A 730 -41.51 12.21 27.66
N ASN A 731 -42.59 12.96 27.87
CA ASN A 731 -42.88 14.08 27.01
C ASN A 731 -42.79 15.30 27.85
N VAL A 732 -42.02 16.29 27.40
CA VAL A 732 -41.84 17.51 28.18
C VAL A 732 -42.60 18.62 27.49
N ASP A 733 -43.45 19.31 28.23
CA ASP A 733 -44.21 20.41 27.67
C ASP A 733 -43.28 21.57 27.58
N GLN A 734 -42.97 22.02 26.37
CA GLN A 734 -42.06 23.15 26.19
C GLN A 734 -42.65 24.42 26.75
N ALA A 735 -43.95 24.61 26.56
CA ALA A 735 -44.63 25.83 26.99
C ALA A 735 -44.64 26.08 28.49
N GLN A 736 -44.76 25.04 29.28
CA GLN A 736 -44.90 25.20 30.71
C GLN A 736 -43.50 25.30 31.22
N ALA A 737 -42.58 24.67 30.51
CA ALA A 737 -41.18 24.79 30.86
C ALA A 737 -40.73 26.22 30.72
N GLY A 738 -41.16 26.88 29.65
CA GLY A 738 -40.82 28.28 29.43
C GLY A 738 -41.38 29.17 30.50
N ALA A 739 -42.55 28.84 31.01
CA ALA A 739 -43.19 29.72 31.97
C ALA A 739 -42.61 29.57 33.34
N MET A 740 -42.44 28.34 33.82
CA MET A 740 -41.77 28.16 35.08
C MET A 740 -40.39 28.81 34.98
N GLY A 741 -39.77 28.72 33.81
CA GLY A 741 -38.47 29.33 33.59
C GLY A 741 -37.34 28.35 33.64
N VAL A 742 -37.64 27.10 33.35
CA VAL A 742 -36.63 26.08 33.28
C VAL A 742 -36.17 25.76 31.86
N SER A 743 -34.88 25.84 31.60
CA SER A 743 -34.30 25.52 30.30
C SER A 743 -34.43 24.06 29.95
N ILE A 744 -34.70 23.75 28.70
CA ILE A 744 -34.82 22.37 28.30
C ILE A 744 -33.40 21.87 28.24
N ALA A 745 -32.47 22.73 27.91
CA ALA A 745 -31.07 22.33 27.94
C ALA A 745 -30.62 21.93 29.35
N GLU A 746 -31.03 22.69 30.38
CA GLU A 746 -30.71 22.37 31.78
C GLU A 746 -31.35 21.10 32.31
N ILE A 747 -32.58 20.84 31.91
CA ILE A 747 -33.26 19.64 32.37
C ILE A 747 -32.41 18.49 31.91
N ASN A 748 -31.90 18.57 30.69
CA ASN A 748 -31.09 17.49 30.14
C ASN A 748 -29.87 17.27 30.99
N ASN A 749 -29.22 18.34 31.43
CA ASN A 749 -28.05 18.21 32.29
C ASN A 749 -28.35 17.56 33.64
N THR A 750 -29.41 17.96 34.29
CA THR A 750 -29.83 17.35 35.54
C THR A 750 -30.25 15.89 35.35
N MET A 751 -30.92 15.58 34.26
CA MET A 751 -31.42 14.22 34.02
C MET A 751 -30.45 13.26 33.35
N ARG A 752 -29.32 13.75 32.88
CA ARG A 752 -28.34 12.91 32.16
C ARG A 752 -27.38 12.45 33.19
N ILE A 753 -27.05 13.32 34.13
CA ILE A 753 -26.21 12.91 35.26
C ILE A 753 -26.96 12.07 36.30
N ALA A 754 -28.22 12.35 36.55
CA ALA A 754 -29.00 11.59 37.53
C ALA A 754 -29.36 10.18 37.12
N TRP A 755 -30.03 10.01 35.99
CA TRP A 755 -30.50 8.69 35.58
C TRP A 755 -29.53 7.88 34.77
N GLY A 756 -28.50 8.51 34.27
CA GLY A 756 -27.46 7.81 33.54
C GLY A 756 -26.23 8.35 34.21
N GLY A 757 -25.10 7.70 34.03
CA GLY A 757 -23.89 8.29 34.56
C GLY A 757 -23.10 9.29 33.82
N SER A 758 -22.26 10.02 34.53
CA SER A 758 -21.37 10.93 33.86
C SER A 758 -19.95 10.81 34.35
N TYR A 759 -19.02 10.64 33.42
CA TYR A 759 -17.63 10.60 33.76
C TYR A 759 -17.22 12.04 33.81
N ILE A 760 -16.66 12.49 34.91
CA ILE A 760 -16.19 13.86 34.93
C ILE A 760 -14.69 14.04 34.76
N ASN A 761 -13.89 13.37 35.57
CA ASN A 761 -12.45 13.60 35.56
C ASN A 761 -11.68 12.40 36.06
N ASP A 762 -10.36 12.49 36.15
CA ASP A 762 -9.54 11.33 36.52
C ASP A 762 -8.71 11.39 37.75
N PHE A 763 -8.71 10.34 38.56
CA PHE A 763 -7.84 10.27 39.71
C PHE A 763 -6.78 9.19 39.54
N VAL A 764 -5.70 9.24 40.33
CA VAL A 764 -4.64 8.25 40.24
C VAL A 764 -4.72 7.19 41.32
N ASP A 765 -4.74 5.92 40.92
CA ASP A 765 -4.75 4.84 41.88
C ASP A 765 -3.55 3.97 41.57
N ARG A 766 -2.61 3.86 42.50
CA ARG A 766 -1.43 3.05 42.33
C ARG A 766 -0.68 3.38 41.06
N GLY A 767 -0.54 4.67 40.78
CA GLY A 767 0.18 5.10 39.59
C GLY A 767 -0.59 5.05 38.30
N ARG A 768 -1.87 4.74 38.37
CA ARG A 768 -2.60 4.62 37.15
C ARG A 768 -3.89 5.41 37.17
N VAL A 769 -4.08 6.21 36.13
CA VAL A 769 -5.25 7.02 36.01
C VAL A 769 -6.51 6.19 35.92
N LYS A 770 -7.52 6.58 36.68
CA LYS A 770 -8.77 5.86 36.67
C LYS A 770 -9.79 6.90 36.36
N LYS A 771 -11.05 6.65 36.64
CA LYS A 771 -12.08 7.59 36.32
C LYS A 771 -12.96 7.92 37.51
N VAL A 772 -13.53 9.12 37.52
CA VAL A 772 -14.45 9.50 38.58
C VAL A 772 -15.81 9.66 37.94
N TYR A 773 -16.81 9.00 38.49
CA TYR A 773 -18.16 9.10 37.96
C TYR A 773 -19.18 9.67 38.92
N VAL A 774 -20.09 10.51 38.42
CA VAL A 774 -21.16 11.04 39.23
C VAL A 774 -22.47 10.52 38.64
N GLN A 775 -23.31 9.91 39.46
CA GLN A 775 -24.60 9.41 39.01
C GLN A 775 -25.44 9.40 40.26
N GLY A 776 -26.75 9.33 40.12
CA GLY A 776 -27.61 9.22 41.27
C GLY A 776 -27.58 7.85 41.87
N ASP A 777 -28.04 7.72 43.11
CA ASP A 777 -28.09 6.43 43.77
C ASP A 777 -29.15 5.55 43.13
N ALA A 778 -29.03 4.25 43.30
CA ALA A 778 -29.96 3.31 42.66
C ALA A 778 -31.44 3.51 43.03
N GLY A 779 -31.74 3.79 44.28
CA GLY A 779 -33.13 3.99 44.66
C GLY A 779 -33.81 5.12 43.94
N SER A 780 -33.06 6.17 43.61
CA SER A 780 -33.59 7.30 42.87
C SER A 780 -33.88 7.07 41.41
N ARG A 781 -33.22 6.09 40.81
CA ARG A 781 -33.37 5.87 39.36
C ARG A 781 -34.07 4.59 38.96
N MET A 782 -34.79 3.97 39.87
CA MET A 782 -35.37 2.67 39.58
C MET A 782 -36.66 2.60 38.80
N MET A 783 -37.59 3.49 39.07
CA MET A 783 -38.92 3.39 38.49
C MET A 783 -39.39 4.73 37.96
N PRO A 784 -40.49 4.76 37.12
CA PRO A 784 -41.01 6.07 36.69
C PRO A 784 -41.33 7.06 37.79
N GLU A 785 -41.82 6.61 38.93
CA GLU A 785 -42.16 7.47 40.03
C GLU A 785 -40.93 8.12 40.65
N ASP A 786 -39.78 7.52 40.45
CA ASP A 786 -38.56 8.04 41.02
C ASP A 786 -38.12 9.36 40.38
N LEU A 787 -38.63 9.67 39.21
CA LEU A 787 -38.33 10.92 38.53
C LEU A 787 -38.79 12.05 39.37
N ASN A 788 -39.91 11.87 40.05
CA ASN A 788 -40.51 12.93 40.85
C ASN A 788 -39.62 13.36 42.00
N LYS A 789 -38.65 12.53 42.35
CA LYS A 789 -37.74 12.84 43.42
C LYS A 789 -36.70 13.90 43.00
N TRP A 790 -36.53 14.12 41.71
CA TRP A 790 -35.52 15.08 41.21
C TRP A 790 -36.05 16.47 40.83
N TYR A 791 -35.29 17.51 41.12
CA TYR A 791 -35.70 18.89 40.86
C TYR A 791 -34.74 19.64 39.95
N VAL A 792 -35.24 20.57 39.14
CA VAL A 792 -34.36 21.39 38.28
C VAL A 792 -34.46 22.88 38.61
N ARG A 793 -33.31 23.54 38.78
CA ARG A 793 -33.29 24.97 39.09
C ARG A 793 -33.62 25.91 37.92
N ASN A 794 -34.44 26.93 38.15
CA ASN A 794 -34.82 27.88 37.09
C ASN A 794 -33.89 29.09 36.99
N ASN A 795 -34.27 30.09 36.22
CA ASN A 795 -33.41 31.24 36.04
C ASN A 795 -33.56 32.13 37.25
N LYS A 796 -34.68 32.10 37.93
CA LYS A 796 -34.85 32.82 39.19
C LYS A 796 -34.10 32.12 40.31
N GLY A 797 -33.57 30.94 40.06
CA GLY A 797 -32.88 30.16 41.08
C GLY A 797 -33.73 29.28 41.98
N GLU A 798 -35.00 29.12 41.64
CA GLU A 798 -35.91 28.30 42.43
C GLU A 798 -35.80 26.83 42.08
N MET A 799 -36.40 25.95 42.88
CA MET A 799 -36.41 24.53 42.56
C MET A 799 -37.74 24.05 41.98
N VAL A 800 -37.72 23.55 40.75
CA VAL A 800 -38.96 23.13 40.08
C VAL A 800 -39.01 21.62 39.87
N PRO A 801 -40.03 20.94 40.49
CA PRO A 801 -40.21 19.50 40.27
C PRO A 801 -40.25 19.04 38.83
N PHE A 802 -39.65 17.90 38.52
CA PHE A 802 -39.71 17.34 37.18
C PHE A 802 -41.16 17.14 36.80
N SER A 803 -42.00 16.83 37.76
CA SER A 803 -43.41 16.58 37.50
C SER A 803 -44.09 17.78 36.88
N ALA A 804 -43.68 18.97 37.27
CA ALA A 804 -44.27 20.18 36.76
C ALA A 804 -44.16 20.33 35.25
N PHE A 805 -43.03 20.01 34.66
CA PHE A 805 -42.86 20.22 33.22
C PHE A 805 -43.00 19.02 32.29
N ALA A 806 -42.93 17.79 32.81
CA ALA A 806 -43.01 16.60 31.96
C ALA A 806 -43.98 15.49 32.41
N THR A 807 -44.30 14.56 31.51
CA THR A 807 -45.20 13.44 31.83
C THR A 807 -44.74 12.19 31.09
N GLY A 808 -45.05 11.02 31.62
CA GLY A 808 -44.61 9.81 31.01
C GLY A 808 -45.66 8.83 30.62
N GLU A 809 -45.50 8.20 29.47
CA GLU A 809 -46.42 7.15 29.07
C GLU A 809 -45.67 5.91 28.63
N TRP A 810 -46.19 4.74 28.95
CA TRP A 810 -45.58 3.50 28.50
C TRP A 810 -45.88 3.27 27.07
N THR A 811 -44.86 2.98 26.29
CA THR A 811 -45.02 2.83 24.86
C THR A 811 -44.44 1.49 24.40
N TYR A 812 -44.64 1.11 23.15
CA TYR A 812 -44.08 -0.13 22.62
C TYR A 812 -43.35 0.15 21.35
N GLY A 813 -42.15 -0.39 21.22
CA GLY A 813 -41.34 -0.10 20.06
C GLY A 813 -40.19 -1.03 19.79
N SER A 814 -39.49 -0.79 18.68
CA SER A 814 -38.31 -1.59 18.37
C SER A 814 -37.05 -1.11 18.99
N PRO A 815 -36.38 -1.97 19.76
CA PRO A 815 -35.08 -1.64 20.36
C PRO A 815 -33.95 -1.41 19.34
N ARG A 816 -33.95 -2.11 18.20
CA ARG A 816 -32.88 -1.99 17.22
C ARG A 816 -33.40 -2.31 15.84
N LEU A 817 -32.98 -1.52 14.84
CA LEU A 817 -33.45 -1.70 13.48
C LEU A 817 -32.30 -2.17 12.64
N GLU A 818 -32.55 -3.16 11.80
CA GLU A 818 -31.48 -3.73 11.02
C GLU A 818 -31.66 -3.52 9.53
N ARG A 819 -30.58 -3.24 8.83
CA ARG A 819 -30.61 -3.04 7.39
C ARG A 819 -29.65 -3.94 6.63
N TYR A 820 -30.07 -4.53 5.51
CA TYR A 820 -29.14 -5.29 4.67
C TYR A 820 -29.15 -4.76 3.26
N ASN A 821 -28.03 -4.25 2.78
CA ASN A 821 -27.93 -3.66 1.45
C ASN A 821 -28.88 -2.54 1.11
N GLY A 822 -29.11 -1.62 2.05
CA GLY A 822 -29.96 -0.47 1.81
C GLY A 822 -31.41 -0.67 2.08
N VAL A 823 -31.78 -1.86 2.53
CA VAL A 823 -33.18 -2.17 2.74
C VAL A 823 -33.32 -2.68 4.14
N SER A 824 -34.47 -2.44 4.77
CA SER A 824 -34.72 -2.95 6.11
C SER A 824 -34.86 -4.45 6.22
N SER A 825 -34.12 -5.06 7.11
CA SER A 825 -34.13 -6.51 7.21
C SER A 825 -34.26 -7.15 8.56
N VAL A 826 -34.41 -8.47 8.59
CA VAL A 826 -34.41 -9.24 9.84
C VAL A 826 -33.51 -10.44 9.57
N ASN A 827 -32.61 -10.76 10.49
CA ASN A 827 -31.77 -11.94 10.35
C ASN A 827 -32.38 -13.18 10.95
N ILE A 828 -32.51 -14.25 10.16
CA ILE A 828 -33.01 -15.51 10.68
C ILE A 828 -31.93 -16.56 10.59
N GLN A 829 -31.64 -17.21 11.71
CA GLN A 829 -30.59 -18.23 11.79
C GLN A 829 -31.14 -19.53 12.30
N GLY A 830 -30.69 -20.63 11.73
CA GLY A 830 -31.17 -21.94 12.14
C GLY A 830 -30.18 -23.02 11.86
N THR A 831 -30.54 -24.26 12.17
CA THR A 831 -29.65 -25.40 11.97
C THR A 831 -30.35 -26.53 11.29
N PRO A 832 -29.62 -27.32 10.50
CA PRO A 832 -30.25 -28.51 9.93
C PRO A 832 -30.60 -29.56 11.00
N ALA A 833 -31.60 -30.40 10.76
CA ALA A 833 -31.97 -31.45 11.70
C ALA A 833 -30.90 -32.54 11.68
N PRO A 834 -30.92 -33.46 12.64
CA PRO A 834 -29.77 -34.39 12.72
C PRO A 834 -29.30 -35.18 11.51
N GLY A 835 -30.14 -35.70 10.64
CA GLY A 835 -29.61 -36.38 9.47
C GLY A 835 -29.54 -35.60 8.17
N VAL A 836 -29.85 -34.31 8.19
CA VAL A 836 -29.91 -33.52 6.96
C VAL A 836 -28.70 -32.62 6.64
N SER A 837 -28.36 -32.47 5.36
CA SER A 837 -27.27 -31.57 4.95
C SER A 837 -27.61 -30.07 4.94
N SER A 838 -26.59 -29.23 4.92
CA SER A 838 -26.79 -27.79 4.94
C SER A 838 -27.58 -27.26 3.75
N GLY A 839 -27.32 -27.79 2.55
CA GLY A 839 -28.05 -27.39 1.38
C GLY A 839 -29.51 -27.73 1.46
N ASP A 840 -29.83 -28.88 2.00
CA ASP A 840 -31.21 -29.30 2.16
C ASP A 840 -31.99 -28.43 3.08
N ALA A 841 -31.40 -28.02 4.18
CA ALA A 841 -32.04 -27.08 5.09
C ALA A 841 -32.22 -25.76 4.38
N MET A 842 -31.24 -25.36 3.60
CA MET A 842 -31.33 -24.14 2.82
C MET A 842 -32.46 -24.17 1.79
N LYS A 843 -32.73 -25.33 1.21
CA LYS A 843 -33.74 -25.40 0.20
C LYS A 843 -35.10 -25.45 0.84
N ALA A 844 -35.18 -26.00 2.04
CA ALA A 844 -36.42 -26.03 2.78
C ALA A 844 -36.88 -24.65 3.18
N MET A 845 -35.95 -23.83 3.63
CA MET A 845 -36.28 -22.47 3.99
C MET A 845 -36.77 -21.66 2.82
N GLU A 846 -36.24 -21.91 1.63
CA GLU A 846 -36.60 -21.09 0.49
C GLU A 846 -37.99 -21.50 0.07
N GLU A 847 -38.32 -22.78 0.19
CA GLU A 847 -39.69 -23.21 -0.08
C GLU A 847 -40.68 -22.56 0.85
N ILE A 848 -40.34 -22.46 2.13
CA ILE A 848 -41.21 -21.82 3.11
C ILE A 848 -41.48 -20.36 2.75
N ILE A 849 -40.45 -19.64 2.34
CA ILE A 849 -40.60 -18.25 1.95
C ILE A 849 -41.51 -18.16 0.74
N GLY A 850 -41.50 -19.16 -0.11
CA GLY A 850 -42.36 -19.21 -1.29
C GLY A 850 -43.82 -19.21 -0.92
N LYS A 851 -44.18 -19.85 0.18
CA LYS A 851 -45.55 -19.84 0.66
C LYS A 851 -46.00 -18.48 1.17
N LEU A 852 -45.07 -17.58 1.44
CA LEU A 852 -45.43 -16.26 1.95
C LEU A 852 -46.44 -15.50 1.12
N PRO A 853 -46.25 -15.44 -0.21
CA PRO A 853 -47.27 -14.80 -1.01
C PRO A 853 -48.65 -15.43 -0.98
N SER A 854 -48.73 -16.73 -1.05
CA SER A 854 -50.01 -17.42 -1.02
C SER A 854 -50.75 -17.21 0.28
N MET A 855 -50.02 -17.24 1.37
CA MET A 855 -50.62 -16.98 2.67
C MET A 855 -51.15 -15.56 2.80
N GLY A 856 -50.49 -14.58 2.22
CA GLY A 856 -50.99 -13.23 2.25
C GLY A 856 -50.01 -12.12 2.52
N LEU A 857 -48.80 -12.44 2.93
CA LEU A 857 -47.79 -11.43 3.09
C LEU A 857 -46.97 -11.48 1.80
N GLN A 858 -47.05 -10.48 0.95
CA GLN A 858 -46.25 -10.48 -0.27
C GLN A 858 -45.29 -9.32 -0.28
N GLY A 859 -44.49 -9.21 -1.32
CA GLY A 859 -43.51 -8.17 -1.35
C GLY A 859 -42.29 -8.32 -0.48
N PHE A 860 -41.91 -9.55 -0.20
CA PHE A 860 -40.80 -9.82 0.69
C PHE A 860 -39.76 -10.59 -0.07
N ASP A 861 -38.50 -10.31 0.20
CA ASP A 861 -37.43 -10.94 -0.53
C ASP A 861 -36.40 -11.40 0.44
N TYR A 862 -35.51 -12.26 0.00
CA TYR A 862 -34.47 -12.76 0.87
C TYR A 862 -33.12 -12.82 0.23
N GLU A 863 -32.07 -12.78 1.04
CA GLU A 863 -30.74 -12.93 0.54
C GLU A 863 -30.00 -13.84 1.52
N TRP A 864 -29.02 -14.61 1.06
CA TRP A 864 -28.21 -15.47 1.93
C TRP A 864 -26.93 -14.78 2.33
N THR A 865 -26.41 -15.06 3.51
CA THR A 865 -25.23 -14.36 4.04
C THR A 865 -24.29 -15.25 4.80
N GLY A 866 -23.08 -14.81 5.04
CA GLY A 866 -22.13 -15.58 5.80
C GLY A 866 -21.67 -16.83 5.11
N LEU A 867 -21.66 -17.93 5.83
CA LEU A 867 -21.28 -19.20 5.26
C LEU A 867 -22.26 -19.67 4.20
N SER A 868 -23.54 -19.40 4.40
CA SER A 868 -24.59 -19.82 3.46
C SER A 868 -24.48 -19.19 2.10
N LEU A 869 -24.07 -17.93 2.06
CA LEU A 869 -23.83 -17.26 0.81
C LEU A 869 -22.80 -18.05 0.10
N GLU A 870 -21.70 -18.30 0.80
CA GLU A 870 -20.58 -18.99 0.22
C GLU A 870 -20.90 -20.37 -0.24
N GLU A 871 -21.71 -21.09 0.52
CA GLU A 871 -22.15 -22.39 0.10
C GLU A 871 -22.80 -22.28 -1.25
N ARG A 872 -23.72 -21.33 -1.38
CA ARG A 872 -24.45 -21.17 -2.64
C ARG A 872 -23.45 -20.91 -3.75
N GLU A 873 -22.52 -20.00 -3.57
CA GLU A 873 -21.56 -19.68 -4.60
C GLU A 873 -20.66 -20.82 -5.06
N SER A 874 -20.15 -21.63 -4.15
CA SER A 874 -19.30 -22.77 -4.50
C SER A 874 -19.99 -23.83 -5.31
N GLY A 875 -21.24 -24.14 -4.99
CA GLY A 875 -21.96 -25.10 -5.76
C GLY A 875 -22.15 -24.60 -7.16
N ALA A 876 -22.41 -23.31 -7.30
CA ALA A 876 -22.59 -22.69 -8.60
C ALA A 876 -21.41 -22.81 -9.54
N GLN A 877 -20.20 -22.54 -9.05
CA GLN A 877 -19.02 -22.55 -9.91
C GLN A 877 -18.67 -23.93 -10.46
N ALA A 878 -19.20 -24.99 -9.86
CA ALA A 878 -18.82 -26.36 -10.26
C ALA A 878 -19.12 -26.78 -11.67
N PRO A 879 -20.28 -26.42 -12.21
CA PRO A 879 -20.44 -26.81 -13.61
C PRO A 879 -19.40 -26.20 -14.54
N PHE A 880 -19.07 -24.94 -14.35
CA PHE A 880 -18.05 -24.28 -15.15
C PHE A 880 -16.67 -24.90 -14.94
N LEU A 881 -16.36 -25.26 -13.71
CA LEU A 881 -15.08 -25.89 -13.40
C LEU A 881 -14.93 -27.17 -14.16
N TYR A 882 -15.94 -28.02 -14.11
CA TYR A 882 -15.86 -29.31 -14.76
C TYR A 882 -15.68 -29.14 -16.25
N ALA A 883 -16.42 -28.23 -16.86
CA ALA A 883 -16.35 -28.01 -18.28
C ALA A 883 -15.01 -27.50 -18.77
N LEU A 884 -14.45 -26.54 -18.07
CA LEU A 884 -13.16 -25.99 -18.43
C LEU A 884 -12.04 -27.00 -18.31
N SER A 885 -12.07 -27.81 -17.26
CA SER A 885 -11.06 -28.83 -17.06
C SER A 885 -11.11 -29.86 -18.16
N LEU A 886 -12.30 -30.29 -18.55
CA LEU A 886 -12.46 -31.23 -19.64
C LEU A 886 -11.87 -30.68 -20.92
N LEU A 887 -12.06 -29.40 -21.20
CA LEU A 887 -11.53 -28.75 -22.40
C LEU A 887 -10.05 -28.63 -22.50
N ILE A 888 -9.41 -28.30 -21.39
CA ILE A 888 -7.97 -28.19 -21.38
C ILE A 888 -7.36 -29.54 -21.68
N VAL A 889 -7.92 -30.59 -21.13
CA VAL A 889 -7.43 -31.92 -21.42
C VAL A 889 -7.59 -32.21 -22.89
N PHE A 890 -8.74 -31.87 -23.45
CA PHE A 890 -9.00 -32.15 -24.86
C PHE A 890 -8.04 -31.44 -25.80
N LEU A 891 -7.81 -30.16 -25.59
CA LEU A 891 -6.90 -29.39 -26.42
C LEU A 891 -5.44 -29.80 -26.29
N CYS A 892 -5.01 -30.11 -25.08
CA CYS A 892 -3.64 -30.55 -24.84
C CYS A 892 -3.37 -31.85 -25.54
N LEU A 893 -4.34 -32.74 -25.52
CA LEU A 893 -4.20 -34.02 -26.18
C LEU A 893 -4.04 -33.85 -27.67
N ALA A 894 -4.80 -32.95 -28.28
CA ALA A 894 -4.68 -32.69 -29.71
C ALA A 894 -3.29 -32.22 -30.05
N ALA A 895 -2.77 -31.23 -29.32
CA ALA A 895 -1.48 -30.69 -29.63
C ALA A 895 -0.44 -31.74 -29.51
N LEU A 896 -0.51 -32.54 -28.47
CA LEU A 896 0.42 -33.62 -28.30
C LEU A 896 0.29 -34.73 -29.34
N TYR A 897 -0.93 -35.12 -29.65
CA TYR A 897 -1.14 -36.21 -30.60
C TYR A 897 -1.59 -35.87 -32.00
N GLU A 898 -1.66 -34.60 -32.36
CA GLU A 898 -1.97 -34.18 -33.73
C GLU A 898 -3.21 -34.79 -34.30
N SER A 899 -4.25 -34.87 -33.51
CA SER A 899 -5.50 -35.40 -33.98
C SER A 899 -6.64 -34.70 -33.36
N TRP A 900 -7.80 -34.91 -33.89
CA TRP A 900 -8.99 -34.39 -33.26
C TRP A 900 -9.78 -35.59 -32.83
N SER A 901 -9.70 -36.65 -33.62
CA SER A 901 -10.44 -37.87 -33.33
C SER A 901 -10.03 -38.55 -32.08
N ILE A 902 -8.74 -38.56 -31.78
CA ILE A 902 -8.33 -39.35 -30.63
C ILE A 902 -8.71 -38.58 -29.37
N PRO A 903 -8.50 -37.25 -29.27
CA PRO A 903 -8.97 -36.62 -28.06
C PRO A 903 -10.43 -36.93 -27.71
N PHE A 904 -11.30 -37.15 -28.68
CA PHE A 904 -12.71 -37.43 -28.45
C PHE A 904 -12.91 -38.80 -27.86
N SER A 905 -12.12 -39.76 -28.29
CA SER A 905 -12.18 -41.12 -27.74
C SER A 905 -11.81 -41.17 -26.27
N VAL A 906 -10.90 -40.32 -25.85
CA VAL A 906 -10.45 -40.32 -24.47
C VAL A 906 -11.49 -39.58 -23.63
N LEU A 907 -12.08 -38.55 -24.19
CA LEU A 907 -13.13 -37.83 -23.49
C LEU A 907 -14.36 -38.67 -23.26
N LEU A 908 -14.70 -39.52 -24.20
CA LEU A 908 -15.89 -40.37 -24.11
C LEU A 908 -15.86 -41.35 -22.98
N VAL A 909 -14.68 -41.86 -22.64
CA VAL A 909 -14.55 -42.80 -21.54
C VAL A 909 -14.68 -42.17 -20.17
N VAL A 910 -14.67 -40.85 -20.09
CA VAL A 910 -14.69 -40.17 -18.79
C VAL A 910 -15.93 -40.46 -17.94
N PRO A 911 -17.15 -40.49 -18.52
CA PRO A 911 -18.29 -40.87 -17.67
C PRO A 911 -18.10 -42.14 -16.87
N LEU A 912 -17.37 -43.11 -17.38
CA LEU A 912 -17.23 -44.36 -16.67
C LEU A 912 -16.56 -44.18 -15.31
N GLY A 913 -15.52 -43.38 -15.21
CA GLY A 913 -14.95 -43.12 -13.91
C GLY A 913 -15.84 -42.31 -12.96
N VAL A 914 -16.51 -41.29 -13.48
CA VAL A 914 -17.35 -40.42 -12.66
C VAL A 914 -18.55 -41.15 -12.06
N ILE A 915 -18.96 -42.24 -12.68
CA ILE A 915 -20.07 -43.01 -12.15
C ILE A 915 -19.75 -43.63 -10.80
N GLY A 916 -18.58 -44.25 -10.67
CA GLY A 916 -18.21 -44.85 -9.42
C GLY A 916 -18.11 -43.81 -8.34
N ALA A 917 -17.60 -42.64 -8.67
CA ALA A 917 -17.43 -41.60 -7.68
C ALA A 917 -18.71 -41.12 -7.06
N ILE A 918 -19.71 -40.85 -7.88
CA ILE A 918 -21.03 -40.45 -7.38
C ILE A 918 -21.72 -41.63 -6.67
N VAL A 919 -21.58 -42.83 -7.21
CA VAL A 919 -22.21 -44.01 -6.62
C VAL A 919 -21.71 -44.36 -5.21
N LEU A 920 -20.41 -44.32 -4.98
CA LEU A 920 -19.88 -44.58 -3.66
C LEU A 920 -20.31 -43.52 -2.66
N THR A 921 -20.35 -42.26 -3.09
CA THR A 921 -20.74 -41.17 -2.21
C THR A 921 -22.22 -41.26 -1.78
N TYR A 922 -23.11 -41.56 -2.71
CA TYR A 922 -24.51 -41.71 -2.39
C TYR A 922 -24.84 -42.94 -1.56
N LEU A 923 -24.23 -44.08 -1.90
CA LEU A 923 -24.48 -45.29 -1.14
C LEU A 923 -23.89 -45.12 0.18
N GLY A 924 -22.71 -44.53 0.21
CA GLY A 924 -22.03 -44.41 1.46
C GLY A 924 -22.83 -43.58 2.41
N MET A 925 -23.41 -42.51 1.90
CA MET A 925 -24.20 -41.64 2.75
C MET A 925 -25.38 -42.42 3.29
N ILE A 926 -26.02 -43.20 2.44
CA ILE A 926 -27.18 -43.95 2.89
C ILE A 926 -26.83 -45.00 3.94
N ILE A 927 -25.79 -45.78 3.68
CA ILE A 927 -25.37 -46.78 4.64
C ILE A 927 -24.79 -46.19 5.89
N LYS A 928 -23.96 -45.17 5.74
CA LYS A 928 -23.28 -44.60 6.89
C LYS A 928 -24.14 -43.62 7.63
N GLY A 929 -25.25 -43.20 7.06
CA GLY A 929 -26.05 -42.17 7.67
C GLY A 929 -25.28 -40.88 7.83
N ASP A 930 -24.67 -40.35 6.77
CA ASP A 930 -23.83 -39.16 6.96
C ASP A 930 -24.24 -38.00 6.08
N PRO A 931 -24.72 -36.91 6.70
CA PRO A 931 -25.08 -35.70 5.96
C PRO A 931 -23.84 -35.10 5.31
N ASN A 932 -22.67 -35.37 5.87
CA ASN A 932 -21.42 -34.82 5.35
C ASN A 932 -20.95 -35.39 4.05
N LEU A 933 -21.39 -36.60 3.70
CA LEU A 933 -20.98 -37.21 2.46
C LEU A 933 -21.94 -36.75 1.40
N SER A 934 -21.68 -35.58 0.83
CA SER A 934 -22.59 -34.99 -0.14
C SER A 934 -21.77 -34.24 -1.17
N ASN A 935 -22.42 -33.59 -2.12
CA ASN A 935 -21.70 -32.82 -3.10
C ASN A 935 -21.20 -31.60 -2.39
N ASN A 936 -19.89 -31.51 -2.22
CA ASN A 936 -19.30 -30.40 -1.52
C ASN A 936 -18.04 -30.03 -2.27
N ILE A 937 -17.26 -29.11 -1.75
CA ILE A 937 -16.07 -28.67 -2.44
C ILE A 937 -15.10 -29.83 -2.59
N TYR A 938 -15.00 -30.66 -1.57
CA TYR A 938 -14.10 -31.82 -1.58
C TYR A 938 -14.47 -32.84 -2.62
N PHE A 939 -15.77 -33.06 -2.83
CA PHE A 939 -16.24 -33.96 -3.86
C PHE A 939 -15.84 -33.45 -5.24
N GLN A 940 -15.81 -32.15 -5.42
CA GLN A 940 -15.47 -31.58 -6.70
C GLN A 940 -14.00 -31.77 -7.04
N VAL A 941 -13.12 -31.68 -6.06
CA VAL A 941 -11.72 -31.93 -6.29
C VAL A 941 -11.53 -33.40 -6.67
N ALA A 942 -12.30 -34.28 -6.05
CA ALA A 942 -12.22 -35.69 -6.37
C ALA A 942 -12.60 -36.02 -7.80
N ILE A 943 -13.64 -35.39 -8.31
CA ILE A 943 -14.09 -35.63 -9.65
C ILE A 943 -13.04 -35.18 -10.64
N ILE A 944 -12.42 -34.04 -10.38
CA ILE A 944 -11.33 -33.58 -11.22
C ILE A 944 -10.27 -34.68 -11.27
N ALA A 945 -9.93 -35.26 -10.13
CA ALA A 945 -8.93 -36.31 -10.09
C ALA A 945 -9.34 -37.54 -10.89
N VAL A 946 -10.61 -37.90 -10.83
CA VAL A 946 -11.10 -39.06 -11.54
C VAL A 946 -10.99 -38.88 -13.04
N ILE A 947 -11.27 -37.68 -13.53
CA ILE A 947 -11.14 -37.39 -14.95
C ILE A 947 -9.71 -37.56 -15.42
N GLY A 948 -8.76 -37.07 -14.65
CA GLY A 948 -7.37 -37.23 -14.98
C GLY A 948 -6.97 -38.67 -14.98
N LEU A 949 -7.47 -39.43 -14.01
CA LEU A 949 -7.15 -40.85 -13.93
C LEU A 949 -7.70 -41.58 -15.15
N SER A 950 -8.94 -41.29 -15.51
CA SER A 950 -9.57 -41.95 -16.65
C SER A 950 -8.85 -41.64 -17.93
N ALA A 951 -8.44 -40.39 -18.08
CA ALA A 951 -7.71 -39.96 -19.25
C ALA A 951 -6.36 -40.59 -19.32
N LYS A 952 -5.70 -40.69 -18.19
CA LYS A 952 -4.39 -41.30 -18.11
C LYS A 952 -4.45 -42.74 -18.49
N ASN A 953 -5.51 -43.42 -18.08
CA ASN A 953 -5.69 -44.82 -18.40
C ASN A 953 -5.93 -44.99 -19.88
N ALA A 954 -6.63 -44.05 -20.48
CA ALA A 954 -6.96 -44.12 -21.89
C ALA A 954 -5.81 -43.80 -22.82
N ILE A 955 -4.93 -42.91 -22.40
CA ILE A 955 -3.77 -42.55 -23.18
C ILE A 955 -2.82 -43.72 -23.34
N LEU A 956 -2.65 -44.50 -22.29
CA LEU A 956 -1.67 -45.58 -22.34
C LEU A 956 -2.01 -46.61 -23.39
N ILE A 957 -3.28 -47.00 -23.50
CA ILE A 957 -3.71 -47.93 -24.54
C ILE A 957 -3.73 -47.31 -25.90
N VAL A 958 -4.09 -46.03 -25.99
CA VAL A 958 -4.28 -45.41 -27.30
C VAL A 958 -3.05 -44.84 -27.97
N GLU A 959 -2.10 -44.35 -27.20
CA GLU A 959 -0.86 -43.85 -27.77
C GLU A 959 -0.14 -44.98 -28.43
N PHE A 960 -0.11 -46.13 -27.79
CA PHE A 960 0.59 -47.29 -28.32
C PHE A 960 -0.10 -47.84 -29.55
N ALA A 961 -1.42 -47.77 -29.60
CA ALA A 961 -2.19 -48.23 -30.75
C ALA A 961 -1.92 -47.44 -32.01
N LYS A 962 -1.69 -46.15 -31.87
CA LYS A 962 -1.55 -45.29 -33.03
C LYS A 962 -0.18 -45.50 -33.61
N GLU A 963 0.78 -45.78 -32.76
CA GLU A 963 2.12 -46.07 -33.22
C GLU A 963 2.15 -47.28 -34.07
N LEU A 964 1.48 -48.33 -33.64
CA LEU A 964 1.44 -49.56 -34.42
C LEU A 964 0.73 -49.35 -35.73
N GLN A 965 -0.35 -48.58 -35.74
CA GLN A 965 -1.07 -48.28 -36.96
C GLN A 965 -0.18 -47.49 -37.86
N GLU A 966 0.58 -46.55 -37.30
CA GLU A 966 1.53 -45.75 -38.06
C GLU A 966 2.62 -46.64 -38.60
N LYS A 967 2.87 -47.74 -37.93
CA LYS A 967 3.84 -48.70 -38.41
C LYS A 967 3.20 -49.81 -39.22
N GLY A 968 2.06 -49.54 -39.82
CA GLY A 968 1.43 -50.51 -40.71
C GLY A 968 0.52 -51.62 -40.21
N GLU A 969 0.28 -51.68 -38.92
CA GLU A 969 -0.65 -52.67 -38.42
C GLU A 969 -2.08 -52.24 -38.68
N ASP A 970 -2.96 -53.20 -38.88
CA ASP A 970 -4.33 -52.86 -39.18
C ASP A 970 -4.94 -52.50 -37.88
N LEU A 971 -5.91 -51.60 -37.88
CA LEU A 971 -6.44 -51.06 -36.64
C LEU A 971 -6.89 -52.07 -35.60
N LEU A 972 -7.63 -53.08 -35.98
CA LEU A 972 -8.12 -53.98 -34.96
C LEU A 972 -7.00 -54.70 -34.28
N ASP A 973 -6.05 -55.17 -35.06
CA ASP A 973 -4.92 -55.91 -34.51
C ASP A 973 -4.09 -55.03 -33.64
N ALA A 974 -3.95 -53.78 -34.03
CA ALA A 974 -3.09 -52.90 -33.30
C ALA A 974 -3.73 -52.46 -32.01
N THR A 975 -5.03 -52.27 -32.03
CA THR A 975 -5.72 -51.92 -30.81
C THR A 975 -5.69 -53.07 -29.83
N LEU A 976 -5.86 -54.28 -30.32
CA LEU A 976 -5.84 -55.43 -29.45
C LEU A 976 -4.48 -55.64 -28.83
N HIS A 977 -3.43 -55.44 -29.60
CA HIS A 977 -2.10 -55.68 -29.10
C HIS A 977 -1.80 -54.72 -28.00
N ALA A 978 -2.09 -53.46 -28.24
CA ALA A 978 -1.91 -52.42 -27.24
C ALA A 978 -2.56 -52.78 -25.92
N ALA A 979 -3.82 -53.20 -25.94
CA ALA A 979 -4.53 -53.47 -24.71
C ALA A 979 -3.85 -54.52 -23.86
N LYS A 980 -3.37 -55.58 -24.46
CA LYS A 980 -2.61 -56.55 -23.70
C LYS A 980 -1.33 -55.96 -23.16
N MET A 981 -0.58 -55.24 -23.98
CA MET A 981 0.72 -54.72 -23.56
C MET A 981 0.64 -53.71 -22.44
N ARG A 982 -0.39 -52.88 -22.48
CA ARG A 982 -0.54 -51.86 -21.46
C ARG A 982 -1.41 -52.17 -20.24
N LEU A 983 -1.97 -53.36 -20.15
CA LEU A 983 -2.87 -53.72 -19.04
C LEU A 983 -2.19 -53.75 -17.69
N ARG A 984 -1.11 -54.51 -17.57
CA ARG A 984 -0.45 -54.64 -16.29
C ARG A 984 0.03 -53.28 -15.81
N PRO A 985 0.66 -52.48 -16.68
CA PRO A 985 0.99 -51.14 -16.23
C PRO A 985 -0.21 -50.36 -15.72
N ILE A 986 -1.33 -50.37 -16.44
CA ILE A 986 -2.51 -49.57 -16.10
C ILE A 986 -3.15 -49.96 -14.80
N ILE A 987 -3.31 -51.24 -14.58
CA ILE A 987 -3.89 -51.72 -13.33
C ILE A 987 -3.01 -51.38 -12.17
N MET A 988 -1.71 -51.55 -12.32
CA MET A 988 -0.80 -51.30 -11.22
C MET A 988 -0.86 -49.84 -10.81
N THR A 989 -0.76 -48.91 -11.75
CA THR A 989 -0.89 -47.50 -11.42
C THR A 989 -2.23 -47.12 -10.82
N THR A 990 -3.33 -47.63 -11.39
CA THR A 990 -4.68 -47.31 -10.93
C THR A 990 -4.93 -47.82 -9.52
N LEU A 991 -4.42 -49.00 -9.21
CA LEU A 991 -4.54 -49.57 -7.89
C LEU A 991 -3.72 -48.84 -6.83
N ALA A 992 -2.59 -48.30 -7.22
CA ALA A 992 -1.80 -47.53 -6.28
C ALA A 992 -2.43 -46.21 -5.91
N PHE A 993 -3.17 -45.59 -6.83
CA PHE A 993 -3.88 -44.35 -6.54
C PHE A 993 -5.02 -44.71 -5.62
N GLY A 994 -5.58 -45.88 -5.80
CA GLY A 994 -6.63 -46.35 -4.91
C GLY A 994 -6.21 -46.69 -3.52
N PHE A 995 -5.08 -47.35 -3.37
CA PHE A 995 -4.54 -47.64 -2.05
C PHE A 995 -4.09 -46.38 -1.35
N GLY A 996 -3.72 -45.36 -2.10
CA GLY A 996 -3.32 -44.09 -1.51
C GLY A 996 -4.44 -43.35 -0.83
N VAL A 997 -5.65 -43.45 -1.36
CA VAL A 997 -6.77 -42.73 -0.80
C VAL A 997 -7.57 -43.56 0.17
N LEU A 998 -7.23 -44.83 0.33
CA LEU A 998 -7.88 -45.66 1.32
C LEU A 998 -7.67 -45.10 2.73
N PRO A 999 -6.47 -44.59 3.04
CA PRO A 999 -6.36 -43.98 4.36
C PRO A 999 -7.27 -42.79 4.59
N LEU A 1000 -7.47 -41.92 3.59
CA LEU A 1000 -8.39 -40.81 3.70
C LEU A 1000 -9.77 -41.35 3.89
N ALA A 1001 -10.11 -42.39 3.15
CA ALA A 1001 -11.44 -42.98 3.20
C ALA A 1001 -11.79 -43.57 4.54
N LEU A 1002 -10.81 -44.14 5.20
CA LEU A 1002 -11.02 -44.76 6.49
C LEU A 1002 -10.33 -43.99 7.59
N SER A 1003 -10.68 -42.73 7.78
CA SER A 1003 -10.08 -41.90 8.82
C SER A 1003 -11.06 -41.75 9.97
N THR A 1004 -10.59 -41.96 11.19
CA THR A 1004 -11.46 -41.80 12.33
C THR A 1004 -11.22 -40.57 13.17
N GLY A 1005 -10.22 -39.80 12.86
CA GLY A 1005 -9.87 -38.68 13.71
C GLY A 1005 -10.44 -37.32 13.44
N ALA A 1006 -9.83 -36.30 14.01
CA ALA A 1006 -10.25 -34.95 13.72
C ALA A 1006 -9.96 -34.71 12.28
N GLY A 1007 -10.91 -34.10 11.57
CA GLY A 1007 -10.74 -33.91 10.14
C GLY A 1007 -11.20 -35.06 9.28
N ALA A 1008 -11.80 -36.07 9.89
CA ALA A 1008 -12.25 -37.24 9.14
C ALA A 1008 -13.29 -36.95 8.09
N GLY A 1009 -14.23 -36.05 8.36
CA GLY A 1009 -15.27 -35.79 7.41
C GLY A 1009 -14.74 -35.27 6.12
N SER A 1010 -13.83 -34.31 6.18
CA SER A 1010 -13.20 -33.83 4.96
C SER A 1010 -12.43 -34.92 4.24
N GLN A 1011 -11.69 -35.72 4.99
CA GLN A 1011 -10.91 -36.80 4.39
C GLN A 1011 -11.82 -37.80 3.70
N HIS A 1012 -12.94 -38.14 4.30
CA HIS A 1012 -13.90 -39.07 3.71
C HIS A 1012 -14.49 -38.57 2.42
N SER A 1013 -14.80 -37.28 2.36
CA SER A 1013 -15.41 -36.74 1.18
C SER A 1013 -14.52 -36.90 0.01
N VAL A 1014 -13.24 -36.60 0.18
CA VAL A 1014 -12.28 -36.81 -0.89
C VAL A 1014 -12.08 -38.28 -1.21
N GLY A 1015 -11.87 -39.08 -0.18
CA GLY A 1015 -11.62 -40.50 -0.35
C GLY A 1015 -12.65 -41.34 -1.09
N PHE A 1016 -13.91 -41.25 -0.69
CA PHE A 1016 -14.93 -42.06 -1.31
C PHE A 1016 -15.08 -41.74 -2.78
N GLY A 1017 -15.04 -40.45 -3.11
CA GLY A 1017 -15.15 -40.07 -4.49
C GLY A 1017 -14.00 -40.56 -5.33
N VAL A 1018 -12.80 -40.40 -4.82
CA VAL A 1018 -11.68 -40.93 -5.55
C VAL A 1018 -11.71 -42.44 -5.63
N LEU A 1019 -12.00 -43.10 -4.52
CA LEU A 1019 -11.98 -44.54 -4.52
C LEU A 1019 -13.02 -45.17 -5.43
N GLY A 1020 -14.22 -44.64 -5.44
CA GLY A 1020 -15.24 -45.11 -6.35
C GLY A 1020 -14.80 -45.02 -7.79
N GLY A 1021 -14.27 -43.86 -8.16
CA GLY A 1021 -13.81 -43.68 -9.50
C GLY A 1021 -12.76 -44.67 -9.89
N VAL A 1022 -11.84 -45.00 -8.99
CA VAL A 1022 -10.83 -46.04 -9.22
C VAL A 1022 -11.48 -47.36 -9.55
N LEU A 1023 -12.46 -47.74 -8.76
CA LEU A 1023 -13.14 -49.01 -8.94
C LEU A 1023 -13.90 -49.10 -10.25
N SER A 1024 -14.66 -48.08 -10.60
CA SER A 1024 -15.34 -48.08 -11.90
C SER A 1024 -14.43 -48.04 -13.08
N ALA A 1025 -13.38 -47.24 -13.00
CA ALA A 1025 -12.42 -47.20 -14.06
C ALA A 1025 -11.82 -48.58 -14.33
N THR A 1026 -11.38 -49.26 -13.27
CA THR A 1026 -10.83 -50.58 -13.44
C THR A 1026 -11.85 -51.59 -13.92
N PHE A 1027 -13.06 -51.62 -13.41
CA PHE A 1027 -13.99 -52.61 -13.94
C PHE A 1027 -14.89 -52.30 -15.15
N LEU A 1028 -14.98 -51.04 -15.57
CA LEU A 1028 -15.76 -50.73 -16.77
C LEU A 1028 -14.98 -49.96 -17.84
N GLY A 1029 -14.16 -49.00 -17.42
CA GLY A 1029 -13.41 -48.17 -18.33
C GLY A 1029 -12.39 -48.83 -19.17
N ILE A 1030 -11.64 -49.75 -18.58
CA ILE A 1030 -10.66 -50.50 -19.32
C ILE A 1030 -11.31 -51.14 -20.55
N PHE A 1031 -12.46 -51.78 -20.40
CA PHE A 1031 -13.15 -52.38 -21.54
C PHE A 1031 -13.58 -51.37 -22.57
N PHE A 1032 -14.05 -50.23 -22.15
CA PHE A 1032 -14.50 -49.17 -23.06
C PHE A 1032 -13.43 -48.40 -23.85
N ILE A 1033 -12.21 -48.36 -23.34
CA ILE A 1033 -11.15 -47.65 -24.03
C ILE A 1033 -10.85 -48.23 -25.41
N PRO A 1034 -10.73 -49.56 -25.53
CA PRO A 1034 -10.53 -50.04 -26.89
C PRO A 1034 -11.72 -49.82 -27.81
N VAL A 1035 -12.93 -50.01 -27.32
CA VAL A 1035 -14.10 -49.92 -28.17
C VAL A 1035 -14.37 -48.57 -28.80
N PHE A 1036 -14.32 -47.50 -28.02
CA PHE A 1036 -14.51 -46.17 -28.57
C PHE A 1036 -13.44 -45.79 -29.58
N TYR A 1037 -12.18 -46.17 -29.35
CA TYR A 1037 -11.12 -45.86 -30.30
C TYR A 1037 -11.36 -46.51 -31.63
N VAL A 1038 -11.79 -47.75 -31.61
CA VAL A 1038 -12.05 -48.45 -32.84
C VAL A 1038 -13.18 -47.78 -33.58
N TRP A 1039 -14.20 -47.39 -32.84
CA TRP A 1039 -15.30 -46.74 -33.48
C TRP A 1039 -14.89 -45.45 -34.14
N ILE A 1040 -14.16 -44.59 -33.45
CA ILE A 1040 -13.83 -43.31 -34.02
C ILE A 1040 -12.92 -43.52 -35.21
N ARG A 1041 -11.92 -44.39 -35.06
CA ARG A 1041 -10.97 -44.67 -36.13
C ARG A 1041 -11.58 -45.28 -37.35
N SER A 1042 -12.61 -46.10 -37.19
CA SER A 1042 -13.30 -46.63 -38.33
C SER A 1042 -14.01 -45.52 -39.11
N ILE A 1043 -14.66 -44.60 -38.41
CA ILE A 1043 -15.31 -43.47 -39.08
C ILE A 1043 -14.32 -42.55 -39.75
N PHE A 1044 -13.23 -42.26 -39.07
CA PHE A 1044 -12.23 -41.40 -39.63
C PHE A 1044 -10.99 -42.24 -39.73
N LYS A 1045 -10.77 -42.84 -40.89
CA LYS A 1045 -9.64 -43.74 -41.05
C LYS A 1045 -8.29 -43.05 -40.95
N TYR A 1046 -7.30 -43.72 -40.33
CA TYR A 1046 -5.96 -43.17 -40.27
C TYR A 1046 -5.41 -43.08 -41.68
N LYS A 1047 -4.69 -41.99 -41.98
CA LYS A 1047 -4.11 -41.81 -43.31
C LYS A 1047 -5.09 -42.11 -44.43
N MET B 1 24.92 -22.12 -27.76
CA MET B 1 26.04 -22.88 -28.31
C MET B 1 27.21 -21.94 -28.56
N ALA B 2 28.40 -22.36 -28.13
CA ALA B 2 29.58 -21.53 -28.30
C ALA B 2 29.89 -21.32 -29.76
N GLN B 3 29.68 -22.33 -30.58
CA GLN B 3 30.03 -22.25 -31.99
C GLN B 3 29.27 -21.17 -32.74
N PHE B 4 28.01 -20.94 -32.37
CA PHE B 4 27.20 -19.96 -33.10
C PHE B 4 27.91 -18.62 -33.17
N PHE B 5 28.32 -18.11 -32.02
CA PHE B 5 28.94 -16.80 -31.96
C PHE B 5 30.36 -16.74 -32.50
N ILE B 6 30.98 -17.89 -32.63
CA ILE B 6 32.33 -17.94 -33.16
C ILE B 6 32.19 -17.54 -34.59
N HIS B 7 31.11 -17.97 -35.21
CA HIS B 7 30.89 -17.67 -36.62
C HIS B 7 29.98 -16.47 -36.80
N ARG B 8 29.51 -15.91 -35.69
CA ARG B 8 28.67 -14.71 -35.76
C ARG B 8 29.28 -13.70 -34.82
N PRO B 9 30.48 -13.15 -35.15
CA PRO B 9 31.06 -12.27 -34.13
C PRO B 9 30.30 -11.02 -33.80
N ILE B 10 29.70 -10.38 -34.78
CA ILE B 10 29.01 -9.12 -34.56
C ILE B 10 27.87 -9.25 -33.60
N PHE B 11 27.12 -10.34 -33.67
CA PHE B 11 25.98 -10.54 -32.81
C PHE B 11 26.43 -10.56 -31.38
N ALA B 12 27.54 -11.23 -31.13
CA ALA B 12 28.10 -11.30 -29.79
C ALA B 12 28.54 -9.95 -29.25
N TRP B 13 29.16 -9.16 -30.10
CA TRP B 13 29.59 -7.85 -29.69
C TRP B 13 28.38 -7.05 -29.35
N VAL B 14 27.33 -7.19 -30.14
CA VAL B 14 26.11 -6.46 -29.90
C VAL B 14 25.48 -6.85 -28.56
N ILE B 15 25.46 -8.13 -28.24
CA ILE B 15 24.78 -8.54 -27.02
C ILE B 15 25.49 -7.95 -25.83
N ALA B 16 26.80 -7.96 -25.85
CA ALA B 16 27.58 -7.41 -24.76
C ALA B 16 27.33 -5.95 -24.62
N LEU B 17 27.24 -5.23 -25.75
CA LEU B 17 27.02 -3.78 -25.74
C LEU B 17 25.68 -3.43 -25.15
N VAL B 18 24.68 -4.25 -25.41
CA VAL B 18 23.36 -4.04 -24.85
C VAL B 18 23.39 -4.27 -23.36
N ILE B 19 24.15 -5.27 -22.91
CA ILE B 19 24.13 -5.61 -21.49
C ILE B 19 24.92 -4.55 -20.78
N MET B 20 25.89 -3.97 -21.47
CA MET B 20 26.64 -2.85 -20.90
C MET B 20 25.83 -1.58 -20.88
N LEU B 21 25.00 -1.37 -21.87
CA LEU B 21 24.15 -0.19 -21.93
C LEU B 21 23.17 -0.19 -20.79
N ALA B 22 22.74 -1.37 -20.36
CA ALA B 22 21.71 -1.46 -19.35
C ALA B 22 22.33 -1.22 -18.02
N GLY B 23 23.56 -1.65 -17.85
CA GLY B 23 24.27 -1.34 -16.63
C GLY B 23 24.52 0.14 -16.48
N ILE B 24 25.04 0.75 -17.54
CA ILE B 24 25.29 2.19 -17.51
C ILE B 24 24.00 2.91 -17.20
N LEU B 25 22.94 2.57 -17.92
CA LEU B 25 21.65 3.19 -17.69
C LEU B 25 21.10 2.98 -16.29
N THR B 26 21.21 1.77 -15.77
CA THR B 26 20.75 1.50 -14.40
C THR B 26 21.57 2.24 -13.37
N LEU B 27 22.85 2.47 -13.63
CA LEU B 27 23.72 3.11 -12.65
C LEU B 27 23.28 4.50 -12.36
N THR B 28 22.81 5.19 -13.38
CA THR B 28 22.41 6.55 -13.21
C THR B 28 21.26 6.65 -12.22
N LYS B 29 20.34 5.72 -12.24
CA LYS B 29 19.16 5.80 -11.39
C LYS B 29 19.20 4.86 -10.20
N MET B 30 20.38 4.41 -9.82
CA MET B 30 20.49 3.43 -8.77
C MET B 30 20.88 4.04 -7.42
N PRO B 31 20.16 3.70 -6.35
CA PRO B 31 20.44 4.25 -5.02
C PRO B 31 21.79 3.90 -4.38
N ILE B 32 22.40 4.86 -3.70
CA ILE B 32 23.66 4.60 -3.02
C ILE B 32 23.44 4.83 -1.54
N ALA B 33 23.83 3.86 -0.72
CA ALA B 33 23.64 3.95 0.72
C ALA B 33 24.87 3.31 1.33
N GLN B 34 25.08 3.49 2.62
CA GLN B 34 26.22 2.90 3.27
C GLN B 34 26.03 1.43 3.42
N TYR B 35 25.08 1.04 4.25
CA TYR B 35 24.88 -0.36 4.49
C TYR B 35 23.58 -0.79 3.88
N PRO B 36 23.44 -2.09 3.58
CA PRO B 36 22.11 -2.52 3.15
C PRO B 36 21.31 -2.19 4.38
N THR B 37 20.22 -1.45 4.23
CA THR B 37 19.51 -0.94 5.41
C THR B 37 18.59 -1.80 6.26
N ILE B 38 18.85 -1.83 7.56
CA ILE B 38 17.95 -2.55 8.46
C ILE B 38 16.59 -1.87 8.46
N ALA B 39 16.54 -0.54 8.52
CA ALA B 39 15.27 0.21 8.40
C ALA B 39 14.02 -0.15 9.22
N PRO B 40 14.16 -0.30 10.56
CA PRO B 40 12.90 -0.59 11.26
C PRO B 40 12.03 0.65 11.25
N PRO B 41 10.73 0.51 10.85
CA PRO B 41 9.96 1.76 10.90
C PRO B 41 9.55 2.20 12.29
N THR B 42 9.65 3.50 12.53
CA THR B 42 9.27 4.04 13.82
C THR B 42 8.39 5.25 13.62
N VAL B 43 7.36 5.38 14.44
CA VAL B 43 6.47 6.53 14.38
C VAL B 43 6.52 7.21 15.73
N THR B 44 6.64 8.53 15.73
CA THR B 44 6.62 9.26 16.99
C THR B 44 5.46 10.23 17.20
N ILE B 45 4.85 10.19 18.36
CA ILE B 45 3.79 11.14 18.69
C ILE B 45 4.38 12.21 19.62
N ALA B 46 4.15 13.47 19.31
CA ALA B 46 4.64 14.57 20.15
C ALA B 46 3.60 15.60 20.58
N ALA B 47 3.54 15.92 21.87
CA ALA B 47 2.59 16.92 22.37
C ALA B 47 3.15 17.81 23.48
N THR B 48 2.69 19.06 23.55
CA THR B 48 3.17 20.01 24.57
C THR B 48 2.11 20.67 25.41
N TYR B 49 2.27 20.65 26.73
CA TYR B 49 1.37 21.35 27.62
C TYR B 49 2.26 22.42 28.23
N PRO B 50 2.07 23.67 27.82
CA PRO B 50 2.91 24.75 28.32
C PRO B 50 2.77 25.04 29.81
N GLY B 51 3.86 25.37 30.49
CA GLY B 51 3.84 25.61 31.92
C GLY B 51 3.76 24.40 32.83
N ALA B 52 3.59 23.21 32.27
CA ALA B 52 3.44 21.98 33.05
C ALA B 52 4.61 21.28 33.65
N SER B 53 4.39 20.62 34.79
CA SER B 53 5.42 19.82 35.43
C SER B 53 5.52 18.54 34.68
N ALA B 54 6.60 17.80 34.88
CA ALA B 54 6.71 16.49 34.25
C ALA B 54 5.61 15.58 34.72
N GLU B 55 5.29 15.64 36.01
CA GLU B 55 4.22 14.83 36.57
C GLU B 55 2.88 15.15 35.95
N THR B 56 2.61 16.42 35.70
CA THR B 56 1.35 16.80 35.11
C THR B 56 1.22 16.32 33.67
N VAL B 57 2.33 16.26 32.93
CA VAL B 57 2.32 15.76 31.56
C VAL B 57 2.19 14.23 31.51
N GLU B 58 2.47 13.56 32.60
CA GLU B 58 2.45 12.10 32.62
C GLU B 58 1.07 11.70 32.95
N ASN B 59 0.50 12.31 33.97
CA ASN B 59 -0.89 12.05 34.31
C ASN B 59 -1.85 12.50 33.21
N THR B 60 -1.87 13.79 32.92
CA THR B 60 -2.79 14.35 31.94
C THR B 60 -2.60 13.97 30.48
N VAL B 61 -1.37 13.83 30.03
CA VAL B 61 -1.14 13.57 28.61
C VAL B 61 -0.63 12.18 28.19
N THR B 62 0.54 11.76 28.64
CA THR B 62 1.15 10.51 28.16
C THR B 62 0.42 9.20 28.43
N GLN B 63 -0.07 9.01 29.64
CA GLN B 63 -0.80 7.81 29.98
C GLN B 63 -2.09 7.68 29.21
N ILE B 64 -2.80 8.77 29.02
CA ILE B 64 -4.05 8.76 28.29
C ILE B 64 -3.84 8.30 26.88
N ILE B 65 -2.81 8.80 26.23
CA ILE B 65 -2.49 8.39 24.89
C ILE B 65 -2.01 6.97 24.70
N GLU B 66 -1.23 6.41 25.62
CA GLU B 66 -0.62 5.10 25.40
C GLU B 66 -1.64 4.07 25.64
N GLN B 67 -2.62 4.39 26.46
CA GLN B 67 -3.72 3.47 26.63
C GLN B 67 -4.51 3.19 25.35
N GLN B 68 -4.52 4.12 24.41
CA GLN B 68 -5.22 3.90 23.16
C GLN B 68 -4.32 3.22 22.17
N MET B 69 -3.06 3.05 22.51
CA MET B 69 -2.12 2.47 21.58
C MET B 69 -2.03 0.97 21.64
N ASN B 70 -3.10 0.29 21.28
CA ASN B 70 -3.07 -1.17 21.24
C ASN B 70 -3.60 -1.64 19.89
N GLY B 71 -3.32 -2.86 19.49
CA GLY B 71 -3.92 -3.30 18.25
C GLY B 71 -3.23 -2.72 17.07
N LEU B 72 -1.93 -2.83 16.99
CA LEU B 72 -1.19 -2.21 15.94
C LEU B 72 -0.41 -3.31 15.33
N ASP B 73 -0.44 -3.42 14.02
CA ASP B 73 0.23 -4.54 13.41
C ASP B 73 1.71 -4.32 13.34
N GLY B 74 2.48 -5.26 13.86
CA GLY B 74 3.92 -5.13 13.83
C GLY B 74 4.60 -4.41 14.94
N LEU B 75 3.92 -4.14 16.05
CA LEU B 75 4.54 -3.34 17.09
C LEU B 75 5.49 -4.07 17.99
N ARG B 76 6.78 -3.83 17.83
CA ARG B 76 7.79 -4.40 18.72
C ARG B 76 7.80 -3.82 20.13
N TYR B 77 7.76 -2.49 20.27
CA TYR B 77 7.75 -1.83 21.59
C TYR B 77 7.38 -0.37 21.56
N ILE B 78 6.92 0.17 22.69
CA ILE B 78 6.58 1.59 22.82
C ILE B 78 7.43 2.21 23.93
N SER B 79 8.10 3.32 23.65
CA SER B 79 8.94 4.02 24.64
C SER B 79 8.46 5.45 24.81
N SER B 80 8.36 5.94 26.04
CA SER B 80 7.79 7.27 26.25
C SER B 80 8.56 8.17 27.20
N ASN B 81 8.45 9.49 27.05
CA ASN B 81 9.06 10.41 28.00
C ASN B 81 8.17 11.62 28.28
N SER B 82 8.13 12.07 29.53
CA SER B 82 7.36 13.26 29.91
C SER B 82 8.30 14.21 30.66
N ALA B 83 8.35 15.48 30.27
CA ALA B 83 9.33 16.41 30.87
C ALA B 83 8.83 17.74 31.44
N GLY B 84 9.68 18.44 32.20
CA GLY B 84 9.33 19.73 32.80
C GLY B 84 9.06 20.92 31.90
N ASN B 85 9.36 20.79 30.62
CA ASN B 85 9.26 21.86 29.65
C ASN B 85 7.90 21.66 29.04
N GLY B 86 7.06 20.90 29.70
CA GLY B 86 5.76 20.58 29.17
C GLY B 86 5.65 19.63 28.00
N GLN B 87 6.68 18.88 27.68
CA GLN B 87 6.60 18.07 26.48
C GLN B 87 6.55 16.56 26.64
N ALA B 88 5.72 15.91 25.83
CA ALA B 88 5.63 14.48 25.87
C ALA B 88 6.00 13.89 24.55
N SER B 89 6.83 12.86 24.57
CA SER B 89 7.14 12.17 23.34
C SER B 89 6.91 10.69 23.47
N ILE B 90 6.06 10.13 22.64
CA ILE B 90 5.84 8.70 22.65
C ILE B 90 6.37 8.13 21.35
N GLN B 91 7.31 7.21 21.45
CA GLN B 91 7.88 6.62 20.25
C GLN B 91 7.45 5.19 20.11
N LEU B 92 6.99 4.82 18.92
CA LEU B 92 6.53 3.47 18.67
C LEU B 92 7.41 2.82 17.63
N ASN B 93 8.00 1.69 17.96
CA ASN B 93 8.88 0.98 17.05
C ASN B 93 8.24 -0.25 16.51
N PHE B 94 8.30 -0.42 15.20
CA PHE B 94 7.62 -1.54 14.54
C PHE B 94 8.59 -2.55 14.00
N GLU B 95 8.16 -3.79 13.85
CA GLU B 95 9.01 -4.87 13.32
C GLU B 95 9.28 -4.74 11.85
N GLN B 96 10.34 -5.38 11.37
CA GLN B 96 10.71 -5.23 9.97
C GLN B 96 9.66 -5.75 9.00
N GLY B 97 9.53 -5.08 7.85
CA GLY B 97 8.51 -5.46 6.90
C GLY B 97 7.19 -4.74 7.08
N VAL B 98 7.15 -3.77 7.98
CA VAL B 98 5.94 -3.00 8.16
C VAL B 98 6.04 -1.71 7.37
N ASP B 99 5.07 -1.45 6.49
CA ASP B 99 5.08 -0.24 5.69
C ASP B 99 4.87 0.93 6.58
N PRO B 100 5.77 1.93 6.46
CA PRO B 100 5.71 3.08 7.35
C PRO B 100 4.43 3.88 7.25
N ASP B 101 3.90 4.05 6.05
CA ASP B 101 2.67 4.80 5.87
C ASP B 101 1.47 4.17 6.58
N ILE B 102 1.31 2.87 6.48
CA ILE B 102 0.22 2.19 7.16
C ILE B 102 0.35 2.28 8.67
N ALA B 103 1.56 2.10 9.19
CA ALA B 103 1.82 2.19 10.64
C ALA B 103 1.42 3.55 11.18
N GLN B 104 1.78 4.62 10.49
CA GLN B 104 1.40 5.97 10.88
C GLN B 104 -0.09 6.20 10.83
N VAL B 105 -0.79 5.61 9.87
CA VAL B 105 -2.20 5.88 9.70
C VAL B 105 -2.96 5.09 10.74
N GLN B 106 -2.46 3.92 11.10
CA GLN B 106 -3.06 3.18 12.21
C GLN B 106 -2.89 3.86 13.55
N VAL B 107 -1.71 4.42 13.80
CA VAL B 107 -1.46 5.14 15.05
C VAL B 107 -2.36 6.36 15.13
N GLN B 108 -2.53 7.07 14.03
CA GLN B 108 -3.38 8.26 13.99
C GLN B 108 -4.84 7.97 14.22
N ASN B 109 -5.31 6.83 13.75
CA ASN B 109 -6.70 6.47 13.90
C ASN B 109 -6.98 6.22 15.35
N LYS B 110 -6.03 5.66 16.07
CA LYS B 110 -6.20 5.42 17.49
C LYS B 110 -5.98 6.64 18.37
N LEU B 111 -5.24 7.63 17.88
CA LEU B 111 -5.00 8.87 18.62
C LEU B 111 -6.24 9.74 18.71
N GLN B 112 -7.14 9.59 17.77
CA GLN B 112 -8.32 10.42 17.72
C GLN B 112 -9.09 10.45 19.03
N SER B 113 -9.35 9.28 19.60
CA SER B 113 -10.04 9.17 20.87
C SER B 113 -9.34 9.97 21.93
N ALA B 114 -8.07 9.66 22.15
CA ALA B 114 -7.25 10.33 23.14
C ALA B 114 -7.23 11.83 23.04
N THR B 115 -7.17 12.36 21.83
CA THR B 115 -7.03 13.79 21.65
C THR B 115 -8.19 14.55 22.24
N ALA B 116 -9.39 14.01 22.14
CA ALA B 116 -10.56 14.64 22.74
C ALA B 116 -10.44 14.70 24.22
N LEU B 117 -9.91 13.64 24.82
CA LEU B 117 -9.80 13.55 26.27
C LEU B 117 -8.60 14.33 26.76
N LEU B 118 -7.84 14.90 25.86
CA LEU B 118 -6.69 15.71 26.24
C LEU B 118 -7.11 17.05 26.79
N PRO B 119 -6.19 17.74 27.46
CA PRO B 119 -6.50 19.05 28.02
C PRO B 119 -6.46 20.10 26.93
N GLU B 120 -7.29 21.12 27.05
CA GLU B 120 -7.39 22.18 26.04
C GLU B 120 -6.14 22.89 25.60
N ASP B 121 -5.32 23.31 26.53
CA ASP B 121 -4.09 24.00 26.18
C ASP B 121 -3.23 23.10 25.35
N VAL B 122 -3.21 21.81 25.67
CA VAL B 122 -2.46 20.85 24.88
C VAL B 122 -3.01 20.76 23.47
N GLN B 123 -4.33 20.80 23.34
CA GLN B 123 -4.95 20.70 22.03
C GLN B 123 -4.67 21.86 21.15
N ARG B 124 -4.71 23.05 21.72
CA ARG B 124 -4.42 24.25 20.95
C ARG B 124 -2.99 24.25 20.44
N GLN B 125 -2.07 23.71 21.21
CA GLN B 125 -0.72 23.58 20.69
C GLN B 125 -0.65 22.65 19.51
N GLY B 126 -1.46 21.59 19.54
CA GLY B 126 -1.50 20.64 18.45
C GLY B 126 -0.74 19.36 18.71
N VAL B 127 -1.35 18.22 18.42
CA VAL B 127 -0.71 16.95 18.67
C VAL B 127 -0.16 16.38 17.37
N THR B 128 1.15 16.46 17.17
CA THR B 128 1.78 15.94 15.95
C THR B 128 2.21 14.48 15.91
N VAL B 129 2.04 13.82 14.77
CA VAL B 129 2.50 12.43 14.59
C VAL B 129 3.44 12.31 13.39
N THR B 130 4.66 11.82 13.61
CA THR B 130 5.64 11.78 12.52
C THR B 130 6.36 10.46 12.33
N LYS B 131 6.68 10.11 11.10
CA LYS B 131 7.48 8.92 10.87
C LYS B 131 8.95 9.21 10.91
N SER B 132 9.45 9.61 12.07
CA SER B 132 10.86 9.93 12.23
C SER B 132 11.24 9.60 13.65
N GLY B 133 12.52 9.42 13.92
CA GLY B 133 12.99 9.16 15.27
C GLY B 133 13.78 10.28 15.89
N ALA B 134 14.81 9.95 16.68
CA ALA B 134 15.65 10.96 17.32
C ALA B 134 16.80 11.62 16.57
N SER B 135 17.59 10.87 15.80
CA SER B 135 18.79 11.48 15.16
C SER B 135 18.55 12.62 14.19
N PHE B 136 19.52 13.50 14.07
CA PHE B 136 19.40 14.58 13.09
C PHE B 136 20.31 14.26 11.93
N LEU B 137 19.77 14.22 10.72
CA LEU B 137 20.58 14.03 9.53
C LEU B 137 21.54 15.17 9.32
N GLN B 138 21.05 16.40 9.46
CA GLN B 138 21.87 17.55 9.22
C GLN B 138 21.44 18.76 10.00
N VAL B 139 22.35 19.70 10.24
CA VAL B 139 22.00 20.91 10.92
C VAL B 139 22.56 22.08 10.14
N ILE B 140 21.69 23.01 9.74
CA ILE B 140 22.11 24.18 8.98
C ILE B 140 22.07 25.41 9.86
N ALA B 141 23.09 26.24 9.78
CA ALA B 141 23.18 27.41 10.63
C ALA B 141 22.93 28.68 9.85
N PHE B 142 22.22 29.62 10.44
CA PHE B 142 21.90 30.87 9.77
C PHE B 142 22.48 32.00 10.58
N TYR B 143 23.24 32.89 9.94
CA TYR B 143 23.95 33.94 10.68
C TYR B 143 24.29 35.15 9.84
N SER B 144 24.79 36.19 10.48
CA SER B 144 25.24 37.35 9.76
C SER B 144 26.72 37.46 9.97
N PRO B 145 27.48 37.40 8.88
CA PRO B 145 28.90 37.60 9.02
C PRO B 145 29.27 38.98 9.46
N ASP B 146 28.63 39.99 8.89
CA ASP B 146 29.01 41.36 9.18
C ASP B 146 28.16 42.00 10.24
N ASN B 147 27.28 41.21 10.86
CA ASN B 147 26.44 41.71 11.94
C ASN B 147 25.41 42.72 11.43
N ASN B 148 25.14 42.69 10.14
CA ASN B 148 24.18 43.62 9.55
C ASN B 148 22.76 43.17 9.75
N LEU B 149 22.59 42.00 10.34
CA LEU B 149 21.26 41.48 10.59
C LEU B 149 21.12 41.17 12.07
N SER B 150 20.03 41.61 12.68
CA SER B 150 19.80 41.34 14.09
C SER B 150 19.49 39.88 14.29
N ASP B 151 19.81 39.36 15.47
CA ASP B 151 19.59 37.95 15.71
C ASP B 151 18.11 37.62 15.72
N SER B 152 17.29 38.55 16.18
CA SER B 152 15.85 38.35 16.15
C SER B 152 15.31 38.26 14.76
N ASP B 153 15.79 39.12 13.87
CA ASP B 153 15.36 39.10 12.50
C ASP B 153 15.74 37.80 11.87
N ILE B 154 16.94 37.31 12.18
CA ILE B 154 17.41 36.09 11.58
C ILE B 154 16.57 34.94 12.03
N LYS B 155 16.29 34.88 13.31
CA LYS B 155 15.47 33.83 13.84
C LYS B 155 14.09 33.87 13.26
N ASP B 156 13.53 35.05 13.13
CA ASP B 156 12.18 35.18 12.63
C ASP B 156 12.12 34.70 11.23
N TYR B 157 13.12 35.03 10.44
CA TYR B 157 13.11 34.68 9.04
C TYR B 157 13.07 33.20 8.82
N VAL B 158 13.84 32.45 9.61
CA VAL B 158 13.89 31.01 9.42
C VAL B 158 12.54 30.43 9.71
N ASN B 159 11.92 30.92 10.77
CA ASN B 159 10.60 30.46 11.14
C ASN B 159 9.56 30.86 10.15
N SER B 160 9.67 32.05 9.61
CA SER B 160 8.62 32.57 8.75
C SER B 160 8.77 32.25 7.28
N SER B 161 9.99 32.27 6.75
CA SER B 161 10.21 31.92 5.35
C SER B 161 10.94 30.65 4.99
N ILE B 162 11.68 30.05 5.91
CA ILE B 162 12.50 28.88 5.54
C ILE B 162 12.03 27.51 6.00
N LYS B 163 11.55 27.40 7.23
CA LYS B 163 11.20 26.09 7.79
C LYS B 163 10.11 25.32 7.08
N GLU B 164 9.02 25.99 6.71
CA GLU B 164 7.94 25.33 5.97
C GLU B 164 8.34 24.89 4.58
N PRO B 165 9.10 25.73 3.85
CA PRO B 165 9.57 25.19 2.58
C PRO B 165 10.43 23.94 2.77
N LEU B 166 11.30 23.93 3.77
CA LEU B 166 12.12 22.77 4.07
C LEU B 166 11.35 21.52 4.52
N SER B 167 10.23 21.69 5.17
CA SER B 167 9.50 20.54 5.70
C SER B 167 8.73 19.84 4.62
N ARG B 168 8.57 20.49 3.49
CA ARG B 168 7.79 19.94 2.41
C ARG B 168 8.71 19.35 1.41
N VAL B 169 9.98 19.28 1.76
CA VAL B 169 10.98 18.68 0.89
C VAL B 169 10.70 17.20 0.89
N ALA B 170 11.07 16.52 -0.18
CA ALA B 170 10.75 15.12 -0.34
C ALA B 170 10.95 14.14 0.80
N GLY B 171 12.13 14.05 1.38
CA GLY B 171 12.35 13.01 2.38
C GLY B 171 12.37 13.34 3.85
N VAL B 172 12.04 14.55 4.19
CA VAL B 172 12.14 14.97 5.57
C VAL B 172 10.99 14.52 6.45
N GLY B 173 11.28 13.87 7.58
CA GLY B 173 10.26 13.47 8.50
C GLY B 173 9.83 14.65 9.35
N GLU B 174 10.78 15.33 9.96
CA GLU B 174 10.46 16.50 10.74
C GLU B 174 11.63 17.46 10.77
N VAL B 175 11.36 18.77 10.83
CA VAL B 175 12.42 19.74 11.04
C VAL B 175 12.27 20.27 12.46
N GLN B 176 13.36 20.71 13.09
CA GLN B 176 13.28 21.34 14.41
C GLN B 176 14.03 22.66 14.34
N VAL B 177 13.48 23.72 14.89
CA VAL B 177 14.11 25.03 14.84
C VAL B 177 14.67 25.49 16.16
N PHE B 178 15.92 25.90 16.18
CA PHE B 178 16.44 26.44 17.42
C PHE B 178 16.46 27.90 17.11
N GLY B 179 15.70 28.66 17.87
CA GLY B 179 15.56 30.07 17.59
C GLY B 179 14.10 30.37 17.48
N GLY B 180 13.67 31.48 18.06
CA GLY B 180 12.26 31.82 18.09
C GLY B 180 11.66 32.84 17.15
N SER B 181 10.45 32.59 16.68
CA SER B 181 9.75 33.55 15.84
C SER B 181 9.20 34.69 16.69
N TYR B 182 8.94 35.83 16.08
CA TYR B 182 8.35 36.95 16.80
C TYR B 182 6.97 36.66 17.31
N ALA B 183 6.66 37.19 18.48
CA ALA B 183 5.35 37.02 19.07
C ALA B 183 5.02 38.28 19.85
N MET B 184 3.73 38.54 20.09
CA MET B 184 3.37 39.67 20.92
C MET B 184 3.47 39.26 22.37
N ARG B 185 4.18 40.03 23.17
CA ARG B 185 4.38 39.68 24.56
C ARG B 185 3.81 40.76 25.46
N ILE B 186 2.95 40.36 26.37
CA ILE B 186 2.33 41.30 27.29
C ILE B 186 2.75 40.94 28.68
N TRP B 187 3.59 41.75 29.30
CA TRP B 187 4.16 41.42 30.62
C TRP B 187 3.49 42.12 31.77
N LEU B 188 2.73 41.39 32.57
CA LEU B 188 1.96 42.00 33.64
C LEU B 188 2.66 42.50 34.89
N ASP B 189 2.16 43.59 35.50
CA ASP B 189 2.69 44.07 36.79
C ASP B 189 1.63 43.86 37.85
N PRO B 190 1.93 43.02 38.85
CA PRO B 190 0.96 42.68 39.89
C PRO B 190 0.51 43.85 40.73
N ALA B 191 1.42 44.75 41.07
CA ALA B 191 1.08 45.94 41.83
C ALA B 191 0.18 46.84 41.02
N LYS B 192 0.53 47.03 39.77
CA LYS B 192 -0.26 47.86 38.90
C LYS B 192 -1.66 47.28 38.68
N LEU B 193 -1.79 45.98 38.51
CA LEU B 193 -3.09 45.36 38.34
C LEU B 193 -3.97 45.57 39.56
N THR B 194 -3.42 45.35 40.75
CA THR B 194 -4.19 45.45 41.99
C THR B 194 -4.80 46.82 42.29
N SER B 195 -4.15 47.89 41.85
CA SER B 195 -4.62 49.25 42.08
C SER B 195 -5.96 49.55 41.46
N TYR B 196 -6.20 49.01 40.29
CA TYR B 196 -7.43 49.22 39.58
C TYR B 196 -8.35 48.05 39.82
N GLN B 197 -7.99 47.17 40.74
CA GLN B 197 -8.78 45.98 41.02
C GLN B 197 -9.04 45.16 39.78
N LEU B 198 -7.99 44.89 39.02
CA LEU B 198 -8.11 44.15 37.78
C LEU B 198 -7.35 42.82 37.90
N THR B 199 -7.93 41.74 37.41
CA THR B 199 -7.29 40.44 37.48
C THR B 199 -6.65 39.94 36.17
N PRO B 200 -5.75 38.92 36.21
CA PRO B 200 -5.09 38.48 34.98
C PRO B 200 -6.09 38.02 33.94
N SER B 201 -7.18 37.39 34.36
CA SER B 201 -8.22 36.92 33.47
C SER B 201 -8.93 38.06 32.80
N ASP B 202 -8.95 39.21 33.43
CA ASP B 202 -9.66 40.33 32.88
C ASP B 202 -8.87 40.93 31.75
N ILE B 203 -7.55 40.76 31.75
CA ILE B 203 -6.74 41.21 30.63
C ILE B 203 -7.02 40.35 29.44
N ALA B 204 -7.25 39.06 29.67
CA ALA B 204 -7.40 38.14 28.58
C ALA B 204 -8.74 38.20 27.92
N THR B 205 -9.77 38.54 28.67
CA THR B 205 -11.07 38.73 28.05
C THR B 205 -10.99 39.91 27.11
N ALA B 206 -10.37 40.98 27.56
CA ALA B 206 -10.20 42.15 26.74
C ALA B 206 -9.47 41.85 25.46
N LEU B 207 -8.45 41.01 25.54
CA LEU B 207 -7.70 40.62 24.37
C LEU B 207 -8.50 39.82 23.37
N GLN B 208 -9.34 38.92 23.85
CA GLN B 208 -10.12 38.10 22.98
C GLN B 208 -11.09 38.96 22.24
N ALA B 209 -11.59 40.00 22.87
CA ALA B 209 -12.50 40.92 22.20
C ALA B 209 -11.86 41.79 21.15
N GLN B 210 -10.99 42.69 21.56
CA GLN B 210 -10.37 43.63 20.65
C GLN B 210 -9.43 43.15 19.54
N ASN B 211 -8.64 42.11 19.79
CA ASN B 211 -7.77 41.57 18.76
C ASN B 211 -8.49 40.65 17.76
N SER B 212 -9.71 40.24 18.06
CA SER B 212 -10.48 39.38 17.17
C SER B 212 -11.06 40.02 15.91
N GLN B 213 -11.37 39.20 14.90
CA GLN B 213 -11.98 39.71 13.69
C GLN B 213 -13.43 39.25 13.56
N VAL B 214 -14.37 40.18 13.48
CA VAL B 214 -15.79 39.87 13.39
C VAL B 214 -16.35 39.63 12.01
N ALA B 215 -17.14 38.57 11.82
CA ALA B 215 -17.77 38.30 10.53
C ALA B 215 -19.08 39.05 10.51
N VAL B 216 -19.14 40.12 9.74
CA VAL B 216 -20.33 40.98 9.74
C VAL B 216 -21.18 41.09 8.50
N GLY B 217 -20.99 40.24 7.49
CA GLY B 217 -21.85 40.29 6.34
C GLY B 217 -21.66 41.24 5.18
N GLN B 218 -22.65 41.35 4.29
CA GLN B 218 -22.57 42.20 3.11
C GLN B 218 -23.77 43.10 2.91
N LEU B 219 -23.59 44.35 2.47
CA LEU B 219 -24.77 45.17 2.15
C LEU B 219 -25.42 44.65 0.88
N GLY B 220 -26.70 44.32 0.90
CA GLY B 220 -27.32 43.70 -0.23
C GLY B 220 -27.04 42.23 -0.23
N GLY B 221 -26.98 41.63 0.94
CA GLY B 221 -26.68 40.22 1.08
C GLY B 221 -27.71 39.35 0.40
N ALA B 222 -27.47 38.06 0.31
CA ALA B 222 -28.29 37.20 -0.52
C ALA B 222 -29.78 37.09 -0.38
N PRO B 223 -30.31 36.99 0.84
CA PRO B 223 -31.78 36.99 0.84
C PRO B 223 -32.15 38.46 0.81
N ALA B 224 -31.87 39.17 -0.28
CA ALA B 224 -32.13 40.60 -0.41
C ALA B 224 -33.50 41.11 -0.79
N VAL B 225 -33.70 42.41 -0.63
CA VAL B 225 -34.96 43.04 -0.98
C VAL B 225 -35.08 43.30 -2.47
N GLN B 226 -36.28 43.62 -2.93
CA GLN B 226 -36.48 43.94 -4.33
C GLN B 226 -35.83 45.25 -4.68
N GLY B 227 -35.25 45.31 -5.88
CA GLY B 227 -34.62 46.52 -6.35
C GLY B 227 -33.34 46.87 -5.68
N GLN B 228 -32.69 45.88 -5.08
CA GLN B 228 -31.42 46.12 -4.47
C GLN B 228 -30.53 46.31 -5.64
N VAL B 229 -29.63 47.27 -5.58
CA VAL B 229 -28.73 47.41 -6.67
C VAL B 229 -27.28 47.26 -6.22
N LEU B 230 -26.99 47.47 -4.95
CA LEU B 230 -25.60 47.41 -4.50
C LEU B 230 -25.22 46.26 -3.56
N ASN B 231 -24.19 45.52 -3.90
CA ASN B 231 -23.69 44.49 -3.01
C ASN B 231 -22.24 44.76 -2.68
N ALA B 232 -21.92 44.93 -1.41
CA ALA B 232 -20.55 45.14 -1.01
C ALA B 232 -20.29 44.47 0.32
N THR B 233 -19.08 44.02 0.56
CA THR B 233 -18.76 43.46 1.87
C THR B 233 -18.68 44.52 2.95
N VAL B 234 -18.97 44.14 4.18
CA VAL B 234 -18.83 45.06 5.30
C VAL B 234 -17.69 44.55 6.15
N ASN B 235 -16.74 45.42 6.49
CA ASN B 235 -15.62 45.04 7.32
C ASN B 235 -15.72 45.78 8.64
N ALA B 236 -15.31 45.16 9.73
CA ALA B 236 -15.38 45.79 11.04
C ALA B 236 -14.04 45.82 11.71
N GLN B 237 -13.95 45.25 12.92
CA GLN B 237 -12.70 45.23 13.66
C GLN B 237 -11.71 44.33 12.96
N SER B 238 -10.45 44.70 13.00
CA SER B 238 -9.41 43.93 12.34
C SER B 238 -8.39 43.51 13.34
N LEU B 239 -7.57 42.53 12.98
CA LEU B 239 -6.56 42.01 13.87
C LEU B 239 -5.48 43.05 14.08
N LEU B 240 -5.05 43.21 15.32
CA LEU B 240 -4.02 44.20 15.64
C LEU B 240 -2.65 43.78 15.13
N GLN B 241 -1.83 44.73 14.71
CA GLN B 241 -0.54 44.38 14.10
C GLN B 241 0.70 44.98 14.74
N THR B 242 0.56 46.09 15.46
CA THR B 242 1.70 46.76 16.05
C THR B 242 1.60 46.80 17.58
N PRO B 243 2.72 47.01 18.31
CA PRO B 243 2.53 46.98 19.76
C PRO B 243 1.79 48.19 20.29
N GLU B 244 1.82 49.28 19.54
CA GLU B 244 1.18 50.50 20.00
C GLU B 244 -0.31 50.30 20.08
N GLN B 245 -0.87 49.53 19.16
CA GLN B 245 -2.29 49.20 19.20
C GLN B 245 -2.67 48.38 20.43
N PHE B 246 -1.80 47.50 20.87
CA PHE B 246 -2.07 46.61 21.99
C PHE B 246 -2.06 47.40 23.28
N LYS B 247 -1.19 48.39 23.39
CA LYS B 247 -1.12 49.25 24.56
C LYS B 247 -2.42 50.01 24.69
N ASN B 248 -3.02 50.38 23.57
CA ASN B 248 -4.25 51.15 23.59
C ASN B 248 -5.49 50.39 23.99
N ILE B 249 -5.42 49.07 24.07
CA ILE B 249 -6.61 48.30 24.35
C ILE B 249 -7.28 48.78 25.62
N PHE B 250 -8.59 48.98 25.57
CA PHE B 250 -9.38 49.45 26.71
C PHE B 250 -9.57 48.38 27.73
N LEU B 251 -9.32 48.67 29.00
CA LEU B 251 -9.59 47.71 30.04
C LEU B 251 -10.76 48.16 30.90
N LYS B 252 -10.78 49.43 31.25
CA LYS B 252 -11.82 49.95 32.14
C LYS B 252 -11.92 51.44 32.20
N ASN B 253 -12.91 51.95 32.94
CA ASN B 253 -13.00 53.38 33.20
C ASN B 253 -13.02 53.47 34.73
N THR B 254 -12.19 54.32 35.32
CA THR B 254 -12.13 54.48 36.77
C THR B 254 -13.33 55.23 37.27
N ALA B 255 -13.52 55.32 38.58
CA ALA B 255 -14.75 55.94 39.04
C ALA B 255 -14.63 57.43 38.84
N SER B 256 -13.44 57.98 38.74
CA SER B 256 -13.29 59.39 38.37
C SER B 256 -13.58 59.62 36.90
N GLY B 257 -13.70 58.56 36.11
CA GLY B 257 -13.90 58.69 34.67
C GLY B 257 -12.70 58.38 33.81
N ALA B 258 -11.53 58.25 34.43
CA ALA B 258 -10.32 58.03 33.65
C ALA B 258 -10.29 56.64 33.05
N GLU B 259 -9.59 56.47 31.95
CA GLU B 259 -9.58 55.17 31.28
C GLU B 259 -8.31 54.36 31.46
N VAL B 260 -8.48 53.14 31.90
CA VAL B 260 -7.35 52.28 32.08
C VAL B 260 -7.14 51.52 30.80
N ARG B 261 -5.95 51.64 30.24
CA ARG B 261 -5.59 50.92 29.03
C ARG B 261 -4.54 49.85 29.37
N LEU B 262 -4.23 48.95 28.44
CA LEU B 262 -3.25 47.90 28.70
C LEU B 262 -1.87 48.44 29.03
N LYS B 263 -1.49 49.56 28.44
CA LYS B 263 -0.22 50.17 28.72
C LYS B 263 -0.12 50.49 30.19
N ASP B 264 -1.23 50.87 30.80
CA ASP B 264 -1.23 51.23 32.20
C ASP B 264 -0.87 50.12 33.19
N VAL B 265 -1.32 48.89 32.92
CA VAL B 265 -0.98 47.77 33.79
C VAL B 265 0.08 46.81 33.29
N ALA B 266 0.63 47.02 32.10
CA ALA B 266 1.58 46.06 31.54
C ALA B 266 2.58 46.60 30.57
N ARG B 267 3.59 45.79 30.29
CA ARG B 267 4.59 46.17 29.34
C ARG B 267 4.33 45.42 28.06
N VAL B 268 4.23 46.13 26.94
CA VAL B 268 3.97 45.46 25.65
C VAL B 268 5.15 45.50 24.68
N GLU B 269 5.52 44.35 24.13
CA GLU B 269 6.62 44.28 23.18
C GLU B 269 6.53 43.18 22.14
N LEU B 270 7.25 43.31 21.04
CA LEU B 270 7.32 42.23 20.08
C LEU B 270 8.53 41.39 20.49
N GLY B 271 8.31 40.21 21.05
CA GLY B 271 9.39 39.38 21.56
C GLY B 271 9.23 37.94 21.12
N SER B 272 10.04 37.03 21.60
CA SER B 272 10.01 35.63 21.16
C SER B 272 8.88 34.70 21.56
N ASP B 273 8.49 33.80 20.69
CA ASP B 273 7.52 32.77 21.05
C ASP B 273 8.11 31.77 22.03
N ASN B 274 9.39 31.43 21.86
CA ASN B 274 10.09 30.52 22.76
C ASN B 274 11.35 31.14 23.34
N TYR B 275 11.56 31.03 24.64
CA TYR B 275 12.77 31.55 25.28
C TYR B 275 13.62 30.45 25.87
N GLN B 276 13.37 29.21 25.49
CA GLN B 276 14.06 28.08 26.09
C GLN B 276 15.43 27.76 25.57
N PHE B 277 15.78 28.22 24.39
CA PHE B 277 17.06 27.89 23.80
C PHE B 277 17.90 29.07 23.38
N ASP B 278 19.21 29.03 23.62
CA ASP B 278 20.10 30.06 23.13
C ASP B 278 21.04 29.37 22.17
N SER B 279 21.08 29.78 20.92
CA SER B 279 21.89 29.10 19.93
C SER B 279 22.98 29.95 19.33
N LYS B 280 24.20 29.45 19.32
CA LYS B 280 25.26 30.19 18.69
C LYS B 280 26.03 29.37 17.69
N PHE B 281 26.80 30.03 16.84
CA PHE B 281 27.63 29.35 15.85
C PHE B 281 28.96 30.04 15.89
N ASN B 282 30.01 29.30 16.25
CA ASN B 282 31.36 29.87 16.27
C ASN B 282 31.45 31.01 17.27
N GLY B 283 30.59 30.97 18.29
CA GLY B 283 30.56 32.01 19.29
C GLY B 283 29.64 33.15 18.92
N LYS B 284 29.26 33.25 17.67
CA LYS B 284 28.42 34.32 17.19
C LYS B 284 26.96 33.92 17.26
N PRO B 285 26.10 34.84 17.74
CA PRO B 285 24.70 34.52 17.87
C PRO B 285 24.08 34.07 16.54
N ALA B 286 23.38 32.94 16.54
CA ALA B 286 22.83 32.41 15.29
C ALA B 286 21.57 31.60 15.42
N ALA B 287 21.11 31.06 14.31
CA ALA B 287 19.89 30.28 14.31
C ALA B 287 20.13 28.98 13.61
N GLY B 288 19.35 27.97 13.95
CA GLY B 288 19.59 26.67 13.37
C GLY B 288 18.41 25.83 12.95
N LEU B 289 18.59 25.01 11.92
CA LEU B 289 17.55 24.10 11.52
C LEU B 289 18.09 22.70 11.50
N ALA B 290 17.42 21.78 12.17
CA ALA B 290 17.86 20.41 12.21
C ALA B 290 16.92 19.51 11.40
N ILE B 291 17.46 18.80 10.42
CA ILE B 291 16.65 17.96 9.59
C ILE B 291 16.68 16.53 10.07
N LYS B 292 15.53 15.87 10.17
CA LYS B 292 15.48 14.46 10.51
C LYS B 292 14.90 13.69 9.34
N ILE B 293 15.53 12.59 8.94
CA ILE B 293 15.04 11.76 7.84
C ILE B 293 13.79 10.98 8.15
N ALA B 294 12.94 10.80 7.15
CA ALA B 294 11.77 9.94 7.36
C ALA B 294 12.15 8.51 7.27
N THR B 295 11.50 7.66 8.03
CA THR B 295 11.74 6.24 7.94
C THR B 295 11.61 5.78 6.50
N GLY B 296 12.65 5.12 6.00
CA GLY B 296 12.62 4.66 4.62
C GLY B 296 12.87 5.69 3.57
N ALA B 297 13.87 6.51 3.75
CA ALA B 297 14.24 7.47 2.74
C ALA B 297 15.74 7.58 2.67
N ASN B 298 16.27 7.71 1.47
CA ASN B 298 17.72 7.72 1.34
C ASN B 298 18.23 9.02 1.87
N ALA B 299 19.23 8.96 2.72
CA ALA B 299 19.82 10.13 3.32
C ALA B 299 20.55 10.98 2.35
N LEU B 300 20.98 10.41 1.24
CA LEU B 300 21.81 11.15 0.31
C LEU B 300 20.93 11.89 -0.63
N ASP B 301 19.77 11.32 -0.91
CA ASP B 301 18.87 11.94 -1.86
C ASP B 301 18.04 12.92 -1.13
N THR B 302 17.76 12.65 0.13
CA THR B 302 17.03 13.58 0.96
C THR B 302 17.89 14.81 1.06
N ALA B 303 19.19 14.61 1.23
CA ALA B 303 20.13 15.71 1.41
C ALA B 303 20.27 16.62 0.22
N GLU B 304 20.16 16.07 -0.98
CA GLU B 304 20.37 16.86 -2.17
C GLU B 304 19.13 17.62 -2.43
N ALA B 305 18.00 17.07 -2.02
CA ALA B 305 16.76 17.82 -2.12
C ALA B 305 16.78 19.07 -1.24
N VAL B 306 17.31 18.94 -0.04
CA VAL B 306 17.37 20.07 0.88
C VAL B 306 18.20 21.17 0.24
N GLU B 307 19.35 20.81 -0.32
CA GLU B 307 20.23 21.80 -0.92
C GLU B 307 19.55 22.50 -2.09
N GLN B 308 18.87 21.74 -2.95
CA GLN B 308 18.18 22.30 -4.11
C GLN B 308 17.15 23.33 -3.74
N ARG B 309 16.31 23.03 -2.76
CA ARG B 309 15.32 23.96 -2.27
C ARG B 309 15.96 25.19 -1.68
N LEU B 310 17.09 25.02 -0.99
CA LEU B 310 17.70 26.16 -0.33
C LEU B 310 18.44 27.00 -1.33
N SER B 311 18.71 26.46 -2.51
CA SER B 311 19.36 27.24 -3.53
C SER B 311 18.33 28.18 -4.11
N GLU B 312 17.07 27.77 -4.09
CA GLU B 312 16.00 28.61 -4.57
C GLU B 312 15.75 29.71 -3.55
N LEU B 313 15.65 29.34 -2.27
CA LEU B 313 15.40 30.31 -1.20
C LEU B 313 16.45 31.39 -1.05
N ARG B 314 17.72 31.07 -1.30
CA ARG B 314 18.80 32.05 -1.14
C ARG B 314 18.58 33.33 -1.90
N LYS B 315 17.97 33.24 -3.07
CA LYS B 315 17.75 34.42 -3.88
C LYS B 315 16.82 35.37 -3.18
N ASN B 316 16.04 34.90 -2.23
CA ASN B 316 15.07 35.77 -1.56
C ASN B 316 15.41 36.02 -0.12
N TYR B 317 16.65 35.75 0.24
CA TYR B 317 17.11 35.97 1.60
C TYR B 317 17.20 37.44 1.92
N PRO B 318 17.02 37.81 3.18
CA PRO B 318 17.19 39.21 3.58
C PRO B 318 18.66 39.58 3.50
N THR B 319 18.96 40.85 3.38
CA THR B 319 20.35 41.25 3.24
C THR B 319 21.13 40.91 4.48
N GLY B 320 22.31 40.31 4.31
CA GLY B 320 23.13 39.89 5.43
C GLY B 320 23.02 38.47 5.95
N LEU B 321 22.03 37.72 5.51
CA LEU B 321 21.89 36.32 5.91
C LEU B 321 22.80 35.36 5.18
N ALA B 322 23.21 34.31 5.86
CA ALA B 322 24.04 33.30 5.27
C ALA B 322 23.66 31.99 5.88
N ASP B 323 24.07 30.88 5.27
CA ASP B 323 23.76 29.59 5.80
C ASP B 323 24.98 28.71 5.65
N LYS B 324 25.12 27.72 6.51
CA LYS B 324 26.27 26.84 6.44
C LYS B 324 25.93 25.55 7.16
N LEU B 325 26.32 24.43 6.57
CA LEU B 325 25.98 23.14 7.16
C LEU B 325 26.95 22.71 8.26
N ALA B 326 26.59 22.93 9.51
CA ALA B 326 27.40 22.53 10.64
C ALA B 326 27.56 21.05 10.88
N TYR B 327 26.49 20.29 10.76
CA TYR B 327 26.56 18.88 11.10
C TYR B 327 25.94 17.97 10.09
N ASP B 328 26.62 17.71 8.97
CA ASP B 328 26.10 16.72 8.04
C ASP B 328 26.69 15.30 8.17
N THR B 329 25.86 14.31 8.44
CA THR B 329 26.30 12.92 8.43
C THR B 329 26.71 12.44 7.06
N THR B 330 26.06 12.93 6.02
CA THR B 330 26.30 12.44 4.66
C THR B 330 27.64 12.54 3.97
N PRO B 331 28.40 13.62 4.15
CA PRO B 331 29.65 13.60 3.41
C PRO B 331 30.42 12.31 3.60
N PHE B 332 30.33 11.69 4.76
CA PHE B 332 31.14 10.50 5.02
C PHE B 332 30.69 9.38 4.09
N ILE B 333 29.38 9.25 3.86
CA ILE B 333 28.91 8.14 3.04
C ILE B 333 29.35 8.26 1.60
N ARG B 334 29.16 9.42 0.98
CA ARG B 334 29.67 9.62 -0.37
C ARG B 334 31.14 9.25 -0.49
N LEU B 335 31.96 9.64 0.48
CA LEU B 335 33.39 9.35 0.42
C LEU B 335 33.69 7.87 0.43
N SER B 336 33.04 7.16 1.33
CA SER B 336 33.30 5.74 1.48
C SER B 336 33.02 5.01 0.21
N ILE B 337 31.89 5.32 -0.43
CA ILE B 337 31.51 4.63 -1.65
C ILE B 337 32.53 4.90 -2.74
N GLU B 338 33.06 6.10 -2.82
CA GLU B 338 33.96 6.38 -3.93
C GLU B 338 35.32 5.82 -3.64
N SER B 339 35.61 5.53 -2.38
CA SER B 339 36.85 4.84 -2.04
C SER B 339 36.91 3.43 -2.58
N VAL B 340 35.76 2.78 -2.69
CA VAL B 340 35.73 1.38 -3.12
C VAL B 340 35.59 1.35 -4.61
N VAL B 341 35.03 2.40 -5.19
CA VAL B 341 34.98 2.49 -6.65
C VAL B 341 36.38 2.65 -7.21
N HIS B 342 37.22 3.41 -6.52
CA HIS B 342 38.59 3.58 -6.96
C HIS B 342 39.37 2.28 -6.86
N THR B 343 39.10 1.50 -5.82
CA THR B 343 39.76 0.21 -5.65
C THR B 343 39.35 -0.78 -6.72
N LEU B 344 38.23 -0.50 -7.37
CA LEU B 344 37.70 -1.45 -8.35
C LEU B 344 38.24 -1.16 -9.73
N ILE B 345 38.47 0.11 -10.02
CA ILE B 345 39.02 0.52 -11.31
C ILE B 345 40.53 0.35 -11.30
N GLU B 346 41.15 0.72 -10.20
CA GLU B 346 42.58 0.53 -10.05
C GLU B 346 42.89 -0.93 -10.25
N ALA B 347 42.01 -1.80 -9.74
CA ALA B 347 42.23 -3.23 -9.84
C ALA B 347 42.24 -3.74 -11.27
N VAL B 348 41.34 -3.22 -12.09
CA VAL B 348 41.28 -3.63 -13.48
C VAL B 348 42.57 -3.27 -14.18
N ILE B 349 43.10 -2.09 -13.88
CA ILE B 349 44.36 -1.67 -14.48
C ILE B 349 45.47 -2.62 -14.08
N LEU B 350 45.49 -3.03 -12.82
CA LEU B 350 46.51 -3.92 -12.33
C LEU B 350 46.47 -5.27 -13.01
N VAL B 351 45.27 -5.79 -13.25
CA VAL B 351 45.15 -7.11 -13.84
C VAL B 351 45.61 -7.14 -15.29
N PHE B 352 45.36 -6.07 -16.03
CA PHE B 352 45.78 -6.02 -17.44
C PHE B 352 47.29 -5.91 -17.50
N ILE B 353 47.90 -5.48 -16.41
CA ILE B 353 49.36 -5.44 -16.38
C ILE B 353 49.88 -6.84 -16.12
N VAL B 354 49.30 -7.52 -15.15
CA VAL B 354 49.76 -8.87 -14.81
C VAL B 354 49.60 -9.81 -15.99
N MET B 355 48.43 -9.77 -16.62
CA MET B 355 48.17 -10.66 -17.74
C MET B 355 49.11 -10.40 -18.89
N PHE B 356 49.40 -9.14 -19.16
CA PHE B 356 50.31 -8.81 -20.23
C PHE B 356 51.69 -9.35 -19.91
N LEU B 357 52.11 -9.26 -18.66
CA LEU B 357 53.40 -9.83 -18.35
C LEU B 357 53.40 -11.33 -18.57
N PHE B 358 52.39 -12.01 -18.07
CA PHE B 358 52.33 -13.47 -18.24
C PHE B 358 52.12 -13.94 -19.66
N LEU B 359 51.23 -13.28 -20.39
CA LEU B 359 51.01 -13.63 -21.78
C LEU B 359 51.50 -12.42 -22.53
N GLN B 360 52.55 -12.57 -23.30
CA GLN B 360 53.16 -11.42 -23.96
C GLN B 360 52.29 -10.68 -24.98
N ASN B 361 51.47 -11.41 -25.73
CA ASN B 361 50.65 -10.79 -26.76
C ASN B 361 49.61 -9.83 -26.20
N TRP B 362 49.52 -8.64 -26.78
CA TRP B 362 48.50 -7.69 -26.37
C TRP B 362 47.12 -8.15 -26.79
N ARG B 363 47.04 -8.85 -27.91
CA ARG B 363 45.75 -9.31 -28.37
C ARG B 363 45.23 -10.23 -27.33
N ALA B 364 46.11 -11.05 -26.79
CA ALA B 364 45.71 -11.99 -25.76
C ALA B 364 45.26 -11.33 -24.48
N THR B 365 45.89 -10.23 -24.09
CA THR B 365 45.55 -9.63 -22.81
C THR B 365 44.35 -8.74 -22.91
N ILE B 366 44.08 -8.22 -24.10
CA ILE B 366 42.87 -7.42 -24.29
C ILE B 366 41.58 -8.21 -24.12
N ILE B 367 41.55 -9.48 -24.51
CA ILE B 367 40.29 -10.22 -24.46
C ILE B 367 39.68 -10.30 -23.06
N PRO B 368 40.50 -10.61 -22.05
CA PRO B 368 39.95 -10.59 -20.69
C PRO B 368 39.50 -9.20 -20.26
N THR B 369 40.27 -8.19 -20.57
CA THR B 369 39.83 -6.84 -20.31
C THR B 369 38.47 -6.52 -20.88
N LEU B 370 38.19 -6.88 -22.14
CA LEU B 370 36.93 -6.50 -22.73
C LEU B 370 35.77 -7.11 -21.98
N ALA B 371 35.91 -8.35 -21.51
CA ALA B 371 34.87 -9.02 -20.74
C ALA B 371 34.56 -8.43 -19.39
N VAL B 372 35.53 -7.83 -18.73
CA VAL B 372 35.29 -7.35 -17.38
C VAL B 372 34.18 -6.31 -17.22
N PRO B 373 34.15 -5.27 -18.08
CA PRO B 373 33.01 -4.36 -17.92
C PRO B 373 31.70 -5.03 -18.18
N VAL B 374 31.67 -5.93 -19.14
CA VAL B 374 30.42 -6.55 -19.50
C VAL B 374 29.81 -7.31 -18.34
N VAL B 375 30.60 -8.09 -17.62
CA VAL B 375 30.10 -8.80 -16.45
C VAL B 375 29.73 -7.88 -15.33
N VAL B 376 30.61 -6.96 -14.96
CA VAL B 376 30.23 -5.91 -14.02
C VAL B 376 29.07 -4.98 -14.27
N LEU B 377 28.96 -4.38 -15.44
CA LEU B 377 27.81 -3.54 -15.63
C LEU B 377 26.54 -4.39 -15.56
N GLY B 378 26.61 -5.60 -16.08
CA GLY B 378 25.45 -6.48 -16.06
C GLY B 378 24.93 -6.86 -14.70
N THR B 379 25.83 -7.11 -13.76
CA THR B 379 25.43 -7.43 -12.39
C THR B 379 24.61 -6.32 -11.80
N PHE B 380 25.04 -5.09 -11.99
CA PHE B 380 24.33 -3.93 -11.46
C PHE B 380 22.94 -3.85 -12.03
N ALA B 381 22.73 -4.33 -13.24
CA ALA B 381 21.45 -4.22 -13.86
C ALA B 381 20.56 -5.27 -13.26
N VAL B 382 21.09 -6.44 -13.01
CA VAL B 382 20.33 -7.52 -12.40
C VAL B 382 20.02 -7.25 -10.93
N ILE B 383 21.00 -6.73 -10.18
CA ILE B 383 20.78 -6.44 -8.77
C ILE B 383 19.74 -5.34 -8.60
N ASN B 384 19.72 -4.40 -9.53
CA ASN B 384 18.76 -3.31 -9.46
C ASN B 384 17.36 -3.89 -9.57
N ILE B 385 17.18 -4.90 -10.39
CA ILE B 385 15.89 -5.57 -10.50
C ILE B 385 15.51 -6.17 -9.15
N PHE B 386 16.45 -6.83 -8.50
CA PHE B 386 16.19 -7.44 -7.19
C PHE B 386 15.84 -6.41 -6.14
N GLY B 387 16.22 -5.16 -6.37
CA GLY B 387 15.96 -4.10 -5.42
C GLY B 387 17.13 -3.76 -4.52
N PHE B 388 18.32 -4.20 -4.91
CA PHE B 388 19.52 -3.89 -4.16
C PHE B 388 20.01 -2.47 -4.39
N SER B 389 21.14 -2.13 -3.80
CA SER B 389 21.68 -0.79 -3.93
C SER B 389 23.17 -0.80 -4.06
N ILE B 390 23.74 0.29 -4.57
CA ILE B 390 25.19 0.39 -4.67
C ILE B 390 25.66 0.83 -3.31
N ASN B 391 25.58 -0.08 -2.33
CA ASN B 391 25.97 0.21 -0.96
C ASN B 391 27.36 -0.33 -0.73
N THR B 392 27.92 -0.17 0.47
CA THR B 392 29.30 -0.59 0.71
C THR B 392 29.47 -2.07 0.51
N LEU B 393 28.54 -2.86 1.02
CA LEU B 393 28.66 -4.31 0.92
C LEU B 393 28.61 -4.83 -0.51
N THR B 394 27.69 -4.32 -1.32
CA THR B 394 27.63 -4.74 -2.71
C THR B 394 28.88 -4.32 -3.47
N MET B 395 29.36 -3.12 -3.19
CA MET B 395 30.54 -2.63 -3.87
C MET B 395 31.72 -3.52 -3.55
N PHE B 396 31.84 -3.97 -2.30
CA PHE B 396 32.89 -4.88 -1.95
C PHE B 396 32.78 -6.22 -2.67
N ALA B 397 31.58 -6.77 -2.85
CA ALA B 397 31.50 -8.08 -3.47
C ALA B 397 31.83 -7.93 -4.92
N MET B 398 31.59 -6.77 -5.50
CA MET B 398 32.03 -6.56 -6.86
C MET B 398 33.55 -6.56 -6.91
N VAL B 399 34.18 -5.97 -5.90
CA VAL B 399 35.64 -5.91 -5.85
C VAL B 399 36.25 -7.30 -5.79
N LEU B 400 35.64 -8.21 -5.03
CA LEU B 400 36.23 -9.53 -4.89
C LEU B 400 35.83 -10.36 -6.08
N ALA B 401 34.70 -10.05 -6.67
CA ALA B 401 34.27 -10.73 -7.90
C ALA B 401 35.28 -10.57 -9.01
N ILE B 402 35.93 -9.41 -9.07
CA ILE B 402 36.92 -9.15 -10.13
C ILE B 402 37.96 -10.25 -10.17
N GLY B 403 38.34 -10.73 -9.01
CA GLY B 403 39.32 -11.80 -8.94
C GLY B 403 38.81 -13.06 -9.60
N LEU B 404 37.52 -13.35 -9.44
CA LEU B 404 36.96 -14.58 -9.97
C LEU B 404 36.59 -14.50 -11.44
N LEU B 405 36.18 -13.33 -11.89
CA LEU B 405 35.70 -13.17 -13.27
C LEU B 405 36.81 -13.21 -14.31
N VAL B 406 37.96 -12.66 -13.98
CA VAL B 406 39.05 -12.63 -14.95
C VAL B 406 39.53 -14.06 -15.17
N ASP B 407 39.35 -14.92 -14.16
CA ASP B 407 39.85 -16.30 -14.27
C ASP B 407 39.26 -17.08 -15.42
N ASP B 408 37.94 -17.03 -15.57
CA ASP B 408 37.30 -17.81 -16.61
C ASP B 408 37.87 -17.38 -17.95
N ALA B 409 38.11 -16.09 -18.14
CA ALA B 409 38.75 -15.64 -19.36
C ALA B 409 40.20 -16.08 -19.46
N ILE B 410 40.93 -16.04 -18.36
CA ILE B 410 42.32 -16.47 -18.37
C ILE B 410 42.43 -17.91 -18.85
N VAL B 411 41.42 -18.72 -18.60
CA VAL B 411 41.48 -20.13 -18.93
C VAL B 411 41.19 -20.32 -20.41
N VAL B 412 40.18 -19.62 -20.91
CA VAL B 412 39.79 -19.78 -22.30
C VAL B 412 40.81 -19.13 -23.21
N VAL B 413 41.34 -17.99 -22.80
CA VAL B 413 42.34 -17.33 -23.61
C VAL B 413 43.61 -18.14 -23.72
N GLU B 414 43.99 -18.79 -22.63
CA GLU B 414 45.27 -19.45 -22.64
C GLU B 414 45.21 -20.84 -23.26
N ASN B 415 44.05 -21.45 -23.33
CA ASN B 415 44.03 -22.76 -23.96
C ASN B 415 43.87 -22.66 -25.46
N VAL B 416 43.29 -21.56 -25.93
CA VAL B 416 43.15 -21.34 -27.36
C VAL B 416 44.52 -21.01 -27.94
N GLU B 417 45.25 -20.12 -27.30
CA GLU B 417 46.55 -19.68 -27.81
C GLU B 417 47.55 -20.83 -27.88
N ARG B 418 47.29 -21.91 -27.16
CA ARG B 418 48.23 -23.02 -27.11
C ARG B 418 47.93 -23.94 -28.27
N VAL B 419 46.65 -24.23 -28.48
CA VAL B 419 46.24 -25.05 -29.62
C VAL B 419 46.56 -24.35 -30.93
N MET B 420 46.37 -23.04 -30.95
CA MET B 420 46.64 -22.24 -32.14
C MET B 420 48.12 -22.25 -32.47
N SER B 421 48.95 -22.50 -31.47
CA SER B 421 50.40 -22.44 -31.67
C SER B 421 50.95 -23.77 -32.10
N GLU B 422 50.47 -24.84 -31.46
CA GLU B 422 51.01 -26.16 -31.77
C GLU B 422 50.66 -26.63 -33.18
N ASP B 423 49.40 -26.45 -33.58
CA ASP B 423 49.00 -26.94 -34.89
C ASP B 423 49.10 -25.83 -35.90
N HIS B 424 49.46 -24.63 -35.44
CA HIS B 424 49.56 -23.46 -36.33
C HIS B 424 48.22 -23.31 -37.01
N THR B 425 47.14 -23.59 -36.29
CA THR B 425 45.81 -23.53 -36.86
C THR B 425 45.23 -22.15 -36.99
N ASP B 426 44.21 -22.02 -37.82
CA ASP B 426 43.55 -20.74 -37.98
C ASP B 426 42.93 -20.39 -36.65
N PRO B 427 42.89 -19.09 -36.27
CA PRO B 427 42.29 -18.87 -34.94
C PRO B 427 40.92 -19.49 -34.81
N VAL B 428 40.09 -19.35 -35.84
CA VAL B 428 38.72 -19.83 -35.76
C VAL B 428 38.64 -21.34 -35.54
N THR B 429 39.46 -22.09 -36.26
CA THR B 429 39.48 -23.53 -36.07
C THR B 429 39.95 -23.86 -34.66
N ALA B 430 40.96 -23.13 -34.20
CA ALA B 430 41.49 -23.40 -32.88
C ALA B 430 40.43 -23.13 -31.83
N THR B 431 39.70 -22.05 -31.99
CA THR B 431 38.67 -21.69 -31.03
C THR B 431 37.57 -22.74 -31.03
N SER B 432 37.18 -23.21 -32.21
CA SER B 432 36.12 -24.21 -32.32
C SER B 432 36.53 -25.50 -31.64
N ARG B 433 37.80 -25.83 -31.73
CA ARG B 433 38.28 -27.09 -31.18
C ARG B 433 38.44 -26.92 -29.70
N SER B 434 39.08 -25.84 -29.29
CA SER B 434 39.37 -25.63 -27.89
C SER B 434 38.09 -25.54 -27.10
N MET B 435 37.08 -24.88 -27.66
CA MET B 435 35.84 -24.68 -26.93
C MET B 435 35.16 -25.99 -26.60
N GLN B 436 35.15 -26.93 -27.54
CA GLN B 436 34.56 -28.23 -27.29
C GLN B 436 35.21 -28.90 -26.08
N GLN B 437 36.52 -28.71 -25.93
CA GLN B 437 37.24 -29.36 -24.85
C GLN B 437 37.02 -28.67 -23.50
N ILE B 438 37.00 -27.35 -23.49
CA ILE B 438 36.91 -26.62 -22.21
C ILE B 438 35.53 -26.29 -21.66
N SER B 439 34.46 -26.58 -22.41
CA SER B 439 33.13 -26.18 -21.96
C SER B 439 32.68 -26.79 -20.66
N GLY B 440 32.83 -28.10 -20.52
CA GLY B 440 32.34 -28.77 -19.32
C GLY B 440 33.10 -28.31 -18.11
N ALA B 441 34.35 -27.92 -18.31
CA ALA B 441 35.18 -27.50 -17.20
C ALA B 441 34.62 -26.27 -16.52
N LEU B 442 34.11 -25.33 -17.31
CA LEU B 442 33.67 -24.08 -16.71
C LEU B 442 32.28 -24.19 -16.14
N VAL B 443 31.43 -25.05 -16.69
CA VAL B 443 30.13 -25.24 -16.06
C VAL B 443 30.28 -25.69 -14.62
N GLY B 444 31.08 -26.71 -14.38
CA GLY B 444 31.23 -27.24 -13.04
C GLY B 444 31.80 -26.30 -11.99
N ILE B 445 32.82 -25.54 -12.37
CA ILE B 445 33.42 -24.62 -11.44
C ILE B 445 32.41 -23.58 -11.01
N THR B 446 31.59 -23.12 -11.95
CA THR B 446 30.62 -22.09 -11.63
C THR B 446 29.61 -22.55 -10.60
N SER B 447 29.10 -23.77 -10.77
CA SER B 447 28.12 -24.30 -9.83
C SER B 447 28.63 -24.56 -8.42
N VAL B 448 29.83 -25.11 -8.30
CA VAL B 448 30.40 -25.37 -6.98
C VAL B 448 30.65 -24.08 -6.22
N LEU B 449 31.13 -23.05 -6.91
CA LEU B 449 31.35 -21.76 -6.27
C LEU B 449 30.03 -21.20 -5.80
N THR B 450 28.98 -21.38 -6.61
CA THR B 450 27.67 -20.89 -6.24
C THR B 450 27.26 -21.56 -4.95
N ALA B 451 27.60 -22.83 -4.80
CA ALA B 451 27.25 -23.56 -3.59
C ALA B 451 27.87 -22.93 -2.35
N VAL B 452 29.11 -22.46 -2.45
CA VAL B 452 29.74 -21.80 -1.32
C VAL B 452 29.00 -20.51 -0.94
N PHE B 453 28.65 -19.71 -1.92
CA PHE B 453 27.94 -18.44 -1.67
C PHE B 453 26.50 -18.53 -1.14
N VAL B 454 25.73 -19.50 -1.61
CA VAL B 454 24.29 -19.57 -1.26
C VAL B 454 23.81 -19.74 0.21
N PRO B 455 24.52 -20.50 1.05
CA PRO B 455 23.98 -20.63 2.41
C PRO B 455 23.87 -19.31 3.14
N MET B 456 24.81 -18.39 2.92
CA MET B 456 24.75 -17.08 3.55
C MET B 456 23.49 -16.37 3.10
N ALA B 457 23.02 -16.68 1.89
CA ALA B 457 21.84 -16.01 1.35
C ALA B 457 20.55 -16.68 1.82
N PHE B 458 20.64 -17.77 2.56
CA PHE B 458 19.43 -18.39 3.12
C PHE B 458 19.26 -18.12 4.60
N PHE B 459 19.98 -17.13 5.12
CA PHE B 459 19.86 -16.80 6.54
C PHE B 459 19.36 -15.37 6.71
N GLY B 460 18.35 -15.17 7.56
CA GLY B 460 17.81 -13.84 7.78
C GLY B 460 18.15 -13.14 9.10
N GLY B 461 17.76 -11.88 9.23
CA GLY B 461 18.01 -11.13 10.46
C GLY B 461 18.64 -9.86 9.96
N THR B 462 19.00 -8.94 10.85
CA THR B 462 19.70 -7.75 10.39
C THR B 462 20.99 -8.22 9.74
N THR B 463 21.66 -9.18 10.38
CA THR B 463 22.89 -9.75 9.82
C THR B 463 22.58 -10.53 8.56
N GLY B 464 21.45 -11.23 8.53
CA GLY B 464 21.05 -11.99 7.36
C GLY B 464 20.89 -11.12 6.14
N VAL B 465 20.34 -9.91 6.30
CA VAL B 465 20.20 -9.00 5.17
C VAL B 465 21.57 -8.63 4.64
N ILE B 466 22.51 -8.35 5.53
CA ILE B 466 23.85 -8.00 5.08
C ILE B 466 24.41 -9.15 4.26
N TYR B 467 24.35 -10.37 4.80
CA TYR B 467 24.88 -11.51 4.08
C TYR B 467 24.16 -11.73 2.75
N ARG B 468 22.85 -11.54 2.73
CA ARG B 468 22.11 -11.80 1.49
C ARG B 468 22.54 -10.89 0.36
N GLN B 469 22.71 -9.61 0.64
CA GLN B 469 23.13 -8.67 -0.39
C GLN B 469 24.51 -9.02 -0.89
N PHE B 470 25.39 -9.38 0.03
CA PHE B 470 26.74 -9.79 -0.35
C PHE B 470 26.73 -11.05 -1.20
N SER B 471 25.83 -11.99 -0.90
CA SER B 471 25.89 -13.26 -1.61
C SER B 471 25.29 -13.27 -2.98
N ILE B 472 24.06 -12.76 -3.08
CA ILE B 472 23.39 -12.65 -4.37
C ILE B 472 24.29 -11.98 -5.40
N THR B 473 24.88 -10.85 -5.05
CA THR B 473 25.69 -10.14 -6.01
C THR B 473 26.83 -11.01 -6.52
N LEU B 474 27.48 -11.75 -5.63
CA LEU B 474 28.55 -12.64 -6.05
C LEU B 474 28.06 -13.74 -6.97
N VAL B 475 26.92 -14.33 -6.64
CA VAL B 475 26.35 -15.39 -7.47
C VAL B 475 25.97 -14.89 -8.85
N THR B 476 25.37 -13.70 -8.92
CA THR B 476 24.95 -13.15 -10.19
C THR B 476 26.17 -12.94 -11.05
N ALA B 477 27.24 -12.43 -10.45
CA ALA B 477 28.44 -12.16 -11.22
C ALA B 477 29.02 -13.45 -11.78
N MET B 478 29.05 -14.50 -10.98
CA MET B 478 29.58 -15.78 -11.45
C MET B 478 28.77 -16.38 -12.58
N VAL B 479 27.45 -16.31 -12.48
CA VAL B 479 26.59 -16.89 -13.51
C VAL B 479 26.77 -16.11 -14.80
N LEU B 480 26.86 -14.79 -14.69
CA LEU B 480 27.06 -13.95 -15.87
C LEU B 480 28.41 -14.24 -16.47
N SER B 481 29.39 -14.47 -15.62
CA SER B 481 30.74 -14.73 -16.10
C SER B 481 30.78 -16.01 -16.90
N LEU B 482 30.04 -17.01 -16.46
CA LEU B 482 29.99 -18.26 -17.21
C LEU B 482 29.39 -18.00 -18.59
N ILE B 483 28.33 -17.22 -18.65
CA ILE B 483 27.68 -16.93 -19.92
C ILE B 483 28.59 -16.19 -20.88
N VAL B 484 29.27 -15.17 -20.39
CA VAL B 484 30.16 -14.38 -21.24
C VAL B 484 31.30 -15.24 -21.72
N ALA B 485 31.83 -16.09 -20.84
CA ALA B 485 32.95 -16.93 -21.20
C ALA B 485 32.55 -17.86 -22.31
N LEU B 486 31.33 -18.40 -22.24
CA LEU B 486 30.83 -19.28 -23.28
C LEU B 486 30.65 -18.60 -24.63
N THR B 487 30.25 -17.33 -24.67
CA THR B 487 29.99 -16.74 -25.98
C THR B 487 30.81 -15.52 -26.38
N PHE B 488 30.82 -14.46 -25.58
CA PHE B 488 31.57 -13.28 -25.98
C PHE B 488 33.06 -13.56 -26.08
N THR B 489 33.58 -14.22 -25.05
CA THR B 489 35.01 -14.50 -25.00
C THR B 489 35.55 -15.37 -26.13
N PRO B 490 34.80 -16.40 -26.59
CA PRO B 490 35.20 -17.22 -27.73
C PRO B 490 35.04 -16.54 -29.04
N ALA B 491 34.39 -15.39 -29.07
CA ALA B 491 34.12 -14.74 -30.32
C ALA B 491 35.32 -13.89 -30.53
N LEU B 492 35.72 -13.20 -29.47
CA LEU B 492 36.89 -12.36 -29.53
C LEU B 492 38.14 -13.18 -29.77
N CYS B 493 38.19 -14.36 -29.14
CA CYS B 493 39.34 -15.23 -29.26
C CYS B 493 39.45 -15.60 -30.70
N ALA B 494 38.31 -15.85 -31.30
CA ALA B 494 38.28 -16.24 -32.70
C ALA B 494 38.76 -15.16 -33.64
N THR B 495 38.40 -13.91 -33.37
CA THR B 495 38.72 -12.86 -34.31
C THR B 495 40.00 -12.12 -34.02
N ILE B 496 40.15 -11.60 -32.82
CA ILE B 496 41.29 -10.76 -32.51
C ILE B 496 42.61 -11.52 -32.57
N LEU B 497 42.68 -12.66 -31.87
CA LEU B 497 43.93 -13.39 -31.84
C LEU B 497 44.31 -13.78 -33.26
N LYS B 498 45.59 -13.64 -33.59
CA LYS B 498 46.04 -13.95 -34.94
C LYS B 498 46.69 -15.31 -35.04
N GLN B 499 46.66 -15.91 -36.23
CA GLN B 499 47.19 -17.25 -36.41
C GLN B 499 48.68 -17.33 -36.12
N HIS B 500 49.08 -18.34 -35.35
CA HIS B 500 50.50 -18.53 -35.08
C HIS B 500 51.17 -19.08 -36.32
N ASP B 501 52.41 -18.67 -36.55
CA ASP B 501 53.15 -19.13 -37.72
C ASP B 501 54.17 -20.16 -37.29
N PRO B 502 54.29 -21.24 -38.06
CA PRO B 502 55.28 -22.27 -37.74
C PRO B 502 56.68 -21.70 -37.75
N ASN B 503 56.98 -20.87 -38.74
CA ASN B 503 58.28 -20.22 -38.78
C ASN B 503 58.06 -18.74 -38.58
N LYS B 504 58.63 -18.19 -37.52
CA LYS B 504 58.48 -16.77 -37.25
C LYS B 504 59.84 -16.15 -37.13
N GLU B 505 59.90 -14.82 -37.16
CA GLU B 505 61.16 -14.16 -36.95
C GLU B 505 61.61 -14.43 -35.52
N PRO B 506 62.89 -14.75 -35.33
CA PRO B 506 63.39 -14.97 -33.97
C PRO B 506 63.90 -13.68 -33.37
N SER B 507 63.82 -12.58 -34.12
CA SER B 507 64.33 -11.31 -33.64
C SER B 507 63.58 -10.85 -32.41
N ASN B 508 64.30 -10.29 -31.45
CA ASN B 508 63.67 -9.82 -30.21
C ASN B 508 64.04 -8.40 -29.83
N ASN B 509 63.04 -7.60 -29.48
CA ASN B 509 63.29 -6.24 -29.04
C ASN B 509 63.78 -6.29 -27.60
N ILE B 510 64.28 -5.18 -27.07
CA ILE B 510 64.83 -5.20 -25.73
C ILE B 510 63.76 -5.64 -24.74
N PHE B 511 62.55 -5.14 -24.92
CA PHE B 511 61.44 -5.54 -24.05
C PHE B 511 61.19 -7.02 -24.21
N ALA B 512 61.24 -7.50 -25.45
CA ALA B 512 61.02 -8.92 -25.73
C ALA B 512 62.07 -9.79 -25.07
N ARG B 513 63.32 -9.35 -25.06
CA ARG B 513 64.39 -10.10 -24.42
C ARG B 513 64.12 -10.21 -22.94
N PHE B 514 63.63 -9.12 -22.33
CA PHE B 514 63.29 -9.17 -20.92
C PHE B 514 62.18 -10.18 -20.70
N PHE B 515 61.20 -10.21 -21.58
CA PHE B 515 60.12 -11.17 -21.45
C PHE B 515 60.66 -12.59 -21.56
N ARG B 516 61.60 -12.80 -22.46
CA ARG B 516 62.20 -14.12 -22.63
C ARG B 516 62.85 -14.58 -21.34
N SER B 517 63.65 -13.71 -20.72
CA SER B 517 64.36 -14.14 -19.53
C SER B 517 63.35 -14.35 -18.42
N PHE B 518 62.25 -13.61 -18.46
CA PHE B 518 61.20 -13.82 -17.46
C PHE B 518 60.63 -15.22 -17.63
N ASN B 519 60.41 -15.64 -18.87
CA ASN B 519 59.88 -16.97 -19.13
C ASN B 519 60.87 -18.03 -18.67
N ASN B 520 62.16 -17.80 -18.93
CA ASN B 520 63.19 -18.74 -18.50
C ASN B 520 63.22 -18.82 -16.99
N GLY B 521 63.06 -17.67 -16.36
CA GLY B 521 63.05 -17.58 -14.91
C GLY B 521 61.93 -18.43 -14.40
N PHE B 522 60.77 -18.27 -15.03
CA PHE B 522 59.59 -19.00 -14.61
C PHE B 522 59.82 -20.48 -14.78
N ASP B 523 60.56 -20.85 -15.81
CA ASP B 523 60.71 -22.27 -16.07
C ASP B 523 61.64 -22.87 -15.04
N ARG B 524 62.69 -22.15 -14.65
CA ARG B 524 63.52 -22.68 -13.58
C ARG B 524 62.70 -22.79 -12.29
N MET B 525 61.80 -21.82 -12.07
CA MET B 525 60.93 -21.86 -10.90
C MET B 525 60.02 -23.07 -11.00
N SER B 526 59.52 -23.34 -12.20
CA SER B 526 58.63 -24.47 -12.40
C SER B 526 59.36 -25.76 -12.11
N HIS B 527 60.61 -25.86 -12.54
CA HIS B 527 61.40 -27.04 -12.28
C HIS B 527 61.60 -27.23 -10.78
N SER B 528 61.89 -26.15 -10.07
CA SER B 528 62.08 -26.22 -8.62
C SER B 528 60.82 -26.73 -7.97
N TYR B 529 59.68 -26.19 -8.37
CA TYR B 529 58.40 -26.64 -7.85
C TYR B 529 58.18 -28.09 -8.24
N GLN B 530 58.55 -28.44 -9.47
CA GLN B 530 58.35 -29.80 -9.95
C GLN B 530 58.96 -30.85 -9.04
N ASN B 531 60.12 -30.56 -8.46
CA ASN B 531 60.77 -31.54 -7.60
C ASN B 531 60.27 -31.39 -6.17
N GLY B 532 59.82 -30.19 -5.81
CA GLY B 532 59.31 -29.95 -4.47
C GLY B 532 58.04 -30.72 -4.19
N VAL B 533 57.16 -30.83 -5.18
CA VAL B 533 55.93 -31.61 -5.02
C VAL B 533 56.22 -33.08 -4.85
N SER B 534 57.21 -33.60 -5.58
CA SER B 534 57.50 -35.03 -5.56
C SER B 534 58.28 -35.37 -4.34
N ARG B 535 59.04 -34.43 -3.81
CA ARG B 535 59.74 -34.68 -2.54
C ARG B 535 58.69 -34.92 -1.49
N MET B 536 57.64 -34.10 -1.49
CA MET B 536 56.57 -34.26 -0.52
C MET B 536 55.86 -35.60 -0.70
N LEU B 537 55.65 -36.01 -1.94
CA LEU B 537 54.98 -37.27 -2.22
C LEU B 537 55.77 -38.45 -1.68
N LYS B 538 57.09 -38.36 -1.77
CA LYS B 538 57.94 -39.47 -1.34
C LYS B 538 57.84 -39.74 0.14
N GLY B 539 57.79 -38.68 0.94
CA GLY B 539 57.72 -38.82 2.39
C GLY B 539 56.35 -39.15 2.93
N LYS B 540 55.34 -38.37 2.56
CA LYS B 540 53.94 -38.61 2.99
C LYS B 540 53.65 -38.30 4.46
N ILE B 541 54.36 -38.94 5.38
CA ILE B 541 54.13 -38.74 6.81
C ILE B 541 54.41 -37.29 7.19
N PHE B 542 55.47 -36.72 6.64
CA PHE B 542 55.83 -35.35 6.95
C PHE B 542 54.73 -34.38 6.54
N SER B 543 54.13 -34.62 5.39
CA SER B 543 53.05 -33.75 4.90
C SER B 543 51.88 -33.82 5.86
N GLY B 544 51.59 -35.00 6.38
CA GLY B 544 50.50 -35.16 7.34
C GLY B 544 50.74 -34.35 8.59
N VAL B 545 51.99 -34.27 9.02
CA VAL B 545 52.33 -33.54 10.24
C VAL B 545 52.22 -32.04 9.97
N LEU B 546 52.78 -31.60 8.86
CA LEU B 546 52.73 -30.19 8.51
C LEU B 546 51.29 -29.74 8.47
N TYR B 547 50.42 -30.57 7.90
CA TYR B 547 49.02 -30.21 7.79
C TYR B 547 48.40 -30.06 9.17
N ALA B 548 48.77 -30.95 10.09
CA ALA B 548 48.22 -30.89 11.43
C ALA B 548 48.61 -29.60 12.13
N VAL B 549 49.84 -29.15 11.90
CA VAL B 549 50.31 -27.91 12.52
C VAL B 549 49.46 -26.75 12.07
N VAL B 550 49.14 -26.70 10.79
CA VAL B 550 48.37 -25.60 10.26
C VAL B 550 46.99 -25.52 10.93
N VAL B 551 46.35 -26.67 11.10
CA VAL B 551 45.02 -26.69 11.70
C VAL B 551 45.08 -26.18 13.13
N ALA B 552 46.08 -26.62 13.88
CA ALA B 552 46.21 -26.21 15.27
C ALA B 552 46.44 -24.71 15.37
N LEU B 553 47.29 -24.18 14.49
CA LEU B 553 47.60 -22.76 14.51
C LEU B 553 46.34 -21.98 14.22
N LEU B 554 45.54 -22.46 13.29
CA LEU B 554 44.34 -21.74 12.91
C LEU B 554 43.41 -21.62 14.11
N VAL B 555 43.23 -22.72 14.84
CA VAL B 555 42.31 -22.70 15.97
C VAL B 555 42.80 -21.73 17.02
N PHE B 556 44.09 -21.78 17.33
CA PHE B 556 44.63 -20.91 18.37
C PHE B 556 44.51 -19.44 18.00
N LEU B 557 44.86 -19.13 16.75
CA LEU B 557 44.81 -17.75 16.30
C LEU B 557 43.39 -17.18 16.25
N PHE B 558 42.44 -18.00 15.82
CA PHE B 558 41.09 -17.49 15.67
C PHE B 558 40.52 -17.12 17.02
N GLN B 559 40.72 -17.99 18.01
CA GLN B 559 40.22 -17.70 19.36
C GLN B 559 40.82 -16.41 19.87
N LYS B 560 42.10 -16.20 19.58
CA LYS B 560 42.77 -14.99 20.04
C LYS B 560 42.17 -13.74 19.45
N LEU B 561 41.74 -13.80 18.20
CA LEU B 561 41.19 -12.62 17.55
C LEU B 561 39.92 -12.17 18.25
N PRO B 562 39.81 -10.87 18.55
CA PRO B 562 38.59 -10.36 19.19
C PRO B 562 37.42 -10.34 18.24
N SER B 563 36.19 -10.30 18.75
CA SER B 563 35.02 -10.22 17.89
C SER B 563 34.29 -8.88 17.93
N SER B 564 34.09 -8.26 16.77
CA SER B 564 33.37 -6.99 16.71
C SER B 564 32.30 -7.09 15.62
N PHE B 565 31.16 -6.42 15.78
CA PHE B 565 30.18 -6.35 14.69
C PHE B 565 30.43 -5.28 13.65
N LEU B 566 30.73 -4.05 14.04
CA LEU B 566 31.08 -3.06 13.02
C LEU B 566 32.40 -2.38 13.34
N PRO B 567 33.30 -2.29 12.35
CA PRO B 567 34.51 -1.56 12.71
C PRO B 567 34.23 -0.08 12.61
N GLU B 568 34.47 0.65 13.69
CA GLU B 568 34.16 2.08 13.71
C GLU B 568 35.17 2.92 12.95
N GLU B 569 34.70 3.95 12.27
CA GLU B 569 35.59 4.83 11.50
C GLU B 569 35.24 6.27 11.79
N ASP B 570 36.15 7.19 11.45
CA ASP B 570 35.90 8.61 11.66
C ASP B 570 34.78 9.08 10.76
N GLN B 571 33.83 9.83 11.32
CA GLN B 571 32.73 10.37 10.53
C GLN B 571 32.95 11.86 10.31
N GLY B 572 34.15 12.34 10.59
CA GLY B 572 34.43 13.77 10.47
C GLY B 572 33.65 14.70 11.37
N VAL B 573 32.85 14.16 12.30
CA VAL B 573 32.08 14.99 13.23
C VAL B 573 32.01 14.44 14.65
N VAL B 574 32.06 15.31 15.65
CA VAL B 574 31.94 14.86 17.04
C VAL B 574 30.88 15.69 17.78
N MET B 575 30.12 15.05 18.65
CA MET B 575 29.08 15.75 19.40
C MET B 575 29.39 15.77 20.88
N THR B 576 29.36 16.94 21.50
CA THR B 576 29.69 17.05 22.93
C THR B 576 28.46 17.39 23.75
N LEU B 577 28.19 16.61 24.80
CA LEU B 577 27.03 16.87 25.63
C LEU B 577 27.44 17.45 26.95
N VAL B 578 26.68 18.41 27.44
CA VAL B 578 27.01 19.07 28.70
C VAL B 578 25.86 19.01 29.70
N GLN B 579 26.16 18.82 30.98
CA GLN B 579 25.14 18.88 32.01
C GLN B 579 25.70 19.75 33.09
N LEU B 580 24.83 20.44 33.78
CA LEU B 580 25.27 21.33 34.79
C LEU B 580 24.61 20.89 36.10
N PRO B 581 25.01 21.48 37.24
CA PRO B 581 24.44 21.01 38.49
C PRO B 581 22.93 21.22 38.56
N PRO B 582 22.21 20.33 39.32
CA PRO B 582 20.77 20.62 39.49
C PRO B 582 20.30 22.01 39.83
N ASN B 583 19.15 22.38 39.29
CA ASN B 583 18.54 23.70 39.54
C ASN B 583 19.39 24.85 39.08
N ALA B 584 20.16 24.63 38.03
CA ALA B 584 21.05 25.66 37.54
C ALA B 584 20.31 26.52 36.56
N THR B 585 20.73 27.79 36.46
CA THR B 585 20.02 28.71 35.59
C THR B 585 20.70 28.71 34.22
N LEU B 586 20.00 29.18 33.20
CA LEU B 586 20.53 29.18 31.83
C LEU B 586 21.82 29.96 31.68
N ASP B 587 21.94 31.08 32.38
CA ASP B 587 23.13 31.90 32.26
C ASP B 587 24.33 31.08 32.60
N ARG B 588 24.21 30.19 33.57
CA ARG B 588 25.31 29.29 33.91
C ARG B 588 25.68 28.33 32.81
N THR B 589 24.69 27.76 32.14
CA THR B 589 24.94 26.80 31.10
C THR B 589 25.67 27.42 29.95
N GLY B 590 25.32 28.65 29.63
CA GLY B 590 25.98 29.36 28.56
C GLY B 590 27.43 29.59 28.82
N LYS B 591 27.77 29.92 30.06
CA LYS B 591 29.14 30.19 30.41
C LYS B 591 29.98 28.95 30.24
N VAL B 592 29.44 27.80 30.62
CA VAL B 592 30.12 26.54 30.43
C VAL B 592 30.28 26.21 28.96
N ILE B 593 29.23 26.47 28.19
CA ILE B 593 29.25 26.22 26.77
C ILE B 593 30.25 27.14 26.10
N ASP B 594 30.51 28.32 26.67
CA ASP B 594 31.40 29.21 25.96
C ASP B 594 32.84 28.85 26.24
N THR B 595 33.13 28.28 27.41
CA THR B 595 34.49 27.83 27.66
C THR B 595 34.78 26.61 26.81
N MET B 596 33.77 25.76 26.60
CA MET B 596 33.95 24.61 25.73
C MET B 596 34.22 25.08 24.32
N THR B 597 33.53 26.15 23.91
CA THR B 597 33.68 26.66 22.56
C THR B 597 35.08 27.17 22.34
N ASN B 598 35.61 27.93 23.30
CA ASN B 598 36.92 28.51 23.12
C ASN B 598 37.98 27.42 22.95
N PHE B 599 37.87 26.35 23.71
CA PHE B 599 38.84 25.27 23.62
C PHE B 599 38.82 24.66 22.23
N PHE B 600 37.64 24.36 21.72
CA PHE B 600 37.54 23.74 20.40
C PHE B 600 38.00 24.68 19.31
N MET B 601 37.68 25.96 19.44
CA MET B 601 38.14 26.94 18.46
C MET B 601 39.66 27.04 18.47
N ASN B 602 40.26 26.97 19.65
CA ASN B 602 41.71 27.06 19.76
C ASN B 602 42.42 25.92 19.06
N GLU B 603 41.91 24.70 19.16
CA GLU B 603 42.51 23.62 18.39
C GLU B 603 42.25 24.05 16.98
N LYS B 604 43.28 24.16 16.16
CA LYS B 604 43.04 24.68 14.83
C LYS B 604 43.00 23.60 13.78
N ASP B 605 44.02 22.76 13.75
CA ASP B 605 44.09 21.72 12.75
C ASP B 605 42.88 20.83 12.81
N THR B 606 42.55 20.30 13.98
CA THR B 606 41.33 19.52 14.05
C THR B 606 39.98 20.16 13.76
N VAL B 607 39.62 21.18 14.51
CA VAL B 607 38.27 21.75 14.38
C VAL B 607 38.03 22.88 13.41
N GLU B 608 37.05 22.73 12.53
CA GLU B 608 36.69 23.80 11.62
C GLU B 608 35.54 24.63 12.17
N SER B 609 34.50 23.98 12.69
CA SER B 609 33.32 24.70 13.18
C SER B 609 32.65 24.11 14.41
N ILE B 610 31.86 24.93 15.12
CA ILE B 610 31.09 24.45 16.26
C ILE B 610 29.73 25.13 16.32
N PHE B 611 28.66 24.35 16.45
CA PHE B 611 27.34 24.93 16.61
C PHE B 611 26.87 24.52 17.98
N THR B 612 26.47 25.48 18.79
CA THR B 612 26.09 25.16 20.16
C THR B 612 24.68 25.57 20.50
N VAL B 613 23.96 24.75 21.24
CA VAL B 613 22.63 25.16 21.69
C VAL B 613 22.58 25.08 23.20
N SER B 614 22.26 26.18 23.87
CA SER B 614 22.11 26.17 25.31
C SER B 614 20.67 25.85 25.60
N GLY B 615 20.43 24.94 26.54
CA GLY B 615 19.09 24.52 26.84
C GLY B 615 18.59 23.29 26.12
N PHE B 616 19.43 22.68 25.29
CA PHE B 616 19.00 21.51 24.54
C PHE B 616 19.93 20.37 24.67
N SER B 617 19.40 19.17 24.80
CA SER B 617 20.21 17.97 24.77
C SER B 617 19.26 16.85 24.55
N PHE B 618 19.74 15.73 24.06
CA PHE B 618 18.91 14.56 23.94
C PHE B 618 18.56 13.95 25.31
N THR B 619 19.52 13.90 26.22
CA THR B 619 19.25 13.40 27.56
C THR B 619 18.01 14.04 28.11
N GLY B 620 17.82 15.31 27.81
CA GLY B 620 16.64 16.04 28.22
C GLY B 620 16.68 17.48 27.79
N VAL B 621 15.55 18.17 27.83
CA VAL B 621 15.58 19.60 27.55
C VAL B 621 15.43 20.29 28.89
N GLY B 622 16.29 21.26 29.16
CA GLY B 622 16.22 22.01 30.40
C GLY B 622 17.36 22.98 30.49
N GLN B 623 17.25 23.99 31.33
CA GLN B 623 18.27 25.05 31.41
C GLN B 623 19.66 24.56 31.77
N ASN B 624 19.77 23.51 32.55
CA ASN B 624 21.08 23.01 33.01
C ASN B 624 21.71 22.12 31.97
N ALA B 625 20.97 21.80 30.93
CA ALA B 625 21.56 21.04 29.85
C ALA B 625 21.98 21.77 28.61
N GLY B 626 23.14 21.44 28.07
CA GLY B 626 23.52 21.98 26.78
C GLY B 626 24.03 20.97 25.77
N ILE B 627 24.26 21.38 24.53
CA ILE B 627 24.86 20.51 23.52
C ILE B 627 25.76 21.25 22.55
N GLY B 628 26.69 20.55 21.92
CA GLY B 628 27.59 21.18 20.95
C GLY B 628 27.95 20.26 19.81
N PHE B 629 27.86 20.76 18.58
CA PHE B 629 28.18 19.96 17.41
C PHE B 629 29.48 20.46 16.81
N VAL B 630 30.45 19.57 16.63
CA VAL B 630 31.76 19.98 16.13
C VAL B 630 32.07 19.31 14.81
N LYS B 631 32.51 20.08 13.83
CA LYS B 631 32.87 19.52 12.53
C LYS B 631 34.36 19.58 12.32
N LEU B 632 35.00 18.42 12.23
CA LEU B 632 36.44 18.36 12.02
C LEU B 632 36.80 18.72 10.60
N LYS B 633 38.06 19.07 10.37
CA LYS B 633 38.50 19.46 9.04
C LYS B 633 38.59 18.26 8.11
N ASP B 634 38.77 18.50 6.82
CA ASP B 634 38.78 17.41 5.85
C ASP B 634 39.76 16.29 6.20
N TRP B 635 39.43 15.07 5.80
CA TRP B 635 40.29 13.94 6.13
C TRP B 635 41.65 14.14 5.53
N SER B 636 41.70 14.73 4.34
CA SER B 636 42.98 14.85 3.68
C SER B 636 43.84 15.91 4.32
N LYS B 637 43.20 16.94 4.86
CA LYS B 637 43.96 17.99 5.53
C LYS B 637 44.68 17.47 6.77
N ARG B 638 44.02 16.62 7.54
CA ARG B 638 44.64 16.14 8.75
C ARG B 638 45.07 14.68 8.63
N THR B 639 46.36 14.45 8.52
CA THR B 639 46.87 13.09 8.37
C THR B 639 47.76 12.69 9.54
N THR B 640 48.18 13.67 10.32
CA THR B 640 49.06 13.37 11.47
C THR B 640 48.29 12.67 12.58
N PRO B 641 48.99 11.90 13.42
CA PRO B 641 48.34 11.18 14.53
C PRO B 641 47.66 12.11 15.52
N GLU B 642 48.27 13.25 15.80
CA GLU B 642 47.72 14.20 16.76
C GLU B 642 46.37 14.77 16.33
N THR B 643 46.11 14.84 15.04
CA THR B 643 44.87 15.45 14.54
C THR B 643 43.72 14.48 14.29
N GLN B 644 43.87 13.23 14.69
CA GLN B 644 42.80 12.24 14.51
C GLN B 644 41.64 12.40 15.47
N ILE B 645 40.48 11.85 15.12
CA ILE B 645 39.29 12.04 15.95
C ILE B 645 39.43 11.50 17.36
N GLY B 646 40.15 10.40 17.55
CA GLY B 646 40.20 9.83 18.88
C GLY B 646 41.13 10.63 19.74
N SER B 647 42.09 11.32 19.16
CA SER B 647 42.90 12.23 19.98
C SER B 647 42.08 13.41 20.47
N LEU B 648 41.18 13.90 19.63
CA LEU B 648 40.31 15.04 19.98
C LEU B 648 39.41 14.63 21.14
N ILE B 649 38.96 13.38 21.13
CA ILE B 649 38.10 12.89 22.19
C ILE B 649 38.84 12.92 23.51
N GLN B 650 40.13 12.62 23.48
CA GLN B 650 40.87 12.57 24.74
C GLN B 650 41.26 13.94 25.19
N ARG B 651 41.61 14.83 24.26
CA ARG B 651 41.85 16.21 24.68
C ARG B 651 40.57 16.81 25.24
N GLY B 652 39.45 16.50 24.61
CA GLY B 652 38.16 16.99 25.08
C GLY B 652 37.80 16.46 26.44
N MET B 653 38.21 15.23 26.74
CA MET B 653 37.86 14.63 28.01
C MET B 653 38.59 15.35 29.14
N ALA B 654 39.71 15.98 28.81
CA ALA B 654 40.44 16.75 29.81
C ALA B 654 39.61 17.92 30.28
N LEU B 655 38.78 18.46 29.41
CA LEU B 655 38.01 19.66 29.72
C LEU B 655 37.08 19.55 30.92
N ASN B 656 36.45 18.40 31.16
CA ASN B 656 35.50 18.34 32.25
C ASN B 656 36.17 18.66 33.58
N MET B 657 37.42 18.26 33.77
CA MET B 657 38.12 18.61 34.99
C MET B 657 38.43 20.09 34.94
N ILE B 658 38.94 20.57 33.81
CA ILE B 658 39.17 22.01 33.64
C ILE B 658 38.03 22.88 34.17
N ILE B 659 36.82 22.66 33.64
CA ILE B 659 35.68 23.49 34.04
C ILE B 659 35.01 22.94 35.28
N LYS B 660 35.08 23.69 36.36
CA LYS B 660 34.52 23.23 37.63
C LYS B 660 33.00 23.07 37.68
N ASP B 661 32.25 24.08 37.26
CA ASP B 661 30.80 24.01 37.41
C ASP B 661 30.01 22.88 36.74
N ALA B 662 30.30 22.56 35.50
CA ALA B 662 29.50 21.56 34.81
C ALA B 662 29.64 20.18 35.40
N SER B 663 28.54 19.48 35.52
CA SER B 663 28.56 18.15 36.10
C SER B 663 29.40 17.23 35.23
N TYR B 664 29.26 17.32 33.92
CA TYR B 664 30.07 16.51 33.02
C TYR B 664 30.12 17.11 31.64
N VAL B 665 31.28 17.02 30.98
CA VAL B 665 31.30 17.47 29.59
C VAL B 665 31.88 16.26 28.89
N MET B 666 31.12 15.61 28.02
CA MET B 666 31.61 14.40 27.37
C MET B 666 31.59 14.46 25.84
N PRO B 667 32.75 14.22 25.22
CA PRO B 667 32.76 14.18 23.76
C PRO B 667 32.43 12.79 23.27
N LEU B 668 31.45 12.62 22.38
CA LEU B 668 31.20 11.29 21.85
C LEU B 668 31.14 11.22 20.32
N GLN B 669 31.90 10.30 19.72
CA GLN B 669 31.92 10.12 18.27
C GLN B 669 30.65 9.44 17.78
N LEU B 670 30.19 9.77 16.58
CA LEU B 670 28.92 9.21 16.14
C LEU B 670 28.91 7.65 15.96
N PRO B 671 27.84 6.95 16.43
CA PRO B 671 27.87 5.50 16.19
C PRO B 671 27.96 5.07 14.73
N ALA B 672 28.55 3.91 14.48
CA ALA B 672 28.75 3.45 13.12
C ALA B 672 27.41 3.35 12.43
N MET B 673 26.41 2.86 13.14
CA MET B 673 25.07 2.84 12.56
C MET B 673 24.37 4.07 13.12
N PRO B 674 23.73 4.85 12.25
CA PRO B 674 23.12 6.11 12.69
C PRO B 674 21.71 5.91 13.20
N GLU B 675 20.98 4.93 12.69
CA GLU B 675 19.66 4.63 13.23
C GLU B 675 19.67 4.16 14.67
N LEU B 676 20.84 3.83 15.20
CA LEU B 676 20.93 3.29 16.56
C LEU B 676 21.75 4.14 17.53
N GLY B 677 21.11 4.62 18.59
CA GLY B 677 21.80 5.46 19.57
C GLY B 677 22.32 4.67 20.76
N VAL B 678 22.21 3.35 20.70
CA VAL B 678 22.64 2.50 21.82
C VAL B 678 24.12 2.59 22.16
N THR B 679 24.96 2.94 21.17
CA THR B 679 26.41 3.02 21.36
C THR B 679 27.05 1.74 21.86
N ALA B 680 26.59 0.60 21.35
CA ALA B 680 27.17 -0.70 21.72
C ALA B 680 27.18 -0.96 23.21
N GLY B 681 26.11 -0.56 23.89
CA GLY B 681 26.03 -0.77 25.32
C GLY B 681 24.79 -1.56 25.62
N PHE B 682 24.87 -2.52 26.52
CA PHE B 682 23.64 -3.22 26.88
C PHE B 682 22.67 -2.23 27.50
N ASN B 683 21.41 -2.29 27.07
CA ASN B 683 20.43 -1.36 27.58
C ASN B 683 19.47 -2.13 28.46
N LEU B 684 19.38 -1.72 29.71
CA LEU B 684 18.50 -2.42 30.63
C LEU B 684 17.43 -1.45 31.03
N GLN B 685 16.19 -1.87 30.92
CA GLN B 685 15.09 -1.02 31.31
C GLN B 685 14.56 -1.57 32.61
N LEU B 686 14.99 -1.01 33.73
CA LEU B 686 14.43 -1.45 35.00
C LEU B 686 12.99 -1.00 34.97
N LYS B 687 12.04 -1.92 35.04
CA LYS B 687 10.66 -1.51 34.91
C LYS B 687 9.89 -1.80 36.16
N ASP B 688 9.27 -0.77 36.73
CA ASP B 688 8.50 -0.96 37.93
C ASP B 688 7.18 -1.47 37.42
N SER B 689 6.93 -2.75 37.61
CA SER B 689 5.70 -3.35 37.10
C SER B 689 4.67 -3.47 38.21
N SER B 690 5.11 -3.38 39.45
CA SER B 690 4.21 -3.52 40.58
C SER B 690 3.72 -2.19 41.14
N GLY B 691 4.05 -1.10 40.46
CA GLY B 691 3.64 0.21 40.92
C GLY B 691 4.16 0.62 42.28
N GLN B 692 5.40 0.24 42.59
CA GLN B 692 6.00 0.63 43.86
C GLN B 692 6.14 2.14 43.98
N GLY B 693 6.49 2.80 42.87
CA GLY B 693 6.64 4.25 42.85
C GLY B 693 7.98 4.72 42.35
N HIS B 694 8.14 6.03 42.10
CA HIS B 694 9.37 6.53 41.50
C HIS B 694 10.53 6.50 42.47
N GLU B 695 10.30 6.88 43.72
CA GLU B 695 11.37 6.85 44.70
C GLU B 695 11.80 5.43 44.98
N LYS B 696 10.88 4.48 44.86
CA LYS B 696 11.25 3.08 45.04
C LYS B 696 11.96 2.55 43.81
N LEU B 697 11.55 3.01 42.63
CA LEU B 697 12.24 2.60 41.41
C LEU B 697 13.66 3.11 41.42
N ILE B 698 13.86 4.34 41.88
CA ILE B 698 15.21 4.90 41.97
C ILE B 698 16.04 4.11 42.97
N ALA B 699 15.42 3.73 44.09
CA ALA B 699 16.13 2.95 45.10
C ALA B 699 16.66 1.68 44.49
N ALA B 700 15.82 1.01 43.72
CA ALA B 700 16.22 -0.24 43.08
C ALA B 700 17.37 0.00 42.12
N ARG B 701 17.32 1.09 41.38
CA ARG B 701 18.36 1.38 40.42
C ARG B 701 19.66 1.54 41.15
N ASN B 702 19.63 2.21 42.29
CA ASN B 702 20.86 2.45 43.03
C ASN B 702 21.50 1.15 43.48
N THR B 703 20.68 0.20 43.94
CA THR B 703 21.21 -1.10 44.36
C THR B 703 21.83 -1.81 43.17
N ILE B 704 21.18 -1.75 42.02
CA ILE B 704 21.71 -2.38 40.81
C ILE B 704 23.02 -1.78 40.36
N LEU B 705 23.18 -0.47 40.51
CA LEU B 705 24.38 0.15 39.97
C LEU B 705 25.54 -0.09 40.89
N GLY B 706 25.28 -0.38 42.16
CA GLY B 706 26.36 -0.72 43.07
C GLY B 706 27.01 -2.05 42.72
N LEU B 707 26.19 -3.09 42.57
CA LEU B 707 26.74 -4.41 42.31
C LEU B 707 27.42 -4.44 40.96
N ALA B 708 26.91 -3.66 40.01
CA ALA B 708 27.50 -3.64 38.67
C ALA B 708 28.89 -3.07 38.67
N SER B 709 29.10 -2.00 39.42
CA SER B 709 30.41 -1.39 39.49
C SER B 709 31.36 -2.39 40.13
N GLN B 710 30.90 -3.11 41.14
CA GLN B 710 31.71 -4.11 41.80
C GLN B 710 32.11 -5.24 40.86
N ASP B 711 31.17 -5.71 40.03
CA ASP B 711 31.46 -6.80 39.11
C ASP B 711 32.48 -6.43 38.05
N LYS B 712 33.53 -7.22 37.92
CA LYS B 712 34.61 -6.89 36.99
C LYS B 712 34.20 -6.91 35.54
N ARG B 713 33.28 -7.79 35.19
CA ARG B 713 32.83 -7.90 33.82
C ARG B 713 32.18 -6.62 33.31
N LEU B 714 31.38 -5.99 34.15
CA LEU B 714 30.66 -4.78 33.74
C LEU B 714 31.48 -3.49 33.81
N VAL B 715 31.57 -2.75 32.71
CA VAL B 715 32.32 -1.51 32.69
C VAL B 715 31.44 -0.32 32.34
N GLY B 716 31.55 0.78 33.08
CA GLY B 716 30.80 1.98 32.74
C GLY B 716 29.29 1.89 32.60
N VAL B 717 28.62 1.26 33.55
CA VAL B 717 27.18 1.16 33.49
C VAL B 717 26.58 2.43 34.06
N ARG B 718 26.05 3.29 33.18
CA ARG B 718 25.55 4.58 33.63
C ARG B 718 24.03 4.86 33.49
N PRO B 719 23.38 5.49 34.52
CA PRO B 719 21.98 5.84 34.28
C PRO B 719 21.82 6.78 33.10
N ASN B 720 20.91 6.46 32.19
CA ASN B 720 20.66 7.29 31.01
C ASN B 720 20.00 8.67 31.16
N GLY B 721 19.03 8.82 32.06
CA GLY B 721 18.30 10.09 32.10
C GLY B 721 18.72 11.16 33.08
N GLN B 722 17.76 11.84 33.72
CA GLN B 722 18.14 12.98 34.55
C GLN B 722 17.76 12.77 36.00
N GLU B 723 18.67 13.06 36.92
CA GLU B 723 18.43 12.84 38.34
C GLU B 723 17.42 13.78 38.98
N ASP B 724 16.85 13.38 40.11
CA ASP B 724 15.84 14.19 40.77
C ASP B 724 16.37 15.53 41.23
N THR B 725 15.56 16.57 41.13
CA THR B 725 15.99 17.91 41.48
C THR B 725 14.98 18.51 42.45
N PRO B 726 15.44 19.44 43.33
CA PRO B 726 14.42 20.00 44.21
C PRO B 726 13.40 20.88 43.52
N GLN B 727 12.13 20.73 43.86
CA GLN B 727 11.05 21.51 43.27
C GLN B 727 10.29 22.22 44.36
N TYR B 728 9.55 23.28 44.00
CA TYR B 728 8.83 24.04 45.00
C TYR B 728 7.34 23.87 44.95
N GLN B 729 6.74 23.60 46.10
CA GLN B 729 5.31 23.38 46.19
C GLN B 729 4.54 24.52 46.78
N ILE B 730 3.41 24.87 46.15
CA ILE B 730 2.56 25.92 46.67
C ILE B 730 1.36 25.25 47.28
N ASN B 731 1.02 25.58 48.51
CA ASN B 731 -0.09 24.96 49.21
C ASN B 731 -1.12 25.99 49.63
N VAL B 732 -2.37 25.86 49.18
CA VAL B 732 -3.35 26.91 49.46
C VAL B 732 -4.41 26.46 50.46
N ASP B 733 -4.57 27.18 51.57
CA ASP B 733 -5.53 26.75 52.57
C ASP B 733 -6.96 27.02 52.13
N GLN B 734 -7.75 25.96 52.00
CA GLN B 734 -9.13 26.07 51.60
C GLN B 734 -9.91 26.93 52.58
N ALA B 735 -9.65 26.74 53.88
CA ALA B 735 -10.42 27.47 54.88
C ALA B 735 -10.23 28.96 54.81
N GLN B 736 -8.99 29.41 54.66
CA GLN B 736 -8.73 30.84 54.57
C GLN B 736 -9.35 31.42 53.32
N ALA B 737 -9.24 30.71 52.21
CA ALA B 737 -9.81 31.19 50.96
C ALA B 737 -11.31 31.31 51.06
N GLY B 738 -11.95 30.31 51.67
CA GLY B 738 -13.40 30.35 51.83
C GLY B 738 -13.83 31.49 52.72
N ALA B 739 -13.07 31.75 53.76
CA ALA B 739 -13.42 32.81 54.70
C ALA B 739 -13.32 34.18 54.04
N MET B 740 -12.31 34.37 53.20
CA MET B 740 -12.11 35.68 52.59
C MET B 740 -12.87 35.77 51.28
N GLY B 741 -13.55 34.70 50.90
CA GLY B 741 -14.37 34.73 49.70
C GLY B 741 -13.68 34.45 48.38
N VAL B 742 -12.42 34.08 48.44
CA VAL B 742 -11.69 33.85 47.20
C VAL B 742 -11.98 32.43 46.72
N SER B 743 -12.46 32.29 45.50
CA SER B 743 -12.69 30.96 44.93
C SER B 743 -11.45 30.29 44.42
N ILE B 744 -11.41 28.97 44.51
CA ILE B 744 -10.23 28.20 44.13
C ILE B 744 -9.98 28.14 42.65
N ALA B 745 -10.94 28.55 41.85
CA ALA B 745 -10.79 28.54 40.41
C ALA B 745 -10.18 29.86 40.07
N GLU B 746 -10.48 30.89 40.86
CA GLU B 746 -9.81 32.17 40.63
C GLU B 746 -8.36 32.08 41.06
N ILE B 747 -8.13 31.50 42.22
CA ILE B 747 -6.77 31.37 42.68
C ILE B 747 -5.98 30.62 41.65
N ASN B 748 -6.48 29.50 41.18
CA ASN B 748 -5.74 28.66 40.24
C ASN B 748 -5.43 29.37 38.93
N ASN B 749 -6.28 30.28 38.48
CA ASN B 749 -6.03 30.87 37.17
C ASN B 749 -5.10 32.05 37.24
N THR B 750 -5.01 32.68 38.39
CA THR B 750 -4.09 33.79 38.52
C THR B 750 -2.70 33.23 38.43
N MET B 751 -2.45 32.13 39.13
CA MET B 751 -1.16 31.51 39.10
C MET B 751 -0.88 30.99 37.73
N ARG B 752 -1.89 30.42 37.12
CA ARG B 752 -1.69 29.85 35.81
C ARG B 752 -1.29 30.87 34.79
N ILE B 753 -1.99 32.00 34.66
CA ILE B 753 -1.57 33.07 33.75
C ILE B 753 -0.32 33.81 34.16
N ALA B 754 -0.13 34.03 35.45
CA ALA B 754 0.96 34.89 35.89
C ALA B 754 2.28 34.18 35.85
N TRP B 755 2.34 33.05 36.50
CA TRP B 755 3.56 32.25 36.46
C TRP B 755 3.81 31.47 35.17
N GLY B 756 2.77 30.94 34.52
CA GLY B 756 2.90 30.27 33.22
C GLY B 756 2.18 31.02 32.08
N GLY B 757 2.85 31.48 31.04
CA GLY B 757 2.15 32.24 30.03
C GLY B 757 1.01 31.55 29.33
N SER B 758 -0.10 32.22 29.19
CA SER B 758 -1.18 31.64 28.44
C SER B 758 -1.06 32.12 27.01
N TYR B 759 -1.35 31.27 26.04
CA TYR B 759 -1.38 31.72 24.66
C TYR B 759 -2.82 32.02 24.33
N ILE B 760 -3.16 33.30 24.33
CA ILE B 760 -4.51 33.76 24.02
C ILE B 760 -4.99 33.69 22.59
N ASN B 761 -4.43 34.54 21.74
CA ASN B 761 -4.94 34.69 20.39
C ASN B 761 -3.88 34.83 19.33
N ASP B 762 -4.23 35.41 18.19
CA ASP B 762 -3.30 35.53 17.09
C ASP B 762 -3.32 36.96 16.59
N PHE B 763 -2.26 37.38 15.93
CA PHE B 763 -2.18 38.73 15.39
C PHE B 763 -1.40 38.61 14.11
N VAL B 764 -1.44 39.63 13.27
CA VAL B 764 -0.75 39.52 11.99
C VAL B 764 0.47 40.40 11.96
N ASP B 765 1.62 39.80 11.68
CA ASP B 765 2.84 40.57 11.55
C ASP B 765 3.36 40.32 10.14
N ARG B 766 3.40 41.35 9.33
CA ARG B 766 3.83 41.24 7.93
C ARG B 766 3.27 40.07 7.13
N GLY B 767 1.95 39.94 7.08
CA GLY B 767 1.33 38.90 6.30
C GLY B 767 1.48 37.51 6.83
N ARG B 768 1.83 37.39 8.11
CA ARG B 768 1.94 36.09 8.73
C ARG B 768 1.20 36.14 10.02
N VAL B 769 0.45 35.10 10.34
CA VAL B 769 -0.26 35.04 11.59
C VAL B 769 0.72 34.59 12.66
N LYS B 770 0.81 35.33 13.76
CA LYS B 770 1.69 34.96 14.87
C LYS B 770 0.91 34.85 16.16
N LYS B 771 1.58 34.81 17.29
CA LYS B 771 0.89 34.57 18.57
C LYS B 771 0.99 35.66 19.61
N VAL B 772 0.05 35.68 20.55
CA VAL B 772 0.02 36.68 21.60
C VAL B 772 0.00 35.98 22.96
N TYR B 773 0.99 36.26 23.80
CA TYR B 773 1.08 35.60 25.09
C TYR B 773 1.02 36.58 26.23
N VAL B 774 0.31 36.24 27.30
CA VAL B 774 0.26 37.08 28.48
C VAL B 774 0.79 36.30 29.65
N GLN B 775 1.78 36.85 30.34
CA GLN B 775 2.37 36.22 31.48
C GLN B 775 2.71 37.39 32.32
N GLY B 776 2.95 37.20 33.60
CA GLY B 776 3.41 38.28 34.42
C GLY B 776 4.85 38.57 34.05
N ASP B 777 5.36 39.73 34.42
CA ASP B 777 6.75 40.08 34.15
C ASP B 777 7.73 39.31 35.02
N ALA B 778 9.03 39.39 34.71
CA ALA B 778 10.01 38.57 35.42
C ALA B 778 10.19 38.78 36.91
N GLY B 779 10.20 40.01 37.39
CA GLY B 779 10.47 40.25 38.79
C GLY B 779 9.43 39.56 39.62
N SER B 780 8.19 39.54 39.16
CA SER B 780 7.10 38.85 39.83
C SER B 780 7.24 37.33 39.93
N ARG B 781 7.87 36.70 38.96
CA ARG B 781 7.96 35.26 38.96
C ARG B 781 9.31 34.61 39.29
N MET B 782 10.33 35.40 39.59
CA MET B 782 11.66 34.81 39.84
C MET B 782 11.82 33.98 41.09
N MET B 783 11.31 34.45 42.21
CA MET B 783 11.53 33.78 43.49
C MET B 783 10.26 33.45 44.33
N PRO B 784 10.33 32.50 45.30
CA PRO B 784 9.17 32.17 46.15
C PRO B 784 8.31 33.28 46.74
N GLU B 785 8.92 34.38 47.15
CA GLU B 785 8.20 35.42 47.84
C GLU B 785 7.64 36.41 46.87
N ASP B 786 8.02 36.28 45.62
CA ASP B 786 7.49 37.14 44.61
C ASP B 786 6.03 36.79 44.41
N LEU B 787 5.67 35.56 44.75
CA LEU B 787 4.28 35.10 44.65
C LEU B 787 3.37 35.88 45.55
N ASN B 788 3.86 36.28 46.71
CA ASN B 788 3.02 37.00 47.65
C ASN B 788 2.49 38.30 47.06
N LYS B 789 3.24 38.92 46.16
CA LYS B 789 2.83 40.16 45.51
C LYS B 789 1.57 40.07 44.68
N TRP B 790 1.27 38.91 44.13
CA TRP B 790 0.03 38.72 43.39
C TRP B 790 -1.23 38.71 44.25
N TYR B 791 -2.31 39.29 43.75
CA TYR B 791 -3.57 39.38 44.49
C TYR B 791 -4.70 38.80 43.68
N VAL B 792 -5.70 38.25 44.35
CA VAL B 792 -6.87 37.75 43.66
C VAL B 792 -8.08 38.55 44.13
N ARG B 793 -9.14 38.63 43.33
CA ARG B 793 -10.39 39.29 43.71
C ARG B 793 -11.41 38.36 44.36
N ASN B 794 -12.13 38.85 45.37
CA ASN B 794 -13.12 38.02 46.08
C ASN B 794 -14.53 38.34 45.65
N ASN B 795 -15.54 37.74 46.27
CA ASN B 795 -16.91 37.95 45.86
C ASN B 795 -17.32 39.41 45.98
N LYS B 796 -16.92 40.04 47.07
CA LYS B 796 -17.15 41.45 47.29
C LYS B 796 -16.50 42.22 46.16
N GLY B 797 -15.40 41.70 45.63
CA GLY B 797 -14.64 42.42 44.63
C GLY B 797 -13.40 43.03 45.23
N GLU B 798 -13.21 42.85 46.52
CA GLU B 798 -12.01 43.33 47.19
C GLU B 798 -10.84 42.49 46.77
N MET B 799 -9.67 43.11 46.61
CA MET B 799 -8.48 42.39 46.24
C MET B 799 -7.87 41.77 47.47
N VAL B 800 -7.65 40.46 47.44
CA VAL B 800 -7.11 39.77 48.59
C VAL B 800 -5.68 39.30 48.32
N PRO B 801 -4.73 39.60 49.22
CA PRO B 801 -3.36 39.10 49.03
C PRO B 801 -3.19 37.59 48.88
N PHE B 802 -2.32 37.12 48.01
CA PHE B 802 -2.09 35.67 47.93
C PHE B 802 -1.56 35.20 49.23
N SER B 803 -0.69 35.99 49.82
CA SER B 803 -0.04 35.53 51.04
C SER B 803 -1.01 35.11 52.12
N ALA B 804 -2.14 35.80 52.24
CA ALA B 804 -3.06 35.49 53.30
C ALA B 804 -3.59 34.07 53.23
N PHE B 805 -3.92 33.61 52.03
CA PHE B 805 -4.45 32.25 51.89
C PHE B 805 -3.46 31.16 51.46
N ALA B 806 -2.20 31.50 51.21
CA ALA B 806 -1.28 30.49 50.69
C ALA B 806 0.09 30.43 51.34
N THR B 807 0.67 29.23 51.42
CA THR B 807 2.00 29.05 51.99
C THR B 807 2.85 28.28 50.99
N GLY B 808 4.06 27.91 51.38
CA GLY B 808 4.94 27.18 50.49
C GLY B 808 5.94 26.25 51.15
N GLU B 809 6.47 25.30 50.40
CA GLU B 809 7.50 24.38 50.90
C GLU B 809 8.33 23.71 49.80
N TRP B 810 9.59 23.42 50.08
CA TRP B 810 10.45 22.73 49.11
C TRP B 810 10.30 21.24 49.12
N THR B 811 10.59 20.58 48.00
CA THR B 811 10.38 19.14 47.89
C THR B 811 11.31 18.59 46.82
N TYR B 812 11.20 17.31 46.51
CA TYR B 812 12.03 16.77 45.43
C TYR B 812 11.14 16.20 44.33
N GLY B 813 11.61 16.27 43.08
CA GLY B 813 10.82 15.83 41.95
C GLY B 813 11.72 15.43 40.81
N SER B 814 11.15 14.92 39.73
CA SER B 814 11.92 14.53 38.55
C SER B 814 11.69 15.43 37.35
N PRO B 815 12.76 15.91 36.71
CA PRO B 815 12.66 16.70 35.47
C PRO B 815 12.16 15.91 34.26
N ARG B 816 12.57 14.64 34.11
CA ARG B 816 12.10 13.79 33.02
C ARG B 816 11.65 12.45 33.56
N LEU B 817 10.43 12.02 33.23
CA LEU B 817 9.91 10.74 33.68
C LEU B 817 9.77 9.80 32.51
N GLU B 818 10.33 8.60 32.60
CA GLU B 818 10.32 7.69 31.47
C GLU B 818 9.41 6.49 31.61
N ARG B 819 8.93 5.96 30.49
CA ARG B 819 8.03 4.81 30.49
C ARG B 819 8.38 3.78 29.40
N TYR B 820 8.33 2.49 29.72
CA TYR B 820 8.60 1.46 28.72
C TYR B 820 7.49 0.42 28.67
N ASN B 821 6.82 0.31 27.54
CA ASN B 821 5.69 -0.61 27.40
C ASN B 821 4.64 -0.39 28.46
N GLY B 822 4.28 0.86 28.71
CA GLY B 822 3.21 1.15 29.62
C GLY B 822 3.54 1.17 31.09
N VAL B 823 4.81 1.09 31.41
CA VAL B 823 5.14 1.02 32.82
C VAL B 823 6.34 1.92 33.15
N SER B 824 6.40 2.46 34.37
CA SER B 824 7.48 3.37 34.75
C SER B 824 8.84 2.72 34.62
N SER B 825 9.79 3.40 34.00
CA SER B 825 11.09 2.77 33.77
C SER B 825 12.33 3.63 33.87
N VAL B 826 13.47 3.02 34.16
CA VAL B 826 14.73 3.75 34.22
C VAL B 826 15.70 3.00 33.32
N ASN B 827 16.37 3.69 32.40
CA ASN B 827 17.31 3.04 31.49
C ASN B 827 18.71 3.01 32.05
N ILE B 828 19.39 1.88 31.96
CA ILE B 828 20.78 1.82 32.39
C ILE B 828 21.62 1.33 31.22
N GLN B 829 22.62 2.10 30.81
CA GLN B 829 23.43 1.72 29.65
C GLN B 829 24.86 1.42 30.04
N GLY B 830 25.34 0.23 29.71
CA GLY B 830 26.68 -0.16 30.10
C GLY B 830 27.42 -0.97 29.05
N THR B 831 28.74 -0.99 29.11
CA THR B 831 29.55 -1.72 28.14
C THR B 831 30.22 -2.94 28.73
N PRO B 832 30.18 -4.07 28.02
CA PRO B 832 30.87 -5.26 28.50
C PRO B 832 32.38 -5.09 28.48
N ALA B 833 33.09 -5.73 29.40
CA ALA B 833 34.56 -5.68 29.38
C ALA B 833 35.00 -6.37 28.12
N PRO B 834 36.10 -5.91 27.51
CA PRO B 834 36.46 -6.51 26.23
C PRO B 834 36.72 -8.01 26.35
N GLY B 835 37.37 -8.44 27.42
CA GLY B 835 37.62 -9.86 27.63
C GLY B 835 36.35 -10.66 27.79
N VAL B 836 35.39 -10.15 28.54
CA VAL B 836 34.12 -10.84 28.71
C VAL B 836 33.23 -10.76 27.46
N SER B 837 32.39 -11.77 27.25
CA SER B 837 31.49 -11.76 26.11
C SER B 837 30.34 -10.78 26.26
N SER B 838 29.79 -10.31 25.15
CA SER B 838 28.63 -9.42 25.22
C SER B 838 27.47 -10.17 25.84
N GLY B 839 27.31 -11.44 25.48
CA GLY B 839 26.26 -12.24 26.06
C GLY B 839 26.46 -12.41 27.55
N ASP B 840 27.69 -12.60 27.98
CA ASP B 840 27.98 -12.78 29.39
C ASP B 840 27.62 -11.54 30.20
N ALA B 841 27.91 -10.37 29.65
CA ALA B 841 27.59 -9.13 30.34
C ALA B 841 26.12 -9.09 30.68
N MET B 842 25.28 -9.48 29.74
CA MET B 842 23.84 -9.46 29.96
C MET B 842 23.49 -10.46 31.07
N LYS B 843 24.12 -11.62 31.06
CA LYS B 843 23.84 -12.62 32.07
C LYS B 843 24.22 -12.12 33.45
N ALA B 844 25.34 -11.42 33.54
CA ALA B 844 25.79 -10.89 34.82
C ALA B 844 24.80 -9.89 35.35
N MET B 845 24.26 -9.07 34.45
CA MET B 845 23.32 -8.04 34.88
C MET B 845 22.08 -8.68 35.47
N GLU B 846 21.61 -9.74 34.83
CA GLU B 846 20.41 -10.41 35.31
C GLU B 846 20.65 -11.02 36.68
N GLU B 847 21.88 -11.44 36.93
CA GLU B 847 22.23 -12.00 38.23
C GLU B 847 22.07 -10.94 39.31
N ILE B 848 22.50 -9.72 39.04
CA ILE B 848 22.33 -8.64 40.00
C ILE B 848 20.86 -8.38 40.26
N ILE B 849 20.07 -8.39 39.20
CA ILE B 849 18.64 -8.15 39.33
C ILE B 849 17.97 -9.23 40.19
N GLY B 850 18.49 -10.46 40.12
CA GLY B 850 17.83 -11.54 40.84
C GLY B 850 18.20 -11.51 42.30
N LYS B 851 19.26 -10.79 42.66
CA LYS B 851 19.59 -10.65 44.08
C LYS B 851 18.66 -9.65 44.76
N LEU B 852 17.87 -8.92 43.98
CA LEU B 852 17.03 -7.88 44.57
C LEU B 852 15.94 -8.30 45.54
N PRO B 853 15.23 -9.41 45.26
CA PRO B 853 14.21 -9.75 46.26
C PRO B 853 14.82 -10.05 47.62
N SER B 854 15.96 -10.74 47.65
CA SER B 854 16.64 -11.00 48.91
C SER B 854 17.07 -9.68 49.52
N MET B 855 17.51 -8.74 48.70
CA MET B 855 17.93 -7.43 49.18
C MET B 855 16.75 -6.68 49.78
N GLY B 856 15.53 -7.04 49.39
CA GLY B 856 14.35 -6.35 49.90
C GLY B 856 13.63 -5.46 48.91
N LEU B 857 14.09 -5.43 47.67
CA LEU B 857 13.38 -4.66 46.64
C LEU B 857 12.65 -5.63 45.73
N GLN B 858 11.35 -5.49 45.60
CA GLN B 858 10.57 -6.45 44.82
C GLN B 858 9.61 -5.82 43.83
N GLY B 859 9.26 -6.55 42.78
CA GLY B 859 8.33 -6.04 41.79
C GLY B 859 9.00 -5.30 40.66
N PHE B 860 10.29 -5.57 40.47
CA PHE B 860 11.03 -4.84 39.44
C PHE B 860 11.51 -5.71 38.29
N ASP B 861 10.80 -5.64 37.16
CA ASP B 861 11.17 -6.44 35.99
C ASP B 861 12.23 -5.78 35.13
N TYR B 862 12.82 -6.54 34.22
CA TYR B 862 13.81 -5.97 33.32
C TYR B 862 13.57 -6.37 31.89
N GLU B 863 13.83 -5.47 30.94
CA GLU B 863 13.71 -5.84 29.54
C GLU B 863 14.80 -5.20 28.71
N TRP B 864 15.56 -6.01 27.99
CA TRP B 864 16.61 -5.49 27.14
C TRP B 864 16.02 -4.84 25.91
N THR B 865 16.57 -3.70 25.49
CA THR B 865 16.07 -3.06 24.27
C THR B 865 17.14 -2.65 23.28
N GLY B 866 16.72 -2.04 22.17
CA GLY B 866 17.61 -1.44 21.20
C GLY B 866 18.43 -2.47 20.44
N LEU B 867 19.59 -2.08 19.94
CA LEU B 867 20.35 -3.01 19.11
C LEU B 867 20.83 -4.15 20.00
N SER B 868 20.91 -3.90 21.29
CA SER B 868 21.38 -4.93 22.20
C SER B 868 20.48 -6.14 22.05
N LEU B 869 19.17 -5.94 22.11
CA LEU B 869 18.25 -7.05 22.01
C LEU B 869 18.40 -7.79 20.69
N GLU B 870 18.50 -7.03 19.60
CA GLU B 870 18.63 -7.64 18.27
C GLU B 870 19.92 -8.42 18.06
N GLU B 871 21.06 -7.90 18.51
CA GLU B 871 22.33 -8.55 18.24
C GLU B 871 22.46 -9.92 18.86
N ARG B 872 21.97 -10.08 20.08
CA ARG B 872 22.09 -11.35 20.79
C ARG B 872 21.59 -12.49 19.93
N GLU B 873 20.39 -12.36 19.38
CA GLU B 873 19.79 -13.41 18.57
C GLU B 873 20.59 -13.72 17.31
N SER B 874 21.15 -12.69 16.67
CA SER B 874 21.85 -12.87 15.39
C SER B 874 23.09 -13.77 15.34
N GLY B 875 23.94 -13.74 16.35
CA GLY B 875 25.18 -14.50 16.32
C GLY B 875 25.19 -16.02 16.21
N ALA B 876 24.29 -16.69 16.93
CA ALA B 876 24.25 -18.16 16.93
C ALA B 876 24.10 -18.81 15.56
N GLN B 877 23.39 -18.17 14.65
CA GLN B 877 23.11 -18.75 13.33
C GLN B 877 24.30 -19.03 12.41
N ALA B 878 25.32 -18.19 12.43
CA ALA B 878 26.42 -18.33 11.46
C ALA B 878 27.21 -19.64 11.38
N PRO B 879 27.53 -20.30 12.54
CA PRO B 879 28.16 -21.62 12.42
C PRO B 879 27.52 -22.57 11.42
N PHE B 880 26.20 -22.76 11.52
CA PHE B 880 25.53 -23.75 10.69
C PHE B 880 25.63 -23.53 9.19
N LEU B 881 25.56 -22.28 8.72
CA LEU B 881 25.72 -22.03 7.29
C LEU B 881 27.04 -22.57 6.77
N TYR B 882 28.11 -22.46 7.56
CA TYR B 882 29.41 -22.99 7.17
C TYR B 882 29.39 -24.50 7.03
N ALA B 883 28.54 -25.18 7.79
CA ALA B 883 28.52 -26.64 7.77
C ALA B 883 27.55 -27.11 6.73
N LEU B 884 26.58 -26.28 6.37
CA LEU B 884 25.68 -26.61 5.27
C LEU B 884 26.41 -26.46 3.96
N SER B 885 27.19 -25.41 3.82
CA SER B 885 27.90 -25.16 2.58
C SER B 885 28.80 -26.33 2.24
N LEU B 886 29.45 -26.90 3.23
CA LEU B 886 30.37 -28.00 2.99
C LEU B 886 29.67 -29.23 2.42
N LEU B 887 28.50 -29.56 2.94
CA LEU B 887 27.78 -30.71 2.44
C LEU B 887 27.39 -30.50 0.99
N ILE B 888 26.90 -29.31 0.66
CA ILE B 888 26.48 -29.03 -0.70
C ILE B 888 27.65 -29.08 -1.66
N VAL B 889 28.79 -28.52 -1.26
CA VAL B 889 29.95 -28.51 -2.14
C VAL B 889 30.46 -29.91 -2.40
N PHE B 890 30.42 -30.78 -1.40
CA PHE B 890 30.85 -32.15 -1.60
C PHE B 890 29.97 -32.85 -2.62
N LEU B 891 28.66 -32.63 -2.52
CA LEU B 891 27.74 -33.24 -3.46
C LEU B 891 27.99 -32.75 -4.88
N CYS B 892 28.23 -31.45 -5.02
CA CYS B 892 28.52 -30.90 -6.35
C CYS B 892 29.79 -31.48 -6.93
N LEU B 893 30.82 -31.60 -6.11
CA LEU B 893 32.08 -32.13 -6.59
C LEU B 893 31.87 -33.51 -7.14
N ALA B 894 31.17 -34.36 -6.40
CA ALA B 894 30.92 -35.73 -6.82
C ALA B 894 30.18 -35.88 -8.14
N ALA B 895 29.32 -34.94 -8.49
CA ALA B 895 28.55 -35.09 -9.70
C ALA B 895 29.43 -34.65 -10.81
N LEU B 896 30.39 -33.80 -10.51
CA LEU B 896 31.37 -33.39 -11.51
C LEU B 896 32.36 -34.48 -11.88
N TYR B 897 32.84 -35.24 -10.90
CA TYR B 897 33.81 -36.24 -11.22
C TYR B 897 33.25 -37.62 -11.36
N GLU B 898 32.03 -37.86 -10.87
CA GLU B 898 31.44 -39.19 -10.90
C GLU B 898 32.09 -40.12 -9.91
N SER B 899 32.77 -39.54 -8.93
CA SER B 899 33.43 -40.33 -7.93
C SER B 899 33.06 -39.82 -6.57
N TRP B 900 32.74 -40.70 -5.64
CA TRP B 900 32.50 -40.26 -4.28
C TRP B 900 33.75 -39.77 -3.60
N SER B 901 34.88 -40.40 -3.88
CA SER B 901 36.13 -40.05 -3.21
C SER B 901 36.92 -38.83 -3.69
N ILE B 902 37.10 -38.64 -5.01
CA ILE B 902 37.81 -37.47 -5.50
C ILE B 902 37.52 -36.15 -4.76
N PRO B 903 36.25 -35.90 -4.41
CA PRO B 903 35.89 -34.63 -3.77
C PRO B 903 36.64 -34.38 -2.47
N PHE B 904 37.00 -35.43 -1.76
CA PHE B 904 37.68 -35.26 -0.48
C PHE B 904 39.00 -34.51 -0.60
N SER B 905 39.78 -34.75 -1.66
CA SER B 905 41.02 -34.00 -1.84
C SER B 905 40.78 -32.49 -1.95
N VAL B 906 39.79 -32.10 -2.73
CA VAL B 906 39.45 -30.68 -2.86
C VAL B 906 38.98 -30.10 -1.53
N LEU B 907 38.21 -30.86 -0.78
CA LEU B 907 37.72 -30.41 0.52
C LEU B 907 38.86 -30.14 1.49
N LEU B 908 39.90 -30.96 1.44
CA LEU B 908 41.04 -30.81 2.35
C LEU B 908 41.73 -29.47 2.22
N VAL B 909 41.80 -28.93 1.01
CA VAL B 909 42.52 -27.68 0.79
C VAL B 909 41.96 -26.46 1.52
N VAL B 910 40.70 -26.51 1.96
CA VAL B 910 40.09 -25.31 2.54
C VAL B 910 40.78 -24.66 3.75
N PRO B 911 41.20 -25.44 4.78
CA PRO B 911 41.86 -24.70 5.87
C PRO B 911 43.14 -23.98 5.46
N LEU B 912 43.83 -24.44 4.42
CA LEU B 912 45.10 -23.83 4.04
C LEU B 912 44.88 -22.40 3.66
N GLY B 913 43.80 -22.13 2.94
CA GLY B 913 43.48 -20.77 2.56
C GLY B 913 43.15 -19.86 3.71
N VAL B 914 42.50 -20.38 4.73
CA VAL B 914 42.02 -19.50 5.79
C VAL B 914 43.06 -19.07 6.83
N ILE B 915 44.00 -19.95 7.13
CA ILE B 915 45.06 -19.60 8.09
C ILE B 915 45.74 -18.29 7.69
N GLY B 916 45.97 -18.07 6.40
CA GLY B 916 46.64 -16.86 5.97
C GLY B 916 45.87 -15.62 6.35
N ALA B 917 44.55 -15.67 6.24
CA ALA B 917 43.72 -14.54 6.64
C ALA B 917 43.81 -14.24 8.13
N ILE B 918 43.91 -15.28 8.96
CA ILE B 918 43.92 -15.09 10.41
C ILE B 918 45.35 -14.85 10.83
N VAL B 919 46.31 -15.00 9.92
CA VAL B 919 47.66 -14.57 10.25
C VAL B 919 47.87 -13.10 9.96
N LEU B 920 47.58 -12.67 8.73
CA LEU B 920 47.85 -11.29 8.38
C LEU B 920 47.05 -10.29 9.21
N THR B 921 45.77 -10.59 9.46
CA THR B 921 44.95 -9.70 10.26
C THR B 921 45.48 -9.61 11.68
N TYR B 922 45.83 -10.75 12.26
CA TYR B 922 46.36 -10.76 13.62
C TYR B 922 47.68 -10.04 13.71
N LEU B 923 48.55 -10.23 12.71
CA LEU B 923 49.84 -9.56 12.70
C LEU B 923 49.63 -8.06 12.60
N GLY B 924 48.67 -7.64 11.80
CA GLY B 924 48.39 -6.22 11.63
C GLY B 924 47.69 -5.62 12.82
N MET B 925 47.25 -6.46 13.74
CA MET B 925 46.53 -5.98 14.91
C MET B 925 47.52 -5.68 16.00
N ILE B 926 48.55 -6.51 16.13
CA ILE B 926 49.53 -6.35 17.19
C ILE B 926 50.49 -5.25 16.77
N ILE B 927 50.93 -5.32 15.52
CA ILE B 927 51.90 -4.36 15.00
C ILE B 927 51.31 -2.97 14.95
N LYS B 928 50.16 -2.86 14.29
CA LYS B 928 49.48 -1.58 14.23
C LYS B 928 48.77 -1.31 15.52
N GLY B 929 48.37 -0.07 15.75
CA GLY B 929 47.74 0.29 16.99
C GLY B 929 46.40 -0.30 17.40
N ASP B 930 45.32 0.13 16.77
CA ASP B 930 43.97 -0.22 17.19
C ASP B 930 43.43 -1.42 16.45
N PRO B 931 42.66 -2.30 17.14
CA PRO B 931 42.27 -3.53 16.43
C PRO B 931 41.14 -3.43 15.45
N ASN B 932 41.26 -2.57 14.44
CA ASN B 932 40.26 -2.56 13.37
C ASN B 932 40.49 -3.75 12.46
N LEU B 933 41.41 -4.62 12.87
CA LEU B 933 41.69 -5.83 12.10
C LEU B 933 41.12 -7.03 12.82
N SER B 934 40.07 -6.82 13.60
CA SER B 934 39.45 -7.90 14.38
C SER B 934 38.41 -8.62 13.55
N ASN B 935 37.83 -9.68 14.10
CA ASN B 935 36.76 -10.35 13.39
C ASN B 935 35.61 -9.40 13.30
N ASN B 936 35.08 -9.21 12.10
CA ASN B 936 33.91 -8.35 11.90
C ASN B 936 33.21 -8.89 10.67
N ILE B 937 32.09 -8.29 10.26
CA ILE B 937 31.35 -8.89 9.16
C ILE B 937 32.21 -8.88 7.89
N TYR B 938 33.10 -7.93 7.78
CA TYR B 938 34.01 -7.90 6.63
C TYR B 938 34.99 -9.06 6.65
N PHE B 939 35.50 -9.40 7.82
CA PHE B 939 36.44 -10.51 7.94
C PHE B 939 35.76 -11.76 7.45
N GLN B 940 34.53 -12.01 7.89
CA GLN B 940 33.86 -13.25 7.51
C GLN B 940 33.56 -13.36 6.03
N VAL B 941 33.11 -12.28 5.41
CA VAL B 941 32.85 -12.32 3.98
C VAL B 941 34.14 -12.58 3.22
N ALA B 942 35.25 -12.00 3.68
CA ALA B 942 36.54 -12.25 3.05
C ALA B 942 36.90 -13.71 3.19
N ILE B 943 36.61 -14.30 4.34
CA ILE B 943 36.93 -15.70 4.56
C ILE B 943 36.19 -16.58 3.57
N ILE B 944 34.92 -16.26 3.33
CA ILE B 944 34.13 -17.06 2.39
C ILE B 944 34.73 -16.98 0.99
N ALA B 945 35.21 -15.82 0.57
CA ALA B 945 35.85 -15.72 -0.73
C ALA B 945 37.18 -16.47 -0.81
N VAL B 946 37.94 -16.49 0.28
CA VAL B 946 39.20 -17.23 0.33
C VAL B 946 38.94 -18.72 0.17
N ILE B 947 37.85 -19.21 0.74
CA ILE B 947 37.51 -20.63 0.68
C ILE B 947 37.13 -20.95 -0.76
N GLY B 948 36.49 -20.01 -1.43
CA GLY B 948 36.14 -20.20 -2.83
C GLY B 948 37.32 -20.30 -3.76
N LEU B 949 38.27 -19.39 -3.61
CA LEU B 949 39.48 -19.38 -4.46
C LEU B 949 40.24 -20.68 -4.38
N SER B 950 40.44 -21.17 -3.16
CA SER B 950 41.22 -22.38 -2.96
C SER B 950 40.56 -23.51 -3.71
N ALA B 951 39.24 -23.50 -3.75
CA ALA B 951 38.49 -24.55 -4.41
C ALA B 951 38.66 -24.47 -5.92
N LYS B 952 38.48 -23.31 -6.50
CA LYS B 952 38.58 -23.20 -7.95
C LYS B 952 39.90 -23.75 -8.41
N ASN B 953 40.99 -23.32 -7.77
CA ASN B 953 42.31 -23.71 -8.21
C ASN B 953 42.49 -25.20 -8.09
N ALA B 954 42.02 -25.77 -6.98
CA ALA B 954 42.18 -27.19 -6.76
C ALA B 954 41.41 -27.99 -7.78
N ILE B 955 40.22 -27.54 -8.12
CA ILE B 955 39.38 -28.30 -9.03
C ILE B 955 40.04 -28.44 -10.38
N LEU B 956 40.64 -27.36 -10.86
CA LEU B 956 41.31 -27.40 -12.14
C LEU B 956 42.42 -28.43 -12.14
N ILE B 957 43.32 -28.36 -11.16
CA ILE B 957 44.46 -29.28 -11.16
C ILE B 957 44.02 -30.73 -11.05
N VAL B 958 43.07 -31.00 -10.17
CA VAL B 958 42.59 -32.37 -9.97
C VAL B 958 41.93 -32.92 -11.22
N GLU B 959 41.14 -32.08 -11.89
CA GLU B 959 40.45 -32.53 -13.08
C GLU B 959 41.44 -32.90 -14.16
N PHE B 960 42.47 -32.09 -14.32
CA PHE B 960 43.48 -32.37 -15.33
C PHE B 960 44.23 -33.65 -15.02
N ALA B 961 44.53 -33.86 -13.74
CA ALA B 961 45.23 -35.06 -13.33
C ALA B 961 44.40 -36.29 -13.61
N LYS B 962 43.11 -36.20 -13.35
CA LYS B 962 42.22 -37.33 -13.58
C LYS B 962 42.26 -37.75 -15.03
N GLU B 963 42.25 -36.78 -15.94
CA GLU B 963 42.28 -37.06 -17.37
C GLU B 963 43.53 -37.84 -17.75
N LEU B 964 44.69 -37.39 -17.29
CA LEU B 964 45.94 -38.05 -17.65
C LEU B 964 46.00 -39.43 -17.05
N GLN B 965 45.45 -39.58 -15.84
CA GLN B 965 45.41 -40.89 -15.20
C GLN B 965 44.53 -41.84 -15.99
N GLU B 966 43.52 -41.30 -16.67
CA GLU B 966 42.60 -42.15 -17.39
C GLU B 966 43.27 -42.53 -18.70
N LYS B 967 43.96 -41.57 -19.32
CA LYS B 967 44.75 -41.89 -20.51
C LYS B 967 45.64 -43.09 -20.22
N GLY B 968 46.20 -43.19 -19.02
CA GLY B 968 47.14 -44.26 -18.79
C GLY B 968 48.32 -43.93 -17.89
N GLU B 969 48.78 -42.69 -17.92
CA GLU B 969 49.97 -42.33 -17.16
C GLU B 969 49.73 -42.65 -15.71
N ASP B 970 50.76 -43.13 -15.03
CA ASP B 970 50.54 -43.58 -13.66
C ASP B 970 50.18 -42.43 -12.77
N LEU B 971 49.69 -42.68 -11.57
CA LEU B 971 49.20 -41.58 -10.77
C LEU B 971 50.27 -40.57 -10.39
N LEU B 972 51.46 -41.03 -10.01
CA LEU B 972 52.51 -40.07 -9.71
C LEU B 972 52.78 -39.21 -10.93
N ASP B 973 53.01 -39.83 -12.08
CA ASP B 973 53.33 -39.08 -13.28
C ASP B 973 52.19 -38.14 -13.67
N ALA B 974 50.95 -38.63 -13.58
CA ALA B 974 49.81 -37.81 -13.96
C ALA B 974 49.68 -36.58 -13.09
N THR B 975 49.84 -36.78 -11.79
CA THR B 975 49.70 -35.65 -10.87
C THR B 975 50.77 -34.61 -11.16
N LEU B 976 52.00 -35.08 -11.37
CA LEU B 976 53.09 -34.15 -11.62
C LEU B 976 52.90 -33.36 -12.91
N HIS B 977 52.48 -34.03 -13.96
CA HIS B 977 52.24 -33.38 -15.25
C HIS B 977 51.28 -32.20 -15.15
N ALA B 978 50.08 -32.46 -14.66
CA ALA B 978 49.05 -31.43 -14.57
C ALA B 978 49.40 -30.26 -13.66
N ALA B 979 50.05 -30.55 -12.54
CA ALA B 979 50.40 -29.49 -11.61
C ALA B 979 51.32 -28.53 -12.32
N LYS B 980 52.27 -29.06 -13.07
CA LYS B 980 53.17 -28.21 -13.84
C LYS B 980 52.45 -27.42 -14.91
N MET B 981 51.52 -28.06 -15.61
CA MET B 981 50.82 -27.40 -16.70
C MET B 981 49.96 -26.21 -16.28
N ARG B 982 49.31 -26.31 -15.13
CA ARG B 982 48.39 -25.26 -14.75
C ARG B 982 49.10 -24.27 -13.85
N LEU B 983 50.42 -24.32 -13.80
CA LEU B 983 51.14 -23.46 -12.87
C LEU B 983 51.06 -22.02 -13.33
N ARG B 984 51.13 -21.83 -14.64
CA ARG B 984 51.11 -20.47 -15.16
C ARG B 984 49.81 -19.73 -14.91
N PRO B 985 48.64 -20.37 -15.16
CA PRO B 985 47.48 -19.51 -14.90
C PRO B 985 47.11 -19.47 -13.43
N ILE B 986 47.43 -20.50 -12.66
CA ILE B 986 47.15 -20.43 -11.23
C ILE B 986 47.93 -19.28 -10.62
N ILE B 987 49.19 -19.14 -11.00
CA ILE B 987 50.02 -18.04 -10.48
C ILE B 987 49.55 -16.66 -10.90
N MET B 988 49.18 -16.52 -12.16
CA MET B 988 48.82 -15.18 -12.65
C MET B 988 47.58 -14.60 -11.98
N THR B 989 46.58 -15.44 -11.73
CA THR B 989 45.37 -14.94 -11.12
C THR B 989 45.70 -14.36 -9.75
N THR B 990 46.53 -15.06 -8.99
CA THR B 990 46.86 -14.61 -7.67
C THR B 990 47.59 -13.29 -7.68
N LEU B 991 48.53 -13.16 -8.61
CA LEU B 991 49.26 -11.91 -8.72
C LEU B 991 48.30 -10.81 -9.10
N ALA B 992 47.36 -11.10 -9.99
CA ALA B 992 46.44 -10.08 -10.46
C ALA B 992 45.55 -9.47 -9.40
N PHE B 993 44.96 -10.28 -8.51
CA PHE B 993 44.04 -9.67 -7.57
C PHE B 993 44.72 -9.21 -6.31
N GLY B 994 45.91 -9.74 -6.04
CA GLY B 994 46.62 -9.31 -4.87
C GLY B 994 46.98 -7.84 -5.00
N PHE B 995 47.34 -7.44 -6.22
CA PHE B 995 47.63 -6.02 -6.47
C PHE B 995 46.42 -5.17 -6.16
N GLY B 996 45.26 -5.53 -6.70
CA GLY B 996 44.04 -4.77 -6.49
C GLY B 996 43.57 -4.69 -5.05
N VAL B 997 43.70 -5.79 -4.32
CA VAL B 997 43.30 -5.81 -2.91
C VAL B 997 44.26 -4.98 -2.08
N LEU B 998 45.44 -4.69 -2.62
CA LEU B 998 46.44 -3.90 -1.90
C LEU B 998 45.93 -2.50 -1.55
N PRO B 999 45.24 -1.83 -2.49
CA PRO B 999 44.60 -0.56 -2.13
C PRO B 999 43.81 -0.68 -0.84
N LEU B 1000 42.94 -1.67 -0.75
CA LEU B 1000 42.11 -1.86 0.44
C LEU B 1000 43.00 -2.16 1.62
N ALA B 1001 44.06 -2.92 1.40
CA ALA B 1001 44.99 -3.27 2.48
C ALA B 1001 45.67 -2.06 3.04
N LEU B 1002 46.00 -1.08 2.20
CA LEU B 1002 46.60 0.14 2.70
C LEU B 1002 45.82 1.33 2.18
N SER B 1003 44.92 1.87 3.00
CA SER B 1003 44.05 2.96 2.57
C SER B 1003 44.05 4.10 3.58
N THR B 1004 43.67 5.29 3.16
CA THR B 1004 43.73 6.44 4.06
C THR B 1004 42.43 7.24 4.12
N GLY B 1005 41.86 7.45 5.31
CA GLY B 1005 40.68 8.30 5.40
C GLY B 1005 39.34 7.66 5.04
N ALA B 1006 38.24 8.29 5.44
CA ALA B 1006 36.90 7.78 5.16
C ALA B 1006 36.68 6.40 5.74
N GLY B 1007 36.15 5.48 4.95
CA GLY B 1007 35.86 4.15 5.48
C GLY B 1007 37.10 3.30 5.41
N ALA B 1008 38.18 3.76 6.02
CA ALA B 1008 39.43 3.01 5.99
C ALA B 1008 39.30 1.69 6.72
N GLY B 1009 38.62 1.69 7.86
CA GLY B 1009 38.53 0.48 8.66
C GLY B 1009 37.85 -0.67 7.95
N SER B 1010 36.77 -0.37 7.25
CA SER B 1010 36.06 -1.40 6.50
C SER B 1010 36.94 -1.94 5.40
N GLN B 1011 37.66 -1.06 4.73
CA GLN B 1011 38.53 -1.48 3.65
C GLN B 1011 39.72 -2.24 4.18
N HIS B 1012 40.37 -1.70 5.19
CA HIS B 1012 41.57 -2.35 5.72
C HIS B 1012 41.25 -3.77 6.12
N SER B 1013 40.12 -3.98 6.79
CA SER B 1013 39.81 -5.32 7.27
C SER B 1013 39.58 -6.31 6.15
N VAL B 1014 38.79 -5.92 5.15
CA VAL B 1014 38.58 -6.81 4.01
C VAL B 1014 39.86 -6.99 3.22
N GLY B 1015 40.63 -5.91 3.05
CA GLY B 1015 41.86 -5.99 2.29
C GLY B 1015 42.85 -6.93 2.90
N PHE B 1016 43.02 -6.83 4.22
CA PHE B 1016 43.99 -7.68 4.90
C PHE B 1016 43.60 -9.13 4.81
N GLY B 1017 42.33 -9.40 5.02
CA GLY B 1017 41.88 -10.78 5.02
C GLY B 1017 42.06 -11.43 3.67
N VAL B 1018 41.67 -10.74 2.61
CA VAL B 1018 41.83 -11.30 1.29
C VAL B 1018 43.29 -11.46 0.91
N LEU B 1019 44.10 -10.43 1.15
CA LEU B 1019 45.49 -10.52 0.72
C LEU B 1019 46.19 -11.64 1.47
N GLY B 1020 46.04 -11.68 2.78
CA GLY B 1020 46.69 -12.71 3.56
C GLY B 1020 46.22 -14.07 3.11
N GLY B 1021 44.91 -14.26 3.05
CA GLY B 1021 44.40 -15.55 2.70
C GLY B 1021 44.82 -16.02 1.33
N VAL B 1022 44.78 -15.15 0.33
CA VAL B 1022 45.10 -15.60 -1.01
C VAL B 1022 46.54 -16.05 -1.16
N LEU B 1023 47.48 -15.32 -0.58
CA LEU B 1023 48.89 -15.68 -0.72
C LEU B 1023 49.16 -17.02 -0.04
N SER B 1024 48.58 -17.27 1.12
CA SER B 1024 48.92 -18.50 1.81
C SER B 1024 48.20 -19.64 1.15
N ALA B 1025 47.00 -19.39 0.68
CA ALA B 1025 46.27 -20.43 -0.02
C ALA B 1025 47.03 -20.89 -1.25
N THR B 1026 47.55 -19.96 -2.03
CA THR B 1026 48.32 -20.35 -3.20
C THR B 1026 49.62 -21.05 -2.86
N PHE B 1027 50.41 -20.49 -1.95
CA PHE B 1027 51.72 -21.07 -1.67
C PHE B 1027 51.68 -22.44 -1.00
N LEU B 1028 50.86 -22.57 0.04
CA LEU B 1028 50.71 -23.86 0.68
C LEU B 1028 50.02 -24.81 -0.25
N GLY B 1029 49.01 -24.31 -0.96
CA GLY B 1029 48.23 -25.15 -1.83
C GLY B 1029 48.91 -25.79 -3.02
N ILE B 1030 49.79 -25.07 -3.69
CA ILE B 1030 50.39 -25.64 -4.89
C ILE B 1030 51.06 -26.95 -4.57
N PHE B 1031 51.90 -27.01 -3.55
CA PHE B 1031 52.47 -28.30 -3.15
C PHE B 1031 51.43 -29.28 -2.63
N PHE B 1032 50.53 -28.83 -1.76
CA PHE B 1032 49.55 -29.74 -1.13
C PHE B 1032 48.48 -30.41 -1.99
N ILE B 1033 47.92 -29.71 -2.97
CA ILE B 1033 46.82 -30.29 -3.75
C ILE B 1033 47.24 -31.55 -4.50
N PRO B 1034 48.42 -31.53 -5.18
CA PRO B 1034 48.85 -32.81 -5.75
C PRO B 1034 48.93 -33.89 -4.69
N VAL B 1035 49.56 -33.60 -3.56
CA VAL B 1035 49.75 -34.62 -2.54
C VAL B 1035 48.44 -35.18 -2.02
N PHE B 1036 47.46 -34.32 -1.81
CA PHE B 1036 46.17 -34.77 -1.31
C PHE B 1036 45.54 -35.72 -2.32
N TYR B 1037 45.63 -35.37 -3.60
CA TYR B 1037 45.02 -36.20 -4.63
C TYR B 1037 45.65 -37.58 -4.65
N VAL B 1038 46.96 -37.63 -4.51
CA VAL B 1038 47.62 -38.92 -4.56
C VAL B 1038 47.13 -39.77 -3.41
N TRP B 1039 46.99 -39.19 -2.23
CA TRP B 1039 46.58 -39.98 -1.08
C TRP B 1039 45.18 -40.55 -1.25
N ILE B 1040 44.22 -39.74 -1.66
CA ILE B 1040 42.84 -40.24 -1.76
C ILE B 1040 42.75 -41.26 -2.88
N ARG B 1041 43.47 -41.01 -3.97
CA ARG B 1041 43.46 -41.93 -5.10
C ARG B 1041 44.06 -43.27 -4.75
N SER B 1042 45.14 -43.26 -3.98
CA SER B 1042 45.74 -44.51 -3.55
C SER B 1042 44.81 -45.34 -2.65
N ILE B 1043 44.16 -44.68 -1.70
CA ILE B 1043 43.24 -45.39 -0.80
C ILE B 1043 42.04 -45.97 -1.52
N PHE B 1044 41.44 -45.19 -2.42
CA PHE B 1044 40.24 -45.65 -3.11
C PHE B 1044 40.52 -45.73 -4.59
N LYS B 1045 40.28 -46.89 -5.20
CA LYS B 1045 40.59 -47.10 -6.61
C LYS B 1045 42.07 -46.78 -6.86
N MET C 1 10.61 -22.35 -34.37
CA MET C 1 10.59 -22.41 -35.83
C MET C 1 9.21 -22.51 -36.40
N ALA C 2 9.07 -22.08 -37.64
CA ALA C 2 7.79 -22.24 -38.31
C ALA C 2 7.86 -23.57 -39.03
N GLN C 3 9.01 -24.20 -39.00
CA GLN C 3 9.13 -25.49 -39.60
C GLN C 3 8.57 -26.51 -38.64
N PHE C 4 8.61 -26.25 -37.34
CA PHE C 4 7.94 -27.14 -36.40
C PHE C 4 6.46 -27.12 -36.65
N PHE C 5 5.90 -25.93 -36.79
CA PHE C 5 4.45 -25.78 -36.95
C PHE C 5 3.87 -26.14 -38.30
N ILE C 6 4.68 -26.08 -39.35
CA ILE C 6 4.22 -26.46 -40.68
C ILE C 6 3.89 -27.93 -40.69
N HIS C 7 4.69 -28.72 -40.03
CA HIS C 7 4.47 -30.14 -39.97
C HIS C 7 3.52 -30.54 -38.87
N ARG C 8 3.11 -29.59 -38.06
CA ARG C 8 2.16 -29.85 -37.00
C ARG C 8 1.02 -28.86 -37.03
N PRO C 9 0.09 -29.02 -37.98
CA PRO C 9 -1.01 -28.04 -38.13
C PRO C 9 -1.93 -27.89 -36.93
N ILE C 10 -2.34 -28.97 -36.30
CA ILE C 10 -3.24 -28.95 -35.14
C ILE C 10 -2.65 -28.26 -33.89
N PHE C 11 -1.36 -28.39 -33.63
CA PHE C 11 -0.75 -27.72 -32.51
C PHE C 11 -0.95 -26.22 -32.71
N ALA C 12 -0.77 -25.73 -33.92
CA ALA C 12 -0.99 -24.32 -34.22
C ALA C 12 -2.42 -23.86 -34.07
N TRP C 13 -3.36 -24.69 -34.50
CA TRP C 13 -4.77 -24.38 -34.33
C TRP C 13 -5.14 -24.33 -32.88
N VAL C 14 -4.55 -25.20 -32.09
CA VAL C 14 -4.80 -25.20 -30.66
C VAL C 14 -4.31 -23.93 -29.99
N ILE C 15 -3.13 -23.47 -30.38
CA ILE C 15 -2.62 -22.22 -29.81
C ILE C 15 -3.52 -21.08 -30.19
N ALA C 16 -3.95 -21.05 -31.44
CA ALA C 16 -4.79 -19.98 -31.92
C ALA C 16 -6.07 -19.93 -31.15
N LEU C 17 -6.76 -21.06 -31.05
CA LEU C 17 -8.05 -21.11 -30.38
C LEU C 17 -8.00 -20.60 -28.96
N VAL C 18 -7.00 -21.03 -28.22
CA VAL C 18 -6.82 -20.58 -26.84
C VAL C 18 -6.63 -19.06 -26.73
N ILE C 19 -5.87 -18.45 -27.62
CA ILE C 19 -5.72 -17.01 -27.61
C ILE C 19 -7.07 -16.39 -27.85
N MET C 20 -7.79 -16.92 -28.82
CA MET C 20 -9.06 -16.37 -29.19
C MET C 20 -10.01 -16.48 -28.02
N LEU C 21 -9.86 -17.52 -27.22
CA LEU C 21 -10.81 -17.74 -26.15
C LEU C 21 -10.51 -16.77 -25.04
N ALA C 22 -9.24 -16.48 -24.81
CA ALA C 22 -8.91 -15.48 -23.84
C ALA C 22 -9.47 -14.12 -24.19
N GLY C 23 -9.39 -13.74 -25.45
CA GLY C 23 -9.90 -12.46 -25.87
C GLY C 23 -11.37 -12.37 -25.68
N ILE C 24 -12.09 -13.40 -26.10
CA ILE C 24 -13.53 -13.40 -25.99
C ILE C 24 -13.88 -13.26 -24.54
N LEU C 25 -13.27 -14.08 -23.70
CA LEU C 25 -13.54 -14.04 -22.27
C LEU C 25 -13.30 -12.65 -21.68
N THR C 26 -12.19 -12.02 -22.03
CA THR C 26 -11.83 -10.73 -21.43
C THR C 26 -12.77 -9.64 -21.85
N LEU C 27 -13.21 -9.68 -23.10
CA LEU C 27 -14.04 -8.60 -23.61
C LEU C 27 -15.36 -8.45 -22.83
N THR C 28 -15.93 -9.55 -22.41
CA THR C 28 -17.14 -9.50 -21.60
C THR C 28 -16.95 -8.78 -20.27
N LYS C 29 -15.84 -9.02 -19.60
CA LYS C 29 -15.57 -8.37 -18.32
C LYS C 29 -14.71 -7.12 -18.33
N MET C 30 -14.16 -6.70 -19.47
CA MET C 30 -13.21 -5.59 -19.50
C MET C 30 -13.86 -4.24 -19.24
N PRO C 31 -13.24 -3.44 -18.37
CA PRO C 31 -13.79 -2.11 -18.07
C PRO C 31 -13.83 -1.22 -19.29
N ILE C 32 -14.85 -0.38 -19.40
CA ILE C 32 -14.91 0.55 -20.51
C ILE C 32 -15.04 1.97 -19.99
N ALA C 33 -14.29 2.89 -20.57
CA ALA C 33 -14.33 4.31 -20.19
C ALA C 33 -13.99 5.21 -21.34
N GLN C 34 -14.17 6.50 -21.19
CA GLN C 34 -13.76 7.43 -22.25
C GLN C 34 -12.27 7.73 -22.22
N TYR C 35 -11.74 8.09 -21.06
CA TYR C 35 -10.34 8.42 -20.94
C TYR C 35 -9.70 7.68 -19.77
N PRO C 36 -8.42 7.34 -19.89
CA PRO C 36 -7.74 6.57 -18.84
C PRO C 36 -7.05 7.31 -17.69
N THR C 37 -7.72 8.04 -16.83
CA THR C 37 -7.07 8.67 -15.65
C THR C 37 -5.81 9.48 -15.91
N ILE C 38 -5.85 10.38 -16.87
CA ILE C 38 -4.69 11.17 -17.26
C ILE C 38 -4.18 12.18 -16.25
N ALA C 39 -5.09 12.88 -15.59
CA ALA C 39 -4.70 13.93 -14.66
C ALA C 39 -3.87 13.54 -13.46
N PRO C 40 -3.05 14.47 -12.99
CA PRO C 40 -2.22 14.20 -11.82
C PRO C 40 -3.06 14.06 -10.57
N PRO C 41 -2.58 13.32 -9.57
CA PRO C 41 -3.31 13.19 -8.31
C PRO C 41 -3.42 14.48 -7.49
N THR C 42 -4.63 14.98 -7.24
CA THR C 42 -4.81 16.20 -6.42
C THR C 42 -5.77 16.06 -5.22
N VAL C 43 -5.45 16.71 -4.12
CA VAL C 43 -6.33 16.69 -2.93
C VAL C 43 -6.84 18.07 -2.54
N THR C 44 -8.14 18.22 -2.33
CA THR C 44 -8.74 19.50 -1.90
C THR C 44 -9.29 19.62 -0.48
N ILE C 45 -8.95 20.68 0.24
CA ILE C 45 -9.55 20.95 1.56
C ILE C 45 -10.51 22.11 1.40
N ALA C 46 -11.74 21.94 1.86
CA ALA C 46 -12.75 22.98 1.80
C ALA C 46 -13.26 23.37 3.15
N ALA C 47 -13.34 24.67 3.42
CA ALA C 47 -13.83 25.16 4.69
C ALA C 47 -14.66 26.39 4.42
N THR C 48 -15.74 26.56 5.18
CA THR C 48 -16.55 27.76 5.04
C THR C 48 -16.61 28.59 6.32
N TYR C 49 -16.41 29.90 6.23
CA TYR C 49 -16.58 30.77 7.40
C TYR C 49 -17.71 31.68 7.02
N PRO C 50 -18.96 31.30 7.41
CA PRO C 50 -20.08 32.09 6.90
C PRO C 50 -20.21 33.52 7.41
N GLY C 51 -20.41 34.49 6.53
CA GLY C 51 -20.52 35.91 6.90
C GLY C 51 -19.21 36.65 6.85
N ALA C 52 -18.12 35.95 6.61
CA ALA C 52 -16.79 36.55 6.58
C ALA C 52 -16.22 37.07 5.29
N SER C 53 -15.26 37.98 5.38
CA SER C 53 -14.60 38.52 4.22
C SER C 53 -13.42 37.69 3.85
N ALA C 54 -12.86 37.93 2.68
CA ALA C 54 -11.72 37.18 2.22
C ALA C 54 -10.54 37.37 3.14
N GLU C 55 -10.32 38.58 3.62
CA GLU C 55 -9.25 38.85 4.57
C GLU C 55 -9.47 38.13 5.86
N THR C 56 -10.70 38.13 6.36
CA THR C 56 -11.02 37.40 7.55
C THR C 56 -10.75 35.94 7.28
N VAL C 57 -11.22 35.43 6.16
CA VAL C 57 -11.04 34.02 5.79
C VAL C 57 -9.58 33.61 5.75
N GLU C 58 -8.75 34.38 5.06
CA GLU C 58 -7.33 34.08 4.94
C GLU C 58 -6.57 34.07 6.24
N ASN C 59 -6.91 34.96 7.16
CA ASN C 59 -6.17 35.13 8.39
C ASN C 59 -6.65 34.24 9.53
N THR C 60 -7.80 33.63 9.32
CA THR C 60 -8.34 32.80 10.38
C THR C 60 -8.37 31.33 10.02
N VAL C 61 -8.33 31.00 8.73
CA VAL C 61 -8.43 29.58 8.48
C VAL C 61 -7.43 29.16 7.44
N THR C 62 -7.30 29.90 6.36
CA THR C 62 -6.44 29.45 5.28
C THR C 62 -4.98 29.34 5.66
N GLN C 63 -4.46 30.36 6.31
CA GLN C 63 -3.06 30.35 6.70
C GLN C 63 -2.80 29.28 7.71
N ILE C 64 -3.72 29.11 8.65
CA ILE C 64 -3.59 28.11 9.67
C ILE C 64 -3.55 26.68 9.15
N ILE C 65 -4.42 26.36 8.21
CA ILE C 65 -4.40 25.02 7.66
C ILE C 65 -3.12 24.75 6.90
N GLU C 66 -2.64 25.72 6.14
CA GLU C 66 -1.44 25.56 5.34
C GLU C 66 -0.19 25.35 6.14
N GLN C 67 -0.10 25.94 7.32
CA GLN C 67 1.12 25.86 8.07
C GLN C 67 1.19 24.54 8.77
N GLN C 68 0.18 23.70 8.57
CA GLN C 68 0.23 22.36 9.08
C GLN C 68 0.46 21.33 8.00
N MET C 69 0.65 21.75 6.75
CA MET C 69 0.76 20.81 5.66
C MET C 69 2.17 20.43 5.35
N ASN C 70 2.77 19.59 6.19
CA ASN C 70 4.17 19.20 6.04
C ASN C 70 4.27 17.68 6.17
N GLY C 71 5.33 17.08 5.65
CA GLY C 71 5.50 15.64 5.81
C GLY C 71 4.78 14.80 4.80
N LEU C 72 4.13 15.43 3.85
CA LEU C 72 3.32 14.68 2.92
C LEU C 72 4.26 14.21 1.88
N ASP C 73 3.95 13.10 1.23
CA ASP C 73 4.89 12.53 0.29
C ASP C 73 4.44 12.69 -1.13
N GLY C 74 5.30 13.20 -1.99
CA GLY C 74 4.93 13.41 -3.37
C GLY C 74 4.37 14.78 -3.65
N LEU C 75 4.31 15.63 -2.65
CA LEU C 75 3.78 16.97 -2.81
C LEU C 75 4.63 17.81 -3.70
N ARG C 76 4.03 18.39 -4.72
CA ARG C 76 4.74 19.27 -5.61
C ARG C 76 4.45 20.68 -5.14
N TYR C 77 3.20 21.08 -5.23
CA TYR C 77 2.82 22.43 -4.85
C TYR C 77 1.49 22.59 -4.19
N ILE C 78 1.32 23.67 -3.43
CA ILE C 78 0.06 23.98 -2.79
C ILE C 78 -0.49 25.30 -3.35
N SER C 79 -1.75 25.34 -3.78
CA SER C 79 -2.39 26.60 -4.22
C SER C 79 -3.66 26.86 -3.45
N SER C 80 -3.80 28.06 -2.90
CA SER C 80 -4.96 28.36 -2.07
C SER C 80 -5.75 29.61 -2.42
N ASN C 81 -7.06 29.59 -2.17
CA ASN C 81 -7.92 30.75 -2.41
C ASN C 81 -8.76 31.07 -1.17
N SER C 82 -9.06 32.35 -0.96
CA SER C 82 -9.90 32.78 0.18
C SER C 82 -10.91 33.75 -0.38
N ALA C 83 -12.19 33.58 -0.05
CA ALA C 83 -13.21 34.42 -0.67
C ALA C 83 -14.23 35.19 0.17
N GLY C 84 -14.94 36.13 -0.47
CA GLY C 84 -15.94 36.94 0.20
C GLY C 84 -17.15 36.20 0.69
N ASN C 85 -17.44 35.03 0.14
CA ASN C 85 -18.52 34.18 0.65
C ASN C 85 -18.14 33.53 1.95
N GLY C 86 -16.86 33.54 2.29
CA GLY C 86 -16.41 32.92 3.50
C GLY C 86 -15.76 31.63 3.13
N GLN C 87 -15.55 31.41 1.86
CA GLN C 87 -15.02 30.11 1.48
C GLN C 87 -13.53 30.01 1.23
N ALA C 88 -12.93 28.98 1.82
CA ALA C 88 -11.51 28.73 1.66
C ALA C 88 -11.26 27.43 0.91
N SER C 89 -10.34 27.44 -0.03
CA SER C 89 -9.99 26.21 -0.71
C SER C 89 -8.50 26.04 -0.85
N ILE C 90 -8.03 24.87 -0.46
CA ILE C 90 -6.61 24.57 -0.57
C ILE C 90 -6.52 23.35 -1.44
N GLN C 91 -5.79 23.44 -2.55
CA GLN C 91 -5.58 22.27 -3.38
C GLN C 91 -4.14 21.87 -3.21
N LEU C 92 -3.91 20.58 -3.02
CA LEU C 92 -2.58 20.07 -2.86
C LEU C 92 -2.31 19.21 -4.06
N ASN C 93 -1.22 19.47 -4.76
CA ASN C 93 -0.89 18.71 -5.95
C ASN C 93 0.24 17.74 -5.71
N PHE C 94 0.05 16.51 -6.17
CA PHE C 94 1.01 15.44 -5.94
C PHE C 94 1.58 14.89 -7.24
N GLU C 95 2.68 14.18 -7.18
CA GLU C 95 3.35 13.71 -8.40
C GLU C 95 2.83 12.41 -8.93
N GLN C 96 2.85 12.24 -10.24
CA GLN C 96 2.28 11.06 -10.85
C GLN C 96 2.91 9.84 -10.27
N GLY C 97 2.10 8.86 -9.93
CA GLY C 97 2.61 7.69 -9.27
C GLY C 97 2.42 7.65 -7.78
N VAL C 98 1.88 8.71 -7.21
CA VAL C 98 1.60 8.72 -5.79
C VAL C 98 0.20 8.18 -5.67
N ASP C 99 0.00 7.21 -4.79
CA ASP C 99 -1.32 6.60 -4.67
C ASP C 99 -2.28 7.58 -4.09
N PRO C 100 -3.43 7.80 -4.82
CA PRO C 100 -4.44 8.76 -4.38
C PRO C 100 -4.97 8.60 -2.98
N ASP C 101 -5.36 7.40 -2.60
CA ASP C 101 -5.88 7.15 -1.27
C ASP C 101 -4.89 7.46 -0.18
N ILE C 102 -3.63 7.12 -0.39
CA ILE C 102 -2.61 7.42 0.59
C ILE C 102 -2.42 8.91 0.73
N ALA C 103 -2.53 9.66 -0.36
CA ALA C 103 -2.42 11.11 -0.31
C ALA C 103 -3.55 11.77 0.44
N GLN C 104 -4.77 11.34 0.22
CA GLN C 104 -5.90 11.88 0.94
C GLN C 104 -5.84 11.62 2.43
N VAL C 105 -5.35 10.45 2.85
CA VAL C 105 -5.40 10.13 4.27
C VAL C 105 -4.28 10.87 4.98
N GLN C 106 -3.17 11.12 4.32
CA GLN C 106 -2.11 11.91 4.90
C GLN C 106 -2.53 13.34 5.13
N VAL C 107 -3.26 13.92 4.19
CA VAL C 107 -3.75 15.26 4.35
C VAL C 107 -4.75 15.42 5.49
N GLN C 108 -5.70 14.49 5.61
CA GLN C 108 -6.72 14.55 6.65
C GLN C 108 -6.07 14.43 8.00
N ASN C 109 -5.07 13.58 8.10
CA ASN C 109 -4.37 13.39 9.35
C ASN C 109 -3.64 14.64 9.79
N LYS C 110 -3.00 15.33 8.87
CA LYS C 110 -2.36 16.60 9.17
C LYS C 110 -3.40 17.64 9.54
N LEU C 111 -4.56 17.57 8.89
CA LEU C 111 -5.63 18.50 9.16
C LEU C 111 -6.14 18.43 10.59
N GLN C 112 -5.99 17.26 11.22
CA GLN C 112 -6.44 17.07 12.61
C GLN C 112 -5.65 17.90 13.61
N SER C 113 -4.64 18.62 13.13
CA SER C 113 -3.77 19.38 14.02
C SER C 113 -3.97 20.85 13.86
N ALA C 114 -4.93 21.23 13.05
CA ALA C 114 -5.26 22.62 12.89
C ALA C 114 -6.66 22.91 13.37
N THR C 115 -7.47 21.89 13.62
CA THR C 115 -8.86 22.18 13.94
C THR C 115 -9.19 22.97 15.21
N ALA C 116 -8.48 22.74 16.30
CA ALA C 116 -8.70 23.48 17.51
C ALA C 116 -8.42 24.93 17.23
N LEU C 117 -7.50 25.18 16.34
CA LEU C 117 -7.13 26.53 16.02
C LEU C 117 -8.04 27.19 15.03
N LEU C 118 -9.10 26.51 14.66
CA LEU C 118 -10.06 27.06 13.71
C LEU C 118 -11.17 27.71 14.47
N PRO C 119 -11.79 28.72 13.87
CA PRO C 119 -12.90 29.40 14.53
C PRO C 119 -14.08 28.47 14.79
N GLU C 120 -14.72 28.58 15.95
CA GLU C 120 -15.82 27.69 16.30
C GLU C 120 -16.79 27.52 15.17
N ASP C 121 -17.13 28.60 14.51
CA ASP C 121 -18.10 28.58 13.44
C ASP C 121 -17.65 27.74 12.27
N VAL C 122 -16.38 27.85 11.91
CA VAL C 122 -15.84 27.08 10.82
C VAL C 122 -15.89 25.63 11.21
N GLN C 123 -15.53 25.34 12.45
CA GLN C 123 -15.53 23.97 12.93
C GLN C 123 -16.93 23.42 12.90
N ARG C 124 -17.90 24.24 13.26
CA ARG C 124 -19.28 23.80 13.32
C ARG C 124 -19.84 23.41 11.98
N GLN C 125 -19.50 24.12 10.93
CA GLN C 125 -19.90 23.73 9.59
C GLN C 125 -19.22 22.44 9.20
N GLY C 126 -18.00 22.25 9.64
CA GLY C 126 -17.23 21.07 9.31
C GLY C 126 -16.27 21.36 8.18
N VAL C 127 -15.11 20.72 8.20
CA VAL C 127 -14.16 20.91 7.12
C VAL C 127 -13.96 19.62 6.36
N THR C 128 -14.05 19.67 5.05
CA THR C 128 -13.94 18.46 4.23
C THR C 128 -12.68 18.26 3.41
N VAL C 129 -12.22 17.01 3.24
CA VAL C 129 -11.11 16.71 2.35
C VAL C 129 -11.58 15.74 1.26
N THR C 130 -11.34 16.05 -0.01
CA THR C 130 -11.68 15.18 -1.12
C THR C 130 -10.51 15.01 -2.05
N LYS C 131 -10.68 14.24 -3.12
CA LYS C 131 -9.60 13.97 -4.07
C LYS C 131 -10.02 13.93 -5.52
N SER C 132 -9.06 14.10 -6.42
CA SER C 132 -9.33 14.11 -7.84
C SER C 132 -9.68 12.72 -8.28
N GLY C 133 -10.24 12.59 -9.46
CA GLY C 133 -10.67 11.28 -9.89
C GLY C 133 -11.44 11.18 -11.15
N ALA C 134 -12.54 10.44 -11.12
CA ALA C 134 -13.30 10.21 -12.33
C ALA C 134 -14.01 11.41 -12.81
N SER C 135 -14.24 11.49 -14.11
CA SER C 135 -14.98 12.59 -14.67
C SER C 135 -16.45 12.28 -14.53
N PHE C 136 -17.29 13.30 -14.66
CA PHE C 136 -18.70 13.05 -14.61
C PHE C 136 -19.22 12.39 -15.85
N LEU C 137 -19.87 11.24 -15.72
CA LEU C 137 -20.52 10.60 -16.85
C LEU C 137 -21.71 11.39 -17.33
N GLN C 138 -22.51 11.90 -16.40
CA GLN C 138 -23.73 12.60 -16.76
C GLN C 138 -24.30 13.48 -15.67
N VAL C 139 -24.95 14.58 -16.03
CA VAL C 139 -25.64 15.42 -15.07
C VAL C 139 -27.11 15.41 -15.40
N ILE C 140 -27.97 15.11 -14.43
CA ILE C 140 -29.41 15.14 -14.64
C ILE C 140 -29.98 16.38 -14.04
N ALA C 141 -30.78 17.11 -14.79
CA ALA C 141 -31.44 18.26 -14.25
C ALA C 141 -32.85 17.96 -13.82
N PHE C 142 -33.14 18.18 -12.55
CA PHE C 142 -34.49 18.01 -12.03
C PHE C 142 -35.12 19.37 -12.03
N TYR C 143 -36.15 19.59 -12.85
CA TYR C 143 -36.69 20.92 -13.02
C TYR C 143 -38.19 20.93 -12.98
N SER C 144 -38.78 22.07 -12.66
CA SER C 144 -40.23 22.16 -12.70
C SER C 144 -40.70 22.89 -13.93
N PRO C 145 -41.29 22.14 -14.89
CA PRO C 145 -41.78 22.75 -16.11
C PRO C 145 -42.86 23.75 -15.87
N ASP C 146 -43.80 23.46 -14.97
CA ASP C 146 -44.92 24.36 -14.78
C ASP C 146 -44.69 25.35 -13.68
N ASN C 147 -43.45 25.56 -13.28
CA ASN C 147 -43.12 26.59 -12.28
C ASN C 147 -43.72 26.32 -10.92
N ASN C 148 -44.29 25.13 -10.74
CA ASN C 148 -44.91 24.78 -9.47
C ASN C 148 -43.94 24.73 -8.31
N LEU C 149 -42.75 24.19 -8.55
CA LEU C 149 -41.81 23.99 -7.44
C LEU C 149 -40.68 24.96 -7.50
N SER C 150 -40.20 25.37 -6.35
CA SER C 150 -39.06 26.28 -6.28
C SER C 150 -37.76 25.52 -6.27
N ASP C 151 -36.66 26.22 -6.45
CA ASP C 151 -35.35 25.60 -6.48
C ASP C 151 -35.07 24.94 -5.18
N SER C 152 -35.44 25.63 -4.12
CA SER C 152 -35.17 25.12 -2.79
C SER C 152 -35.89 23.83 -2.63
N ASP C 153 -37.12 23.78 -3.13
CA ASP C 153 -37.93 22.60 -2.99
C ASP C 153 -37.33 21.41 -3.72
N ILE C 154 -36.90 21.59 -4.95
CA ILE C 154 -36.33 20.49 -5.69
C ILE C 154 -34.97 20.03 -5.20
N LYS C 155 -34.19 20.94 -4.66
CA LYS C 155 -32.89 20.55 -4.24
C LYS C 155 -33.13 19.70 -3.03
N ASP C 156 -34.11 20.10 -2.24
CA ASP C 156 -34.47 19.32 -1.08
C ASP C 156 -34.99 17.92 -1.50
N TYR C 157 -35.81 17.84 -2.53
CA TYR C 157 -36.36 16.55 -2.97
C TYR C 157 -35.31 15.60 -3.50
N VAL C 158 -34.36 16.12 -4.26
CA VAL C 158 -33.31 15.28 -4.78
C VAL C 158 -32.50 14.77 -3.61
N ASN C 159 -32.26 15.65 -2.63
CA ASN C 159 -31.47 15.29 -1.46
C ASN C 159 -32.08 14.26 -0.55
N SER C 160 -33.38 14.33 -0.34
CA SER C 160 -34.05 13.44 0.58
C SER C 160 -34.60 12.22 -0.11
N SER C 161 -34.73 12.27 -1.42
CA SER C 161 -35.34 11.15 -2.12
C SER C 161 -34.44 10.44 -3.09
N ILE C 162 -34.03 11.12 -4.14
CA ILE C 162 -33.25 10.52 -5.21
C ILE C 162 -31.76 10.18 -5.04
N LYS C 163 -31.07 10.89 -4.17
CA LYS C 163 -29.63 10.70 -4.01
C LYS C 163 -29.26 9.28 -3.63
N GLU C 164 -29.88 8.73 -2.58
CA GLU C 164 -29.53 7.39 -2.10
C GLU C 164 -29.95 6.25 -2.99
N PRO C 165 -31.16 6.28 -3.54
CA PRO C 165 -31.46 5.17 -4.45
C PRO C 165 -30.50 5.10 -5.63
N LEU C 166 -30.14 6.25 -6.20
CA LEU C 166 -29.17 6.29 -7.30
C LEU C 166 -27.77 5.78 -6.92
N SER C 167 -27.32 6.03 -5.69
CA SER C 167 -26.00 5.57 -5.23
C SER C 167 -25.83 4.07 -5.18
N ARG C 168 -26.90 3.36 -4.82
CA ARG C 168 -26.85 1.90 -4.76
C ARG C 168 -26.86 1.26 -6.14
N VAL C 169 -27.15 2.02 -7.18
CA VAL C 169 -27.18 1.50 -8.55
C VAL C 169 -25.81 1.06 -8.95
N ALA C 170 -25.72 -0.08 -9.61
CA ALA C 170 -24.42 -0.64 -9.93
C ALA C 170 -23.52 0.13 -10.86
N GLY C 171 -22.28 0.32 -10.45
CA GLY C 171 -21.34 1.11 -11.20
C GLY C 171 -21.21 2.56 -10.81
N VAL C 172 -22.01 2.99 -9.84
CA VAL C 172 -21.98 4.39 -9.48
C VAL C 172 -21.08 4.65 -8.30
N GLY C 173 -19.89 5.15 -8.58
CA GLY C 173 -18.97 5.47 -7.51
C GLY C 173 -19.37 6.64 -6.66
N GLU C 174 -19.94 7.66 -7.30
CA GLU C 174 -20.30 8.84 -6.56
C GLU C 174 -21.49 9.58 -7.11
N VAL C 175 -22.36 10.06 -6.24
CA VAL C 175 -23.49 10.87 -6.70
C VAL C 175 -23.41 12.23 -6.03
N GLN C 176 -23.39 13.31 -6.80
CA GLN C 176 -23.28 14.66 -6.26
C GLN C 176 -24.44 15.53 -6.60
N VAL C 177 -24.98 16.25 -5.63
CA VAL C 177 -26.06 17.17 -5.89
C VAL C 177 -25.59 18.57 -5.63
N PHE C 178 -25.81 19.47 -6.58
CA PHE C 178 -25.47 20.84 -6.38
C PHE C 178 -26.69 21.38 -5.68
N GLY C 179 -26.58 21.75 -4.42
CA GLY C 179 -27.76 22.13 -3.69
C GLY C 179 -27.82 21.68 -2.27
N GLY C 180 -28.91 22.01 -1.59
CA GLY C 180 -29.06 21.68 -0.18
C GLY C 180 -30.50 21.72 0.27
N SER C 181 -30.76 21.28 1.49
CA SER C 181 -32.11 21.24 2.02
C SER C 181 -32.60 22.50 2.69
N TYR C 182 -33.73 22.40 3.37
CA TYR C 182 -34.28 23.54 4.08
C TYR C 182 -33.59 23.91 5.38
N ALA C 183 -33.82 25.12 5.86
CA ALA C 183 -33.28 25.54 7.12
C ALA C 183 -34.38 26.32 7.77
N MET C 184 -34.43 26.37 9.10
CA MET C 184 -35.42 27.16 9.77
C MET C 184 -34.84 28.55 9.84
N ARG C 185 -35.62 29.55 9.44
CA ARG C 185 -35.09 30.89 9.37
C ARG C 185 -35.83 31.86 10.26
N ILE C 186 -35.11 32.65 11.03
CA ILE C 186 -35.71 33.64 11.92
C ILE C 186 -35.15 34.97 11.50
N TRP C 187 -36.01 35.89 11.06
CA TRP C 187 -35.57 37.19 10.61
C TRP C 187 -36.02 38.17 11.65
N LEU C 188 -35.13 39.00 12.18
CA LEU C 188 -35.46 39.87 13.29
C LEU C 188 -35.71 41.34 13.05
N ASP C 189 -36.86 41.87 13.48
CA ASP C 189 -37.09 43.32 13.41
C ASP C 189 -36.22 44.10 14.43
N PRO C 190 -35.33 45.03 14.00
CA PRO C 190 -34.56 45.84 14.94
C PRO C 190 -35.46 46.65 15.85
N ALA C 191 -36.59 47.11 15.36
CA ALA C 191 -37.47 47.96 16.12
C ALA C 191 -38.26 47.23 17.14
N LYS C 192 -38.76 46.08 16.75
CA LYS C 192 -39.54 45.28 17.66
C LYS C 192 -38.70 44.81 18.82
N LEU C 193 -37.40 44.64 18.59
CA LEU C 193 -36.49 44.22 19.65
C LEU C 193 -36.24 45.36 20.63
N THR C 194 -36.05 46.56 20.12
CA THR C 194 -35.83 47.73 20.97
C THR C 194 -37.06 47.98 21.85
N SER C 195 -38.25 47.72 21.34
CA SER C 195 -39.48 47.90 22.08
C SER C 195 -39.54 47.08 23.36
N TYR C 196 -39.07 45.85 23.32
CA TYR C 196 -39.11 44.98 24.48
C TYR C 196 -37.79 44.85 25.19
N GLN C 197 -36.85 45.74 24.92
CA GLN C 197 -35.53 45.70 25.53
C GLN C 197 -34.74 44.44 25.28
N LEU C 198 -34.83 43.92 24.06
CA LEU C 198 -34.16 42.68 23.72
C LEU C 198 -33.08 42.93 22.72
N THR C 199 -32.09 42.06 22.66
CA THR C 199 -30.95 42.23 21.76
C THR C 199 -30.82 40.94 20.97
N PRO C 200 -30.09 40.96 19.84
CA PRO C 200 -30.10 39.71 19.06
C PRO C 200 -29.59 38.57 19.92
N SER C 201 -28.63 38.81 20.81
CA SER C 201 -28.05 37.74 21.59
C SER C 201 -29.05 37.04 22.47
N ASP C 202 -30.01 37.76 23.00
CA ASP C 202 -31.03 37.19 23.84
C ASP C 202 -31.85 36.19 23.07
N ILE C 203 -32.14 36.48 21.82
CA ILE C 203 -32.92 35.60 20.98
C ILE C 203 -32.12 34.34 20.75
N ALA C 204 -30.82 34.47 20.63
CA ALA C 204 -29.94 33.34 20.47
C ALA C 204 -29.94 32.48 21.70
N THR C 205 -29.83 33.10 22.86
CA THR C 205 -29.80 32.34 24.10
C THR C 205 -31.10 31.59 24.28
N ALA C 206 -32.22 32.19 23.90
CA ALA C 206 -33.51 31.54 24.00
C ALA C 206 -33.69 30.45 23.01
N LEU C 207 -32.80 30.35 22.05
CA LEU C 207 -33.00 29.40 20.99
C LEU C 207 -32.13 28.20 21.16
N GLN C 208 -31.21 28.28 22.11
CA GLN C 208 -30.26 27.23 22.28
C GLN C 208 -30.89 26.38 23.33
N ALA C 209 -31.33 27.04 24.40
CA ALA C 209 -32.04 26.32 25.47
C ALA C 209 -33.27 25.60 24.99
N GLN C 210 -34.21 26.32 24.39
CA GLN C 210 -35.45 25.74 23.92
C GLN C 210 -35.31 24.56 22.98
N ASN C 211 -34.52 24.69 21.93
CA ASN C 211 -34.35 23.58 21.00
C ASN C 211 -33.26 22.56 21.40
N SER C 212 -33.52 21.71 22.39
CA SER C 212 -32.54 20.72 22.85
C SER C 212 -32.98 19.25 22.86
N GLN C 213 -32.06 18.29 22.74
CA GLN C 213 -32.46 16.89 22.91
C GLN C 213 -32.08 16.35 24.25
N VAL C 214 -33.07 16.08 25.09
CA VAL C 214 -32.85 15.52 26.40
C VAL C 214 -32.46 14.06 26.35
N ALA C 215 -31.52 13.67 27.19
CA ALA C 215 -31.11 12.30 27.24
C ALA C 215 -31.22 11.99 28.71
N VAL C 216 -31.81 10.86 29.05
CA VAL C 216 -32.02 10.50 30.44
C VAL C 216 -31.22 9.26 30.84
N GLY C 217 -31.69 8.06 30.51
CA GLY C 217 -31.02 6.82 30.89
C GLY C 217 -31.86 5.56 30.73
N GLN C 218 -31.90 4.72 31.77
CA GLN C 218 -32.70 3.49 31.75
C GLN C 218 -33.31 3.25 33.11
N LEU C 219 -34.51 2.67 33.14
CA LEU C 219 -35.20 2.39 34.38
C LEU C 219 -34.51 1.38 35.27
N GLY C 220 -34.03 0.31 34.69
CA GLY C 220 -33.41 -0.72 35.50
C GLY C 220 -32.14 -0.24 36.09
N GLY C 221 -31.20 0.19 35.26
CA GLY C 221 -29.92 0.69 35.74
C GLY C 221 -28.94 -0.42 36.04
N ALA C 222 -27.68 -0.23 35.74
CA ALA C 222 -26.76 -1.33 35.95
C ALA C 222 -26.46 -1.71 37.37
N PRO C 223 -26.14 -0.72 38.24
CA PRO C 223 -25.98 -1.17 39.62
C PRO C 223 -27.38 -1.06 40.19
N ALA C 224 -28.29 -1.98 39.84
CA ALA C 224 -29.69 -1.96 40.31
C ALA C 224 -30.02 -2.45 41.70
N VAL C 225 -31.15 -1.99 42.24
CA VAL C 225 -31.56 -2.41 43.55
C VAL C 225 -31.96 -3.87 43.55
N GLN C 226 -31.77 -4.55 44.67
CA GLN C 226 -32.15 -5.94 44.74
C GLN C 226 -33.66 -6.04 44.62
N GLY C 227 -34.13 -6.79 43.64
CA GLY C 227 -35.55 -6.96 43.45
C GLY C 227 -36.09 -6.04 42.38
N GLN C 228 -35.26 -5.76 41.40
CA GLN C 228 -35.72 -4.96 40.28
C GLN C 228 -36.11 -5.98 39.26
N VAL C 229 -37.30 -5.82 38.71
CA VAL C 229 -37.78 -6.75 37.74
C VAL C 229 -37.75 -6.19 36.35
N LEU C 230 -37.80 -4.86 36.21
CA LEU C 230 -37.88 -4.31 34.86
C LEU C 230 -36.84 -3.34 34.45
N ASN C 231 -36.31 -3.55 33.25
CA ASN C 231 -35.35 -2.61 32.71
C ASN C 231 -35.95 -2.08 31.46
N ALA C 232 -36.03 -0.77 31.30
CA ALA C 232 -36.45 -0.23 30.03
C ALA C 232 -35.57 0.94 29.65
N THR C 233 -35.98 1.70 28.66
CA THR C 233 -35.20 2.83 28.21
C THR C 233 -36.05 4.07 28.36
N VAL C 234 -35.56 5.03 29.13
CA VAL C 234 -36.12 6.36 29.09
C VAL C 234 -35.67 7.32 28.04
N ASN C 235 -36.62 7.82 27.27
CA ASN C 235 -36.32 8.72 26.20
C ASN C 235 -37.23 9.90 26.28
N ALA C 236 -36.70 11.08 25.99
CA ALA C 236 -37.50 12.29 26.04
C ALA C 236 -37.57 12.94 24.69
N GLN C 237 -38.77 13.18 24.16
CA GLN C 237 -38.84 13.93 22.91
C GLN C 237 -38.99 15.36 23.33
N SER C 238 -38.05 16.19 22.94
CA SER C 238 -38.06 17.58 23.37
C SER C 238 -37.73 18.57 22.26
N LEU C 239 -37.28 18.08 21.10
CA LEU C 239 -36.91 18.94 20.00
C LEU C 239 -38.09 19.55 19.27
N LEU C 240 -37.86 20.62 18.52
CA LEU C 240 -38.94 21.32 17.87
C LEU C 240 -38.83 21.04 16.39
N GLN C 241 -39.95 20.71 15.74
CA GLN C 241 -39.93 20.37 14.33
C GLN C 241 -40.70 21.31 13.43
N THR C 242 -41.57 22.12 13.99
CA THR C 242 -42.45 22.97 13.17
C THR C 242 -42.16 24.47 13.25
N PRO C 243 -42.58 25.25 12.25
CA PRO C 243 -42.32 26.67 12.43
C PRO C 243 -43.07 27.28 13.62
N GLU C 244 -44.28 26.84 13.88
CA GLU C 244 -45.07 27.38 14.97
C GLU C 244 -44.44 27.14 16.31
N GLN C 245 -43.76 26.01 16.46
CA GLN C 245 -43.09 25.72 17.70
C GLN C 245 -41.98 26.72 17.92
N PHE C 246 -41.38 27.14 16.83
CA PHE C 246 -40.32 28.12 16.91
C PHE C 246 -40.84 29.53 17.25
N LYS C 247 -42.09 29.83 16.92
CA LYS C 247 -42.61 31.17 17.16
C LYS C 247 -43.18 31.33 18.53
N ASN C 248 -43.53 30.23 19.17
CA ASN C 248 -44.02 30.29 20.54
C ASN C 248 -42.93 30.25 21.58
N ILE C 249 -41.66 30.23 21.16
CA ILE C 249 -40.57 30.13 22.10
C ILE C 249 -40.63 31.32 23.04
N PHE C 250 -40.47 31.10 24.34
CA PHE C 250 -40.52 32.16 25.33
C PHE C 250 -39.31 33.06 25.40
N LEU C 251 -39.52 34.35 25.55
CA LEU C 251 -38.40 35.28 25.68
C LEU C 251 -38.37 36.04 26.99
N LYS C 252 -39.45 36.68 27.36
CA LYS C 252 -39.46 37.53 28.55
C LYS C 252 -40.87 37.78 29.03
N ASN C 253 -41.02 38.34 30.21
CA ASN C 253 -42.33 38.74 30.68
C ASN C 253 -42.25 40.23 30.81
N THR C 254 -43.24 40.95 30.29
CA THR C 254 -43.24 42.40 30.33
C THR C 254 -43.59 42.89 31.73
N ALA C 255 -43.46 44.19 31.99
CA ALA C 255 -43.80 44.74 33.29
C ALA C 255 -45.27 44.45 33.54
N SER C 256 -46.08 44.53 32.51
CA SER C 256 -47.50 44.22 32.64
C SER C 256 -47.73 42.74 32.95
N GLY C 257 -46.74 41.89 32.69
CA GLY C 257 -46.90 40.46 32.89
C GLY C 257 -47.28 39.80 31.59
N ALA C 258 -47.24 40.57 30.50
CA ALA C 258 -47.57 40.04 29.19
C ALA C 258 -46.46 39.15 28.65
N GLU C 259 -46.78 38.35 27.65
CA GLU C 259 -45.80 37.42 27.13
C GLU C 259 -45.23 37.81 25.79
N VAL C 260 -43.92 37.91 25.73
CA VAL C 260 -43.25 38.24 24.50
C VAL C 260 -42.61 36.95 24.06
N ARG C 261 -42.95 36.50 22.86
CA ARG C 261 -42.40 35.25 22.35
C ARG C 261 -41.60 35.57 21.11
N LEU C 262 -41.10 34.56 20.41
CA LEU C 262 -40.33 34.78 19.19
C LEU C 262 -41.16 35.41 18.09
N LYS C 263 -42.44 35.07 18.00
CA LYS C 263 -43.33 35.61 16.97
C LYS C 263 -43.42 37.11 17.08
N ASP C 264 -43.39 37.63 18.29
CA ASP C 264 -43.51 39.06 18.49
C ASP C 264 -42.39 39.87 17.88
N VAL C 265 -41.18 39.35 17.90
CA VAL C 265 -40.02 40.13 17.46
C VAL C 265 -39.40 39.66 16.16
N ALA C 266 -39.98 38.66 15.53
CA ALA C 266 -39.36 38.09 14.35
C ALA C 266 -40.31 37.35 13.46
N ARG C 267 -39.92 37.12 12.22
CA ARG C 267 -40.72 36.35 11.30
C ARG C 267 -40.03 34.99 11.17
N VAL C 268 -40.75 33.91 11.41
CA VAL C 268 -40.15 32.57 11.39
C VAL C 268 -40.67 31.73 10.25
N GLU C 269 -39.81 31.32 9.34
CA GLU C 269 -40.22 30.53 8.19
C GLU C 269 -39.27 29.39 7.89
N LEU C 270 -39.74 28.39 7.20
CA LEU C 270 -38.82 27.35 6.75
C LEU C 270 -38.31 27.86 5.42
N GLY C 271 -37.00 28.02 5.30
CA GLY C 271 -36.42 28.61 4.10
C GLY C 271 -35.20 27.89 3.60
N SER C 272 -34.56 28.42 2.57
CA SER C 272 -33.37 27.81 2.01
C SER C 272 -32.13 27.87 2.89
N ASP C 273 -31.27 26.87 2.81
CA ASP C 273 -30.00 26.91 3.53
C ASP C 273 -29.04 27.96 2.98
N ASN C 274 -28.92 28.08 1.67
CA ASN C 274 -28.10 29.12 1.07
C ASN C 274 -28.94 29.92 0.10
N TYR C 275 -28.76 31.22 0.06
CA TYR C 275 -29.45 32.07 -0.89
C TYR C 275 -28.53 32.55 -1.97
N GLN C 276 -27.30 32.06 -1.97
CA GLN C 276 -26.30 32.51 -2.92
C GLN C 276 -26.44 32.18 -4.40
N PHE C 277 -27.11 31.10 -4.72
CA PHE C 277 -27.19 30.66 -6.12
C PHE C 277 -28.56 30.48 -6.70
N ASP C 278 -28.74 30.88 -7.95
CA ASP C 278 -30.00 30.60 -8.63
C ASP C 278 -29.72 29.62 -9.75
N SER C 279 -30.36 28.46 -9.72
CA SER C 279 -30.17 27.46 -10.77
C SER C 279 -31.45 27.23 -11.55
N LYS C 280 -31.37 27.23 -12.88
CA LYS C 280 -32.54 26.95 -13.73
C LYS C 280 -32.22 26.08 -14.92
N PHE C 281 -33.19 25.33 -15.42
CA PHE C 281 -33.01 24.59 -16.66
C PHE C 281 -34.09 25.10 -17.57
N ASN C 282 -33.73 25.71 -18.68
CA ASN C 282 -34.71 26.15 -19.66
C ASN C 282 -35.60 27.27 -19.16
N GLY C 283 -35.08 28.13 -18.30
CA GLY C 283 -35.90 29.18 -17.72
C GLY C 283 -36.81 28.72 -16.62
N LYS C 284 -36.58 27.53 -16.08
CA LYS C 284 -37.53 27.00 -15.13
C LYS C 284 -36.77 26.56 -13.88
N PRO C 285 -37.40 26.67 -12.70
CA PRO C 285 -36.60 26.36 -11.52
C PRO C 285 -35.97 24.98 -11.62
N ALA C 286 -34.72 24.84 -11.19
CA ALA C 286 -34.06 23.57 -11.35
C ALA C 286 -32.96 23.21 -10.36
N ALA C 287 -32.64 21.94 -10.29
CA ALA C 287 -31.58 21.47 -9.42
C ALA C 287 -30.77 20.45 -10.23
N GLY C 288 -29.49 20.32 -9.95
CA GLY C 288 -28.67 19.38 -10.68
C GLY C 288 -27.97 18.27 -9.92
N LEU C 289 -28.04 17.05 -10.43
CA LEU C 289 -27.33 15.93 -9.83
C LEU C 289 -26.31 15.36 -10.80
N ALA C 290 -25.07 15.17 -10.35
CA ALA C 290 -24.02 14.58 -11.21
C ALA C 290 -23.60 13.16 -10.82
N ILE C 291 -23.42 12.29 -11.80
CA ILE C 291 -22.98 10.92 -11.55
C ILE C 291 -21.55 10.67 -11.96
N LYS C 292 -20.79 10.01 -11.09
CA LYS C 292 -19.41 9.65 -11.36
C LYS C 292 -19.35 8.14 -11.39
N ILE C 293 -18.77 7.55 -12.42
CA ILE C 293 -18.66 6.11 -12.53
C ILE C 293 -17.68 5.54 -11.50
N ALA C 294 -17.83 4.26 -11.15
CA ALA C 294 -16.99 3.63 -10.14
C ALA C 294 -15.82 2.96 -10.80
N THR C 295 -14.83 2.61 -10.00
CA THR C 295 -13.60 2.03 -10.53
C THR C 295 -13.86 0.71 -11.22
N GLY C 296 -13.20 0.45 -12.35
CA GLY C 296 -13.33 -0.88 -12.92
C GLY C 296 -14.74 -1.08 -13.37
N ALA C 297 -15.28 -0.18 -14.18
CA ALA C 297 -16.68 -0.28 -14.53
C ALA C 297 -16.98 0.02 -15.97
N ASN C 298 -18.13 -0.44 -16.46
CA ASN C 298 -18.50 -0.09 -17.82
C ASN C 298 -19.47 1.03 -17.66
N ALA C 299 -19.13 2.16 -18.25
CA ALA C 299 -19.99 3.33 -18.18
C ALA C 299 -21.25 3.12 -18.92
N LEU C 300 -21.16 2.43 -20.05
CA LEU C 300 -22.31 2.21 -20.89
C LEU C 300 -23.34 1.45 -20.12
N ASP C 301 -22.88 0.53 -19.27
CA ASP C 301 -23.77 -0.31 -18.52
C ASP C 301 -24.26 0.41 -17.28
N THR C 302 -23.43 1.21 -16.65
CA THR C 302 -23.83 1.99 -15.52
C THR C 302 -24.91 2.98 -15.96
N ALA C 303 -24.73 3.57 -17.13
CA ALA C 303 -25.69 4.54 -17.63
C ALA C 303 -27.05 3.92 -17.84
N GLU C 304 -27.10 2.69 -18.34
CA GLU C 304 -28.36 2.01 -18.58
C GLU C 304 -29.05 1.73 -17.28
N ALA C 305 -28.27 1.34 -16.29
CA ALA C 305 -28.82 1.07 -14.97
C ALA C 305 -29.40 2.29 -14.29
N VAL C 306 -28.77 3.45 -14.45
CA VAL C 306 -29.31 4.68 -13.89
C VAL C 306 -30.62 5.03 -14.52
N GLU C 307 -30.71 4.80 -15.81
CA GLU C 307 -31.92 5.09 -16.54
C GLU C 307 -33.07 4.27 -16.06
N GLN C 308 -32.82 3.05 -15.68
CA GLN C 308 -33.89 2.20 -15.28
C GLN C 308 -34.30 2.49 -13.85
N ARG C 309 -33.35 2.85 -13.00
CA ARG C 309 -33.70 3.22 -11.63
C ARG C 309 -34.51 4.46 -11.63
N LEU C 310 -34.13 5.39 -12.47
CA LEU C 310 -34.83 6.65 -12.56
C LEU C 310 -36.23 6.34 -12.97
N SER C 311 -36.40 5.32 -13.77
CA SER C 311 -37.72 5.03 -14.32
C SER C 311 -38.64 4.66 -13.21
N GLU C 312 -38.15 3.87 -12.27
CA GLU C 312 -38.96 3.52 -11.12
C GLU C 312 -39.32 4.70 -10.22
N LEU C 313 -38.39 5.60 -9.95
CA LEU C 313 -38.65 6.78 -9.09
C LEU C 313 -39.52 7.94 -9.65
N ARG C 314 -39.63 8.04 -10.96
CA ARG C 314 -40.46 9.10 -11.57
C ARG C 314 -41.92 8.95 -11.17
N LYS C 315 -42.36 7.71 -10.96
CA LYS C 315 -43.76 7.45 -10.62
C LYS C 315 -44.13 8.12 -9.32
N ASN C 316 -43.19 8.18 -8.40
CA ASN C 316 -43.48 8.75 -7.11
C ASN C 316 -43.05 10.17 -6.99
N TYR C 317 -42.95 10.86 -8.11
CA TYR C 317 -42.49 12.24 -8.11
C TYR C 317 -43.55 13.15 -7.56
N PRO C 318 -43.13 14.29 -7.00
CA PRO C 318 -44.11 15.29 -6.57
C PRO C 318 -44.68 15.89 -7.84
N THR C 319 -45.86 16.47 -7.79
CA THR C 319 -46.47 16.98 -8.99
C THR C 319 -45.58 18.02 -9.63
N GLY C 320 -45.47 17.99 -10.95
CA GLY C 320 -44.67 18.99 -11.65
C GLY C 320 -43.17 18.79 -11.79
N LEU C 321 -42.66 17.61 -11.52
CA LEU C 321 -41.26 17.38 -11.69
C LEU C 321 -40.93 16.56 -12.91
N ALA C 322 -39.90 16.95 -13.62
CA ALA C 322 -39.45 16.21 -14.75
C ALA C 322 -37.99 16.02 -14.57
N ASP C 323 -37.41 15.08 -15.30
CA ASP C 323 -35.99 14.87 -15.23
C ASP C 323 -35.46 14.76 -16.61
N LYS C 324 -34.39 15.47 -16.92
CA LYS C 324 -33.77 15.35 -18.23
C LYS C 324 -32.27 15.46 -18.11
N LEU C 325 -31.56 15.10 -19.16
CA LEU C 325 -30.11 15.13 -19.13
C LEU C 325 -29.56 16.42 -19.66
N ALA C 326 -28.70 17.07 -18.89
CA ALA C 326 -28.09 18.30 -19.33
C ALA C 326 -26.71 17.99 -19.86
N TYR C 327 -26.12 16.88 -19.40
CA TYR C 327 -24.81 16.46 -19.90
C TYR C 327 -24.77 14.96 -20.07
N ASP C 328 -24.21 14.47 -21.17
CA ASP C 328 -24.03 13.02 -21.34
C ASP C 328 -22.78 12.76 -22.16
N THR C 329 -21.94 11.84 -21.73
CA THR C 329 -20.70 11.56 -22.43
C THR C 329 -20.78 10.19 -23.01
N THR C 330 -21.82 9.47 -22.64
CA THR C 330 -22.00 8.12 -23.16
C THR C 330 -22.13 8.11 -24.70
N PRO C 331 -22.79 9.14 -25.31
CA PRO C 331 -22.82 9.05 -26.78
C PRO C 331 -21.46 9.01 -27.41
N PHE C 332 -20.52 9.76 -26.88
CA PHE C 332 -19.19 9.72 -27.42
C PHE C 332 -18.60 8.36 -27.37
N ILE C 333 -18.73 7.69 -26.24
CA ILE C 333 -18.04 6.42 -26.07
C ILE C 333 -18.68 5.31 -26.87
N ARG C 334 -19.99 5.34 -26.98
CA ARG C 334 -20.66 4.35 -27.78
C ARG C 334 -20.24 4.50 -29.21
N LEU C 335 -20.22 5.74 -29.69
CA LEU C 335 -19.85 6.00 -31.07
C LEU C 335 -18.42 5.59 -31.34
N SER C 336 -17.54 5.76 -30.36
CA SER C 336 -16.15 5.47 -30.62
C SER C 336 -15.84 4.00 -30.69
N ILE C 337 -16.59 3.21 -29.95
CA ILE C 337 -16.39 1.77 -29.98
C ILE C 337 -16.80 1.28 -31.33
N GLU C 338 -17.80 1.90 -31.89
CA GLU C 338 -18.35 1.39 -33.11
C GLU C 338 -17.48 1.74 -34.27
N SER C 339 -16.88 2.91 -34.25
CA SER C 339 -15.98 3.27 -35.32
C SER C 339 -14.82 2.31 -35.44
N VAL C 340 -14.24 1.90 -34.33
CA VAL C 340 -13.18 0.92 -34.43
C VAL C 340 -13.66 -0.43 -34.96
N VAL C 341 -14.85 -0.86 -34.58
CA VAL C 341 -15.41 -2.10 -35.08
C VAL C 341 -15.59 -1.98 -36.57
N HIS C 342 -16.07 -0.83 -37.01
CA HIS C 342 -16.30 -0.63 -38.41
C HIS C 342 -15.00 -0.72 -39.14
N THR C 343 -13.95 -0.12 -38.58
CA THR C 343 -12.64 -0.16 -39.19
C THR C 343 -12.12 -1.58 -39.35
N LEU C 344 -12.32 -2.42 -38.34
CA LEU C 344 -11.88 -3.79 -38.42
C LEU C 344 -12.58 -4.55 -39.52
N ILE C 345 -13.89 -4.39 -39.61
CA ILE C 345 -14.62 -5.07 -40.64
C ILE C 345 -14.20 -4.61 -42.02
N GLU C 346 -14.04 -3.31 -42.20
CA GLU C 346 -13.66 -2.77 -43.48
C GLU C 346 -12.29 -3.26 -43.89
N ALA C 347 -11.38 -3.34 -42.94
CA ALA C 347 -10.03 -3.78 -43.22
C ALA C 347 -9.98 -5.21 -43.69
N VAL C 348 -10.71 -6.07 -43.03
CA VAL C 348 -10.73 -7.47 -43.42
C VAL C 348 -11.19 -7.52 -44.84
N ILE C 349 -12.29 -6.83 -45.13
CA ILE C 349 -12.83 -6.83 -46.47
C ILE C 349 -11.85 -6.24 -47.45
N LEU C 350 -11.18 -5.17 -47.06
CA LEU C 350 -10.26 -4.51 -47.96
C LEU C 350 -9.16 -5.43 -48.40
N VAL C 351 -8.57 -6.15 -47.47
CA VAL C 351 -7.48 -7.05 -47.80
C VAL C 351 -7.97 -8.13 -48.72
N PHE C 352 -9.17 -8.66 -48.46
CA PHE C 352 -9.72 -9.73 -49.26
C PHE C 352 -10.00 -9.35 -50.68
N ILE C 353 -10.01 -8.07 -50.96
CA ILE C 353 -10.18 -7.61 -52.33
C ILE C 353 -8.78 -7.48 -52.92
N VAL C 354 -7.89 -6.80 -52.22
CA VAL C 354 -6.55 -6.54 -52.73
C VAL C 354 -5.78 -7.82 -52.93
N MET C 355 -5.91 -8.73 -51.98
CA MET C 355 -5.22 -10.01 -52.09
C MET C 355 -5.72 -10.73 -53.31
N PHE C 356 -7.03 -10.75 -53.53
CA PHE C 356 -7.62 -11.46 -54.69
C PHE C 356 -7.19 -10.87 -56.03
N LEU C 357 -7.16 -9.56 -56.16
CA LEU C 357 -6.78 -8.96 -57.41
C LEU C 357 -5.33 -9.24 -57.77
N PHE C 358 -4.42 -9.03 -56.83
CA PHE C 358 -3.02 -9.32 -57.05
C PHE C 358 -2.67 -10.80 -57.06
N LEU C 359 -3.27 -11.56 -56.15
CA LEU C 359 -2.99 -12.97 -56.05
C LEU C 359 -4.33 -13.56 -56.32
N GLN C 360 -4.49 -14.31 -57.38
CA GLN C 360 -5.82 -14.78 -57.75
C GLN C 360 -6.61 -15.70 -56.82
N ASN C 361 -5.97 -16.64 -56.13
CA ASN C 361 -6.69 -17.64 -55.34
C ASN C 361 -7.56 -17.25 -54.16
N TRP C 362 -8.68 -17.94 -53.99
CA TRP C 362 -9.52 -17.72 -52.83
C TRP C 362 -8.82 -18.36 -51.67
N ARG C 363 -7.95 -19.31 -51.96
CA ARG C 363 -7.24 -20.03 -50.92
C ARG C 363 -6.37 -19.10 -50.12
N ALA C 364 -5.75 -18.14 -50.79
CA ALA C 364 -4.86 -17.24 -50.12
C ALA C 364 -5.53 -15.98 -49.64
N THR C 365 -6.81 -15.82 -49.92
CA THR C 365 -7.53 -14.67 -49.43
C THR C 365 -8.08 -14.94 -48.05
N ILE C 366 -8.45 -16.18 -47.79
CA ILE C 366 -8.92 -16.57 -46.46
C ILE C 366 -7.90 -16.52 -45.34
N ILE C 367 -6.63 -16.82 -45.62
CA ILE C 367 -5.62 -16.89 -44.55
C ILE C 367 -5.39 -15.60 -43.75
N PRO C 368 -5.34 -14.42 -44.40
CA PRO C 368 -5.22 -13.19 -43.62
C PRO C 368 -6.43 -13.03 -42.74
N THR C 369 -7.60 -13.47 -43.17
CA THR C 369 -8.81 -13.17 -42.44
C THR C 369 -8.83 -14.01 -41.19
N LEU C 370 -8.21 -15.18 -41.24
CA LEU C 370 -8.11 -16.00 -40.04
C LEU C 370 -7.04 -15.46 -39.09
N ALA C 371 -5.91 -15.01 -39.62
CA ALA C 371 -4.81 -14.49 -38.80
C ALA C 371 -4.98 -13.21 -38.02
N VAL C 372 -5.52 -12.17 -38.63
CA VAL C 372 -5.61 -10.87 -37.97
C VAL C 372 -6.48 -10.80 -36.70
N PRO C 373 -7.66 -11.45 -36.71
CA PRO C 373 -8.50 -11.48 -35.53
C PRO C 373 -7.87 -12.10 -34.30
N VAL C 374 -7.07 -13.15 -34.46
CA VAL C 374 -6.40 -13.80 -33.33
C VAL C 374 -5.47 -12.84 -32.67
N VAL C 375 -4.73 -12.08 -33.47
CA VAL C 375 -3.83 -11.08 -32.94
C VAL C 375 -4.60 -10.00 -32.23
N VAL C 376 -5.78 -9.64 -32.71
CA VAL C 376 -6.51 -8.52 -32.13
C VAL C 376 -7.15 -8.92 -30.82
N LEU C 377 -7.74 -10.10 -30.77
CA LEU C 377 -8.32 -10.57 -29.52
C LEU C 377 -7.29 -10.81 -28.41
N GLY C 378 -6.16 -11.42 -28.76
CA GLY C 378 -5.13 -11.69 -27.78
C GLY C 378 -4.59 -10.44 -27.19
N THR C 379 -4.49 -9.40 -28.01
CA THR C 379 -3.97 -8.12 -27.56
C THR C 379 -4.79 -7.59 -26.44
N PHE C 380 -6.11 -7.62 -26.57
CA PHE C 380 -6.98 -7.12 -25.52
C PHE C 380 -6.75 -7.86 -24.22
N ALA C 381 -6.56 -9.15 -24.31
CA ALA C 381 -6.34 -9.95 -23.14
C ALA C 381 -5.09 -9.56 -22.41
N VAL C 382 -4.02 -9.33 -23.14
CA VAL C 382 -2.74 -8.98 -22.53
C VAL C 382 -2.83 -7.61 -21.88
N ILE C 383 -3.33 -6.63 -22.61
CA ILE C 383 -3.45 -5.29 -22.06
C ILE C 383 -4.36 -5.28 -20.83
N ASN C 384 -5.40 -6.10 -20.81
CA ASN C 384 -6.24 -6.21 -19.64
C ASN C 384 -5.46 -6.71 -18.43
N ILE C 385 -4.56 -7.66 -18.65
CA ILE C 385 -3.75 -8.17 -17.56
C ILE C 385 -2.93 -7.01 -17.02
N PHE C 386 -2.39 -6.17 -17.89
CA PHE C 386 -1.66 -5.00 -17.47
C PHE C 386 -2.53 -3.96 -16.78
N GLY C 387 -3.83 -3.94 -17.05
CA GLY C 387 -4.71 -2.96 -16.45
C GLY C 387 -5.31 -1.92 -17.35
N PHE C 388 -5.11 -2.06 -18.64
CA PHE C 388 -5.68 -1.14 -19.59
C PHE C 388 -7.19 -1.31 -19.71
N SER C 389 -7.90 -0.29 -20.16
CA SER C 389 -9.34 -0.31 -20.29
C SER C 389 -9.72 -0.17 -21.74
N ILE C 390 -10.98 -0.41 -22.08
CA ILE C 390 -11.39 -0.14 -23.44
C ILE C 390 -11.70 1.33 -23.42
N ASN C 391 -10.85 2.15 -24.04
CA ASN C 391 -11.01 3.62 -24.02
C ASN C 391 -10.63 4.19 -25.34
N THR C 392 -10.86 5.48 -25.55
CA THR C 392 -10.62 6.07 -26.84
C THR C 392 -9.16 5.97 -27.20
N LEU C 393 -8.27 6.17 -26.26
CA LEU C 393 -6.85 6.15 -26.57
C LEU C 393 -6.39 4.74 -26.90
N THR C 394 -6.93 3.76 -26.20
CA THR C 394 -6.64 2.36 -26.45
C THR C 394 -7.22 1.92 -27.79
N MET C 395 -8.37 2.45 -28.12
CA MET C 395 -9.04 2.09 -29.35
C MET C 395 -8.40 2.73 -30.56
N PHE C 396 -7.85 3.93 -30.43
CA PHE C 396 -7.11 4.58 -31.52
C PHE C 396 -5.78 3.88 -31.74
N ALA C 397 -5.25 3.27 -30.69
CA ALA C 397 -4.01 2.51 -30.81
C ALA C 397 -4.20 1.24 -31.57
N MET C 398 -5.41 0.72 -31.59
CA MET C 398 -5.67 -0.53 -32.23
C MET C 398 -5.95 -0.30 -33.68
N VAL C 399 -6.53 0.85 -34.02
CA VAL C 399 -6.75 1.15 -35.42
C VAL C 399 -5.43 1.40 -36.11
N LEU C 400 -4.51 2.02 -35.40
CA LEU C 400 -3.20 2.27 -35.96
C LEU C 400 -2.48 0.97 -36.18
N ALA C 401 -2.69 0.02 -35.28
CA ALA C 401 -1.93 -1.21 -35.35
C ALA C 401 -2.39 -2.17 -36.40
N ILE C 402 -3.69 -2.25 -36.63
CA ILE C 402 -4.20 -3.26 -37.55
C ILE C 402 -3.55 -3.20 -38.94
N GLY C 403 -3.07 -2.05 -39.34
CA GLY C 403 -2.37 -1.95 -40.61
C GLY C 403 -1.08 -2.71 -40.56
N LEU C 404 -0.32 -2.53 -39.50
CA LEU C 404 0.90 -3.29 -39.34
C LEU C 404 0.56 -4.76 -39.24
N LEU C 405 -0.53 -5.09 -38.56
CA LEU C 405 -0.93 -6.47 -38.49
C LEU C 405 -1.30 -7.06 -39.84
N VAL C 406 -2.12 -6.37 -40.62
CA VAL C 406 -2.53 -6.90 -41.91
C VAL C 406 -1.34 -7.01 -42.83
N ASP C 407 -0.34 -6.14 -42.64
CA ASP C 407 0.82 -6.13 -43.48
C ASP C 407 1.70 -7.34 -43.26
N ASP C 408 1.78 -7.78 -42.02
CA ASP C 408 2.60 -8.92 -41.70
C ASP C 408 2.09 -10.12 -42.40
N ALA C 409 0.78 -10.21 -42.55
CA ALA C 409 0.22 -11.38 -43.16
C ALA C 409 0.42 -11.29 -44.65
N ILE C 410 0.20 -10.11 -45.23
CA ILE C 410 0.38 -9.96 -46.65
C ILE C 410 1.78 -10.38 -47.02
N VAL C 411 2.76 -10.00 -46.20
CA VAL C 411 4.13 -10.43 -46.44
C VAL C 411 4.36 -11.94 -46.46
N VAL C 412 3.83 -12.68 -45.51
CA VAL C 412 4.10 -14.10 -45.47
C VAL C 412 3.32 -14.85 -46.54
N VAL C 413 2.06 -14.48 -46.74
CA VAL C 413 1.24 -15.19 -47.71
C VAL C 413 1.72 -14.98 -49.14
N GLU C 414 2.10 -13.76 -49.48
CA GLU C 414 2.58 -13.45 -50.82
C GLU C 414 3.85 -14.16 -51.14
N ASN C 415 4.76 -14.24 -50.20
CA ASN C 415 6.05 -14.84 -50.49
C ASN C 415 5.86 -16.26 -50.84
N VAL C 416 4.99 -16.94 -50.10
CA VAL C 416 4.75 -18.36 -50.33
C VAL C 416 4.16 -18.59 -51.71
N GLU C 417 3.25 -17.73 -52.12
CA GLU C 417 2.62 -17.86 -53.42
C GLU C 417 3.55 -17.52 -54.58
N ARG C 418 4.64 -16.82 -54.29
CA ARG C 418 5.58 -16.45 -55.31
C ARG C 418 6.51 -17.63 -55.50
N VAL C 419 6.85 -18.36 -54.43
CA VAL C 419 7.66 -19.56 -54.54
C VAL C 419 6.86 -20.64 -55.24
N MET C 420 5.58 -20.74 -54.91
CA MET C 420 4.75 -21.75 -55.50
C MET C 420 4.63 -21.50 -57.00
N SER C 421 4.46 -20.25 -57.39
CA SER C 421 4.43 -19.93 -58.78
C SER C 421 5.77 -20.17 -59.48
N GLU C 422 6.86 -19.79 -58.84
CA GLU C 422 8.17 -19.97 -59.44
C GLU C 422 8.57 -21.42 -59.60
N ASP C 423 8.36 -22.22 -58.58
CA ASP C 423 8.63 -23.63 -58.67
C ASP C 423 7.36 -24.24 -58.25
N HIS C 424 6.80 -25.10 -59.06
CA HIS C 424 5.52 -25.65 -58.75
C HIS C 424 5.83 -26.76 -57.83
N THR C 425 5.76 -26.49 -56.53
CA THR C 425 6.17 -27.47 -55.54
C THR C 425 5.08 -27.60 -54.51
N ASP C 426 5.05 -28.71 -53.79
CA ASP C 426 3.95 -28.89 -52.88
C ASP C 426 3.85 -27.86 -51.76
N PRO C 427 2.63 -27.51 -51.30
CA PRO C 427 2.53 -26.43 -50.35
C PRO C 427 3.39 -26.60 -49.09
N VAL C 428 3.79 -27.81 -48.73
CA VAL C 428 4.67 -27.98 -47.58
C VAL C 428 6.10 -27.67 -47.96
N THR C 429 6.49 -27.89 -49.21
CA THR C 429 7.81 -27.54 -49.66
C THR C 429 7.91 -26.05 -49.87
N ALA C 430 6.92 -25.49 -50.58
CA ALA C 430 6.89 -24.07 -50.84
C ALA C 430 6.79 -23.20 -49.60
N THR C 431 5.95 -23.60 -48.66
CA THR C 431 5.84 -22.84 -47.43
C THR C 431 7.14 -22.87 -46.64
N SER C 432 7.79 -24.02 -46.57
CA SER C 432 9.06 -24.13 -45.88
C SER C 432 10.18 -23.32 -46.47
N ARG C 433 10.28 -23.31 -47.79
CA ARG C 433 11.30 -22.53 -48.47
C ARG C 433 11.11 -21.07 -48.21
N SER C 434 9.88 -20.62 -48.12
CA SER C 434 9.61 -19.21 -47.99
C SER C 434 9.81 -18.76 -46.57
N MET C 435 9.39 -19.59 -45.63
CA MET C 435 9.55 -19.23 -44.24
C MET C 435 11.01 -19.11 -43.90
N GLN C 436 11.87 -19.82 -44.61
CA GLN C 436 13.29 -19.72 -44.35
C GLN C 436 13.86 -18.36 -44.75
N GLN C 437 13.44 -17.81 -45.87
CA GLN C 437 13.90 -16.50 -46.30
C GLN C 437 13.47 -15.33 -45.43
N ILE C 438 12.22 -15.32 -44.99
CA ILE C 438 11.69 -14.19 -44.25
C ILE C 438 11.71 -14.28 -42.75
N SER C 439 11.91 -15.46 -42.19
CA SER C 439 11.79 -15.61 -40.74
C SER C 439 12.71 -14.80 -39.88
N GLY C 440 14.00 -14.79 -40.17
CA GLY C 440 14.94 -14.08 -39.34
C GLY C 440 14.61 -12.63 -39.41
N ALA C 441 14.24 -12.19 -40.60
CA ALA C 441 13.87 -10.83 -40.81
C ALA C 441 12.68 -10.47 -39.98
N LEU C 442 11.73 -11.36 -39.86
CA LEU C 442 10.50 -11.08 -39.13
C LEU C 442 10.77 -10.77 -37.69
N VAL C 443 11.70 -11.49 -37.09
CA VAL C 443 12.06 -11.25 -35.72
C VAL C 443 12.86 -9.96 -35.63
N GLY C 444 13.59 -9.61 -36.67
CA GLY C 444 14.35 -8.37 -36.69
C GLY C 444 13.42 -7.20 -36.82
N ILE C 445 12.37 -7.33 -37.60
CA ILE C 445 11.38 -6.28 -37.71
C ILE C 445 10.61 -6.07 -36.41
N THR C 446 10.51 -7.09 -35.56
CA THR C 446 9.74 -6.97 -34.33
C THR C 446 10.60 -6.30 -33.29
N SER C 447 11.90 -6.49 -33.39
CA SER C 447 12.81 -5.85 -32.48
C SER C 447 12.89 -4.38 -32.72
N VAL C 448 12.99 -3.97 -33.98
CA VAL C 448 13.05 -2.56 -34.31
C VAL C 448 11.75 -1.86 -33.97
N LEU C 449 10.64 -2.55 -34.11
CA LEU C 449 9.37 -1.95 -33.84
C LEU C 449 9.28 -1.71 -32.35
N THR C 450 9.75 -2.67 -31.56
CA THR C 450 9.73 -2.53 -30.12
C THR C 450 10.60 -1.39 -29.70
N ALA C 451 11.77 -1.29 -30.31
CA ALA C 451 12.70 -0.24 -29.94
C ALA C 451 12.11 1.13 -30.19
N VAL C 452 11.49 1.32 -31.33
CA VAL C 452 10.81 2.58 -31.60
C VAL C 452 9.59 2.80 -30.71
N PHE C 453 8.77 1.78 -30.53
CA PHE C 453 7.55 1.92 -29.72
C PHE C 453 7.70 2.11 -28.21
N VAL C 454 8.67 1.43 -27.59
CA VAL C 454 8.80 1.50 -26.13
C VAL C 454 9.11 2.84 -25.42
N PRO C 455 9.93 3.73 -25.99
CA PRO C 455 10.26 4.97 -25.28
C PRO C 455 9.07 5.87 -25.00
N MET C 456 8.00 5.71 -25.75
CA MET C 456 6.81 6.50 -25.54
C MET C 456 6.30 6.21 -24.12
N ALA C 457 6.49 4.99 -23.64
CA ALA C 457 6.10 4.63 -22.28
C ALA C 457 6.88 5.39 -21.27
N PHE C 458 8.14 5.64 -21.56
CA PHE C 458 9.02 6.35 -20.64
C PHE C 458 8.77 7.85 -20.40
N PHE C 459 8.15 8.58 -21.34
CA PHE C 459 7.97 10.01 -21.16
C PHE C 459 7.16 10.33 -19.93
N GLY C 460 7.53 11.37 -19.22
CA GLY C 460 6.81 11.77 -18.03
C GLY C 460 5.58 12.62 -18.09
N GLY C 461 4.86 12.70 -16.97
CA GLY C 461 3.73 13.61 -16.89
C GLY C 461 2.43 13.21 -17.48
N THR C 462 1.58 14.18 -17.69
CA THR C 462 0.30 13.92 -18.31
C THR C 462 0.54 13.37 -19.70
N THR C 463 1.49 13.93 -20.42
CA THR C 463 1.72 13.53 -21.79
C THR C 463 2.12 12.07 -21.86
N GLY C 464 2.94 11.63 -20.93
CA GLY C 464 3.36 10.24 -20.88
C GLY C 464 2.24 9.30 -20.63
N VAL C 465 1.27 9.71 -19.83
CA VAL C 465 0.16 8.84 -19.50
C VAL C 465 -0.58 8.55 -20.78
N ILE C 466 -0.69 9.52 -21.68
CA ILE C 466 -1.27 9.26 -23.00
C ILE C 466 -0.35 8.44 -23.90
N TYR C 467 0.93 8.79 -23.94
CA TYR C 467 1.87 8.07 -24.77
C TYR C 467 1.94 6.59 -24.48
N ARG C 468 1.92 6.24 -23.19
CA ARG C 468 1.97 4.83 -22.80
C ARG C 468 0.76 4.01 -23.21
N GLN C 469 -0.42 4.62 -23.25
CA GLN C 469 -1.58 3.88 -23.72
C GLN C 469 -1.36 3.41 -25.14
N PHE C 470 -0.82 4.24 -26.01
CA PHE C 470 -0.50 3.78 -27.34
C PHE C 470 0.65 2.78 -27.33
N SER C 471 1.69 3.08 -26.56
CA SER C 471 2.90 2.25 -26.58
C SER C 471 2.78 0.78 -26.16
N ILE C 472 2.09 0.49 -25.06
CA ILE C 472 1.93 -0.88 -24.64
C ILE C 472 1.07 -1.62 -25.64
N THR C 473 0.02 -0.98 -26.10
CA THR C 473 -0.88 -1.61 -27.04
C THR C 473 -0.17 -1.94 -28.32
N LEU C 474 0.67 -1.03 -28.79
CA LEU C 474 1.39 -1.26 -30.04
C LEU C 474 2.39 -2.39 -29.92
N VAL C 475 3.14 -2.42 -28.83
CA VAL C 475 4.13 -3.47 -28.63
C VAL C 475 3.49 -4.82 -28.44
N THR C 476 2.39 -4.87 -27.71
CA THR C 476 1.68 -6.13 -27.52
C THR C 476 1.19 -6.66 -28.85
N ALA C 477 0.66 -5.78 -29.68
CA ALA C 477 0.21 -6.18 -30.99
C ALA C 477 1.36 -6.69 -31.84
N MET C 478 2.51 -6.03 -31.78
CA MET C 478 3.68 -6.49 -32.53
C MET C 478 4.17 -7.84 -32.07
N VAL C 479 4.18 -8.08 -30.78
CA VAL C 479 4.70 -9.34 -30.27
C VAL C 479 3.84 -10.55 -30.63
N LEU C 480 2.53 -10.43 -30.55
CA LEU C 480 1.69 -11.58 -30.82
C LEU C 480 1.60 -11.74 -32.32
N SER C 481 1.75 -10.66 -33.07
CA SER C 481 1.76 -10.77 -34.53
C SER C 481 2.90 -11.63 -35.00
N LEU C 482 4.08 -11.50 -34.40
CA LEU C 482 5.20 -12.37 -34.73
C LEU C 482 4.91 -13.80 -34.34
N ILE C 483 4.30 -13.97 -33.19
CA ILE C 483 3.98 -15.30 -32.75
C ILE C 483 2.97 -15.95 -33.72
N VAL C 484 1.96 -15.22 -34.17
CA VAL C 484 1.03 -15.75 -35.16
C VAL C 484 1.75 -16.01 -36.47
N ALA C 485 2.68 -15.14 -36.81
CA ALA C 485 3.43 -15.28 -38.05
C ALA C 485 4.23 -16.55 -38.15
N LEU C 486 4.81 -17.00 -37.05
CA LEU C 486 5.65 -18.20 -37.08
C LEU C 486 4.94 -19.46 -36.65
N THR C 487 3.67 -19.36 -36.24
CA THR C 487 2.90 -20.52 -35.82
C THR C 487 1.68 -20.76 -36.68
N PHE C 488 0.65 -19.96 -36.53
CA PHE C 488 -0.60 -20.16 -37.24
C PHE C 488 -0.55 -19.99 -38.74
N THR C 489 0.08 -18.92 -39.19
CA THR C 489 0.07 -18.64 -40.62
C THR C 489 0.77 -19.62 -41.57
N PRO C 490 1.97 -20.10 -41.25
CA PRO C 490 2.62 -21.07 -42.12
C PRO C 490 1.86 -22.40 -42.21
N ALA C 491 1.25 -22.84 -41.12
CA ALA C 491 0.49 -24.07 -41.13
C ALA C 491 -0.74 -23.91 -41.97
N LEU C 492 -1.39 -22.74 -41.90
CA LEU C 492 -2.55 -22.49 -42.76
C LEU C 492 -2.09 -22.46 -44.18
N CYS C 493 -0.95 -21.85 -44.41
CA CYS C 493 -0.41 -21.79 -45.75
C CYS C 493 -0.07 -23.18 -46.27
N ALA C 494 0.51 -24.02 -45.44
CA ALA C 494 0.77 -25.39 -45.87
C ALA C 494 -0.50 -26.18 -46.13
N THR C 495 -1.46 -26.13 -45.22
CA THR C 495 -2.73 -26.80 -45.41
C THR C 495 -3.76 -26.29 -46.42
N ILE C 496 -4.07 -24.99 -46.41
CA ILE C 496 -5.12 -24.48 -47.29
C ILE C 496 -4.66 -24.26 -48.74
N LEU C 497 -3.53 -23.60 -48.94
CA LEU C 497 -3.04 -23.33 -50.29
C LEU C 497 -2.80 -24.58 -51.08
N LYS C 498 -3.11 -24.56 -52.37
CA LYS C 498 -2.99 -25.75 -53.21
C LYS C 498 -1.88 -25.63 -54.24
N GLN C 499 -1.27 -26.75 -54.64
CA GLN C 499 -0.11 -26.71 -55.56
C GLN C 499 -0.35 -26.13 -56.93
N HIS C 500 0.56 -25.28 -57.36
CA HIS C 500 0.45 -24.64 -58.67
C HIS C 500 0.62 -25.63 -59.78
N ASP C 501 -0.21 -25.54 -60.81
CA ASP C 501 -0.04 -26.41 -61.95
C ASP C 501 0.56 -25.50 -63.02
N PRO C 502 1.74 -25.86 -63.52
CA PRO C 502 2.37 -25.06 -64.58
C PRO C 502 1.52 -25.05 -65.84
N ASN C 503 0.95 -26.20 -66.20
CA ASN C 503 0.15 -26.31 -67.41
C ASN C 503 -1.32 -26.44 -67.07
N LYS C 504 -2.06 -25.35 -67.23
CA LYS C 504 -3.47 -25.36 -66.89
C LYS C 504 -4.31 -24.67 -67.96
N GLU C 505 -5.60 -24.98 -68.01
CA GLU C 505 -6.47 -24.38 -69.02
C GLU C 505 -6.62 -22.88 -68.86
N PRO C 506 -6.74 -22.16 -69.98
CA PRO C 506 -6.96 -20.72 -69.91
C PRO C 506 -8.28 -20.39 -69.23
N SER C 507 -9.32 -21.19 -69.49
CA SER C 507 -10.62 -20.98 -68.85
C SER C 507 -11.14 -19.57 -69.06
N ASN C 508 -11.05 -19.07 -70.29
CA ASN C 508 -11.44 -17.70 -70.54
C ASN C 508 -12.89 -17.42 -70.21
N ASN C 509 -13.13 -16.37 -69.44
CA ASN C 509 -14.48 -15.96 -69.11
C ASN C 509 -14.34 -14.46 -69.18
N ILE C 510 -15.38 -13.73 -68.81
CA ILE C 510 -15.24 -12.28 -68.76
C ILE C 510 -14.48 -11.90 -67.50
N PHE C 511 -14.82 -12.54 -66.39
CA PHE C 511 -14.11 -12.29 -65.13
C PHE C 511 -12.65 -12.63 -65.33
N ALA C 512 -12.37 -13.81 -65.87
CA ALA C 512 -10.99 -14.24 -66.02
C ALA C 512 -10.19 -13.32 -66.91
N ARG C 513 -10.79 -12.86 -68.00
CA ARG C 513 -10.08 -11.99 -68.93
C ARG C 513 -9.69 -10.68 -68.25
N PHE C 514 -10.57 -10.15 -67.41
CA PHE C 514 -10.27 -8.88 -66.74
C PHE C 514 -9.04 -9.04 -65.88
N PHE C 515 -8.94 -10.16 -65.18
CA PHE C 515 -7.78 -10.40 -64.35
C PHE C 515 -6.53 -10.48 -65.19
N ARG C 516 -6.62 -11.12 -66.34
CA ARG C 516 -5.43 -11.30 -67.18
C ARG C 516 -4.87 -9.97 -67.64
N SER C 517 -5.74 -9.04 -68.00
CA SER C 517 -5.27 -7.72 -68.39
C SER C 517 -4.58 -7.01 -67.23
N PHE C 518 -5.12 -7.14 -66.03
CA PHE C 518 -4.53 -6.49 -64.85
C PHE C 518 -3.13 -6.97 -64.71
N ASN C 519 -2.93 -8.27 -64.86
CA ASN C 519 -1.61 -8.83 -64.69
C ASN C 519 -0.60 -8.33 -65.68
N ASN C 520 -0.99 -8.19 -66.94
CA ASN C 520 -0.10 -7.69 -67.97
C ASN C 520 0.31 -6.25 -67.64
N GLY C 521 -0.59 -5.48 -67.07
CA GLY C 521 -0.28 -4.11 -66.75
C GLY C 521 0.68 -3.98 -65.60
N PHE C 522 0.52 -4.80 -64.58
CA PHE C 522 1.44 -4.77 -63.46
C PHE C 522 2.81 -5.15 -63.94
N ASP C 523 2.89 -6.07 -64.88
CA ASP C 523 4.18 -6.52 -65.35
C ASP C 523 4.77 -5.38 -66.14
N ARG C 524 3.96 -4.67 -66.93
CA ARG C 524 4.47 -3.49 -67.59
C ARG C 524 4.92 -2.45 -66.59
N MET C 525 4.14 -2.24 -65.55
CA MET C 525 4.48 -1.25 -64.53
C MET C 525 5.78 -1.65 -63.87
N SER C 526 5.98 -2.94 -63.73
CA SER C 526 7.15 -3.40 -63.07
C SER C 526 8.41 -3.03 -63.82
N HIS C 527 8.38 -3.19 -65.13
CA HIS C 527 9.57 -2.90 -65.91
C HIS C 527 9.88 -1.45 -65.83
N SER C 528 8.84 -0.63 -65.86
CA SER C 528 9.02 0.79 -65.77
C SER C 528 9.61 1.16 -64.45
N TYR C 529 9.16 0.51 -63.40
CA TYR C 529 9.70 0.77 -62.09
C TYR C 529 11.14 0.40 -62.07
N GLN C 530 11.47 -0.72 -62.69
CA GLN C 530 12.83 -1.16 -62.73
C GLN C 530 13.76 -0.23 -63.46
N ASN C 531 13.29 0.41 -64.52
CA ASN C 531 14.18 1.22 -65.31
C ASN C 531 14.34 2.56 -64.61
N GLY C 532 13.31 3.02 -63.90
CA GLY C 532 13.48 4.21 -63.10
C GLY C 532 14.48 4.04 -61.99
N VAL C 533 14.51 2.86 -61.38
CA VAL C 533 15.42 2.64 -60.28
C VAL C 533 16.79 2.58 -60.86
N SER C 534 16.91 1.96 -62.01
CA SER C 534 18.22 1.79 -62.61
C SER C 534 18.84 3.12 -62.91
N ARG C 535 18.04 4.07 -63.36
CA ARG C 535 18.53 5.41 -63.59
C ARG C 535 19.01 6.08 -62.33
N MET C 536 18.25 5.95 -61.25
CA MET C 536 18.63 6.56 -60.00
C MET C 536 19.91 5.91 -59.56
N LEU C 537 20.01 4.59 -59.75
CA LEU C 537 21.21 3.88 -59.35
C LEU C 537 22.39 4.39 -60.14
N LYS C 538 22.20 4.62 -61.43
CA LYS C 538 23.27 5.07 -62.29
C LYS C 538 23.78 6.43 -61.87
N GLY C 539 22.89 7.41 -61.85
CA GLY C 539 23.34 8.75 -61.53
C GLY C 539 23.30 8.99 -60.04
N LYS C 540 24.45 8.85 -59.38
CA LYS C 540 24.51 9.01 -57.93
C LYS C 540 24.28 10.45 -57.50
N ILE C 541 24.87 11.39 -58.23
CA ILE C 541 24.77 12.78 -57.81
C ILE C 541 23.34 13.30 -57.83
N PHE C 542 22.58 12.97 -58.86
CA PHE C 542 21.22 13.45 -58.96
C PHE C 542 20.39 12.90 -57.81
N SER C 543 20.56 11.62 -57.54
CA SER C 543 19.79 11.01 -56.50
C SER C 543 20.13 11.61 -55.15
N GLY C 544 21.41 11.90 -54.95
CA GLY C 544 21.84 12.44 -53.68
C GLY C 544 21.29 13.80 -53.35
N VAL C 545 21.28 14.68 -54.34
CA VAL C 545 20.77 16.00 -54.10
C VAL C 545 19.31 15.90 -53.78
N LEU C 546 18.63 14.93 -54.37
CA LEU C 546 17.20 14.78 -54.16
C LEU C 546 16.88 14.45 -52.72
N TYR C 547 17.68 13.60 -52.11
CA TYR C 547 17.48 13.23 -50.71
C TYR C 547 17.67 14.42 -49.84
N ALA C 548 18.59 15.29 -50.22
CA ALA C 548 18.91 16.39 -49.37
C ALA C 548 17.83 17.43 -49.47
N VAL C 549 17.24 17.55 -50.64
CA VAL C 549 16.14 18.49 -50.76
C VAL C 549 14.98 18.05 -49.86
N VAL C 550 14.72 16.76 -49.80
CA VAL C 550 13.63 16.25 -49.01
C VAL C 550 13.84 16.53 -47.54
N VAL C 551 15.04 16.32 -47.06
CA VAL C 551 15.35 16.62 -45.66
C VAL C 551 15.14 18.09 -45.38
N ALA C 552 15.57 18.94 -46.30
CA ALA C 552 15.39 20.36 -46.12
C ALA C 552 13.95 20.77 -46.08
N LEU C 553 13.14 20.26 -47.00
CA LEU C 553 11.76 20.69 -47.05
C LEU C 553 11.10 20.31 -45.75
N LEU C 554 11.57 19.23 -45.16
CA LEU C 554 10.98 18.75 -43.93
C LEU C 554 11.13 19.70 -42.77
N VAL C 555 12.29 20.32 -42.64
CA VAL C 555 12.55 21.15 -41.46
C VAL C 555 11.98 22.53 -41.66
N PHE C 556 11.72 22.91 -42.90
CA PHE C 556 11.02 24.15 -43.12
C PHE C 556 9.57 23.97 -42.81
N LEU C 557 8.99 22.88 -43.29
CA LEU C 557 7.59 22.64 -43.05
C LEU C 557 7.30 22.39 -41.59
N PHE C 558 8.21 21.71 -40.91
CA PHE C 558 7.94 21.36 -39.53
C PHE C 558 7.80 22.59 -38.67
N GLN C 559 8.66 23.58 -38.89
CA GLN C 559 8.60 24.82 -38.12
C GLN C 559 7.29 25.54 -38.37
N LYS C 560 6.84 25.52 -39.62
CA LYS C 560 5.63 26.22 -39.99
C LYS C 560 4.38 25.46 -39.62
N LEU C 561 4.53 24.36 -38.91
CA LEU C 561 3.35 23.65 -38.46
C LEU C 561 3.24 23.96 -37.00
N PRO C 562 2.12 24.56 -36.59
CA PRO C 562 1.94 24.97 -35.20
C PRO C 562 1.77 23.77 -34.30
N SER C 563 2.00 23.93 -33.01
CA SER C 563 1.94 22.80 -32.11
C SER C 563 0.83 22.90 -31.09
N SER C 564 0.10 21.81 -30.90
CA SER C 564 -1.03 21.81 -29.99
C SER C 564 -0.85 20.62 -29.07
N PHE C 565 -1.54 20.59 -27.95
CA PHE C 565 -1.46 19.43 -27.10
C PHE C 565 -2.46 18.44 -27.64
N LEU C 566 -3.70 18.87 -27.81
CA LEU C 566 -4.70 18.00 -28.39
C LEU C 566 -5.44 18.76 -29.48
N PRO C 567 -6.20 18.05 -30.33
CA PRO C 567 -6.97 18.82 -31.30
C PRO C 567 -8.38 19.10 -30.78
N GLU C 568 -8.83 20.36 -30.84
CA GLU C 568 -10.15 20.69 -30.28
C GLU C 568 -11.30 20.00 -31.00
N GLU C 569 -12.21 19.42 -30.23
CA GLU C 569 -13.34 18.69 -30.80
C GLU C 569 -14.65 19.21 -30.33
N ASP C 570 -15.70 18.98 -31.10
CA ASP C 570 -17.01 19.37 -30.65
C ASP C 570 -17.55 18.28 -29.78
N GLN C 571 -17.80 18.59 -28.52
CA GLN C 571 -18.34 17.63 -27.59
C GLN C 571 -19.78 17.95 -27.40
N GLY C 572 -20.34 18.73 -28.31
CA GLY C 572 -21.71 19.17 -28.16
C GLY C 572 -22.11 19.98 -26.92
N VAL C 573 -21.16 20.68 -26.32
CA VAL C 573 -21.47 21.53 -25.20
C VAL C 573 -20.83 22.91 -25.31
N VAL C 574 -21.60 23.96 -25.13
CA VAL C 574 -21.04 25.31 -25.12
C VAL C 574 -21.20 25.93 -23.75
N MET C 575 -20.12 26.44 -23.17
CA MET C 575 -20.16 27.00 -21.84
C MET C 575 -20.00 28.49 -21.94
N THR C 576 -20.92 29.23 -21.33
CA THR C 576 -20.88 30.68 -21.44
C THR C 576 -20.68 31.33 -20.08
N LEU C 577 -19.68 32.21 -19.99
CA LEU C 577 -19.43 32.89 -18.74
C LEU C 577 -20.03 34.30 -18.73
N VAL C 578 -20.70 34.69 -17.65
CA VAL C 578 -21.23 36.04 -17.52
C VAL C 578 -20.61 36.79 -16.34
N GLN C 579 -20.04 37.98 -16.58
CA GLN C 579 -19.52 38.82 -15.48
C GLN C 579 -20.12 40.20 -15.55
N LEU C 580 -20.56 40.74 -14.41
CA LEU C 580 -21.21 42.02 -14.41
C LEU C 580 -20.41 43.19 -13.79
N PRO C 581 -20.93 44.46 -13.86
CA PRO C 581 -20.13 45.50 -13.22
C PRO C 581 -19.81 45.27 -11.75
N PRO C 582 -18.76 45.90 -11.25
CA PRO C 582 -18.41 45.62 -9.87
C PRO C 582 -19.50 46.02 -8.86
N ASN C 583 -19.76 45.20 -7.85
CA ASN C 583 -20.77 45.46 -6.81
C ASN C 583 -22.20 45.26 -7.23
N ALA C 584 -22.38 44.62 -8.37
CA ALA C 584 -23.71 44.33 -8.84
C ALA C 584 -24.45 43.36 -7.97
N THR C 585 -25.75 43.55 -7.83
CA THR C 585 -26.60 42.65 -7.08
C THR C 585 -26.90 41.38 -7.85
N LEU C 586 -27.35 40.34 -7.15
CA LEU C 586 -27.76 39.10 -7.82
C LEU C 586 -28.97 39.27 -8.75
N ASP C 587 -29.81 40.26 -8.49
CA ASP C 587 -31.01 40.49 -9.29
C ASP C 587 -30.69 40.95 -10.66
N ARG C 588 -29.67 41.79 -10.79
CA ARG C 588 -29.24 42.28 -12.07
C ARG C 588 -28.54 41.20 -12.86
N THR C 589 -28.06 40.17 -12.18
CA THR C 589 -27.27 39.15 -12.83
C THR C 589 -28.19 38.17 -13.45
N GLY C 590 -29.30 37.91 -12.77
CA GLY C 590 -30.20 36.93 -13.29
C GLY C 590 -31.00 37.48 -14.43
N LYS C 591 -31.08 38.80 -14.52
CA LYS C 591 -31.81 39.43 -15.60
C LYS C 591 -31.00 39.27 -16.85
N VAL C 592 -29.69 39.39 -16.74
CA VAL C 592 -28.78 39.18 -17.86
C VAL C 592 -28.78 37.74 -18.31
N ILE C 593 -28.92 36.82 -17.38
CA ILE C 593 -28.80 35.43 -17.70
C ILE C 593 -30.06 34.98 -18.39
N ASP C 594 -31.14 35.70 -18.15
CA ASP C 594 -32.40 35.34 -18.78
C ASP C 594 -32.36 35.76 -20.22
N THR C 595 -31.80 36.92 -20.54
CA THR C 595 -31.67 37.23 -21.95
C THR C 595 -30.70 36.31 -22.69
N MET C 596 -29.61 35.87 -22.05
CA MET C 596 -28.67 34.94 -22.66
C MET C 596 -29.39 33.64 -22.91
N THR C 597 -30.23 33.24 -21.95
CA THR C 597 -30.99 32.02 -22.08
C THR C 597 -31.95 32.11 -23.23
N ASN C 598 -32.60 33.24 -23.37
CA ASN C 598 -33.58 33.41 -24.41
C ASN C 598 -32.96 33.27 -25.80
N PHE C 599 -31.79 33.85 -26.01
CA PHE C 599 -31.12 33.73 -27.29
C PHE C 599 -30.86 32.29 -27.66
N PHE C 600 -30.12 31.58 -26.82
CA PHE C 600 -29.77 30.21 -27.12
C PHE C 600 -30.99 29.32 -27.32
N MET C 601 -32.04 29.58 -26.57
CA MET C 601 -33.27 28.79 -26.71
C MET C 601 -34.01 28.99 -27.99
N ASN C 602 -34.04 30.21 -28.49
CA ASN C 602 -34.78 30.55 -29.69
C ASN C 602 -34.13 30.02 -30.94
N GLU C 603 -32.90 29.55 -30.80
CA GLU C 603 -32.13 29.00 -31.92
C GLU C 603 -32.78 27.79 -32.53
N LYS C 604 -32.91 26.72 -31.75
CA LYS C 604 -33.61 25.51 -32.19
C LYS C 604 -32.90 24.63 -33.19
N ASP C 605 -32.41 25.20 -34.26
CA ASP C 605 -31.67 24.44 -35.22
C ASP C 605 -30.39 23.85 -34.62
N THR C 606 -29.70 24.60 -33.78
CA THR C 606 -28.45 24.12 -33.18
C THR C 606 -28.51 23.76 -31.73
N VAL C 607 -29.64 23.98 -31.06
CA VAL C 607 -29.66 23.80 -29.60
C VAL C 607 -30.71 22.89 -29.00
N GLU C 608 -30.32 22.12 -27.97
CA GLU C 608 -31.33 21.34 -27.28
C GLU C 608 -31.71 22.03 -25.96
N SER C 609 -30.74 22.28 -25.09
CA SER C 609 -31.05 22.83 -23.77
C SER C 609 -30.01 23.75 -23.12
N ILE C 610 -30.38 24.38 -22.02
CA ILE C 610 -29.47 25.26 -21.30
C ILE C 610 -29.66 25.18 -19.80
N PHE C 611 -28.58 24.97 -19.04
CA PHE C 611 -28.66 24.98 -17.58
C PHE C 611 -27.83 26.16 -17.16
N THR C 612 -28.38 27.03 -16.33
CA THR C 612 -27.66 28.21 -15.91
C THR C 612 -27.67 28.42 -14.39
N VAL C 613 -26.60 29.00 -13.85
CA VAL C 613 -26.55 29.32 -12.43
C VAL C 613 -26.15 30.78 -12.25
N SER C 614 -26.88 31.53 -11.42
CA SER C 614 -26.50 32.89 -11.16
C SER C 614 -25.80 32.90 -9.81
N GLY C 615 -24.70 33.64 -9.70
CA GLY C 615 -23.92 33.67 -8.48
C GLY C 615 -22.67 32.83 -8.38
N PHE C 616 -22.40 31.96 -9.34
CA PHE C 616 -21.16 31.19 -9.32
C PHE C 616 -20.34 31.33 -10.59
N SER C 617 -19.05 31.50 -10.44
CA SER C 617 -18.17 31.56 -11.58
C SER C 617 -17.03 30.62 -11.38
N PHE C 618 -16.47 30.12 -12.47
CA PHE C 618 -15.33 29.28 -12.34
C PHE C 618 -14.20 30.08 -11.73
N THR C 619 -14.06 31.35 -12.12
CA THR C 619 -13.04 32.18 -11.51
C THR C 619 -13.30 32.39 -10.02
N GLY C 620 -14.43 32.95 -9.64
CA GLY C 620 -14.73 33.13 -8.22
C GLY C 620 -16.19 33.41 -8.02
N VAL C 621 -16.77 32.83 -6.98
CA VAL C 621 -18.20 32.89 -6.75
C VAL C 621 -18.75 34.13 -6.13
N GLY C 622 -19.25 35.04 -6.94
CA GLY C 622 -19.91 36.22 -6.41
C GLY C 622 -21.26 36.47 -6.98
N GLN C 623 -21.99 37.40 -6.39
CA GLN C 623 -23.33 37.77 -6.87
C GLN C 623 -23.31 38.29 -8.30
N ASN C 624 -22.28 39.03 -8.69
CA ASN C 624 -22.13 39.53 -10.08
C ASN C 624 -21.74 38.51 -11.18
N ALA C 625 -21.36 37.29 -10.80
CA ALA C 625 -20.94 36.28 -11.76
C ALA C 625 -22.03 35.30 -12.14
N GLY C 626 -21.84 34.57 -13.22
CA GLY C 626 -22.82 33.55 -13.60
C GLY C 626 -22.41 32.65 -14.74
N ILE C 627 -22.97 31.45 -14.80
CA ILE C 627 -22.59 30.48 -15.81
C ILE C 627 -23.75 29.93 -16.63
N GLY C 628 -23.45 29.44 -17.83
CA GLY C 628 -24.46 28.81 -18.63
C GLY C 628 -23.89 27.59 -19.32
N PHE C 629 -24.64 26.51 -19.41
CA PHE C 629 -24.19 25.31 -20.10
C PHE C 629 -25.19 24.97 -21.18
N VAL C 630 -24.75 24.92 -22.44
CA VAL C 630 -25.67 24.70 -23.54
C VAL C 630 -25.49 23.35 -24.20
N LYS C 631 -26.53 22.51 -24.17
CA LYS C 631 -26.45 21.19 -24.81
C LYS C 631 -26.84 21.36 -26.25
N LEU C 632 -25.92 21.08 -27.15
CA LEU C 632 -26.21 21.19 -28.55
C LEU C 632 -26.99 19.98 -29.00
N LYS C 633 -27.78 20.12 -30.04
CA LYS C 633 -28.52 19.01 -30.57
C LYS C 633 -27.56 17.98 -31.17
N ASP C 634 -28.09 16.81 -31.52
CA ASP C 634 -27.26 15.77 -32.06
C ASP C 634 -26.47 16.13 -33.31
N TRP C 635 -25.32 15.50 -33.50
CA TRP C 635 -24.48 15.77 -34.63
C TRP C 635 -25.24 15.46 -35.88
N SER C 636 -26.06 14.42 -35.85
CA SER C 636 -26.83 14.04 -37.01
C SER C 636 -27.72 15.19 -37.40
N LYS C 637 -28.32 15.87 -36.44
CA LYS C 637 -29.19 17.00 -36.71
C LYS C 637 -28.40 18.25 -37.01
N ARG C 638 -27.08 18.11 -37.10
CA ARG C 638 -26.24 19.28 -37.30
C ARG C 638 -25.37 19.00 -38.48
N THR C 639 -25.95 19.08 -39.67
CA THR C 639 -25.22 18.77 -40.89
C THR C 639 -24.74 20.02 -41.56
N THR C 640 -25.57 21.06 -41.47
CA THR C 640 -25.28 22.29 -42.19
C THR C 640 -24.23 23.10 -41.47
N PRO C 641 -23.47 23.97 -42.22
CA PRO C 641 -22.53 24.84 -41.50
C PRO C 641 -23.18 25.70 -40.45
N GLU C 642 -24.39 26.17 -40.73
CA GLU C 642 -25.10 27.05 -39.81
C GLU C 642 -25.36 26.37 -38.48
N THR C 643 -25.70 25.10 -38.51
CA THR C 643 -25.99 24.38 -37.28
C THR C 643 -24.75 23.72 -36.70
N GLN C 644 -23.58 24.18 -37.08
CA GLN C 644 -22.34 23.69 -36.49
C GLN C 644 -22.04 24.47 -35.23
N ILE C 645 -20.83 24.33 -34.68
CA ILE C 645 -20.54 24.97 -33.40
C ILE C 645 -19.98 26.38 -33.46
N GLY C 646 -19.02 26.63 -34.34
CA GLY C 646 -18.37 27.92 -34.41
C GLY C 646 -19.28 28.97 -34.99
N SER C 647 -20.28 28.57 -35.74
CA SER C 647 -21.24 29.52 -36.27
C SER C 647 -22.09 29.99 -35.13
N LEU C 648 -22.46 29.06 -34.26
CA LEU C 648 -23.27 29.43 -33.08
C LEU C 648 -22.52 30.26 -32.07
N ILE C 649 -21.28 29.88 -31.77
CA ILE C 649 -20.49 30.66 -30.85
C ILE C 649 -20.20 32.04 -31.43
N GLN C 650 -19.94 32.12 -32.73
CA GLN C 650 -19.73 33.41 -33.36
C GLN C 650 -21.00 34.23 -33.31
N ARG C 651 -22.14 33.59 -33.51
CA ARG C 651 -23.41 34.30 -33.39
C ARG C 651 -23.62 34.80 -31.98
N GLY C 652 -23.27 33.98 -31.00
CA GLY C 652 -23.43 34.36 -29.61
C GLY C 652 -22.50 35.46 -29.18
N MET C 653 -21.45 35.70 -29.95
CA MET C 653 -20.58 36.82 -29.64
C MET C 653 -21.37 38.11 -29.69
N ALA C 654 -22.46 38.16 -30.46
CA ALA C 654 -23.19 39.41 -30.59
C ALA C 654 -24.09 39.62 -29.39
N LEU C 655 -24.33 38.57 -28.61
CA LEU C 655 -25.07 38.74 -27.36
C LEU C 655 -24.44 39.82 -26.52
N ASN C 656 -23.13 39.93 -26.58
CA ASN C 656 -22.42 40.88 -25.74
C ASN C 656 -22.80 42.33 -26.03
N MET C 657 -23.01 42.65 -27.29
CA MET C 657 -23.31 44.02 -27.66
C MET C 657 -24.78 44.29 -27.43
N ILE C 658 -25.60 43.25 -27.43
CA ILE C 658 -27.02 43.45 -27.13
C ILE C 658 -27.27 44.01 -25.73
N ILE C 659 -26.80 43.29 -24.72
CA ILE C 659 -27.08 43.70 -23.35
C ILE C 659 -25.96 44.51 -22.75
N LYS C 660 -26.29 45.71 -22.25
CA LYS C 660 -25.26 46.59 -21.71
C LYS C 660 -25.14 46.59 -20.18
N ASP C 661 -25.91 45.76 -19.48
CA ASP C 661 -25.74 45.73 -18.03
C ASP C 661 -24.78 44.61 -17.62
N ALA C 662 -23.93 44.19 -18.55
CA ALA C 662 -22.97 43.15 -18.25
C ALA C 662 -21.60 43.63 -18.61
N SER C 663 -20.61 43.34 -17.78
CA SER C 663 -19.23 43.68 -18.16
C SER C 663 -18.90 42.88 -19.40
N TYR C 664 -19.22 41.59 -19.40
CA TYR C 664 -18.99 40.74 -20.57
C TYR C 664 -19.72 39.42 -20.56
N VAL C 665 -20.33 39.06 -21.68
CA VAL C 665 -20.93 37.74 -21.78
C VAL C 665 -20.11 37.02 -22.82
N MET C 666 -19.34 36.00 -22.45
CA MET C 666 -18.44 35.37 -23.43
C MET C 666 -18.65 33.90 -23.68
N PRO C 667 -19.20 33.57 -24.86
CA PRO C 667 -19.45 32.18 -25.21
C PRO C 667 -18.16 31.44 -25.41
N LEU C 668 -18.05 30.24 -24.88
CA LEU C 668 -16.85 29.46 -25.11
C LEU C 668 -17.10 27.98 -25.39
N GLN C 669 -16.35 27.39 -26.32
CA GLN C 669 -16.44 25.97 -26.60
C GLN C 669 -15.73 25.18 -25.52
N LEU C 670 -16.29 24.04 -25.12
CA LEU C 670 -15.68 23.21 -24.07
C LEU C 670 -14.32 22.64 -24.44
N PRO C 671 -13.40 22.57 -23.47
CA PRO C 671 -12.11 21.93 -23.77
C PRO C 671 -12.28 20.45 -24.04
N ALA C 672 -11.43 19.86 -24.88
CA ALA C 672 -11.61 18.46 -25.27
C ALA C 672 -11.55 17.49 -24.11
N MET C 673 -10.50 17.55 -23.29
CA MET C 673 -10.49 16.70 -22.11
C MET C 673 -10.71 17.63 -20.94
N PRO C 674 -11.89 17.55 -20.31
CA PRO C 674 -12.24 18.47 -19.23
C PRO C 674 -11.40 18.37 -17.97
N GLU C 675 -10.97 17.17 -17.60
CA GLU C 675 -10.23 17.01 -16.35
C GLU C 675 -8.97 17.85 -16.23
N LEU C 676 -8.29 18.08 -17.34
CA LEU C 676 -7.12 18.95 -17.29
C LEU C 676 -7.72 20.32 -17.52
N GLY C 677 -7.62 21.19 -16.55
CA GLY C 677 -8.24 22.50 -16.65
C GLY C 677 -7.73 23.32 -17.82
N VAL C 678 -6.42 23.49 -17.92
CA VAL C 678 -5.85 24.30 -18.99
C VAL C 678 -5.07 23.46 -19.96
N THR C 679 -5.32 23.65 -21.25
CA THR C 679 -4.61 22.88 -22.26
C THR C 679 -3.84 23.84 -23.15
N ALA C 680 -4.01 25.14 -22.92
CA ALA C 680 -3.36 26.11 -23.79
C ALA C 680 -2.67 27.25 -23.06
N GLY C 681 -1.48 27.64 -23.53
CA GLY C 681 -0.79 28.76 -22.94
C GLY C 681 0.04 28.52 -21.72
N PHE C 682 0.49 29.59 -21.08
CA PHE C 682 1.28 29.51 -19.85
C PHE C 682 0.61 29.94 -18.59
N ASN C 683 0.84 29.16 -17.54
CA ASN C 683 0.32 29.51 -16.24
C ASN C 683 1.47 30.00 -15.40
N LEU C 684 1.42 31.24 -14.96
CA LEU C 684 2.47 31.81 -14.16
C LEU C 684 1.93 32.28 -12.83
N GLN C 685 2.64 32.00 -11.76
CA GLN C 685 2.25 32.53 -10.47
C GLN C 685 3.26 33.56 -10.01
N LEU C 686 2.86 34.81 -9.87
CA LEU C 686 3.75 35.84 -9.36
C LEU C 686 3.56 35.93 -7.87
N LYS C 687 4.63 35.83 -7.11
CA LYS C 687 4.51 35.81 -5.66
C LYS C 687 5.22 36.95 -4.95
N ASP C 688 4.59 37.53 -3.94
CA ASP C 688 5.19 38.59 -3.16
C ASP C 688 5.95 38.01 -2.00
N SER C 689 7.24 37.76 -2.17
CA SER C 689 7.98 37.09 -1.12
C SER C 689 8.44 38.04 -0.03
N SER C 690 8.62 39.30 -0.33
CA SER C 690 9.05 40.27 0.66
C SER C 690 8.03 40.54 1.74
N GLY C 691 6.87 39.95 1.64
CA GLY C 691 5.81 40.23 2.58
C GLY C 691 5.16 41.57 2.38
N GLN C 692 5.34 42.16 1.21
CA GLN C 692 4.70 43.41 0.91
C GLN C 692 3.26 42.99 0.74
N GLY C 693 2.33 43.92 0.72
CA GLY C 693 0.95 43.51 0.71
C GLY C 693 0.29 43.29 -0.61
N HIS C 694 -1.04 43.28 -0.60
CA HIS C 694 -1.77 42.98 -1.80
C HIS C 694 -1.67 44.08 -2.85
N GLU C 695 -1.86 45.32 -2.42
CA GLU C 695 -1.77 46.44 -3.35
C GLU C 695 -0.43 46.51 -4.05
N LYS C 696 0.65 46.40 -3.31
CA LYS C 696 1.97 46.38 -3.92
C LYS C 696 2.17 45.22 -4.87
N LEU C 697 1.63 44.05 -4.54
CA LEU C 697 1.69 42.92 -5.47
C LEU C 697 0.91 43.24 -6.74
N ILE C 698 -0.25 43.88 -6.61
CA ILE C 698 -1.06 44.27 -7.77
C ILE C 698 -0.30 45.25 -8.64
N ALA C 699 0.42 46.17 -8.03
CA ALA C 699 1.14 47.17 -8.79
C ALA C 699 2.15 46.49 -9.66
N ALA C 700 2.86 45.52 -9.11
CA ALA C 700 3.85 44.77 -9.85
C ALA C 700 3.25 43.95 -10.97
N ARG C 701 1.98 43.56 -10.83
CA ARG C 701 1.35 42.72 -11.82
C ARG C 701 0.92 43.58 -12.95
N ASN C 702 0.38 44.74 -12.61
CA ASN C 702 -0.06 45.66 -13.64
C ASN C 702 1.15 46.05 -14.45
N THR C 703 2.28 46.21 -13.80
CA THR C 703 3.50 46.50 -14.50
C THR C 703 3.92 45.39 -15.47
N ILE C 704 3.83 44.15 -15.04
CA ILE C 704 4.24 43.05 -15.89
C ILE C 704 3.24 42.83 -16.99
N LEU C 705 1.96 42.98 -16.69
CA LEU C 705 0.95 42.72 -17.65
C LEU C 705 0.95 43.84 -18.63
N GLY C 706 1.60 44.95 -18.27
CA GLY C 706 1.68 46.03 -19.23
C GLY C 706 2.88 45.91 -20.14
N LEU C 707 4.02 45.50 -19.63
CA LEU C 707 5.19 45.29 -20.46
C LEU C 707 4.88 44.22 -21.47
N ALA C 708 4.12 43.21 -21.05
CA ALA C 708 3.80 42.10 -21.93
C ALA C 708 3.02 42.55 -23.14
N SER C 709 2.13 43.50 -22.96
CA SER C 709 1.29 43.92 -24.07
C SER C 709 2.16 44.43 -25.21
N GLN C 710 3.26 45.08 -24.88
CA GLN C 710 4.15 45.62 -25.90
C GLN C 710 4.86 44.55 -26.71
N ASP C 711 5.26 43.45 -26.07
CA ASP C 711 6.02 42.41 -26.78
C ASP C 711 5.21 41.63 -27.80
N LYS C 712 5.75 41.47 -29.00
CA LYS C 712 5.07 40.72 -30.07
C LYS C 712 4.91 39.26 -29.77
N ARG C 713 5.92 38.65 -29.16
CA ARG C 713 5.90 37.22 -28.90
C ARG C 713 4.82 36.69 -27.96
N LEU C 714 4.12 37.59 -27.27
CA LEU C 714 3.10 37.16 -26.31
C LEU C 714 1.73 37.67 -26.69
N VAL C 715 0.73 36.80 -26.65
CA VAL C 715 -0.62 37.19 -26.98
C VAL C 715 -1.56 36.92 -25.81
N GLY C 716 -2.53 37.79 -25.58
CA GLY C 716 -3.52 37.57 -24.56
C GLY C 716 -3.09 37.34 -23.13
N VAL C 717 -2.09 38.08 -22.67
CA VAL C 717 -1.65 37.95 -21.30
C VAL C 717 -2.68 38.57 -20.39
N ARG C 718 -3.27 37.79 -19.47
CA ARG C 718 -4.35 38.31 -18.65
C ARG C 718 -4.25 38.03 -17.15
N PRO C 719 -4.95 38.83 -16.34
CA PRO C 719 -4.95 38.67 -14.87
C PRO C 719 -5.47 37.38 -14.26
N ASN C 720 -6.42 36.65 -14.83
CA ASN C 720 -6.85 35.37 -14.25
C ASN C 720 -7.25 35.39 -12.79
N GLY C 721 -8.18 36.25 -12.42
CA GLY C 721 -8.53 36.35 -11.03
C GLY C 721 -9.58 37.40 -10.86
N GLN C 722 -10.04 37.58 -9.64
CA GLN C 722 -11.07 38.60 -9.36
C GLN C 722 -10.36 39.96 -9.17
N GLU C 723 -11.08 41.06 -9.35
CA GLU C 723 -10.48 42.39 -9.22
C GLU C 723 -10.99 43.10 -7.99
N ASP C 724 -10.20 44.02 -7.45
CA ASP C 724 -10.60 44.73 -6.24
C ASP C 724 -11.82 45.55 -6.47
N THR C 725 -12.67 45.63 -5.46
CA THR C 725 -13.93 46.29 -5.61
C THR C 725 -14.18 47.16 -4.42
N PRO C 726 -15.06 48.14 -4.54
CA PRO C 726 -15.37 48.92 -3.35
C PRO C 726 -15.96 48.11 -2.20
N GLN C 727 -15.60 48.44 -0.98
CA GLN C 727 -16.10 47.76 0.22
C GLN C 727 -16.39 48.82 1.26
N TYR C 728 -17.08 48.48 2.35
CA TYR C 728 -17.48 49.45 3.38
C TYR C 728 -16.97 49.11 4.79
N GLN C 729 -16.40 50.09 5.50
CA GLN C 729 -15.92 49.85 6.85
C GLN C 729 -16.68 50.57 7.92
N ILE C 730 -17.12 49.85 8.94
CA ILE C 730 -17.76 50.47 10.07
C ILE C 730 -16.67 50.84 11.04
N ASN C 731 -16.80 51.98 11.71
CA ASN C 731 -15.76 52.46 12.59
C ASN C 731 -16.40 52.71 13.92
N VAL C 732 -16.05 51.94 14.94
CA VAL C 732 -16.70 52.05 16.23
C VAL C 732 -15.84 52.84 17.17
N ASP C 733 -16.38 53.89 17.76
CA ASP C 733 -15.62 54.66 18.71
C ASP C 733 -15.82 54.08 20.08
N GLN C 734 -14.75 53.61 20.69
CA GLN C 734 -14.82 53.04 22.02
C GLN C 734 -15.15 54.10 23.06
N ALA C 735 -14.78 55.34 22.80
CA ALA C 735 -14.98 56.37 23.82
C ALA C 735 -16.39 56.90 23.83
N GLN C 736 -16.99 57.07 22.66
CA GLN C 736 -18.38 57.49 22.67
C GLN C 736 -19.19 56.36 23.28
N ALA C 737 -18.86 55.14 22.90
CA ALA C 737 -19.55 53.99 23.45
C ALA C 737 -19.34 53.91 24.93
N GLY C 738 -18.15 54.25 25.39
CA GLY C 738 -17.84 54.16 26.81
C GLY C 738 -18.69 55.06 27.65
N ALA C 739 -18.91 56.28 27.20
CA ALA C 739 -19.76 57.19 27.91
C ALA C 739 -21.16 56.61 27.97
N MET C 740 -21.59 56.02 26.88
CA MET C 740 -22.91 55.43 26.84
C MET C 740 -23.02 54.22 27.76
N GLY C 741 -21.94 53.51 27.99
CA GLY C 741 -22.06 52.33 28.80
C GLY C 741 -21.82 51.07 28.02
N VAL C 742 -22.11 51.12 26.74
CA VAL C 742 -22.00 49.92 25.90
C VAL C 742 -20.64 49.29 25.82
N SER C 743 -20.61 47.96 25.84
CA SER C 743 -19.38 47.19 25.71
C SER C 743 -19.03 46.87 24.28
N ILE C 744 -17.74 46.77 23.98
CA ILE C 744 -17.29 46.50 22.62
C ILE C 744 -17.75 45.17 22.10
N ALA C 745 -17.75 44.13 22.91
CA ALA C 745 -18.07 42.82 22.37
C ALA C 745 -19.55 42.72 22.27
N GLU C 746 -20.28 43.55 22.99
CA GLU C 746 -21.71 43.59 22.75
C GLU C 746 -22.02 44.16 21.40
N ILE C 747 -21.31 45.21 21.01
CA ILE C 747 -21.51 45.84 19.72
C ILE C 747 -21.12 44.82 18.68
N ASN C 748 -19.97 44.20 18.86
CA ASN C 748 -19.49 43.21 17.91
C ASN C 748 -20.46 42.04 17.74
N ASN C 749 -21.08 41.59 18.83
CA ASN C 749 -21.96 40.43 18.75
C ASN C 749 -23.22 40.76 18.03
N THR C 750 -23.83 41.89 18.38
CA THR C 750 -25.04 42.33 17.71
C THR C 750 -24.87 42.22 16.23
N MET C 751 -23.86 42.89 15.68
CA MET C 751 -23.67 42.93 14.25
C MET C 751 -23.44 41.61 13.59
N ARG C 752 -22.66 40.74 14.20
CA ARG C 752 -22.43 39.41 13.66
C ARG C 752 -23.71 38.69 13.38
N ILE C 753 -24.64 38.71 14.32
CA ILE C 753 -25.93 38.07 14.11
C ILE C 753 -26.82 38.87 13.22
N ALA C 754 -26.93 40.15 13.49
CA ALA C 754 -27.81 41.00 12.70
C ALA C 754 -27.42 40.96 11.24
N TRP C 755 -26.40 41.70 10.85
CA TRP C 755 -25.95 41.72 9.49
C TRP C 755 -25.33 40.44 8.95
N GLY C 756 -24.44 39.82 9.72
CA GLY C 756 -23.84 38.57 9.30
C GLY C 756 -24.62 37.28 9.25
N GLY C 757 -25.43 37.02 10.28
CA GLY C 757 -26.15 35.77 10.37
C GLY C 757 -25.50 34.75 11.28
N SER C 758 -26.30 33.93 11.97
CA SER C 758 -25.72 32.88 12.78
C SER C 758 -26.42 31.54 12.74
N TYR C 759 -25.65 30.46 12.75
CA TYR C 759 -26.23 29.15 12.82
C TYR C 759 -26.19 28.69 14.27
N ILE C 760 -27.35 28.66 14.92
CA ILE C 760 -27.47 28.17 16.29
C ILE C 760 -27.35 26.69 16.54
N ASN C 761 -28.29 25.90 16.03
CA ASN C 761 -28.35 24.48 16.29
C ASN C 761 -29.19 23.76 15.26
N ASP C 762 -29.10 22.44 15.23
CA ASP C 762 -29.94 21.66 14.34
C ASP C 762 -31.35 21.33 14.84
N PHE C 763 -32.26 20.98 13.93
CA PHE C 763 -33.63 20.54 14.31
C PHE C 763 -33.99 19.44 13.32
N VAL C 764 -35.02 18.66 13.62
CA VAL C 764 -35.46 17.61 12.69
C VAL C 764 -36.75 17.93 11.95
N ASP C 765 -36.75 17.82 10.62
CA ASP C 765 -37.98 17.99 9.87
C ASP C 765 -38.10 16.82 8.94
N ARG C 766 -39.19 16.08 9.07
CA ARG C 766 -39.43 14.91 8.24
C ARG C 766 -38.29 13.91 8.27
N GLY C 767 -37.67 13.70 9.42
CA GLY C 767 -36.63 12.70 9.54
C GLY C 767 -35.25 13.10 9.05
N ARG C 768 -35.08 14.35 8.64
CA ARG C 768 -33.79 14.81 8.21
C ARG C 768 -33.39 15.99 9.08
N VAL C 769 -32.16 16.05 9.55
CA VAL C 769 -31.81 17.15 10.42
C VAL C 769 -31.36 18.34 9.62
N LYS C 770 -31.96 19.48 9.91
CA LYS C 770 -31.70 20.70 9.16
C LYS C 770 -31.32 21.79 10.15
N LYS C 771 -30.74 22.87 9.69
CA LYS C 771 -30.27 23.90 10.62
C LYS C 771 -31.18 25.07 10.95
N VAL C 772 -30.85 25.79 12.01
CA VAL C 772 -31.56 27.02 12.39
C VAL C 772 -30.63 28.20 12.26
N TYR C 773 -31.09 29.25 11.61
CA TYR C 773 -30.28 30.45 11.41
C TYR C 773 -30.99 31.69 11.90
N VAL C 774 -30.24 32.62 12.49
CA VAL C 774 -30.81 33.87 12.98
C VAL C 774 -30.09 35.04 12.33
N GLN C 775 -30.82 35.88 11.59
CA GLN C 775 -30.23 37.03 10.93
C GLN C 775 -31.27 38.10 11.05
N GLY C 776 -30.96 39.31 10.64
CA GLY C 776 -31.95 40.35 10.66
C GLY C 776 -32.68 40.36 9.35
N ASP C 777 -33.81 41.04 9.29
CA ASP C 777 -34.57 40.97 8.07
C ASP C 777 -33.96 41.77 6.96
N ALA C 778 -34.17 41.40 5.71
CA ALA C 778 -33.46 41.99 4.61
C ALA C 778 -33.54 43.48 4.68
N GLY C 779 -34.69 44.02 5.07
CA GLY C 779 -34.86 45.45 5.08
C GLY C 779 -33.90 46.15 5.97
N SER C 780 -33.45 45.51 7.05
CA SER C 780 -32.57 46.16 8.01
C SER C 780 -31.10 45.96 7.71
N ARG C 781 -30.79 45.22 6.68
CA ARG C 781 -29.40 45.03 6.36
C ARG C 781 -29.06 45.32 4.93
N MET C 782 -29.89 46.11 4.28
CA MET C 782 -29.63 46.53 2.91
C MET C 782 -28.63 47.61 2.63
N MET C 783 -28.69 48.71 3.36
CA MET C 783 -27.85 49.87 3.07
C MET C 783 -27.17 50.37 4.32
N PRO C 784 -26.18 51.31 4.17
CA PRO C 784 -25.50 51.73 5.39
C PRO C 784 -26.36 52.50 6.40
N GLU C 785 -27.43 53.15 5.97
CA GLU C 785 -28.33 53.84 6.87
C GLU C 785 -29.04 52.87 7.79
N ASP C 786 -29.20 51.64 7.34
CA ASP C 786 -29.90 50.64 8.10
C ASP C 786 -29.20 50.26 9.40
N LEU C 787 -27.91 50.55 9.51
CA LEU C 787 -27.17 50.28 10.75
C LEU C 787 -27.69 51.10 11.91
N ASN C 788 -28.09 52.33 11.64
CA ASN C 788 -28.57 53.20 12.69
C ASN C 788 -29.85 52.66 13.29
N LYS C 789 -30.47 51.72 12.59
CA LYS C 789 -31.67 51.08 13.11
C LYS C 789 -31.41 50.03 14.18
N TRP C 790 -30.16 49.80 14.55
CA TRP C 790 -29.86 48.76 15.52
C TRP C 790 -29.48 49.24 16.92
N TYR C 791 -29.89 48.51 17.94
CA TYR C 791 -29.66 48.95 19.31
C TYR C 791 -28.90 47.98 20.20
N VAL C 792 -28.19 48.48 21.21
CA VAL C 792 -27.51 47.61 22.16
C VAL C 792 -27.81 48.18 23.52
N ARG C 793 -27.75 47.34 24.55
CA ARG C 793 -28.02 47.76 25.92
C ARG C 793 -26.84 48.46 26.58
N ASN C 794 -27.06 49.41 27.49
CA ASN C 794 -25.91 50.16 28.03
C ASN C 794 -25.31 49.76 29.36
N ASN C 795 -25.73 48.63 29.91
CA ASN C 795 -25.20 48.11 31.20
C ASN C 795 -25.96 48.70 32.35
N LYS C 796 -26.75 49.72 32.10
CA LYS C 796 -27.61 50.23 33.13
C LYS C 796 -28.91 49.73 32.56
N GLY C 797 -28.83 49.02 31.43
CA GLY C 797 -30.00 48.44 30.82
C GLY C 797 -30.76 49.24 29.78
N GLU C 798 -30.42 50.51 29.65
CA GLU C 798 -31.06 51.36 28.68
C GLU C 798 -30.65 50.96 27.30
N MET C 799 -31.56 50.99 26.35
CA MET C 799 -31.20 50.69 24.98
C MET C 799 -30.43 51.86 24.35
N VAL C 800 -29.30 51.58 23.72
CA VAL C 800 -28.47 52.64 23.09
C VAL C 800 -28.34 52.47 21.57
N PRO C 801 -28.52 53.56 20.78
CA PRO C 801 -28.43 53.29 19.34
C PRO C 801 -27.03 53.29 18.70
N PHE C 802 -26.89 52.64 17.54
CA PHE C 802 -25.59 52.57 16.85
C PHE C 802 -25.15 53.91 16.39
N SER C 803 -26.09 54.81 16.26
CA SER C 803 -25.78 56.14 15.82
C SER C 803 -24.78 56.79 16.74
N ALA C 804 -24.93 56.59 18.04
CA ALA C 804 -24.04 57.27 18.98
C ALA C 804 -22.57 56.93 18.87
N PHE C 805 -22.23 55.67 18.62
CA PHE C 805 -20.83 55.29 18.57
C PHE C 805 -20.22 54.93 17.23
N ALA C 806 -21.02 54.85 16.18
CA ALA C 806 -20.47 54.34 14.93
C ALA C 806 -20.61 55.17 13.67
N THR C 807 -19.55 55.17 12.87
CA THR C 807 -19.56 55.92 11.62
C THR C 807 -19.08 54.96 10.60
N GLY C 808 -19.31 55.24 9.33
CA GLY C 808 -18.83 54.38 8.28
C GLY C 808 -18.21 55.08 7.11
N GLU C 809 -17.27 54.43 6.43
CA GLU C 809 -16.64 55.01 5.29
C GLU C 809 -16.62 53.98 4.18
N TRP C 810 -16.24 54.37 2.99
CA TRP C 810 -16.14 53.43 1.88
C TRP C 810 -14.69 53.23 1.54
N THR C 811 -14.25 51.99 1.44
CA THR C 811 -12.89 51.69 1.12
C THR C 811 -12.90 50.78 -0.10
N TYR C 812 -11.82 50.09 -0.37
CA TYR C 812 -11.75 49.15 -1.45
C TYR C 812 -11.22 47.86 -0.86
N GLY C 813 -11.36 46.77 -1.58
CA GLY C 813 -10.90 45.50 -1.07
C GLY C 813 -10.97 44.38 -2.05
N SER C 814 -10.37 43.26 -1.70
CA SER C 814 -10.34 42.14 -2.61
C SER C 814 -11.38 41.07 -2.35
N PRO C 815 -12.17 40.72 -3.37
CA PRO C 815 -13.14 39.65 -3.25
C PRO C 815 -12.50 38.29 -3.07
N ARG C 816 -11.42 38.03 -3.79
CA ARG C 816 -10.71 36.77 -3.68
C ARG C 816 -9.23 36.96 -3.53
N LEU C 817 -8.63 36.26 -2.57
CA LEU C 817 -7.20 36.36 -2.33
C LEU C 817 -6.56 35.04 -2.65
N GLU C 818 -5.31 35.03 -3.08
CA GLU C 818 -4.66 33.81 -3.51
C GLU C 818 -3.31 33.58 -2.89
N ARG C 819 -2.93 32.33 -2.67
CA ARG C 819 -1.61 32.00 -2.13
C ARG C 819 -1.00 30.85 -2.88
N TYR C 820 0.27 30.94 -3.26
CA TYR C 820 0.95 29.82 -3.90
C TYR C 820 2.19 29.50 -3.12
N ASN C 821 2.24 28.30 -2.56
CA ASN C 821 3.40 27.87 -1.78
C ASN C 821 3.56 28.62 -0.46
N GLY C 822 2.45 28.98 0.17
CA GLY C 822 2.49 29.72 1.43
C GLY C 822 2.60 31.22 1.36
N VAL C 823 2.69 31.79 0.17
CA VAL C 823 2.90 33.21 0.01
C VAL C 823 1.77 33.79 -0.86
N SER C 824 1.30 35.00 -0.55
CA SER C 824 0.28 35.69 -1.36
C SER C 824 0.68 35.79 -2.79
N SER C 825 -0.24 35.48 -3.70
CA SER C 825 0.11 35.42 -5.09
C SER C 825 -0.98 35.77 -6.06
N VAL C 826 -0.65 35.91 -7.33
CA VAL C 826 -1.61 36.21 -8.37
C VAL C 826 -1.29 35.35 -9.60
N ASN C 827 -2.27 34.68 -10.20
CA ASN C 827 -2.04 33.89 -11.41
C ASN C 827 -2.07 34.74 -12.65
N ILE C 828 -1.11 34.58 -13.54
CA ILE C 828 -1.15 35.28 -14.83
C ILE C 828 -1.12 34.23 -15.95
N GLN C 829 -2.04 34.33 -16.91
CA GLN C 829 -2.14 33.37 -18.03
C GLN C 829 -1.97 33.99 -19.41
N GLY C 830 -1.21 33.37 -20.31
CA GLY C 830 -1.05 33.90 -21.66
C GLY C 830 -0.83 32.88 -22.75
N THR C 831 -1.07 33.25 -24.00
CA THR C 831 -0.84 32.35 -25.14
C THR C 831 0.39 32.78 -25.92
N PRO C 832 1.03 31.83 -26.63
CA PRO C 832 2.18 32.16 -27.46
C PRO C 832 1.81 32.90 -28.75
N ALA C 833 2.79 33.44 -29.45
CA ALA C 833 2.53 34.14 -30.71
C ALA C 833 2.59 33.04 -31.76
N PRO C 834 1.78 33.15 -32.87
CA PRO C 834 1.74 31.99 -33.76
C PRO C 834 3.12 31.53 -34.23
N GLY C 835 3.97 32.44 -34.64
CA GLY C 835 5.32 32.10 -35.04
C GLY C 835 6.13 31.52 -33.90
N VAL C 836 6.17 32.24 -32.78
CA VAL C 836 7.02 31.82 -31.66
C VAL C 836 6.71 30.51 -30.95
N SER C 837 7.76 29.78 -30.57
CA SER C 837 7.57 28.54 -29.83
C SER C 837 7.16 28.82 -28.41
N SER C 838 6.56 27.82 -27.75
CA SER C 838 6.08 27.99 -26.39
C SER C 838 7.19 28.32 -25.41
N GLY C 839 8.33 27.69 -25.57
CA GLY C 839 9.41 27.89 -24.64
C GLY C 839 9.89 29.30 -24.66
N ASP C 840 10.00 29.85 -25.84
CA ASP C 840 10.46 31.21 -25.98
C ASP C 840 9.46 32.15 -25.34
N ALA C 841 8.19 31.82 -25.48
CA ALA C 841 7.14 32.66 -24.92
C ALA C 841 7.36 32.71 -23.45
N MET C 842 7.59 31.55 -22.86
CA MET C 842 7.86 31.50 -21.44
C MET C 842 9.11 32.27 -21.09
N LYS C 843 10.15 32.10 -21.90
CA LYS C 843 11.43 32.76 -21.61
C LYS C 843 11.27 34.26 -21.65
N ALA C 844 10.51 34.74 -22.61
CA ALA C 844 10.26 36.17 -22.71
C ALA C 844 9.51 36.70 -21.51
N MET C 845 8.49 35.97 -21.08
CA MET C 845 7.75 36.34 -19.88
C MET C 845 8.70 36.57 -18.74
N GLU C 846 9.64 35.64 -18.54
CA GLU C 846 10.59 35.75 -17.45
C GLU C 846 11.43 37.00 -17.55
N GLU C 847 11.83 37.36 -18.76
CA GLU C 847 12.63 38.56 -18.96
C GLU C 847 11.82 39.76 -18.54
N ILE C 848 10.55 39.76 -18.91
CA ILE C 848 9.67 40.84 -18.52
C ILE C 848 9.56 40.89 -17.00
N ILE C 849 9.48 39.73 -16.37
CA ILE C 849 9.43 39.68 -14.91
C ILE C 849 10.69 40.23 -14.23
N GLY C 850 11.86 39.96 -14.78
CA GLY C 850 13.07 40.41 -14.12
C GLY C 850 13.30 41.87 -14.38
N LYS C 851 12.56 42.44 -15.33
CA LYS C 851 12.62 43.88 -15.53
C LYS C 851 12.20 44.65 -14.31
N LEU C 852 11.65 43.96 -13.33
CA LEU C 852 11.07 44.67 -12.18
C LEU C 852 11.95 45.50 -11.28
N PRO C 853 13.17 45.03 -10.99
CA PRO C 853 13.90 45.89 -10.06
C PRO C 853 14.42 47.12 -10.76
N SER C 854 14.71 47.04 -12.06
CA SER C 854 15.08 48.24 -12.78
C SER C 854 13.88 49.19 -12.85
N MET C 855 12.69 48.64 -13.04
CA MET C 855 11.47 49.45 -13.08
C MET C 855 11.09 49.97 -11.72
N GLY C 856 11.77 49.50 -10.69
CA GLY C 856 11.50 49.97 -9.35
C GLY C 856 10.99 48.94 -8.38
N LEU C 857 10.11 48.06 -8.84
CA LEU C 857 9.50 47.08 -7.94
C LEU C 857 10.45 45.96 -7.51
N GLN C 858 10.43 45.59 -6.24
CA GLN C 858 11.36 44.57 -5.76
C GLN C 858 10.72 43.53 -4.87
N GLY C 859 11.32 42.34 -4.86
CA GLY C 859 10.87 41.27 -3.97
C GLY C 859 9.72 40.50 -4.55
N PHE C 860 9.56 40.61 -5.84
CA PHE C 860 8.55 39.85 -6.51
C PHE C 860 9.25 38.74 -7.23
N ASP C 861 8.82 37.53 -6.99
CA ASP C 861 9.45 36.38 -7.59
C ASP C 861 8.37 35.63 -8.27
N TYR C 862 8.73 34.62 -9.03
CA TYR C 862 7.75 33.92 -9.80
C TYR C 862 7.99 32.46 -9.91
N GLU C 863 6.93 31.70 -10.13
CA GLU C 863 7.07 30.26 -10.38
C GLU C 863 6.17 29.82 -11.53
N TRP C 864 6.49 28.70 -12.17
CA TRP C 864 5.68 28.15 -13.26
C TRP C 864 4.76 27.02 -12.77
N THR C 865 3.52 26.97 -13.23
CA THR C 865 2.54 25.96 -12.77
C THR C 865 1.66 25.30 -13.80
N GLY C 866 1.18 24.10 -13.49
CA GLY C 866 0.36 23.36 -14.41
C GLY C 866 1.15 22.66 -15.44
N LEU C 867 0.66 22.66 -16.67
CA LEU C 867 1.35 22.00 -17.76
C LEU C 867 2.67 22.67 -18.02
N SER C 868 2.79 23.95 -17.71
CA SER C 868 4.03 24.68 -17.92
C SER C 868 5.17 24.11 -17.09
N LEU C 869 4.89 23.66 -15.88
CA LEU C 869 5.92 23.12 -15.03
C LEU C 869 6.36 21.85 -15.68
N GLU C 870 5.42 21.14 -16.27
CA GLU C 870 5.73 19.90 -16.91
C GLU C 870 6.70 20.14 -18.02
N GLU C 871 6.51 21.20 -18.77
CA GLU C 871 7.36 21.44 -19.90
C GLU C 871 8.81 21.66 -19.52
N ARG C 872 9.02 22.46 -18.51
CA ARG C 872 10.38 22.71 -18.04
C ARG C 872 10.98 21.46 -17.44
N GLU C 873 10.20 20.77 -16.65
CA GLU C 873 10.63 19.50 -16.08
C GLU C 873 11.01 18.49 -17.14
N SER C 874 10.09 18.18 -18.03
CA SER C 874 10.32 17.12 -19.01
C SER C 874 10.95 17.48 -20.35
N GLY C 875 11.33 18.73 -20.56
CA GLY C 875 11.84 19.13 -21.87
C GLY C 875 13.09 18.41 -22.34
N ALA C 876 14.03 18.18 -21.43
CA ALA C 876 15.26 17.50 -21.77
C ALA C 876 15.08 16.05 -22.22
N GLN C 877 14.13 15.33 -21.63
CA GLN C 877 14.00 13.90 -21.91
C GLN C 877 13.74 13.43 -23.34
N ALA C 878 12.91 14.12 -24.10
CA ALA C 878 12.53 13.63 -25.42
C ALA C 878 13.67 13.26 -26.39
N PRO C 879 14.64 14.17 -26.65
CA PRO C 879 15.65 13.73 -27.63
C PRO C 879 16.52 12.60 -27.11
N PHE C 880 16.71 12.49 -25.80
CA PHE C 880 17.49 11.41 -25.24
C PHE C 880 16.90 10.07 -25.52
N LEU C 881 15.60 9.95 -25.32
CA LEU C 881 14.96 8.69 -25.49
C LEU C 881 15.05 8.30 -26.93
N TYR C 882 14.84 9.26 -27.83
CA TYR C 882 14.95 9.00 -29.26
C TYR C 882 16.35 8.67 -29.72
N ALA C 883 17.35 9.31 -29.14
CA ALA C 883 18.72 8.96 -29.45
C ALA C 883 19.01 7.55 -29.02
N LEU C 884 18.50 7.16 -27.86
CA LEU C 884 18.68 5.81 -27.37
C LEU C 884 18.03 4.85 -28.31
N SER C 885 16.87 5.21 -28.82
CA SER C 885 16.15 4.33 -29.71
C SER C 885 16.97 4.07 -30.94
N LEU C 886 17.62 5.11 -31.44
CA LEU C 886 18.38 4.97 -32.65
C LEU C 886 19.49 3.97 -32.44
N LEU C 887 20.21 4.09 -31.35
CA LEU C 887 21.29 3.19 -31.11
C LEU C 887 20.83 1.75 -31.04
N ILE C 888 19.74 1.50 -30.35
CA ILE C 888 19.26 0.13 -30.18
C ILE C 888 18.90 -0.47 -31.50
N VAL C 889 18.25 0.31 -32.36
CA VAL C 889 17.87 -0.16 -33.69
C VAL C 889 19.10 -0.54 -34.49
N PHE C 890 20.16 0.24 -34.39
CA PHE C 890 21.39 -0.03 -35.10
C PHE C 890 22.00 -1.32 -34.66
N LEU C 891 21.95 -1.62 -33.37
CA LEU C 891 22.59 -2.80 -32.88
C LEU C 891 21.74 -3.98 -33.20
N CYS C 892 20.42 -3.81 -33.21
CA CYS C 892 19.54 -4.89 -33.66
C CYS C 892 19.79 -5.19 -35.13
N LEU C 893 19.92 -4.16 -35.95
CA LEU C 893 20.19 -4.35 -37.37
C LEU C 893 21.54 -4.99 -37.59
N ALA C 894 22.50 -4.62 -36.78
CA ALA C 894 23.85 -5.15 -36.90
C ALA C 894 23.86 -6.64 -36.64
N ALA C 895 22.97 -7.09 -35.79
CA ALA C 895 22.89 -8.50 -35.47
C ALA C 895 22.16 -9.27 -36.56
N LEU C 896 21.24 -8.63 -37.28
CA LEU C 896 20.52 -9.29 -38.37
C LEU C 896 21.30 -9.37 -39.67
N TYR C 897 22.08 -8.35 -39.97
CA TYR C 897 22.84 -8.35 -41.20
C TYR C 897 24.28 -8.75 -41.05
N GLU C 898 24.74 -8.98 -39.82
CA GLU C 898 26.15 -9.29 -39.55
C GLU C 898 27.00 -8.23 -40.17
N SER C 899 26.67 -6.98 -39.91
CA SER C 899 27.39 -5.88 -40.51
C SER C 899 27.29 -4.62 -39.67
N TRP C 900 28.34 -3.84 -39.57
CA TRP C 900 28.27 -2.59 -38.86
C TRP C 900 27.89 -1.53 -39.88
N SER C 901 28.00 -1.86 -41.16
CA SER C 901 27.75 -0.87 -42.20
C SER C 901 26.39 -0.91 -42.88
N ILE C 902 25.80 -2.09 -43.02
CA ILE C 902 24.53 -2.24 -43.70
C ILE C 902 23.34 -1.50 -43.06
N PRO C 903 23.30 -1.40 -41.71
CA PRO C 903 22.11 -0.77 -41.15
C PRO C 903 21.80 0.63 -41.66
N PHE C 904 22.78 1.39 -42.07
CA PHE C 904 22.57 2.77 -42.48
C PHE C 904 21.58 2.93 -43.64
N SER C 905 21.52 1.96 -44.54
CA SER C 905 20.54 2.02 -45.62
C SER C 905 19.14 2.00 -45.07
N VAL C 906 18.90 1.19 -44.05
CA VAL C 906 17.56 1.10 -43.49
C VAL C 906 17.40 2.26 -42.54
N LEU C 907 18.49 2.73 -41.98
CA LEU C 907 18.43 3.90 -41.12
C LEU C 907 18.04 5.17 -41.86
N LEU C 908 18.51 5.34 -43.08
CA LEU C 908 18.23 6.54 -43.88
C LEU C 908 16.80 6.73 -44.29
N VAL C 909 16.00 5.69 -44.31
CA VAL C 909 14.62 5.79 -44.79
C VAL C 909 13.71 6.63 -43.91
N VAL C 910 14.14 6.96 -42.70
CA VAL C 910 13.29 7.67 -41.78
C VAL C 910 12.79 9.03 -42.26
N PRO C 911 13.65 9.86 -42.87
CA PRO C 911 13.09 11.12 -43.37
C PRO C 911 12.05 10.89 -44.42
N LEU C 912 12.20 9.83 -45.21
CA LEU C 912 11.30 9.61 -46.32
C LEU C 912 9.82 9.45 -45.97
N GLY C 913 9.47 8.86 -44.84
CA GLY C 913 8.08 8.71 -44.46
C GLY C 913 7.48 9.89 -43.77
N VAL C 914 8.26 10.56 -42.92
CA VAL C 914 7.81 11.78 -42.27
C VAL C 914 7.45 12.96 -43.16
N ILE C 915 7.96 13.04 -44.37
CA ILE C 915 7.73 14.24 -45.16
C ILE C 915 6.32 14.24 -45.70
N GLY C 916 5.81 13.09 -46.10
CA GLY C 916 4.44 13.01 -46.52
C GLY C 916 3.57 13.36 -45.37
N ALA C 917 3.84 12.80 -44.21
CA ALA C 917 2.96 13.05 -43.09
C ALA C 917 2.90 14.52 -42.81
N ILE C 918 4.04 15.20 -42.77
CA ILE C 918 4.05 16.64 -42.59
C ILE C 918 3.37 17.39 -43.72
N VAL C 919 3.62 17.02 -44.96
CA VAL C 919 3.07 17.76 -46.08
C VAL C 919 1.55 17.72 -46.12
N LEU C 920 0.97 16.54 -45.98
CA LEU C 920 -0.49 16.41 -46.04
C LEU C 920 -1.16 17.13 -44.90
N THR C 921 -0.55 17.04 -43.73
CA THR C 921 -1.11 17.69 -42.56
C THR C 921 -1.15 19.21 -42.71
N TYR C 922 -0.12 19.78 -43.30
CA TYR C 922 -0.03 21.21 -43.40
C TYR C 922 -0.84 21.69 -44.58
N LEU C 923 -0.73 21.00 -45.70
CA LEU C 923 -1.46 21.43 -46.88
C LEU C 923 -2.91 21.47 -46.54
N GLY C 924 -3.35 20.50 -45.77
CA GLY C 924 -4.73 20.43 -45.32
C GLY C 924 -5.04 21.60 -44.44
N MET C 925 -4.09 21.99 -43.62
CA MET C 925 -4.29 23.11 -42.70
C MET C 925 -4.53 24.35 -43.51
N ILE C 926 -3.84 24.46 -44.64
CA ILE C 926 -3.96 25.64 -45.46
C ILE C 926 -5.25 25.56 -46.26
N ILE C 927 -5.55 24.40 -46.79
CA ILE C 927 -6.77 24.25 -47.57
C ILE C 927 -8.06 24.29 -46.77
N LYS C 928 -8.11 23.55 -45.68
CA LYS C 928 -9.34 23.48 -44.92
C LYS C 928 -9.41 24.69 -44.03
N GLY C 929 -8.30 25.42 -43.92
CA GLY C 929 -8.27 26.55 -43.03
C GLY C 929 -8.57 26.12 -41.62
N ASP C 930 -8.09 24.93 -41.26
CA ASP C 930 -8.37 24.35 -39.94
C ASP C 930 -7.13 24.29 -39.06
N PRO C 931 -7.07 25.15 -38.04
CA PRO C 931 -5.90 25.19 -37.14
C PRO C 931 -5.68 23.89 -36.38
N ASN C 932 -6.72 23.08 -36.18
CA ASN C 932 -6.62 21.85 -35.39
C ASN C 932 -5.61 20.86 -35.95
N LEU C 933 -5.46 20.82 -37.27
CA LEU C 933 -4.55 19.89 -37.88
C LEU C 933 -3.15 20.43 -37.79
N SER C 934 -2.59 20.43 -36.58
CA SER C 934 -1.19 20.83 -36.45
C SER C 934 -0.43 20.33 -35.23
N ASN C 935 0.45 19.34 -35.39
CA ASN C 935 1.35 18.92 -34.30
C ASN C 935 0.82 18.63 -32.91
N ASN C 936 -0.28 17.91 -32.79
CA ASN C 936 -0.77 17.48 -31.49
C ASN C 936 -0.17 16.10 -31.15
N ILE C 937 -0.54 15.53 -30.02
CA ILE C 937 -0.06 14.20 -29.69
C ILE C 937 -0.53 13.14 -30.68
N TYR C 938 -1.75 13.26 -31.16
CA TYR C 938 -2.28 12.30 -32.11
C TYR C 938 -1.50 12.32 -33.40
N PHE C 939 -1.11 13.50 -33.85
CA PHE C 939 -0.34 13.60 -35.06
C PHE C 939 0.99 12.92 -34.88
N GLN C 940 1.59 13.10 -33.72
CA GLN C 940 2.89 12.53 -33.46
C GLN C 940 2.94 11.02 -33.34
N VAL C 941 1.98 10.41 -32.68
CA VAL C 941 1.94 8.94 -32.58
C VAL C 941 1.78 8.35 -33.95
N ALA C 942 1.07 9.02 -34.81
CA ALA C 942 0.85 8.55 -36.17
C ALA C 942 2.10 8.62 -37.00
N ILE C 943 3.05 9.42 -36.56
CA ILE C 943 4.27 9.58 -37.33
C ILE C 943 5.15 8.45 -36.92
N ILE C 944 5.19 8.14 -35.63
CA ILE C 944 6.00 7.05 -35.12
C ILE C 944 5.63 5.80 -35.84
N ALA C 945 4.34 5.60 -36.06
CA ALA C 945 3.85 4.43 -36.75
C ALA C 945 4.37 4.35 -38.18
N VAL C 946 4.48 5.49 -38.86
CA VAL C 946 4.96 5.53 -40.24
C VAL C 946 6.40 5.17 -40.32
N ILE C 947 7.14 5.50 -39.28
CA ILE C 947 8.54 5.15 -39.25
C ILE C 947 8.66 3.64 -39.21
N GLY C 948 7.81 3.03 -38.40
CA GLY C 948 7.81 1.60 -38.23
C GLY C 948 7.51 0.87 -39.53
N LEU C 949 6.47 1.31 -40.22
CA LEU C 949 6.12 0.69 -41.48
C LEU C 949 7.20 0.88 -42.50
N SER C 950 7.82 2.05 -42.53
CA SER C 950 8.84 2.34 -43.49
C SER C 950 9.99 1.39 -43.32
N ALA C 951 10.36 1.14 -42.08
CA ALA C 951 11.44 0.25 -41.77
C ALA C 951 11.18 -1.16 -42.20
N LYS C 952 9.94 -1.61 -42.05
CA LYS C 952 9.60 -2.97 -42.41
C LYS C 952 9.87 -3.22 -43.86
N ASN C 953 9.43 -2.29 -44.71
CA ASN C 953 9.63 -2.45 -46.14
C ASN C 953 11.09 -2.40 -46.46
N ALA C 954 11.82 -1.49 -45.82
CA ALA C 954 13.24 -1.35 -46.04
C ALA C 954 14.06 -2.55 -45.62
N ILE C 955 13.71 -3.18 -44.51
CA ILE C 955 14.50 -4.29 -44.03
C ILE C 955 14.44 -5.42 -45.03
N LEU C 956 13.27 -5.69 -45.57
CA LEU C 956 13.13 -6.81 -46.49
C LEU C 956 13.72 -6.53 -47.84
N ILE C 957 13.70 -5.29 -48.30
CA ILE C 957 14.37 -4.99 -49.56
C ILE C 957 15.85 -5.20 -49.41
N VAL C 958 16.43 -4.76 -48.31
CA VAL C 958 17.83 -4.94 -48.05
C VAL C 958 18.16 -6.40 -47.83
N GLU C 959 17.32 -7.11 -47.10
CA GLU C 959 17.57 -8.51 -46.79
C GLU C 959 17.65 -9.37 -48.02
N PHE C 960 16.69 -9.22 -48.90
CA PHE C 960 16.68 -10.00 -50.11
C PHE C 960 17.91 -9.75 -50.98
N ALA C 961 18.37 -8.50 -51.07
CA ALA C 961 19.54 -8.18 -51.87
C ALA C 961 20.81 -8.78 -51.38
N LYS C 962 21.02 -8.74 -50.07
CA LYS C 962 22.21 -9.29 -49.49
C LYS C 962 22.26 -10.75 -49.81
N GLU C 963 21.13 -11.43 -49.71
CA GLU C 963 21.08 -12.86 -49.96
C GLU C 963 21.44 -13.16 -51.38
N LEU C 964 20.92 -12.38 -52.30
CA LEU C 964 21.27 -12.55 -53.71
C LEU C 964 22.73 -12.29 -53.93
N GLN C 965 23.32 -11.32 -53.24
CA GLN C 965 24.76 -11.02 -53.31
C GLN C 965 25.59 -12.15 -52.73
N GLU C 966 25.08 -12.82 -51.71
CA GLU C 966 25.79 -13.94 -51.12
C GLU C 966 25.94 -14.97 -52.19
N LYS C 967 24.91 -15.16 -53.01
CA LYS C 967 25.04 -16.03 -54.17
C LYS C 967 25.76 -15.17 -55.17
N GLY C 968 26.11 -15.67 -56.32
CA GLY C 968 26.93 -14.88 -57.22
C GLY C 968 26.44 -13.53 -57.71
N GLU C 969 25.14 -13.24 -57.62
CA GLU C 969 24.62 -12.01 -58.20
C GLU C 969 25.31 -10.74 -57.73
N ASP C 970 25.63 -9.85 -58.67
CA ASP C 970 26.39 -8.66 -58.34
C ASP C 970 25.61 -7.60 -57.63
N LEU C 971 26.30 -6.69 -56.95
CA LEU C 971 25.63 -5.58 -56.29
C LEU C 971 24.48 -5.02 -57.10
N LEU C 972 24.73 -4.61 -58.33
CA LEU C 972 23.70 -3.98 -59.13
C LEU C 972 22.58 -4.93 -59.45
N ASP C 973 22.92 -6.14 -59.85
CA ASP C 973 21.92 -7.12 -60.23
C ASP C 973 21.05 -7.53 -59.09
N ALA C 974 21.67 -7.80 -57.95
CA ALA C 974 20.92 -8.26 -56.80
C ALA C 974 19.94 -7.22 -56.30
N THR C 975 20.33 -5.96 -56.30
CA THR C 975 19.47 -4.94 -55.73
C THR C 975 18.25 -4.72 -56.61
N LEU C 976 18.45 -4.76 -57.92
CA LEU C 976 17.33 -4.62 -58.84
C LEU C 976 16.36 -5.79 -58.76
N HIS C 977 16.88 -7.01 -58.66
CA HIS C 977 16.04 -8.21 -58.56
C HIS C 977 15.24 -8.17 -57.32
N ALA C 978 15.86 -7.75 -56.24
CA ALA C 978 15.19 -7.68 -54.96
C ALA C 978 14.06 -6.66 -54.96
N ALA C 979 14.28 -5.54 -55.60
CA ALA C 979 13.28 -4.49 -55.67
C ALA C 979 12.06 -4.95 -56.41
N LYS C 980 12.25 -5.74 -57.46
CA LYS C 980 11.16 -6.27 -58.25
C LYS C 980 10.37 -7.23 -57.40
N MET C 981 11.06 -8.01 -56.60
CA MET C 981 10.40 -8.98 -55.76
C MET C 981 9.54 -8.33 -54.75
N ARG C 982 10.01 -7.20 -54.22
CA ARG C 982 9.30 -6.55 -53.15
C ARG C 982 8.23 -5.56 -53.56
N LEU C 983 8.05 -5.34 -54.85
CA LEU C 983 7.13 -4.30 -55.29
C LEU C 983 5.68 -4.68 -55.12
N ARG C 984 5.33 -5.91 -55.45
CA ARG C 984 3.96 -6.36 -55.31
C ARG C 984 3.46 -6.36 -53.89
N PRO C 985 4.28 -6.79 -52.94
CA PRO C 985 3.68 -6.74 -51.63
C PRO C 985 3.70 -5.37 -50.98
N ILE C 986 4.44 -4.38 -51.48
CA ILE C 986 4.40 -3.10 -50.82
C ILE C 986 3.32 -2.27 -51.45
N ILE C 987 3.01 -2.48 -52.72
CA ILE C 987 1.89 -1.80 -53.34
C ILE C 987 0.68 -2.35 -52.64
N MET C 988 0.63 -3.65 -52.48
CA MET C 988 -0.51 -4.29 -51.90
C MET C 988 -0.81 -3.82 -50.48
N THR C 989 0.20 -3.53 -49.69
CA THR C 989 -0.06 -2.98 -48.36
C THR C 989 -0.30 -1.47 -48.30
N THR C 990 0.18 -0.72 -49.26
CA THR C 990 -0.12 0.70 -49.35
C THR C 990 -1.60 0.88 -49.52
N LEU C 991 -2.22 0.00 -50.29
CA LEU C 991 -3.61 0.17 -50.60
C LEU C 991 -4.48 -0.22 -49.46
N ALA C 992 -4.13 -1.21 -48.68
CA ALA C 992 -5.05 -1.56 -47.60
C ALA C 992 -4.95 -0.66 -46.39
N PHE C 993 -3.75 -0.30 -46.01
CA PHE C 993 -3.55 0.64 -44.90
C PHE C 993 -4.12 1.99 -45.25
N GLY C 994 -3.98 2.39 -46.49
CA GLY C 994 -4.40 3.72 -46.88
C GLY C 994 -5.86 3.80 -47.16
N PHE C 995 -6.42 2.82 -47.83
CA PHE C 995 -7.84 2.80 -48.04
C PHE C 995 -8.52 2.72 -46.70
N GLY C 996 -7.92 2.00 -45.77
CA GLY C 996 -8.44 1.86 -44.42
C GLY C 996 -8.48 3.13 -43.60
N VAL C 997 -7.49 4.00 -43.75
CA VAL C 997 -7.39 5.20 -42.91
C VAL C 997 -7.98 6.43 -43.54
N LEU C 998 -8.57 6.29 -44.71
CA LEU C 998 -9.05 7.47 -45.38
C LEU C 998 -10.36 7.81 -44.72
N PRO C 999 -11.13 6.79 -44.23
CA PRO C 999 -12.29 7.28 -43.50
C PRO C 999 -11.95 8.23 -42.36
N LEU C 1000 -10.86 8.03 -41.64
CA LEU C 1000 -10.50 8.97 -40.59
C LEU C 1000 -10.20 10.36 -41.16
N ALA C 1001 -9.58 10.42 -42.33
CA ALA C 1001 -9.26 11.68 -42.95
C ALA C 1001 -10.54 12.34 -43.33
N LEU C 1002 -11.47 11.59 -43.87
CA LEU C 1002 -12.76 12.14 -44.17
C LEU C 1002 -13.70 11.91 -42.99
N SER C 1003 -13.50 12.63 -41.90
CA SER C 1003 -14.30 12.38 -40.71
C SER C 1003 -15.19 13.53 -40.28
N THR C 1004 -16.44 13.23 -39.95
CA THR C 1004 -17.36 14.26 -39.47
C THR C 1004 -18.13 13.69 -38.31
N GLY C 1005 -18.49 14.53 -37.35
CA GLY C 1005 -19.17 14.03 -36.17
C GLY C 1005 -18.24 14.04 -34.99
N ALA C 1006 -18.60 13.33 -33.95
CA ALA C 1006 -17.80 13.32 -32.74
C ALA C 1006 -16.43 12.73 -32.92
N GLY C 1007 -15.43 13.38 -32.33
CA GLY C 1007 -14.07 12.86 -32.39
C GLY C 1007 -13.42 13.04 -33.72
N ALA C 1008 -14.07 13.75 -34.61
CA ALA C 1008 -13.49 13.98 -35.90
C ALA C 1008 -12.19 14.73 -35.86
N GLY C 1009 -11.99 15.65 -34.94
CA GLY C 1009 -10.70 16.29 -34.92
C GLY C 1009 -9.54 15.37 -34.66
N SER C 1010 -9.67 14.47 -33.71
CA SER C 1010 -8.62 13.50 -33.45
C SER C 1010 -8.42 12.58 -34.61
N GLN C 1011 -9.52 12.12 -35.18
CA GLN C 1011 -9.44 11.22 -36.30
C GLN C 1011 -8.74 11.88 -37.46
N HIS C 1012 -9.07 13.14 -37.70
CA HIS C 1012 -8.48 13.86 -38.81
C HIS C 1012 -6.99 14.00 -38.66
N SER C 1013 -6.49 14.22 -37.46
CA SER C 1013 -5.08 14.49 -37.36
C SER C 1013 -4.33 13.19 -37.43
N VAL C 1014 -4.83 12.14 -36.81
CA VAL C 1014 -4.20 10.83 -36.99
C VAL C 1014 -4.29 10.39 -38.44
N GLY C 1015 -5.45 10.52 -39.04
CA GLY C 1015 -5.64 10.06 -40.40
C GLY C 1015 -4.88 10.77 -41.45
N PHE C 1016 -4.82 12.08 -41.38
CA PHE C 1016 -4.15 12.83 -42.41
C PHE C 1016 -2.71 12.47 -42.37
N GLY C 1017 -2.17 12.36 -41.17
CA GLY C 1017 -0.79 11.97 -41.03
C GLY C 1017 -0.45 10.58 -41.51
N VAL C 1018 -1.22 9.58 -41.10
CA VAL C 1018 -0.95 8.25 -41.57
C VAL C 1018 -1.08 8.15 -43.08
N LEU C 1019 -2.10 8.76 -43.67
CA LEU C 1019 -2.29 8.60 -45.09
C LEU C 1019 -1.14 9.19 -45.89
N GLY C 1020 -0.68 10.38 -45.51
CA GLY C 1020 0.44 10.98 -46.21
C GLY C 1020 1.71 10.20 -46.08
N GLY C 1021 1.99 9.70 -44.90
CA GLY C 1021 3.19 8.94 -44.66
C GLY C 1021 3.29 7.65 -45.41
N VAL C 1022 2.19 6.93 -45.50
CA VAL C 1022 2.19 5.66 -46.21
C VAL C 1022 2.53 5.95 -47.64
N LEU C 1023 1.96 7.01 -48.19
CA LEU C 1023 2.18 7.35 -49.57
C LEU C 1023 3.62 7.69 -49.86
N SER C 1024 4.19 8.59 -49.09
CA SER C 1024 5.56 9.00 -49.31
C SER C 1024 6.49 7.85 -49.16
N ALA C 1025 6.31 7.05 -48.12
CA ALA C 1025 7.23 6.00 -47.87
C ALA C 1025 7.21 5.04 -49.01
N THR C 1026 6.03 4.72 -49.51
CA THR C 1026 5.96 3.77 -50.58
C THR C 1026 6.65 4.31 -51.79
N PHE C 1027 6.31 5.50 -52.19
CA PHE C 1027 6.90 6.09 -53.39
C PHE C 1027 8.35 6.53 -53.28
N LEU C 1028 8.65 7.22 -52.20
CA LEU C 1028 9.99 7.69 -51.97
C LEU C 1028 10.90 6.54 -51.63
N GLY C 1029 10.42 5.61 -50.82
CA GLY C 1029 11.20 4.44 -50.47
C GLY C 1029 11.52 3.50 -51.61
N ILE C 1030 10.55 3.25 -52.47
CA ILE C 1030 10.77 2.25 -53.53
C ILE C 1030 11.89 2.64 -54.44
N PHE C 1031 12.26 3.90 -54.40
CA PHE C 1031 13.28 4.39 -55.31
C PHE C 1031 14.56 4.56 -54.53
N PHE C 1032 14.50 5.36 -53.48
CA PHE C 1032 15.67 5.65 -52.67
C PHE C 1032 16.32 4.48 -51.93
N ILE C 1033 15.53 3.55 -51.40
CA ILE C 1033 16.12 2.45 -50.65
C ILE C 1033 17.08 1.62 -51.50
N PRO C 1034 16.70 1.31 -52.75
CA PRO C 1034 17.71 0.60 -53.53
C PRO C 1034 19.01 1.39 -53.68
N VAL C 1035 18.91 2.71 -53.78
CA VAL C 1035 20.08 3.57 -53.95
C VAL C 1035 21.00 3.56 -52.76
N PHE C 1036 20.43 3.65 -51.57
CA PHE C 1036 21.23 3.68 -50.36
C PHE C 1036 22.04 2.41 -50.21
N TYR C 1037 21.46 1.27 -50.54
CA TYR C 1037 22.17 0.01 -50.40
C TYR C 1037 23.38 -0.01 -51.29
N VAL C 1038 23.23 0.40 -52.53
CA VAL C 1038 24.34 0.43 -53.48
C VAL C 1038 25.37 1.43 -53.03
N TRP C 1039 24.92 2.56 -52.50
CA TRP C 1039 25.88 3.53 -52.00
C TRP C 1039 26.73 3.00 -50.86
N ILE C 1040 26.16 2.39 -49.85
CA ILE C 1040 26.94 1.94 -48.69
C ILE C 1040 27.77 0.74 -49.10
N ARG C 1041 27.24 -0.07 -50.01
CA ARG C 1041 27.96 -1.27 -50.44
C ARG C 1041 29.10 -0.86 -51.33
N SER C 1042 28.95 0.22 -52.08
CA SER C 1042 30.06 0.70 -52.84
C SER C 1042 31.18 1.18 -51.92
N ILE C 1043 30.86 1.93 -50.89
CA ILE C 1043 31.89 2.34 -49.94
C ILE C 1043 32.51 1.17 -49.19
N PHE C 1044 31.69 0.25 -48.69
CA PHE C 1044 32.20 -0.92 -47.98
C PHE C 1044 31.76 -2.16 -48.75
N LYS C 1045 32.63 -2.74 -49.54
CA LYS C 1045 32.26 -3.86 -50.40
C LYS C 1045 32.03 -5.22 -49.78
N TYR C 1046 31.16 -6.01 -50.41
CA TYR C 1046 30.92 -7.37 -49.94
C TYR C 1046 32.12 -8.23 -50.30
N LYS C 1047 32.61 -9.01 -49.35
CA LYS C 1047 33.72 -9.91 -49.64
C LYS C 1047 33.29 -11.34 -49.36
N PRO C 1048 33.48 -12.24 -50.33
CA PRO C 1048 33.05 -13.63 -50.16
C PRO C 1048 33.78 -14.31 -49.00
#